data_8ZRL
#
_entry.id   8ZRL
#
_cell.length_a   83.571
_cell.length_b   204.410
_cell.length_c   258.145
_cell.angle_alpha   90.00
_cell.angle_beta   90.00
_cell.angle_gamma   90.00
#
_symmetry.space_group_name_H-M   'P 21 21 21'
#
loop_
_entity.id
_entity.type
_entity.pdbx_description
1 polymer 'NAD-dependent methanol dehydrogenase'
2 non-polymer 'MANGANESE (II) ION'
3 non-polymer ADENOSINE-5-DIPHOSPHORIBOSE
4 water water
#
_entity_poly.entity_id   1
_entity_poly.type   'polypeptide(L)'
_entity_poly.pdbx_seq_one_letter_code
;MTNTQSAFFMPSVNLFGAGSVNEVGTRLADLGVKKALLVTDAGLHGLGLSEKISSIIRAAGVEVSIFPKAEPNPTDKNVA
EGLEAYNAENCDSIVTLGGGSSHDAGKAIALVAANGGKIHDYEGVDVSKEPMVPLIAINTTAGTGSELTKFTIITDTERK
VKMAIVDKHVTPTLSINDPELMVGMPPSLTAATGLDALTHAIEAYVSTGATPITDALAIQAIKIISKYLPRAVANGKDIE
AREQMAFAQSLAGMAFNNAGLGYVHAIAHQLGGFYNFPHGVCNAVLLPYVCRFNLISKVERYAEIAAFLGENVDGLSTYD
AAEKAIKAIERMAKDLNIPKGFKELGAKEEDIETLAKNAMKDACALTNPRKPKLEEVIQIIKNAMLEHHHHHH
;
_entity_poly.pdbx_strand_id   A,B,C,D,E,F,G,H,I,J
#
# COMPACT_ATOMS: atom_id res chain seq x y z
N ASN A 3 5.46 5.97 -46.91
CA ASN A 3 5.81 4.58 -46.63
C ASN A 3 6.20 4.39 -45.16
N THR A 4 6.26 3.13 -44.71
CA THR A 4 6.75 2.80 -43.38
C THR A 4 8.26 2.57 -43.36
N GLN A 5 8.97 3.11 -44.35
CA GLN A 5 10.40 2.89 -44.47
C GLN A 5 11.18 3.89 -43.63
N SER A 6 12.34 3.45 -43.15
CA SER A 6 13.27 4.28 -42.37
C SER A 6 14.68 3.77 -42.62
N ALA A 7 15.66 4.47 -42.06
CA ALA A 7 17.05 4.14 -42.25
C ALA A 7 17.84 4.55 -41.01
N PHE A 8 18.93 3.84 -40.76
CA PHE A 8 19.83 4.15 -39.66
C PHE A 8 21.22 4.42 -40.22
N PHE A 9 21.76 5.59 -39.88
CA PHE A 9 23.04 6.07 -40.39
C PHE A 9 24.03 6.24 -39.23
N MET A 10 25.28 5.88 -39.49
CA MET A 10 26.36 5.98 -38.52
C MET A 10 27.68 5.72 -39.21
N PRO A 11 28.79 6.29 -38.72
CA PRO A 11 30.10 5.89 -39.26
C PRO A 11 30.33 4.41 -39.02
N SER A 12 31.07 3.79 -39.94
CA SER A 12 31.34 2.36 -39.87
C SER A 12 32.18 2.00 -38.65
N VAL A 13 33.06 2.89 -38.20
CA VAL A 13 33.92 2.64 -37.06
C VAL A 13 33.88 3.85 -36.13
N ASN A 14 33.58 3.60 -34.86
CA ASN A 14 33.43 4.65 -33.87
C ASN A 14 34.20 4.22 -32.63
N LEU A 15 35.27 4.95 -32.32
CA LEU A 15 36.19 4.61 -31.25
C LEU A 15 35.83 5.37 -29.98
N PHE A 16 35.89 4.68 -28.84
CA PHE A 16 35.56 5.24 -27.54
C PHE A 16 36.67 4.91 -26.55
N GLY A 17 36.71 5.68 -25.47
CA GLY A 17 37.54 5.29 -24.33
C GLY A 17 38.82 6.09 -24.22
N ALA A 18 39.38 6.08 -23.01
CA ALA A 18 40.60 6.83 -22.69
C ALA A 18 41.77 6.40 -23.56
N GLY A 19 42.37 7.36 -24.26
CA GLY A 19 43.50 7.07 -25.10
C GLY A 19 43.13 6.81 -26.55
N SER A 20 41.84 6.85 -26.87
CA SER A 20 41.34 6.51 -28.20
C SER A 20 41.94 7.36 -29.31
N VAL A 21 42.42 8.56 -28.99
CA VAL A 21 42.93 9.45 -30.04
C VAL A 21 44.23 8.94 -30.67
N ASN A 22 44.98 8.11 -29.94
CA ASN A 22 46.27 7.61 -30.43
C ASN A 22 46.16 6.75 -31.67
N GLU A 23 44.96 6.54 -32.18
CA GLU A 23 44.78 5.70 -33.34
C GLU A 23 44.61 6.52 -34.61
N VAL A 24 44.43 7.84 -34.47
CA VAL A 24 44.05 8.64 -35.63
C VAL A 24 45.03 8.46 -36.78
N GLY A 25 46.34 8.50 -36.50
CA GLY A 25 47.30 8.37 -37.56
C GLY A 25 47.18 7.05 -38.30
N THR A 26 47.20 5.93 -37.56
CA THR A 26 47.08 4.65 -38.25
C THR A 26 45.76 4.58 -39.02
N ARG A 27 44.67 5.08 -38.42
CA ARG A 27 43.39 4.99 -39.11
C ARG A 27 43.43 5.79 -40.39
N LEU A 28 44.05 6.97 -40.34
CA LEU A 28 44.15 7.78 -41.53
C LEU A 28 44.97 7.07 -42.60
N ALA A 29 46.06 6.41 -42.19
CA ALA A 29 46.89 5.70 -43.15
C ALA A 29 46.12 4.52 -43.76
N ASP A 30 45.23 3.91 -42.98
CA ASP A 30 44.42 2.82 -43.53
C ASP A 30 43.54 3.29 -44.67
N LEU A 31 43.12 4.57 -44.64
CA LEU A 31 42.29 5.07 -45.73
C LEU A 31 43.06 5.31 -47.01
N GLY A 32 44.39 5.32 -46.94
CA GLY A 32 45.23 5.57 -48.08
C GLY A 32 45.40 7.03 -48.42
N VAL A 33 45.13 7.92 -47.47
CA VAL A 33 45.23 9.36 -47.72
C VAL A 33 46.65 9.81 -47.41
N LYS A 34 47.00 10.99 -47.93
CA LYS A 34 48.38 11.47 -47.87
C LYS A 34 48.54 12.79 -47.14
N LYS A 35 47.57 13.72 -47.26
CA LYS A 35 47.64 14.99 -46.55
C LYS A 35 46.28 15.40 -46.02
N ALA A 36 46.21 15.70 -44.73
CA ALA A 36 44.95 16.04 -44.08
C ALA A 36 44.98 17.47 -43.57
N LEU A 37 43.86 18.16 -43.77
CA LEU A 37 43.65 19.49 -43.19
C LEU A 37 43.03 19.27 -41.80
N LEU A 38 43.74 19.75 -40.78
CA LEU A 38 43.30 19.66 -39.38
C LEU A 38 42.45 20.89 -39.04
N VAL A 39 41.13 20.69 -38.99
CA VAL A 39 40.19 21.76 -38.68
C VAL A 39 39.92 21.77 -37.18
N THR A 40 40.26 22.87 -36.53
CA THR A 40 40.03 23.01 -35.09
C THR A 40 39.72 24.49 -34.82
N ASP A 41 39.57 24.85 -33.56
CA ASP A 41 39.35 26.24 -33.24
C ASP A 41 40.61 26.85 -32.62
N ALA A 42 40.60 28.17 -32.47
CA ALA A 42 41.76 28.89 -31.99
C ALA A 42 42.11 28.54 -30.55
N GLY A 43 41.12 28.17 -29.74
CA GLY A 43 41.40 27.80 -28.36
C GLY A 43 42.20 26.52 -28.23
N LEU A 44 41.75 25.47 -28.90
CA LEU A 44 42.45 24.18 -28.80
C LEU A 44 43.80 24.25 -29.50
N HIS A 45 43.90 25.08 -30.54
CA HIS A 45 45.19 25.29 -31.17
C HIS A 45 46.13 26.03 -30.23
N GLY A 46 45.61 27.03 -29.49
CA GLY A 46 46.44 27.73 -28.53
C GLY A 46 46.84 26.88 -27.34
N LEU A 47 46.08 25.82 -27.04
CA LEU A 47 46.46 24.93 -25.95
C LEU A 47 47.50 23.88 -26.37
N GLY A 48 47.77 23.73 -27.66
CA GLY A 48 48.80 22.80 -28.12
C GLY A 48 48.28 21.45 -28.54
N LEU A 49 46.97 21.20 -28.42
CA LEU A 49 46.41 19.91 -28.77
C LEU A 49 46.59 19.61 -30.25
N SER A 50 46.49 20.67 -31.06
CA SER A 50 46.66 20.60 -32.50
C SER A 50 47.97 19.92 -32.85
N GLU A 51 49.06 20.34 -32.20
CA GLU A 51 50.38 19.83 -32.54
C GLU A 51 50.57 18.39 -32.07
N LYS A 52 50.03 18.04 -30.90
CA LYS A 52 50.13 16.67 -30.43
C LYS A 52 49.47 15.69 -31.40
N ILE A 53 48.29 16.06 -31.88
CA ILE A 53 47.60 15.19 -32.82
C ILE A 53 48.34 15.16 -34.15
N SER A 54 48.90 16.31 -34.57
CA SER A 54 49.66 16.33 -35.82
C SER A 54 50.89 15.42 -35.76
N SER A 55 51.57 15.38 -34.61
CA SER A 55 52.71 14.49 -34.47
C SER A 55 52.25 13.03 -34.60
N ILE A 56 51.15 12.69 -33.93
CA ILE A 56 50.63 11.33 -34.04
C ILE A 56 50.30 11.00 -35.49
N ILE A 57 49.73 11.93 -36.23
CA ILE A 57 49.37 11.65 -37.63
C ILE A 57 50.63 11.53 -38.49
N ARG A 58 51.57 12.47 -38.34
CA ARG A 58 52.76 12.53 -39.17
C ARG A 58 53.62 11.29 -38.98
N ALA A 59 53.66 10.74 -37.76
CA ALA A 59 54.44 9.54 -37.53
C ALA A 59 53.86 8.30 -38.19
N ALA A 60 52.76 8.42 -38.93
CA ALA A 60 52.14 7.28 -39.61
C ALA A 60 52.18 7.46 -41.12
N GLY A 61 52.92 8.46 -41.61
CA GLY A 61 53.14 8.69 -43.02
C GLY A 61 52.15 9.59 -43.69
N VAL A 62 51.32 10.30 -42.92
CA VAL A 62 50.37 11.26 -43.44
C VAL A 62 50.79 12.65 -43.00
N GLU A 63 50.69 13.62 -43.91
CA GLU A 63 51.00 15.01 -43.66
C GLU A 63 49.80 15.76 -43.06
N VAL A 64 50.11 16.86 -42.38
CA VAL A 64 49.12 17.65 -41.67
C VAL A 64 49.32 19.11 -42.00
N SER A 65 48.22 19.80 -42.33
CA SER A 65 48.18 21.25 -42.44
C SER A 65 47.06 21.72 -41.53
N ILE A 66 47.41 22.52 -40.53
CA ILE A 66 46.45 22.91 -39.50
C ILE A 66 45.66 24.13 -39.97
N PHE A 67 44.33 24.04 -39.85
CA PHE A 67 43.40 25.15 -40.10
C PHE A 67 42.67 25.45 -38.80
N PRO A 68 43.22 26.27 -37.92
CA PRO A 68 42.57 26.48 -36.62
C PRO A 68 41.61 27.67 -36.62
N LYS A 69 40.84 27.85 -37.68
CA LYS A 69 40.03 29.07 -37.84
C LYS A 69 38.52 28.80 -37.82
N ALA A 70 38.09 27.66 -37.33
CA ALA A 70 36.67 27.42 -37.14
C ALA A 70 36.20 28.17 -35.90
N GLU A 71 35.13 28.89 -36.04
CA GLU A 71 34.63 29.72 -34.95
C GLU A 71 33.42 29.07 -34.31
N PRO A 72 33.20 29.28 -33.01
CA PRO A 72 31.93 28.83 -32.39
C PRO A 72 30.76 29.34 -33.22
N ASN A 73 29.87 28.41 -33.60
CA ASN A 73 28.89 28.66 -34.64
C ASN A 73 29.62 28.92 -35.95
N PRO A 74 30.13 27.87 -36.59
CA PRO A 74 30.97 28.07 -37.79
C PRO A 74 30.21 28.78 -38.89
N THR A 75 30.94 29.56 -39.68
CA THR A 75 30.37 30.48 -40.66
C THR A 75 30.67 30.01 -42.07
N ASP A 76 29.91 30.58 -43.02
CA ASP A 76 30.19 30.35 -44.42
C ASP A 76 31.57 30.86 -44.80
N LYS A 77 32.01 31.96 -44.18
CA LYS A 77 33.35 32.47 -44.44
C LYS A 77 34.40 31.51 -43.89
N ASN A 78 34.15 30.93 -42.71
CA ASN A 78 35.06 29.92 -42.19
C ASN A 78 35.20 28.78 -43.19
N VAL A 79 34.09 28.37 -43.81
CA VAL A 79 34.12 27.25 -44.74
C VAL A 79 34.86 27.62 -46.02
N ALA A 80 34.58 28.80 -46.57
CA ALA A 80 35.28 29.23 -47.78
C ALA A 80 36.79 29.33 -47.55
N GLU A 81 37.19 29.94 -46.43
CA GLU A 81 38.60 29.99 -46.06
C GLU A 81 39.19 28.60 -45.90
N GLY A 82 38.43 27.68 -45.32
CA GLY A 82 38.95 26.34 -45.12
C GLY A 82 39.17 25.63 -46.43
N LEU A 83 38.25 25.80 -47.38
CA LEU A 83 38.43 25.22 -48.72
C LEU A 83 39.64 25.83 -49.42
N GLU A 84 39.86 27.14 -49.28
CA GLU A 84 41.06 27.72 -49.87
C GLU A 84 42.31 27.07 -49.31
N ALA A 85 42.35 26.88 -47.99
CA ALA A 85 43.51 26.23 -47.38
C ALA A 85 43.63 24.78 -47.84
N TYR A 86 42.51 24.06 -47.86
CA TYR A 86 42.49 22.67 -48.31
C TYR A 86 43.12 22.52 -49.68
N ASN A 87 42.81 23.45 -50.59
CA ASN A 87 43.35 23.36 -51.95
C ASN A 87 44.79 23.84 -52.02
N ALA A 88 45.11 24.93 -51.30
CA ALA A 88 46.46 25.49 -51.36
C ALA A 88 47.49 24.54 -50.77
N GLU A 89 47.14 23.81 -49.72
CA GLU A 89 48.09 22.89 -49.12
C GLU A 89 48.01 21.49 -49.72
N ASN A 90 47.29 21.34 -50.83
CA ASN A 90 47.16 20.06 -51.56
C ASN A 90 46.72 18.94 -50.62
N CYS A 91 45.59 19.14 -49.97
CA CYS A 91 45.04 18.15 -49.06
C CYS A 91 44.08 17.19 -49.75
N ASP A 92 44.08 15.95 -49.29
CA ASP A 92 43.14 14.95 -49.79
C ASP A 92 42.23 14.43 -48.69
N SER A 93 42.38 14.91 -47.45
CA SER A 93 41.54 14.44 -46.36
C SER A 93 41.37 15.53 -45.33
N ILE A 94 40.47 15.27 -44.37
CA ILE A 94 40.16 16.20 -43.29
C ILE A 94 40.15 15.45 -41.97
N VAL A 95 40.75 16.05 -40.95
CA VAL A 95 40.59 15.59 -39.57
C VAL A 95 40.05 16.77 -38.78
N THR A 96 38.89 16.58 -38.15
CA THR A 96 38.30 17.61 -37.29
C THR A 96 38.69 17.32 -35.85
N LEU A 97 39.12 18.37 -35.13
CA LEU A 97 39.54 18.26 -33.73
C LEU A 97 38.82 19.34 -32.91
N GLY A 98 37.95 18.92 -32.01
CA GLY A 98 37.25 19.88 -31.18
C GLY A 98 35.81 19.51 -30.97
N GLY A 99 34.96 20.54 -30.88
CA GLY A 99 33.55 20.37 -30.70
C GLY A 99 32.81 20.44 -32.01
N GLY A 100 31.50 20.68 -31.91
CA GLY A 100 30.65 20.65 -33.08
C GLY A 100 31.03 21.68 -34.13
N SER A 101 31.56 22.83 -33.70
CA SER A 101 31.99 23.83 -34.68
C SER A 101 33.11 23.30 -35.55
N SER A 102 34.05 22.56 -34.96
CA SER A 102 35.11 21.99 -35.78
C SER A 102 34.57 20.87 -36.66
N HIS A 103 33.70 20.02 -36.10
CA HIS A 103 33.14 18.92 -36.89
C HIS A 103 32.35 19.47 -38.07
N ASP A 104 31.50 20.48 -37.85
CA ASP A 104 30.65 21.01 -38.89
C ASP A 104 31.44 21.83 -39.91
N ALA A 105 32.43 22.59 -39.44
CA ALA A 105 33.29 23.28 -40.39
C ALA A 105 33.96 22.28 -41.31
N GLY A 106 34.56 21.24 -40.73
CA GLY A 106 35.23 20.23 -41.54
C GLY A 106 34.29 19.51 -42.48
N LYS A 107 33.10 19.13 -41.99
CA LYS A 107 32.12 18.45 -42.83
C LYS A 107 31.76 19.31 -44.04
N ALA A 108 31.53 20.62 -43.80
CA ALA A 108 31.17 21.53 -44.87
C ALA A 108 32.29 21.68 -45.88
N ILE A 109 33.53 21.88 -45.39
CA ILE A 109 34.69 21.97 -46.28
C ILE A 109 34.83 20.71 -47.13
N ALA A 110 34.69 19.54 -46.50
CA ALA A 110 34.86 18.27 -47.23
C ALA A 110 33.77 18.08 -48.28
N LEU A 111 32.53 18.44 -47.94
CA LEU A 111 31.42 18.32 -48.87
C LEU A 111 31.59 19.26 -50.06
N VAL A 112 31.95 20.52 -49.80
CA VAL A 112 32.17 21.44 -50.92
C VAL A 112 33.37 21.01 -51.75
N ALA A 113 34.40 20.45 -51.10
CA ALA A 113 35.56 19.96 -51.84
C ALA A 113 35.22 18.77 -52.72
N ALA A 114 34.08 18.13 -52.48
CA ALA A 114 33.71 17.01 -53.33
C ALA A 114 32.56 17.31 -54.28
N ASN A 115 31.77 18.35 -54.03
CA ASN A 115 30.60 18.64 -54.85
C ASN A 115 30.65 19.98 -55.57
N GLY A 116 31.56 20.86 -55.15
CA GLY A 116 31.66 22.18 -55.78
C GLY A 116 30.60 23.14 -55.28
N GLY A 117 30.57 24.34 -55.83
CA GLY A 117 29.57 25.33 -55.43
C GLY A 117 29.93 25.98 -54.12
N LYS A 118 28.94 26.23 -53.28
CA LYS A 118 29.15 26.88 -51.97
C LYS A 118 28.26 26.19 -50.95
N ILE A 119 28.62 26.24 -49.68
CA ILE A 119 27.85 25.47 -48.65
C ILE A 119 26.36 25.82 -48.71
N HIS A 120 26.02 27.03 -49.11
CA HIS A 120 24.61 27.48 -49.10
C HIS A 120 23.78 26.60 -50.03
N ASP A 121 24.45 25.98 -50.99
CA ASP A 121 23.74 25.19 -52.01
C ASP A 121 23.22 23.88 -51.40
N TYR A 122 23.68 23.52 -50.21
CA TYR A 122 23.30 22.23 -49.66
C TYR A 122 22.38 22.32 -48.45
N GLU A 123 21.87 23.52 -48.14
CA GLU A 123 20.89 23.65 -47.08
C GLU A 123 19.64 22.87 -47.43
N GLY A 124 19.22 22.01 -46.52
CA GLY A 124 18.07 21.17 -46.79
C GLY A 124 18.39 19.72 -46.50
N VAL A 125 17.77 18.82 -47.24
CA VAL A 125 17.89 17.39 -46.98
C VAL A 125 18.44 16.73 -48.23
N ASP A 126 19.60 16.09 -48.09
CA ASP A 126 20.23 15.28 -49.13
C ASP A 126 20.31 16.00 -50.48
N VAL A 127 20.87 17.22 -50.45
CA VAL A 127 20.93 18.01 -51.68
C VAL A 127 22.17 17.72 -52.52
N SER A 128 23.22 17.12 -51.94
CA SER A 128 24.45 16.95 -52.69
C SER A 128 24.43 15.65 -53.46
N LYS A 129 25.36 15.52 -54.39
CA LYS A 129 25.41 14.35 -55.27
C LYS A 129 26.57 13.42 -54.97
N GLU A 130 27.71 13.96 -54.50
CA GLU A 130 28.86 13.14 -54.18
C GLU A 130 29.11 13.11 -52.66
N PRO A 131 29.62 12.00 -52.14
CA PRO A 131 30.05 11.96 -50.74
C PRO A 131 31.23 12.89 -50.49
N MET A 132 31.35 13.36 -49.25
CA MET A 132 32.44 14.26 -48.94
C MET A 132 33.76 13.51 -48.91
N VAL A 133 34.85 14.26 -48.90
CA VAL A 133 36.20 13.69 -48.96
C VAL A 133 36.41 12.96 -47.63
N PRO A 134 37.31 11.99 -47.56
CA PRO A 134 37.55 11.27 -46.30
C PRO A 134 37.73 12.21 -45.13
N LEU A 135 37.05 11.92 -44.02
CA LEU A 135 37.06 12.77 -42.84
C LEU A 135 37.02 11.90 -41.60
N ILE A 136 37.93 12.16 -40.65
CA ILE A 136 37.94 11.52 -39.34
C ILE A 136 37.67 12.60 -38.29
N ALA A 137 36.70 12.33 -37.40
CA ALA A 137 36.26 13.32 -36.42
C ALA A 137 36.71 12.95 -35.01
N ILE A 138 37.46 13.83 -34.35
CA ILE A 138 37.90 13.64 -32.97
C ILE A 138 37.11 14.60 -32.08
N ASN A 139 36.29 14.04 -31.20
CA ASN A 139 35.35 14.80 -30.40
C ASN A 139 35.93 15.19 -29.04
N THR A 140 35.79 16.47 -28.67
CA THR A 140 36.28 16.96 -27.38
C THR A 140 35.22 17.61 -26.51
N THR A 141 33.97 17.63 -26.95
CA THR A 141 32.86 18.16 -26.13
C THR A 141 31.84 17.03 -25.88
N ALA A 142 31.07 17.14 -24.81
CA ALA A 142 30.09 16.11 -24.45
C ALA A 142 28.67 16.60 -24.76
N GLY A 143 28.40 16.87 -26.05
CA GLY A 143 27.05 17.26 -26.43
C GLY A 143 26.65 17.09 -27.88
N THR A 144 27.46 17.49 -28.86
CA THR A 144 27.02 17.52 -30.28
C THR A 144 26.73 16.15 -30.91
N GLY A 145 27.66 15.21 -30.81
CA GLY A 145 27.52 13.93 -31.53
C GLY A 145 27.85 14.15 -32.99
N SER A 146 28.40 15.31 -33.38
CA SER A 146 28.63 15.61 -34.81
C SER A 146 29.61 14.61 -35.43
N GLU A 147 30.47 14.00 -34.63
CA GLU A 147 31.39 12.95 -35.10
C GLU A 147 30.63 11.74 -35.66
N LEU A 148 29.33 11.65 -35.44
CA LEU A 148 28.56 10.45 -35.84
C LEU A 148 27.34 10.84 -36.68
N THR A 149 27.12 12.12 -36.94
CA THR A 149 25.85 12.57 -37.57
C THR A 149 25.93 13.02 -39.03
N LYS A 150 24.78 13.06 -39.70
CA LYS A 150 24.75 13.58 -41.07
C LYS A 150 24.27 15.04 -41.11
N PHE A 151 24.58 15.80 -40.06
CA PHE A 151 24.19 17.19 -39.92
C PHE A 151 25.43 18.05 -39.91
N THR A 152 25.39 19.17 -40.64
CA THR A 152 26.39 20.21 -40.45
C THR A 152 25.67 21.57 -40.44
N ILE A 153 25.89 22.35 -39.39
CA ILE A 153 25.20 23.62 -39.15
C ILE A 153 26.18 24.76 -39.47
N ILE A 154 25.97 25.43 -40.60
CA ILE A 154 26.84 26.52 -41.05
C ILE A 154 26.04 27.82 -41.12
N THR A 155 26.63 28.93 -40.68
CA THR A 155 25.90 30.19 -40.58
C THR A 155 26.00 31.00 -41.86
N ASP A 156 24.85 31.30 -42.44
CA ASP A 156 24.74 32.34 -43.45
C ASP A 156 24.77 33.67 -42.70
N THR A 157 25.91 34.36 -42.78
CA THR A 157 26.14 35.60 -42.04
C THR A 157 25.24 36.70 -42.55
N GLU A 158 24.93 36.65 -43.84
CA GLU A 158 24.15 37.73 -44.46
C GLU A 158 22.69 37.61 -44.04
N ARG A 159 22.08 36.48 -44.30
CA ARG A 159 20.72 36.23 -43.81
C ARG A 159 20.67 36.02 -42.28
N LYS A 160 21.82 35.88 -41.62
CA LYS A 160 21.93 35.63 -40.17
C LYS A 160 21.18 34.37 -39.73
N VAL A 161 21.40 33.27 -40.46
CA VAL A 161 20.70 32.02 -40.21
C VAL A 161 21.71 30.88 -40.08
N LYS A 162 21.62 30.13 -38.98
CA LYS A 162 22.40 28.88 -38.87
C LYS A 162 21.70 27.84 -39.74
N MET A 163 22.22 27.62 -40.95
CA MET A 163 21.65 26.66 -41.88
C MET A 163 21.97 25.24 -41.47
N ALA A 164 20.99 24.36 -41.63
CA ALA A 164 21.10 22.95 -41.30
C ALA A 164 21.20 22.16 -42.60
N ILE A 165 22.39 21.63 -42.89
CA ILE A 165 22.61 20.75 -44.02
C ILE A 165 22.53 19.33 -43.48
N VAL A 166 21.45 18.64 -43.85
CA VAL A 166 21.20 17.27 -43.41
C VAL A 166 21.46 16.40 -44.63
N ASP A 167 22.64 15.80 -44.67
CA ASP A 167 23.08 15.08 -45.86
C ASP A 167 23.76 13.78 -45.47
N LYS A 168 23.31 12.68 -46.07
CA LYS A 168 23.98 11.40 -45.83
C LYS A 168 25.44 11.45 -46.25
N HIS A 169 25.81 12.41 -47.08
CA HIS A 169 27.16 12.51 -47.63
C HIS A 169 28.14 13.17 -46.68
N VAL A 170 27.68 13.69 -45.54
CA VAL A 170 28.58 14.29 -44.56
C VAL A 170 28.73 13.41 -43.32
N THR A 171 28.30 12.14 -43.39
CA THR A 171 28.59 11.20 -42.32
C THR A 171 30.08 10.92 -42.29
N PRO A 172 30.78 11.19 -41.19
CA PRO A 172 32.24 10.98 -41.17
C PRO A 172 32.62 9.54 -41.48
N THR A 173 33.86 9.38 -41.95
CA THR A 173 34.36 8.04 -42.25
C THR A 173 34.57 7.24 -40.98
N LEU A 174 35.16 7.87 -39.97
CA LEU A 174 35.46 7.26 -38.69
C LEU A 174 35.36 8.32 -37.60
N SER A 175 34.99 7.89 -36.40
CA SER A 175 34.83 8.80 -35.28
C SER A 175 35.68 8.36 -34.10
N ILE A 176 36.15 9.33 -33.32
CA ILE A 176 36.93 9.13 -32.10
C ILE A 176 36.29 9.96 -30.99
N ASN A 177 35.95 9.31 -29.89
CA ASN A 177 35.32 9.93 -28.72
C ASN A 177 36.21 9.65 -27.50
N ASP A 178 37.27 10.42 -27.33
CA ASP A 178 38.22 10.19 -26.25
C ASP A 178 37.82 11.03 -25.05
N PRO A 179 37.40 10.43 -23.94
CA PRO A 179 36.97 11.25 -22.79
C PRO A 179 38.10 12.01 -22.14
N GLU A 180 39.36 11.61 -22.34
CA GLU A 180 40.49 12.34 -21.77
C GLU A 180 40.63 13.72 -22.37
N LEU A 181 40.10 13.94 -23.58
CA LEU A 181 40.16 15.26 -24.19
C LEU A 181 39.06 16.17 -23.69
N MET A 182 38.17 15.65 -22.84
CA MET A 182 37.04 16.44 -22.37
C MET A 182 37.20 16.91 -20.93
N VAL A 183 38.24 16.46 -20.24
CA VAL A 183 38.43 16.86 -18.84
C VAL A 183 38.60 18.37 -18.72
N GLY A 184 39.13 19.03 -19.76
CA GLY A 184 39.42 20.43 -19.67
C GLY A 184 38.27 21.38 -19.92
N MET A 185 37.09 20.86 -20.25
CA MET A 185 35.91 21.71 -20.46
C MET A 185 35.60 22.48 -19.18
N PRO A 186 35.58 23.81 -19.22
CA PRO A 186 35.14 24.58 -18.05
C PRO A 186 33.67 24.32 -17.77
N PRO A 187 33.22 24.58 -16.54
CA PRO A 187 31.85 24.22 -16.16
C PRO A 187 30.75 24.71 -17.09
N SER A 188 30.82 25.95 -17.55
CA SER A 188 29.77 26.48 -18.41
C SER A 188 29.68 25.71 -19.72
N LEU A 189 30.83 25.36 -20.30
CA LEU A 189 30.85 24.59 -21.54
C LEU A 189 30.32 23.19 -21.31
N THR A 190 30.71 22.57 -20.18
CA THR A 190 30.20 21.26 -19.81
C THR A 190 28.68 21.27 -19.75
N ALA A 191 28.12 22.30 -19.09
CA ALA A 191 26.68 22.41 -18.93
C ALA A 191 25.98 22.62 -20.27
N ALA A 192 26.50 23.52 -21.09
CA ALA A 192 25.83 23.84 -22.35
C ALA A 192 25.86 22.68 -23.33
N THR A 193 27.02 22.02 -23.48
CA THR A 193 27.08 20.86 -24.37
C THR A 193 26.23 19.71 -23.84
N GLY A 194 26.25 19.48 -22.51
CA GLY A 194 25.40 18.43 -21.97
C GLY A 194 23.92 18.69 -22.16
N LEU A 195 23.50 19.96 -22.06
CA LEU A 195 22.10 20.26 -22.28
C LEU A 195 21.76 20.23 -23.76
N ASP A 196 22.75 20.41 -24.62
CA ASP A 196 22.51 20.16 -26.04
C ASP A 196 22.27 18.68 -26.28
N ALA A 197 23.00 17.82 -25.57
CA ALA A 197 22.76 16.37 -25.69
C ALA A 197 21.39 15.98 -25.12
N LEU A 198 21.00 16.59 -24.00
CA LEU A 198 19.66 16.35 -23.45
C LEU A 198 18.58 16.80 -24.43
N THR A 199 18.80 17.92 -25.10
CA THR A 199 17.87 18.38 -26.12
C THR A 199 17.79 17.39 -27.27
N HIS A 200 18.93 16.86 -27.69
CA HIS A 200 18.96 15.84 -28.75
C HIS A 200 18.15 14.61 -28.36
N ALA A 201 18.33 14.12 -27.14
CA ALA A 201 17.63 12.92 -26.72
C ALA A 201 16.13 13.16 -26.58
N ILE A 202 15.73 14.31 -25.99
CA ILE A 202 14.31 14.55 -25.79
C ILE A 202 13.61 14.78 -27.13
N GLU A 203 14.19 15.59 -28.00
CA GLU A 203 13.55 15.84 -29.29
C GLU A 203 13.54 14.58 -30.15
N ALA A 204 14.56 13.72 -30.02
CA ALA A 204 14.52 12.45 -30.75
C ALA A 204 13.43 11.54 -30.22
N TYR A 205 13.20 11.54 -28.90
CA TYR A 205 12.17 10.67 -28.35
C TYR A 205 10.75 11.10 -28.76
N VAL A 206 10.48 12.40 -28.89
CA VAL A 206 9.14 12.84 -29.27
C VAL A 206 9.01 13.15 -30.75
N SER A 207 10.06 12.91 -31.54
CA SER A 207 10.02 13.22 -32.97
C SER A 207 9.03 12.32 -33.71
N THR A 208 8.45 12.85 -34.78
CA THR A 208 7.58 12.00 -35.58
C THR A 208 8.37 10.94 -36.36
N GLY A 209 9.69 11.04 -36.39
CA GLY A 209 10.51 10.07 -37.08
C GLY A 209 11.19 9.06 -36.18
N ALA A 210 10.69 8.93 -34.95
CA ALA A 210 11.25 7.99 -34.00
C ALA A 210 11.01 6.54 -34.45
N THR A 211 11.96 5.68 -34.12
CA THR A 211 11.90 4.25 -34.32
C THR A 211 12.27 3.59 -33.01
N PRO A 212 11.99 2.29 -32.85
CA PRO A 212 12.44 1.58 -31.64
C PRO A 212 13.94 1.67 -31.38
N ILE A 213 14.77 1.74 -32.43
CA ILE A 213 16.22 1.87 -32.21
C ILE A 213 16.56 3.25 -31.67
N THR A 214 16.07 4.29 -32.34
CA THR A 214 16.28 5.65 -31.84
C THR A 214 15.71 5.81 -30.45
N ASP A 215 14.55 5.18 -30.18
CA ASP A 215 13.97 5.25 -28.83
C ASP A 215 14.93 4.67 -27.79
N ALA A 216 15.50 3.49 -28.08
CA ALA A 216 16.44 2.87 -27.15
C ALA A 216 17.57 3.82 -26.80
N LEU A 217 18.16 4.42 -27.83
CA LEU A 217 19.32 5.29 -27.60
C LEU A 217 18.91 6.53 -26.80
N ALA A 218 17.78 7.14 -27.15
CA ALA A 218 17.36 8.37 -26.49
C ALA A 218 17.03 8.13 -25.03
N ILE A 219 16.37 7.00 -24.72
CA ILE A 219 16.01 6.68 -23.34
C ILE A 219 17.27 6.55 -22.49
N GLN A 220 18.25 5.78 -22.98
CA GLN A 220 19.47 5.65 -22.18
C GLN A 220 20.16 7.00 -22.00
N ALA A 221 20.21 7.80 -23.08
CA ALA A 221 20.88 9.09 -22.99
C ALA A 221 20.25 9.97 -21.91
N ILE A 222 18.90 10.04 -21.88
CA ILE A 222 18.23 10.85 -20.87
C ILE A 222 18.55 10.34 -19.47
N LYS A 223 18.49 9.03 -19.28
CA LYS A 223 18.76 8.49 -17.94
C LYS A 223 20.18 8.81 -17.48
N ILE A 224 21.13 8.73 -18.40
CA ILE A 224 22.53 8.96 -18.02
C ILE A 224 22.80 10.45 -17.78
N ILE A 225 22.24 11.32 -18.63
CA ILE A 225 22.49 12.74 -18.44
C ILE A 225 21.94 13.19 -17.09
N SER A 226 20.72 12.74 -16.76
CA SER A 226 20.10 13.14 -15.49
C SER A 226 20.97 12.78 -14.29
N LYS A 227 21.76 11.71 -14.40
CA LYS A 227 22.57 11.31 -13.27
C LYS A 227 23.95 11.96 -13.28
N TYR A 228 24.58 12.08 -14.44
CA TYR A 228 25.99 12.45 -14.47
C TYR A 228 26.29 13.88 -14.95
N LEU A 229 25.41 14.53 -15.70
CA LEU A 229 25.71 15.89 -16.13
C LEU A 229 25.89 16.84 -14.95
N PRO A 230 25.05 16.84 -13.89
CA PRO A 230 25.30 17.72 -12.76
C PRO A 230 26.65 17.45 -12.07
N ARG A 231 27.11 16.20 -12.09
CA ARG A 231 28.38 15.81 -11.45
C ARG A 231 29.54 16.30 -12.31
N ALA A 232 29.36 16.28 -13.62
CA ALA A 232 30.41 16.75 -14.56
C ALA A 232 30.51 18.28 -14.50
N VAL A 233 29.39 18.97 -14.29
CA VAL A 233 29.45 20.42 -14.14
C VAL A 233 30.01 20.79 -12.78
N ALA A 234 29.73 19.99 -11.75
CA ALA A 234 30.19 20.32 -10.40
C ALA A 234 31.68 20.05 -10.24
N ASN A 235 32.21 19.03 -10.90
CA ASN A 235 33.63 18.72 -10.82
C ASN A 235 34.09 18.12 -12.14
N GLY A 236 34.84 18.90 -12.91
CA GLY A 236 35.33 18.48 -14.21
C GLY A 236 36.39 17.41 -14.18
N LYS A 237 36.89 17.06 -12.99
CA LYS A 237 37.85 15.99 -12.82
C LYS A 237 37.21 14.66 -12.41
N ASP A 238 35.88 14.62 -12.33
CA ASP A 238 35.14 13.38 -12.11
C ASP A 238 35.21 12.56 -13.38
N ILE A 239 36.13 11.58 -13.42
CA ILE A 239 36.41 10.84 -14.64
C ILE A 239 35.22 9.97 -15.03
N GLU A 240 34.54 9.40 -14.04
CA GLU A 240 33.35 8.61 -14.32
C GLU A 240 32.28 9.47 -14.99
N ALA A 241 32.07 10.68 -14.46
CA ALA A 241 31.09 11.56 -15.06
C ALA A 241 31.49 11.93 -16.49
N ARG A 242 32.78 12.16 -16.72
CA ARG A 242 33.21 12.54 -18.06
C ARG A 242 32.97 11.41 -19.05
N GLU A 243 33.28 10.16 -18.64
CA GLU A 243 33.05 9.01 -19.53
C GLU A 243 31.57 8.74 -19.72
N GLN A 244 30.77 8.87 -18.66
CA GLN A 244 29.35 8.64 -18.85
C GLN A 244 28.73 9.70 -19.74
N MET A 245 29.16 10.97 -19.63
CA MET A 245 28.64 12.00 -20.53
C MET A 245 29.14 11.78 -21.95
N ALA A 246 30.33 11.20 -22.10
CA ALA A 246 30.83 10.83 -23.43
C ALA A 246 29.95 9.75 -24.06
N PHE A 247 29.51 8.79 -23.26
CA PHE A 247 28.53 7.84 -23.77
C PHE A 247 27.18 8.51 -24.05
N ALA A 248 26.72 9.39 -23.16
CA ALA A 248 25.39 10.00 -23.28
C ALA A 248 25.28 10.86 -24.53
N GLN A 249 26.32 11.65 -24.81
CA GLN A 249 26.31 12.45 -26.02
C GLN A 249 26.25 11.59 -27.29
N SER A 250 26.96 10.45 -27.30
CA SER A 250 26.93 9.61 -28.51
C SER A 250 25.58 8.94 -28.65
N LEU A 251 24.98 8.51 -27.54
CA LEU A 251 23.64 7.95 -27.60
C LEU A 251 22.66 8.98 -28.16
N ALA A 252 22.74 10.22 -27.67
CA ALA A 252 21.82 11.26 -28.11
C ALA A 252 22.04 11.61 -29.58
N GLY A 253 23.31 11.66 -30.00
CA GLY A 253 23.62 11.90 -31.41
C GLY A 253 23.08 10.80 -32.32
N MET A 254 23.33 9.54 -31.96
CA MET A 254 22.77 8.43 -32.72
C MET A 254 21.25 8.52 -32.80
N ALA A 255 20.62 8.97 -31.72
CA ALA A 255 19.17 9.03 -31.72
C ALA A 255 18.67 10.15 -32.64
N PHE A 256 19.20 11.37 -32.48
CA PHE A 256 18.65 12.48 -33.27
C PHE A 256 19.06 12.38 -34.74
N ASN A 257 20.25 11.85 -35.03
CA ASN A 257 20.67 11.70 -36.42
C ASN A 257 19.66 10.86 -37.21
N ASN A 258 19.01 9.91 -36.56
CA ASN A 258 18.14 9.00 -37.26
C ASN A 258 16.67 9.16 -36.94
N ALA A 259 16.32 9.95 -35.93
CA ALA A 259 14.92 10.20 -35.62
C ALA A 259 14.47 11.59 -36.04
N GLY A 260 15.35 12.58 -35.95
CA GLY A 260 15.03 13.96 -36.22
C GLY A 260 14.99 14.78 -34.93
N LEU A 261 14.94 16.10 -35.12
CA LEU A 261 14.85 16.99 -33.96
C LEU A 261 13.48 17.64 -33.94
N GLY A 262 13.40 18.88 -33.48
CA GLY A 262 12.13 19.58 -33.43
C GLY A 262 12.30 21.08 -33.32
N TYR A 263 11.29 21.75 -32.78
CA TYR A 263 11.29 23.22 -32.84
C TYR A 263 12.23 23.87 -31.84
N VAL A 264 12.74 23.13 -30.84
CA VAL A 264 13.81 23.69 -30.02
C VAL A 264 15.01 24.04 -30.89
N HIS A 265 15.48 23.08 -31.70
CA HIS A 265 16.62 23.34 -32.56
C HIS A 265 16.25 24.29 -33.69
N ALA A 266 15.02 24.18 -34.21
CA ALA A 266 14.58 25.06 -35.28
C ALA A 266 14.63 26.52 -34.85
N ILE A 267 14.21 26.83 -33.61
CA ILE A 267 14.29 28.21 -33.14
C ILE A 267 15.69 28.57 -32.66
N ALA A 268 16.39 27.64 -32.00
CA ALA A 268 17.73 27.92 -31.52
C ALA A 268 18.68 28.28 -32.65
N HIS A 269 18.51 27.65 -33.82
CA HIS A 269 19.39 27.98 -34.93
C HIS A 269 19.22 29.44 -35.36
N GLN A 270 18.01 30.00 -35.17
CA GLN A 270 17.80 31.39 -35.56
C GLN A 270 18.35 32.33 -34.51
N LEU A 271 18.14 32.01 -33.23
CA LEU A 271 18.74 32.87 -32.22
C LEU A 271 20.27 32.83 -32.27
N GLY A 272 20.85 31.70 -32.66
CA GLY A 272 22.30 31.62 -32.77
C GLY A 272 22.84 32.29 -34.01
N GLY A 273 22.11 32.20 -35.13
CA GLY A 273 22.51 32.92 -36.33
C GLY A 273 22.31 34.42 -36.21
N PHE A 274 21.42 34.87 -35.33
CA PHE A 274 21.22 36.30 -35.16
C PHE A 274 22.16 36.92 -34.12
N TYR A 275 22.38 36.25 -33.00
CA TYR A 275 23.11 36.86 -31.90
C TYR A 275 24.36 36.09 -31.45
N ASN A 276 24.72 34.99 -32.12
CA ASN A 276 25.89 34.18 -31.80
C ASN A 276 25.88 33.65 -30.36
N PHE A 277 24.70 33.39 -29.80
CA PHE A 277 24.64 32.75 -28.49
C PHE A 277 25.13 31.31 -28.57
N PRO A 278 25.58 30.73 -27.47
CA PRO A 278 25.94 29.30 -27.48
C PRO A 278 24.74 28.41 -27.77
N HIS A 279 24.95 27.42 -28.64
CA HIS A 279 23.88 26.54 -29.07
C HIS A 279 23.18 25.88 -27.88
N GLY A 280 23.95 25.35 -26.93
CA GLY A 280 23.36 24.69 -25.78
C GLY A 280 22.60 25.63 -24.87
N VAL A 281 23.02 26.89 -24.77
CA VAL A 281 22.28 27.85 -23.96
C VAL A 281 20.95 28.19 -24.63
N CYS A 282 20.94 28.36 -25.96
CA CYS A 282 19.70 28.57 -26.67
C CYS A 282 18.76 27.39 -26.46
N ASN A 283 19.28 26.18 -26.63
CA ASN A 283 18.46 24.98 -26.47
C ASN A 283 17.91 24.87 -25.06
N ALA A 284 18.73 25.14 -24.05
CA ALA A 284 18.27 25.00 -22.68
C ALA A 284 17.22 26.03 -22.35
N VAL A 285 17.36 27.26 -22.87
CA VAL A 285 16.36 28.26 -22.61
C VAL A 285 15.04 27.88 -23.27
N LEU A 286 15.10 27.31 -24.47
CA LEU A 286 13.88 27.04 -25.23
C LEU A 286 13.18 25.74 -24.84
N LEU A 287 13.94 24.72 -24.42
CA LEU A 287 13.41 23.38 -24.18
C LEU A 287 12.09 23.33 -23.40
N PRO A 288 11.95 23.96 -22.23
CA PRO A 288 10.66 23.88 -21.53
C PRO A 288 9.51 24.47 -22.32
N TYR A 289 9.74 25.55 -23.08
CA TYR A 289 8.63 26.20 -23.77
C TYR A 289 8.16 25.35 -24.93
N VAL A 290 9.10 24.77 -25.68
CA VAL A 290 8.71 23.96 -26.81
C VAL A 290 8.08 22.66 -26.33
N CYS A 291 8.57 22.13 -25.21
CA CYS A 291 7.99 20.93 -24.65
C CYS A 291 6.55 21.16 -24.19
N ARG A 292 6.30 22.30 -23.54
CA ARG A 292 4.93 22.63 -23.13
C ARG A 292 4.04 22.81 -24.35
N PHE A 293 4.55 23.47 -25.38
CA PHE A 293 3.79 23.58 -26.62
C PHE A 293 3.49 22.21 -27.21
N ASN A 294 4.43 21.27 -27.11
CA ASN A 294 4.31 19.95 -27.71
C ASN A 294 3.55 18.95 -26.85
N LEU A 295 3.24 19.29 -25.60
CA LEU A 295 2.72 18.31 -24.64
C LEU A 295 1.52 17.53 -25.18
N ILE A 296 0.54 18.23 -25.76
CA ILE A 296 -0.67 17.53 -26.17
C ILE A 296 -0.41 16.54 -27.30
N SER A 297 0.75 16.62 -27.97
CA SER A 297 1.03 15.68 -29.06
C SER A 297 1.72 14.40 -28.59
N LYS A 298 2.46 14.43 -27.48
CA LYS A 298 3.21 13.28 -27.01
C LYS A 298 3.16 13.17 -25.49
N VAL A 299 1.94 13.21 -24.93
CA VAL A 299 1.84 13.31 -23.47
C VAL A 299 2.36 12.05 -22.79
N GLU A 300 2.17 10.88 -23.40
CA GLU A 300 2.67 9.65 -22.78
C GLU A 300 4.19 9.62 -22.77
N ARG A 301 4.82 10.14 -23.82
CA ARG A 301 6.26 10.12 -23.88
C ARG A 301 6.88 11.18 -22.98
N TYR A 302 6.22 12.33 -22.79
CA TYR A 302 6.75 13.30 -21.82
C TYR A 302 6.57 12.78 -20.39
N ALA A 303 5.49 12.05 -20.13
CA ALA A 303 5.34 11.40 -18.82
C ALA A 303 6.42 10.36 -18.60
N GLU A 304 6.79 9.60 -19.63
CA GLU A 304 7.90 8.67 -19.48
C GLU A 304 9.21 9.42 -19.22
N ILE A 305 9.40 10.57 -19.91
CA ILE A 305 10.61 11.37 -19.72
C ILE A 305 10.72 11.85 -18.28
N ALA A 306 9.59 12.18 -17.65
CA ALA A 306 9.63 12.57 -16.25
C ALA A 306 10.24 11.45 -15.39
N ALA A 307 9.89 10.20 -15.69
CA ALA A 307 10.50 9.08 -14.95
C ALA A 307 11.98 8.93 -15.31
N PHE A 308 12.33 9.07 -16.60
CA PHE A 308 13.73 8.96 -16.98
C PHE A 308 14.58 9.96 -16.24
N LEU A 309 14.02 11.13 -15.91
CA LEU A 309 14.73 12.20 -15.23
C LEU A 309 14.69 12.05 -13.71
N GLY A 310 14.20 10.91 -13.21
CA GLY A 310 14.25 10.68 -11.79
C GLY A 310 13.04 11.14 -11.01
N GLU A 311 12.02 11.68 -11.67
CA GLU A 311 10.86 12.20 -10.96
C GLU A 311 9.94 11.07 -10.53
N ASN A 312 9.25 11.28 -9.43
CA ASN A 312 8.23 10.35 -8.96
C ASN A 312 6.87 10.71 -9.56
N VAL A 313 6.24 9.75 -10.23
CA VAL A 313 4.99 10.01 -10.92
C VAL A 313 3.84 9.19 -10.32
N ASP A 314 4.03 8.67 -9.11
CA ASP A 314 3.06 7.79 -8.48
C ASP A 314 1.77 8.51 -8.15
N GLY A 315 0.64 7.92 -8.57
CA GLY A 315 -0.67 8.46 -8.26
C GLY A 315 -1.08 9.67 -9.07
N LEU A 316 -0.39 9.93 -10.19
CA LEU A 316 -0.63 11.12 -11.00
C LEU A 316 -1.15 10.72 -12.37
N SER A 317 -1.94 11.61 -12.96
CA SER A 317 -2.36 11.43 -14.33
C SER A 317 -1.17 11.58 -15.28
N THR A 318 -1.32 11.03 -16.49
CA THR A 318 -0.27 11.14 -17.49
C THR A 318 0.08 12.59 -17.73
N TYR A 319 -0.92 13.47 -17.69
CA TYR A 319 -0.69 14.88 -17.97
C TYR A 319 0.15 15.54 -16.89
N ASP A 320 -0.18 15.27 -15.63
CA ASP A 320 0.56 15.89 -14.53
C ASP A 320 1.99 15.40 -14.49
N ALA A 321 2.21 14.14 -14.87
CA ALA A 321 3.57 13.61 -14.92
C ALA A 321 4.36 14.24 -16.06
N ALA A 322 3.71 14.41 -17.22
CA ALA A 322 4.37 15.10 -18.31
C ALA A 322 4.76 16.52 -17.89
N GLU A 323 3.95 17.16 -17.03
CA GLU A 323 4.33 18.49 -16.55
C GLU A 323 5.49 18.42 -15.55
N LYS A 324 5.55 17.37 -14.74
CA LYS A 324 6.69 17.21 -13.84
C LYS A 324 7.99 17.06 -14.63
N ALA A 325 7.90 16.58 -15.86
CA ALA A 325 9.11 16.51 -16.68
C ALA A 325 9.58 17.90 -17.07
N ILE A 326 8.65 18.79 -17.43
CA ILE A 326 9.02 20.17 -17.75
C ILE A 326 9.66 20.83 -16.54
N LYS A 327 9.09 20.59 -15.36
CA LYS A 327 9.64 21.20 -14.17
C LYS A 327 11.04 20.67 -13.88
N ALA A 328 11.27 19.38 -14.15
CA ALA A 328 12.60 18.83 -13.90
C ALA A 328 13.64 19.40 -14.87
N ILE A 329 13.24 19.64 -16.12
CA ILE A 329 14.14 20.30 -17.07
C ILE A 329 14.47 21.71 -16.60
N GLU A 330 13.45 22.44 -16.11
CA GLU A 330 13.71 23.79 -15.62
C GLU A 330 14.65 23.78 -14.42
N ARG A 331 14.47 22.83 -13.51
CA ARG A 331 15.34 22.76 -12.34
C ARG A 331 16.77 22.39 -12.73
N MET A 332 16.94 21.50 -13.72
CA MET A 332 18.29 21.19 -14.19
C MET A 332 18.94 22.43 -14.79
N ALA A 333 18.20 23.18 -15.60
CA ALA A 333 18.76 24.39 -16.20
C ALA A 333 19.15 25.40 -15.12
N LYS A 334 18.33 25.52 -14.08
CA LYS A 334 18.63 26.48 -13.01
C LYS A 334 19.85 26.04 -12.21
N ASP A 335 19.99 24.74 -11.95
CA ASP A 335 21.12 24.27 -11.15
C ASP A 335 22.45 24.33 -11.90
N LEU A 336 22.42 24.40 -13.23
CA LEU A 336 23.63 24.55 -14.03
C LEU A 336 23.82 25.98 -14.49
N ASN A 337 23.12 26.93 -13.86
CA ASN A 337 23.30 28.37 -14.11
C ASN A 337 23.08 28.72 -15.58
N ILE A 338 21.98 28.23 -16.13
CA ILE A 338 21.63 28.59 -17.50
C ILE A 338 20.83 29.89 -17.41
N PRO A 339 21.14 30.86 -18.30
CA PRO A 339 20.41 32.11 -18.34
C PRO A 339 18.91 31.85 -18.39
N LYS A 340 18.13 32.76 -17.85
CA LYS A 340 16.67 32.55 -17.77
C LYS A 340 15.99 32.94 -19.08
N GLY A 341 16.64 33.79 -19.88
CA GLY A 341 16.02 34.28 -21.12
C GLY A 341 17.02 34.87 -22.08
N PHE A 342 16.54 35.36 -23.21
CA PHE A 342 17.44 35.86 -24.28
C PHE A 342 17.53 37.39 -24.26
N LYS A 343 16.58 38.08 -23.62
CA LYS A 343 16.65 39.53 -23.54
C LYS A 343 17.90 40.00 -22.80
N GLU A 344 18.14 39.40 -21.64
CA GLU A 344 19.35 39.73 -20.84
C GLU A 344 20.60 39.44 -21.67
N LEU A 345 20.50 38.53 -22.62
CA LEU A 345 21.62 38.21 -23.46
C LEU A 345 21.72 39.13 -24.65
N GLY A 346 20.65 39.84 -24.97
CA GLY A 346 20.70 40.88 -25.99
C GLY A 346 19.75 40.66 -27.14
N ALA A 347 18.88 39.66 -27.05
CA ALA A 347 18.02 39.35 -28.17
C ALA A 347 17.00 40.46 -28.32
N LYS A 348 16.58 40.77 -29.54
CA LYS A 348 15.69 41.95 -29.71
C LYS A 348 14.30 41.57 -30.26
N GLU A 349 13.24 42.23 -29.78
CA GLU A 349 11.84 41.88 -30.14
C GLU A 349 11.51 42.21 -31.59
N GLU A 350 12.10 43.27 -32.13
CA GLU A 350 11.87 43.66 -33.54
C GLU A 350 12.35 42.54 -34.47
N ASP A 351 13.05 41.55 -33.91
CA ASP A 351 13.63 40.48 -34.75
C ASP A 351 12.81 39.21 -34.60
N ILE A 352 11.80 39.21 -33.74
CA ILE A 352 11.08 37.98 -33.45
C ILE A 352 10.37 37.45 -34.70
N GLU A 353 9.70 38.33 -35.42
CA GLU A 353 8.94 37.91 -36.59
C GLU A 353 9.83 37.23 -37.62
N THR A 354 11.04 37.77 -37.84
CA THR A 354 11.99 37.12 -38.74
C THR A 354 12.48 35.80 -38.15
N LEU A 355 12.85 35.80 -36.87
CA LEU A 355 13.33 34.60 -36.21
C LEU A 355 12.32 33.47 -36.35
N ALA A 356 11.04 33.77 -36.14
CA ALA A 356 10.03 32.72 -36.23
C ALA A 356 9.91 32.21 -37.66
N LYS A 357 9.89 33.13 -38.65
CA LYS A 357 9.69 32.66 -40.02
C LYS A 357 10.84 31.79 -40.48
N ASN A 358 12.07 32.17 -40.12
CA ASN A 358 13.23 31.39 -40.51
C ASN A 358 13.21 30.05 -39.80
N ALA A 359 12.67 29.99 -38.58
CA ALA A 359 12.60 28.71 -37.88
C ALA A 359 11.70 27.75 -38.63
N MET A 360 10.65 28.28 -39.26
CA MET A 360 9.74 27.37 -39.96
C MET A 360 10.34 26.86 -41.25
N LYS A 361 11.50 27.36 -41.64
CA LYS A 361 12.17 26.86 -42.83
C LYS A 361 13.27 25.88 -42.48
N ASP A 362 13.60 25.74 -41.20
CA ASP A 362 14.61 24.80 -40.77
C ASP A 362 14.10 23.37 -40.88
N ALA A 363 15.03 22.47 -41.22
CA ALA A 363 14.67 21.09 -41.46
C ALA A 363 14.25 20.38 -40.17
N CYS A 364 14.77 20.81 -39.02
CA CYS A 364 14.39 20.20 -37.76
C CYS A 364 12.90 20.40 -37.48
N ALA A 365 12.32 21.48 -38.02
CA ALA A 365 10.90 21.69 -37.78
C ALA A 365 10.07 20.60 -38.42
N LEU A 366 10.65 19.87 -39.38
CA LEU A 366 9.86 18.87 -40.08
C LEU A 366 9.45 17.73 -39.17
N THR A 367 10.22 17.45 -38.12
CA THR A 367 9.88 16.28 -37.32
C THR A 367 9.22 16.62 -36.00
N ASN A 368 8.96 17.91 -35.73
CA ASN A 368 8.29 18.28 -34.49
C ASN A 368 6.92 17.60 -34.42
N PRO A 369 6.56 17.07 -33.25
CA PRO A 369 5.28 16.35 -33.14
C PRO A 369 4.05 17.24 -33.24
N ARG A 370 4.15 18.50 -32.83
CA ARG A 370 3.06 19.45 -32.98
C ARG A 370 3.40 20.41 -34.12
N LYS A 371 2.45 20.56 -35.06
CA LYS A 371 2.66 21.41 -36.23
C LYS A 371 2.10 22.81 -35.97
N PRO A 372 2.93 23.84 -35.85
CA PRO A 372 2.42 25.15 -35.43
C PRO A 372 2.03 26.10 -36.57
N LYS A 373 1.44 27.21 -36.18
CA LYS A 373 1.21 28.36 -37.06
C LYS A 373 2.25 29.40 -36.70
N LEU A 374 2.52 30.31 -37.65
CA LEU A 374 3.56 31.31 -37.41
C LEU A 374 3.36 32.00 -36.07
N GLU A 375 2.11 32.35 -35.76
CA GLU A 375 1.78 33.03 -34.51
C GLU A 375 2.21 32.22 -33.29
N GLU A 376 2.11 30.89 -33.35
CA GLU A 376 2.48 30.08 -32.19
C GLU A 376 3.99 30.04 -31.99
N VAL A 377 4.76 29.99 -33.09
CA VAL A 377 6.20 30.09 -33.00
C VAL A 377 6.61 31.45 -32.46
N ILE A 378 5.88 32.49 -32.87
CA ILE A 378 6.11 33.83 -32.36
C ILE A 378 5.89 33.87 -30.84
N GLN A 379 4.78 33.27 -30.38
CA GLN A 379 4.52 33.26 -28.94
C GLN A 379 5.62 32.51 -28.18
N ILE A 380 6.10 31.39 -28.73
CA ILE A 380 7.19 30.65 -28.07
C ILE A 380 8.43 31.53 -27.93
N ILE A 381 8.82 32.22 -29.01
CA ILE A 381 10.00 33.07 -28.91
C ILE A 381 9.77 34.20 -27.91
N LYS A 382 8.54 34.74 -27.86
CA LYS A 382 8.26 35.82 -26.92
C LYS A 382 8.38 35.34 -25.48
N ASN A 383 7.90 34.13 -25.20
CA ASN A 383 8.07 33.57 -23.87
C ASN A 383 9.54 33.29 -23.55
N ALA A 384 10.33 32.89 -24.55
CA ALA A 384 11.72 32.62 -24.25
C ALA A 384 12.56 33.89 -24.21
N MET A 385 11.99 35.03 -24.60
CA MET A 385 12.68 36.28 -24.40
C MET A 385 12.55 36.69 -22.94
N LEU A 386 11.33 36.68 -22.45
CA LEU A 386 10.96 36.93 -21.07
C LEU A 386 11.65 35.98 -20.08
N ASN B 3 42.95 -1.39 -20.54
CA ASN B 3 42.38 -0.09 -20.85
C ASN B 3 40.85 -0.13 -20.78
N THR B 4 40.24 1.05 -20.69
CA THR B 4 38.81 1.26 -20.73
C THR B 4 38.31 1.56 -22.15
N GLN B 5 39.04 1.13 -23.16
CA GLN B 5 38.71 1.47 -24.55
C GLN B 5 37.66 0.52 -25.11
N SER B 6 36.83 1.05 -26.01
CA SER B 6 35.82 0.25 -26.69
C SER B 6 35.53 0.88 -28.04
N ALA B 7 34.74 0.19 -28.85
CA ALA B 7 34.42 0.67 -30.19
C ALA B 7 33.06 0.14 -30.60
N PHE B 8 32.38 0.88 -31.48
CA PHE B 8 31.09 0.46 -32.01
C PHE B 8 31.17 0.34 -33.53
N PHE B 9 30.80 -0.83 -34.05
CA PHE B 9 30.88 -1.15 -35.45
C PHE B 9 29.50 -1.48 -35.99
N MET B 10 29.22 -1.02 -37.19
CA MET B 10 28.00 -1.33 -37.92
C MET B 10 28.14 -0.76 -39.32
N PRO B 11 27.37 -1.28 -40.28
CA PRO B 11 27.40 -0.69 -41.62
C PRO B 11 27.00 0.78 -41.58
N SER B 12 27.61 1.56 -42.48
CA SER B 12 27.37 3.00 -42.52
C SER B 12 25.93 3.33 -42.96
N VAL B 13 25.29 2.46 -43.76
CA VAL B 13 23.92 2.69 -44.21
C VAL B 13 23.10 1.41 -43.99
N ASN B 14 21.95 1.57 -43.32
CA ASN B 14 21.08 0.45 -42.96
C ASN B 14 19.62 0.79 -43.27
N LEU B 15 19.02 0.07 -44.21
CA LEU B 15 17.66 0.33 -44.66
C LEU B 15 16.68 -0.56 -43.90
N PHE B 16 15.53 0.00 -43.53
CA PHE B 16 14.48 -0.70 -42.81
C PHE B 16 13.14 -0.41 -43.45
N GLY B 17 12.16 -1.24 -43.13
CA GLY B 17 10.81 -0.97 -43.61
C GLY B 17 10.36 -1.80 -44.79
N ALA B 18 9.06 -1.83 -45.02
CA ALA B 18 8.47 -2.59 -46.13
C ALA B 18 8.84 -1.92 -47.47
N GLY B 19 9.43 -2.68 -48.38
CA GLY B 19 9.80 -2.15 -49.70
C GLY B 19 11.26 -1.80 -49.81
N SER B 20 11.98 -1.80 -48.69
CA SER B 20 13.42 -1.43 -48.68
C SER B 20 14.24 -2.26 -49.68
N VAL B 21 13.80 -3.48 -50.02
CA VAL B 21 14.58 -4.38 -50.92
C VAL B 21 14.56 -3.83 -52.34
N ASN B 22 13.55 -3.03 -52.66
CA ASN B 22 13.44 -2.45 -53.99
C ASN B 22 14.54 -1.44 -54.27
N GLU B 23 15.43 -1.18 -53.32
CA GLU B 23 16.48 -0.21 -53.51
C GLU B 23 17.83 -0.87 -53.82
N VAL B 24 17.92 -2.19 -53.66
CA VAL B 24 19.22 -2.85 -53.70
C VAL B 24 19.97 -2.50 -54.98
N GLY B 25 19.27 -2.54 -56.12
CA GLY B 25 19.94 -2.31 -57.38
C GLY B 25 20.58 -0.94 -57.43
N THR B 26 19.79 0.10 -57.17
CA THR B 26 20.36 1.44 -57.24
C THR B 26 21.53 1.57 -56.27
N ARG B 27 21.39 1.01 -55.07
CA ARG B 27 22.45 1.16 -54.10
C ARG B 27 23.70 0.48 -54.61
N LEU B 28 23.55 -0.70 -55.21
CA LEU B 28 24.71 -1.40 -55.76
C LEU B 28 25.35 -0.58 -56.86
N ALA B 29 24.53 0.03 -57.72
CA ALA B 29 25.09 0.85 -58.78
C ALA B 29 25.80 2.06 -58.20
N ASP B 30 25.27 2.62 -57.11
CA ASP B 30 25.92 3.78 -56.50
C ASP B 30 27.31 3.44 -56.02
N LEU B 31 27.55 2.17 -55.70
CA LEU B 31 28.89 1.77 -55.28
C LEU B 31 29.87 1.68 -56.44
N GLY B 32 29.39 1.70 -57.68
CA GLY B 32 30.26 1.56 -58.82
C GLY B 32 30.68 0.15 -59.11
N VAL B 33 29.88 -0.80 -58.65
CA VAL B 33 30.17 -2.24 -58.85
C VAL B 33 29.60 -2.66 -60.20
N LYS B 34 30.04 -3.80 -60.73
CA LYS B 34 29.60 -4.18 -62.10
C LYS B 34 29.00 -5.59 -62.15
N LYS B 35 29.61 -6.56 -61.48
CA LYS B 35 29.02 -7.93 -61.41
C LYS B 35 28.97 -8.43 -59.97
N ALA B 36 27.78 -8.82 -59.52
CA ALA B 36 27.58 -9.26 -58.15
C ALA B 36 27.23 -10.74 -58.12
N LEU B 37 27.80 -11.42 -57.14
CA LEU B 37 27.44 -12.79 -56.82
C LEU B 37 26.30 -12.74 -55.80
N LEU B 38 25.13 -13.25 -56.19
CA LEU B 38 23.99 -13.35 -55.29
C LEU B 38 24.12 -14.65 -54.51
N VAL B 39 24.50 -14.55 -53.25
CA VAL B 39 24.65 -15.72 -52.38
C VAL B 39 23.34 -15.93 -51.63
N THR B 40 22.71 -17.09 -51.83
CA THR B 40 21.50 -17.44 -51.11
C THR B 40 21.48 -18.96 -50.91
N ASP B 41 20.40 -19.46 -50.33
CA ASP B 41 20.25 -20.90 -50.11
C ASP B 41 19.25 -21.47 -51.10
N ALA B 42 19.21 -22.82 -51.15
CA ALA B 42 18.40 -23.51 -52.16
C ALA B 42 16.91 -23.32 -51.95
N GLY B 43 16.45 -23.19 -50.70
CA GLY B 43 15.03 -23.00 -50.46
C GLY B 43 14.51 -21.69 -51.02
N LEU B 44 15.21 -20.60 -50.73
CA LEU B 44 14.78 -19.30 -51.22
C LEU B 44 14.93 -19.21 -52.73
N HIS B 45 15.89 -19.94 -53.29
CA HIS B 45 16.01 -19.99 -54.74
C HIS B 45 14.82 -20.71 -55.35
N GLY B 46 14.36 -21.79 -54.71
CA GLY B 46 13.17 -22.47 -55.17
C GLY B 46 11.89 -21.68 -54.98
N LEU B 47 11.87 -20.73 -54.04
CA LEU B 47 10.71 -19.87 -53.88
C LEU B 47 10.69 -18.72 -54.89
N GLY B 48 11.80 -18.49 -55.60
CA GLY B 48 11.85 -17.46 -56.61
C GLY B 48 12.44 -16.14 -56.16
N LEU B 49 12.87 -16.03 -54.90
CA LEU B 49 13.34 -14.76 -54.37
C LEU B 49 14.60 -14.29 -55.07
N SER B 50 15.49 -15.23 -55.39
CA SER B 50 16.73 -14.89 -56.07
C SER B 50 16.45 -14.13 -57.37
N GLU B 51 15.48 -14.61 -58.16
CA GLU B 51 15.18 -13.94 -59.42
C GLU B 51 14.48 -12.61 -59.21
N LYS B 52 13.63 -12.51 -58.18
CA LYS B 52 12.97 -11.25 -57.89
C LYS B 52 14.00 -10.16 -57.61
N ILE B 53 15.00 -10.45 -56.78
CA ILE B 53 16.02 -9.45 -56.48
C ILE B 53 16.97 -9.24 -57.65
N SER B 54 17.31 -10.31 -58.38
CA SER B 54 18.18 -10.18 -59.54
C SER B 54 17.60 -9.24 -60.58
N SER B 55 16.27 -9.26 -60.75
CA SER B 55 15.64 -8.34 -61.68
C SER B 55 15.88 -6.89 -61.27
N ILE B 56 15.66 -6.59 -59.98
CA ILE B 56 15.90 -5.25 -59.44
C ILE B 56 17.35 -4.83 -59.66
N ILE B 57 18.30 -5.74 -59.45
CA ILE B 57 19.71 -5.39 -59.58
C ILE B 57 20.08 -5.17 -61.04
N ARG B 58 19.63 -6.05 -61.93
CA ARG B 58 19.97 -5.95 -63.34
C ARG B 58 19.34 -4.72 -63.98
N ALA B 59 18.15 -4.34 -63.53
CA ALA B 59 17.48 -3.15 -64.05
C ALA B 59 18.16 -1.86 -63.63
N ALA B 60 19.28 -1.94 -62.92
CA ALA B 60 20.03 -0.77 -62.50
C ALA B 60 21.43 -0.76 -63.09
N GLY B 61 21.71 -1.67 -64.02
CA GLY B 61 22.98 -1.71 -64.70
C GLY B 61 24.04 -2.54 -64.02
N VAL B 62 23.68 -3.37 -63.06
CA VAL B 62 24.63 -4.26 -62.40
C VAL B 62 24.30 -5.70 -62.79
N GLU B 63 25.34 -6.47 -63.10
CA GLU B 63 25.18 -7.85 -63.49
C GLU B 63 25.10 -8.73 -62.26
N VAL B 64 24.43 -9.89 -62.41
CA VAL B 64 24.16 -10.79 -61.30
C VAL B 64 24.49 -12.22 -61.72
N SER B 65 25.17 -12.94 -60.83
CA SER B 65 25.36 -14.38 -60.96
C SER B 65 24.90 -15.03 -59.66
N ILE B 66 23.89 -15.89 -59.74
CA ILE B 66 23.26 -16.47 -58.55
C ILE B 66 24.03 -17.72 -58.11
N PHE B 67 24.39 -17.75 -56.81
CA PHE B 67 25.04 -18.88 -56.14
C PHE B 67 24.13 -19.36 -55.00
N PRO B 68 23.12 -20.21 -55.30
CA PRO B 68 22.18 -20.66 -54.29
C PRO B 68 22.70 -21.90 -53.58
N LYS B 69 24.01 -21.95 -53.32
CA LYS B 69 24.61 -23.19 -52.75
C LYS B 69 25.04 -22.97 -51.30
N ALA B 70 24.53 -21.92 -50.65
CA ALA B 70 24.82 -21.71 -49.21
C ALA B 70 23.91 -22.61 -48.38
N GLU B 71 24.47 -23.33 -47.42
CA GLU B 71 23.65 -24.30 -46.67
C GLU B 71 23.45 -23.87 -45.23
N PRO B 72 22.28 -24.13 -44.62
CA PRO B 72 22.10 -23.87 -43.18
C PRO B 72 23.26 -24.45 -42.39
N ASN B 73 23.89 -23.60 -41.56
CA ASN B 73 25.19 -23.83 -40.96
C ASN B 73 26.20 -23.90 -42.10
N PRO B 74 26.57 -22.76 -42.69
CA PRO B 74 27.42 -22.79 -43.90
C PRO B 74 28.77 -23.42 -43.65
N THR B 75 29.31 -24.04 -44.70
CA THR B 75 30.52 -24.84 -44.64
C THR B 75 31.68 -24.20 -45.40
N ASP B 76 32.88 -24.66 -45.06
CA ASP B 76 34.08 -24.25 -45.77
C ASP B 76 34.02 -24.64 -47.24
N LYS B 77 33.40 -25.77 -47.56
CA LYS B 77 33.24 -26.18 -48.95
C LYS B 77 32.32 -25.24 -49.68
N ASN B 78 31.22 -24.81 -49.04
CA ASN B 78 30.39 -23.79 -49.65
C ASN B 78 31.22 -22.56 -49.97
N VAL B 79 32.14 -22.20 -49.08
CA VAL B 79 32.95 -21.00 -49.28
C VAL B 79 33.92 -21.16 -50.44
N ALA B 80 34.59 -22.32 -50.51
CA ALA B 80 35.52 -22.58 -51.61
C ALA B 80 34.79 -22.61 -52.96
N GLU B 81 33.67 -23.33 -53.02
CA GLU B 81 32.86 -23.37 -54.23
C GLU B 81 32.36 -21.99 -54.61
N GLY B 82 31.97 -21.18 -53.62
CA GLY B 82 31.46 -19.86 -53.91
C GLY B 82 32.53 -18.90 -54.39
N LEU B 83 33.72 -18.94 -53.77
CA LEU B 83 34.84 -18.14 -54.26
C LEU B 83 35.22 -18.54 -55.66
N GLU B 84 35.24 -19.85 -55.92
CA GLU B 84 35.54 -20.36 -57.24
C GLU B 84 34.51 -19.88 -58.27
N ALA B 85 33.22 -19.85 -57.91
CA ALA B 85 32.21 -19.26 -58.79
C ALA B 85 32.40 -17.74 -58.95
N TYR B 86 32.65 -17.04 -57.84
CA TYR B 86 32.90 -15.60 -57.84
C TYR B 86 34.02 -15.25 -58.81
N ASN B 87 35.08 -16.05 -58.83
CA ASN B 87 36.22 -15.78 -59.69
C ASN B 87 35.93 -16.19 -61.12
N ALA B 88 35.26 -17.34 -61.30
CA ALA B 88 34.98 -17.82 -62.64
C ALA B 88 33.99 -16.92 -63.38
N GLU B 89 33.02 -16.36 -62.67
CA GLU B 89 31.99 -15.54 -63.30
C GLU B 89 32.32 -14.05 -63.34
N ASN B 90 33.57 -13.69 -63.05
CA ASN B 90 34.06 -12.31 -63.12
C ASN B 90 33.17 -11.37 -62.30
N CYS B 91 33.06 -11.68 -61.01
CA CYS B 91 32.27 -10.87 -60.08
C CYS B 91 33.15 -9.86 -59.36
N ASP B 92 32.59 -8.68 -59.11
CA ASP B 92 33.28 -7.65 -58.37
C ASP B 92 32.56 -7.25 -57.08
N SER B 93 31.40 -7.84 -56.78
CA SER B 93 30.68 -7.53 -55.55
C SER B 93 29.89 -8.75 -55.12
N ILE B 94 29.32 -8.68 -53.92
CA ILE B 94 28.49 -9.75 -53.38
C ILE B 94 27.22 -9.17 -52.79
N VAL B 95 26.10 -9.82 -53.05
CA VAL B 95 24.84 -9.51 -52.38
C VAL B 95 24.37 -10.79 -51.71
N THR B 96 24.20 -10.75 -50.39
CA THR B 96 23.67 -11.89 -49.66
C THR B 96 22.16 -11.72 -49.51
N LEU B 97 21.41 -12.77 -49.82
CA LEU B 97 19.96 -12.75 -49.71
C LEU B 97 19.51 -13.99 -48.96
N GLY B 98 18.94 -13.79 -47.77
CA GLY B 98 18.46 -14.89 -46.97
C GLY B 98 18.69 -14.67 -45.49
N GLY B 99 18.95 -15.74 -44.76
CA GLY B 99 19.20 -15.66 -43.35
C GLY B 99 20.68 -15.57 -43.05
N GLY B 100 21.03 -15.88 -41.79
CA GLY B 100 22.41 -15.75 -41.36
C GLY B 100 23.38 -16.64 -42.11
N SER B 101 22.91 -17.82 -42.55
CA SER B 101 23.81 -18.71 -43.28
C SER B 101 24.26 -18.05 -44.57
N SER B 102 23.36 -17.36 -45.26
CA SER B 102 23.72 -16.72 -46.52
C SER B 102 24.60 -15.51 -46.28
N HIS B 103 24.31 -14.73 -45.24
CA HIS B 103 25.14 -13.57 -44.93
C HIS B 103 26.56 -14.00 -44.62
N ASP B 104 26.71 -15.05 -43.80
CA ASP B 104 28.03 -15.49 -43.39
C ASP B 104 28.79 -16.14 -44.53
N ALA B 105 28.11 -16.95 -45.35
CA ALA B 105 28.76 -17.52 -46.52
C ALA B 105 29.31 -16.43 -47.43
N GLY B 106 28.46 -15.44 -47.74
CA GLY B 106 28.91 -14.34 -48.59
C GLY B 106 30.05 -13.55 -47.98
N LYS B 107 29.97 -13.28 -46.67
CA LYS B 107 31.06 -12.56 -46.00
C LYS B 107 32.37 -13.31 -46.15
N ALA B 108 32.33 -14.64 -45.96
CA ALA B 108 33.54 -15.44 -46.06
C ALA B 108 34.09 -15.41 -47.48
N ILE B 109 33.21 -15.57 -48.47
CA ILE B 109 33.64 -15.48 -49.87
C ILE B 109 34.32 -14.14 -50.13
N ALA B 110 33.71 -13.06 -49.64
CA ALA B 110 34.25 -11.72 -49.89
C ALA B 110 35.59 -11.51 -49.19
N LEU B 111 35.74 -12.05 -47.97
CA LEU B 111 37.02 -11.92 -47.27
C LEU B 111 38.11 -12.71 -47.98
N VAL B 112 37.84 -13.97 -48.31
CA VAL B 112 38.86 -14.80 -48.96
C VAL B 112 39.21 -14.24 -50.33
N ALA B 113 38.26 -13.59 -51.01
CA ALA B 113 38.53 -12.97 -52.30
C ALA B 113 39.47 -11.77 -52.19
N ALA B 114 39.68 -11.22 -51.00
CA ALA B 114 40.54 -10.06 -50.83
C ALA B 114 41.76 -10.31 -49.98
N ASN B 115 41.75 -11.38 -49.19
CA ASN B 115 42.86 -11.61 -48.23
C ASN B 115 43.56 -12.93 -48.58
N GLY B 116 42.88 -13.80 -49.33
CA GLY B 116 43.52 -15.04 -49.81
C GLY B 116 43.44 -16.20 -48.84
N GLY B 117 43.91 -17.36 -49.27
CA GLY B 117 43.97 -18.52 -48.38
C GLY B 117 42.64 -19.22 -48.19
N LYS B 118 42.42 -19.72 -46.98
CA LYS B 118 41.16 -20.45 -46.67
C LYS B 118 40.49 -19.82 -45.45
N ILE B 119 39.17 -19.93 -45.38
CA ILE B 119 38.39 -19.31 -44.26
C ILE B 119 38.95 -19.77 -42.93
N HIS B 120 39.44 -21.01 -42.86
CA HIS B 120 39.91 -21.55 -41.58
C HIS B 120 41.01 -20.70 -40.96
N ASP B 121 41.77 -19.97 -41.78
CA ASP B 121 42.85 -19.11 -41.29
C ASP B 121 42.34 -17.92 -40.51
N TYR B 122 41.07 -17.56 -40.64
CA TYR B 122 40.61 -16.31 -40.05
C TYR B 122 39.81 -16.53 -38.78
N GLU B 123 39.80 -17.76 -38.27
CA GLU B 123 39.15 -18.05 -37.01
C GLU B 123 39.83 -17.29 -35.87
N GLY B 124 39.03 -16.55 -35.11
CA GLY B 124 39.56 -15.73 -34.03
C GLY B 124 39.04 -14.31 -34.12
N VAL B 125 39.87 -13.36 -33.68
CA VAL B 125 39.47 -11.95 -33.62
C VAL B 125 40.46 -11.14 -34.45
N ASP B 126 39.94 -10.47 -35.49
CA ASP B 126 40.67 -9.53 -36.34
C ASP B 126 42.01 -10.08 -36.83
N VAL B 127 41.99 -11.27 -37.43
CA VAL B 127 43.22 -11.85 -37.95
C VAL B 127 43.42 -11.54 -39.44
N SER B 128 42.41 -11.00 -40.09
CA SER B 128 42.53 -10.61 -41.51
C SER B 128 43.30 -9.29 -41.62
N LYS B 129 43.74 -8.94 -42.83
CA LYS B 129 44.58 -7.73 -42.99
C LYS B 129 43.88 -6.72 -43.88
N GLU B 130 43.16 -7.19 -44.89
CA GLU B 130 42.49 -6.29 -45.85
C GLU B 130 40.97 -6.32 -45.65
N PRO B 131 40.23 -5.28 -46.09
CA PRO B 131 38.77 -5.27 -46.02
C PRO B 131 38.13 -6.12 -47.12
N MET B 132 36.96 -6.69 -46.85
CA MET B 132 36.33 -7.57 -47.82
C MET B 132 35.75 -6.79 -49.01
N VAL B 133 35.39 -7.53 -50.05
CA VAL B 133 34.89 -6.99 -51.31
C VAL B 133 33.53 -6.34 -51.01
N PRO B 134 33.09 -5.33 -51.77
CA PRO B 134 31.78 -4.73 -51.49
C PRO B 134 30.66 -5.76 -51.36
N LEU B 135 29.86 -5.62 -50.30
CA LEU B 135 28.79 -6.57 -50.01
C LEU B 135 27.58 -5.83 -49.44
N ILE B 136 26.41 -6.11 -50.01
CA ILE B 136 25.13 -5.62 -49.51
C ILE B 136 24.35 -6.80 -48.97
N ALA B 137 23.85 -6.69 -47.74
CA ALA B 137 23.19 -7.80 -47.06
C ALA B 137 21.69 -7.58 -47.00
N ILE B 138 20.91 -8.50 -47.57
CA ILE B 138 19.44 -8.44 -47.55
C ILE B 138 18.93 -9.53 -46.62
N ASN B 139 18.36 -9.15 -45.48
CA ASN B 139 18.01 -10.12 -44.45
C ASN B 139 16.55 -10.58 -44.53
N THR B 140 16.32 -11.89 -44.39
CA THR B 140 14.99 -12.47 -44.46
C THR B 140 14.58 -13.30 -43.24
N THR B 141 15.40 -13.41 -42.21
CA THR B 141 14.96 -14.01 -40.96
C THR B 141 14.98 -12.97 -39.87
N ALA B 142 14.21 -13.21 -38.81
CA ALA B 142 14.20 -12.30 -37.67
C ALA B 142 15.01 -12.92 -36.53
N GLY B 143 16.30 -13.03 -36.83
CA GLY B 143 17.35 -13.43 -35.90
C GLY B 143 18.69 -13.20 -36.59
N THR B 144 19.75 -13.52 -35.87
CA THR B 144 21.15 -13.33 -36.27
C THR B 144 21.58 -11.88 -36.32
N GLY B 145 20.97 -11.06 -37.17
CA GLY B 145 21.51 -9.72 -37.32
C GLY B 145 22.78 -9.67 -38.13
N SER B 146 23.15 -10.79 -38.75
CA SER B 146 24.44 -10.90 -39.43
C SER B 146 24.60 -9.86 -40.53
N GLU B 147 23.50 -9.29 -41.01
CA GLU B 147 23.61 -8.19 -41.95
C GLU B 147 24.27 -6.95 -41.34
N LEU B 148 24.49 -6.92 -40.02
CA LEU B 148 25.08 -5.76 -39.38
C LEU B 148 26.39 -6.04 -38.64
N THR B 149 26.81 -7.29 -38.54
CA THR B 149 27.86 -7.68 -37.62
C THR B 149 29.20 -7.87 -38.33
N LYS B 150 30.25 -7.96 -37.52
CA LYS B 150 31.58 -8.31 -37.98
C LYS B 150 31.92 -9.77 -37.68
N PHE B 151 30.89 -10.62 -37.72
CA PHE B 151 30.95 -12.05 -37.40
C PHE B 151 30.62 -12.83 -38.67
N THR B 152 31.37 -13.90 -38.92
CA THR B 152 30.95 -14.92 -39.87
C THR B 152 31.25 -16.30 -39.29
N ILE B 153 30.23 -17.15 -39.22
CA ILE B 153 30.31 -18.47 -38.60
C ILE B 153 30.33 -19.52 -39.69
N ILE B 154 31.51 -20.10 -39.95
CA ILE B 154 31.70 -21.12 -40.99
C ILE B 154 32.09 -22.44 -40.37
N THR B 155 31.54 -23.54 -40.90
CA THR B 155 31.78 -24.86 -40.30
C THR B 155 33.04 -25.48 -40.87
N ASP B 156 33.94 -25.88 -39.97
CA ASP B 156 35.00 -26.83 -40.31
C ASP B 156 34.40 -28.22 -40.34
N THR B 157 34.26 -28.74 -41.57
CA THR B 157 33.65 -30.03 -41.82
C THR B 157 34.52 -31.18 -41.29
N GLU B 158 35.81 -30.93 -41.07
CA GLU B 158 36.71 -31.97 -40.58
C GLU B 158 36.74 -32.03 -39.05
N ARG B 159 36.86 -30.89 -38.38
CA ARG B 159 36.82 -30.90 -36.88
C ARG B 159 35.37 -30.88 -36.38
N LYS B 160 34.40 -30.74 -37.28
CA LYS B 160 32.99 -30.66 -36.90
C LYS B 160 32.73 -29.46 -35.98
N VAL B 161 33.29 -28.31 -36.34
CA VAL B 161 33.24 -27.14 -35.46
C VAL B 161 32.80 -25.91 -36.26
N LYS B 162 31.76 -25.24 -35.78
CA LYS B 162 31.36 -23.96 -36.36
C LYS B 162 32.33 -22.90 -35.87
N MET B 163 33.30 -22.55 -36.72
CA MET B 163 34.30 -21.53 -36.40
C MET B 163 33.69 -20.13 -36.43
N ALA B 164 34.12 -19.31 -35.50
CA ALA B 164 33.69 -17.94 -35.36
C ALA B 164 34.81 -17.04 -35.85
N ILE B 165 34.63 -16.41 -37.01
CA ILE B 165 35.56 -15.41 -37.52
C ILE B 165 34.98 -14.06 -37.13
N VAL B 166 35.59 -13.40 -36.14
CA VAL B 166 35.13 -12.09 -35.66
C VAL B 166 36.16 -11.09 -36.16
N ASP B 167 35.88 -10.45 -37.28
CA ASP B 167 36.86 -9.56 -37.89
C ASP B 167 36.14 -8.33 -38.44
N LYS B 168 36.67 -7.15 -38.12
CA LYS B 168 36.06 -5.90 -38.58
C LYS B 168 35.97 -5.79 -40.10
N HIS B 169 36.68 -6.64 -40.83
CA HIS B 169 36.69 -6.51 -42.28
C HIS B 169 35.50 -7.18 -42.94
N VAL B 170 34.62 -7.85 -42.19
CA VAL B 170 33.45 -8.48 -42.77
C VAL B 170 32.16 -7.73 -42.42
N THR B 171 32.27 -6.53 -41.87
CA THR B 171 31.10 -5.67 -41.69
C THR B 171 30.55 -5.32 -43.07
N PRO B 172 29.29 -5.65 -43.39
CA PRO B 172 28.77 -5.36 -44.72
C PRO B 172 28.83 -3.87 -45.04
N THR B 173 28.85 -3.56 -46.34
CA THR B 173 28.88 -2.18 -46.77
C THR B 173 27.55 -1.49 -46.47
N LEU B 174 26.45 -2.17 -46.80
CA LEU B 174 25.11 -1.65 -46.62
C LEU B 174 24.18 -2.80 -46.26
N SER B 175 23.18 -2.52 -45.44
CA SER B 175 22.25 -3.56 -45.00
C SER B 175 20.82 -3.17 -45.35
N ILE B 176 19.99 -4.17 -45.63
CA ILE B 176 18.57 -4.01 -45.96
C ILE B 176 17.74 -5.00 -45.12
N ASN B 177 16.78 -4.47 -44.36
CA ASN B 177 15.91 -5.21 -43.45
C ASN B 177 14.46 -5.00 -43.86
N ASP B 178 14.00 -5.75 -44.86
CA ASP B 178 12.63 -5.58 -45.34
C ASP B 178 11.72 -6.58 -44.67
N PRO B 179 10.82 -6.17 -43.77
CA PRO B 179 9.96 -7.13 -43.09
C PRO B 179 8.98 -7.83 -44.00
N GLU B 180 8.74 -7.29 -45.21
CA GLU B 180 7.86 -8.00 -46.14
C GLU B 180 8.48 -9.30 -46.62
N LEU B 181 9.80 -9.42 -46.57
CA LEU B 181 10.48 -10.64 -46.97
C LEU B 181 10.49 -11.69 -45.86
N MET B 182 9.97 -11.38 -44.68
CA MET B 182 10.01 -12.32 -43.57
C MET B 182 8.67 -12.94 -43.25
N VAL B 183 7.59 -12.48 -43.91
CA VAL B 183 6.25 -12.99 -43.64
C VAL B 183 6.17 -14.47 -43.97
N GLY B 184 6.98 -14.95 -44.91
CA GLY B 184 6.91 -16.33 -45.33
C GLY B 184 7.62 -17.30 -44.43
N MET B 185 8.25 -16.81 -43.38
CA MET B 185 8.93 -17.67 -42.41
C MET B 185 7.90 -18.59 -41.76
N PRO B 186 8.04 -19.91 -41.85
CA PRO B 186 7.13 -20.81 -41.12
C PRO B 186 7.30 -20.67 -39.61
N PRO B 187 6.30 -21.09 -38.82
CA PRO B 187 6.37 -20.87 -37.36
C PRO B 187 7.63 -21.40 -36.68
N SER B 188 8.11 -22.59 -37.04
CA SER B 188 9.28 -23.15 -36.37
C SER B 188 10.52 -22.29 -36.61
N LEU B 189 10.69 -21.79 -37.85
CA LEU B 189 11.80 -20.89 -38.14
C LEU B 189 11.61 -19.54 -37.46
N THR B 190 10.37 -19.02 -37.46
CA THR B 190 10.10 -17.78 -36.72
C THR B 190 10.52 -17.91 -35.27
N ALA B 191 10.18 -19.04 -34.64
CA ALA B 191 10.50 -19.27 -33.23
C ALA B 191 11.99 -19.36 -33.01
N ALA B 192 12.67 -20.13 -33.88
CA ALA B 192 14.10 -20.37 -33.69
C ALA B 192 14.89 -19.09 -33.87
N THR B 193 14.61 -18.34 -34.94
CA THR B 193 15.34 -17.09 -35.16
C THR B 193 15.05 -16.08 -34.07
N GLY B 194 13.79 -15.99 -33.61
CA GLY B 194 13.47 -15.08 -32.53
C GLY B 194 14.17 -15.43 -31.23
N LEU B 195 14.33 -16.72 -30.95
CA LEU B 195 15.04 -17.07 -29.73
C LEU B 195 16.54 -16.89 -29.88
N ASP B 196 17.06 -16.93 -31.11
CA ASP B 196 18.45 -16.55 -31.31
C ASP B 196 18.64 -15.05 -31.06
N ALA B 197 17.67 -14.23 -31.47
CA ALA B 197 17.77 -12.80 -31.18
C ALA B 197 17.69 -12.53 -29.68
N LEU B 198 16.80 -13.25 -28.99
CA LEU B 198 16.72 -13.11 -27.54
C LEU B 198 18.02 -13.52 -26.87
N THR B 199 18.64 -14.62 -27.35
CA THR B 199 19.93 -15.05 -26.81
C THR B 199 21.00 -14.00 -27.04
N HIS B 200 21.00 -13.39 -28.23
CA HIS B 200 21.93 -12.29 -28.50
C HIS B 200 21.76 -11.18 -27.50
N ALA B 201 20.51 -10.74 -27.29
CA ALA B 201 20.28 -9.57 -26.46
C ALA B 201 20.65 -9.86 -25.01
N ILE B 202 20.29 -11.05 -24.52
CA ILE B 202 20.55 -11.40 -23.13
C ILE B 202 22.05 -11.58 -22.90
N GLU B 203 22.73 -12.32 -23.78
CA GLU B 203 24.16 -12.51 -23.62
C GLU B 203 24.90 -11.19 -23.77
N ALA B 204 24.42 -10.28 -24.63
CA ALA B 204 25.04 -8.96 -24.71
C ALA B 204 24.81 -8.18 -23.44
N TYR B 205 23.63 -8.32 -22.83
CA TYR B 205 23.38 -7.57 -21.60
C TYR B 205 24.26 -8.05 -20.46
N VAL B 206 24.52 -9.36 -20.37
CA VAL B 206 25.29 -9.85 -19.24
C VAL B 206 26.77 -10.00 -19.58
N SER B 207 27.17 -9.64 -20.80
CA SER B 207 28.55 -9.78 -21.23
C SER B 207 29.48 -8.85 -20.48
N THR B 208 30.72 -9.30 -20.31
CA THR B 208 31.74 -8.45 -19.67
C THR B 208 32.17 -7.32 -20.58
N GLY B 209 31.80 -7.35 -21.85
CA GLY B 209 32.19 -6.30 -22.76
C GLY B 209 31.06 -5.33 -23.00
N ALA B 210 30.06 -5.37 -22.13
CA ALA B 210 28.89 -4.51 -22.26
C ALA B 210 29.23 -3.02 -22.10
N THR B 211 28.50 -2.20 -22.83
CA THR B 211 28.59 -0.75 -22.83
C THR B 211 27.22 -0.16 -22.63
N PRO B 212 27.11 1.10 -22.18
CA PRO B 212 25.79 1.76 -22.11
C PRO B 212 25.05 1.77 -23.45
N ILE B 213 25.78 1.80 -24.56
CA ILE B 213 25.15 1.76 -25.88
C ILE B 213 24.58 0.36 -26.15
N THR B 214 25.43 -0.67 -26.01
CA THR B 214 24.98 -2.04 -26.18
C THR B 214 23.86 -2.36 -25.21
N ASP B 215 23.94 -1.84 -23.98
CA ASP B 215 22.85 -2.03 -23.01
C ASP B 215 21.54 -1.44 -23.51
N ALA B 216 21.58 -0.19 -24.01
CA ALA B 216 20.36 0.45 -24.50
C ALA B 216 19.68 -0.43 -25.54
N LEU B 217 20.48 -0.89 -26.50
CA LEU B 217 19.91 -1.69 -27.58
C LEU B 217 19.34 -3.01 -27.07
N ALA B 218 20.09 -3.69 -26.19
CA ALA B 218 19.72 -5.03 -25.73
C ALA B 218 18.45 -4.99 -24.90
N ILE B 219 18.32 -3.96 -24.06
CA ILE B 219 17.10 -3.80 -23.28
C ILE B 219 15.90 -3.67 -24.21
N GLN B 220 16.02 -2.80 -25.23
CA GLN B 220 14.88 -2.66 -26.14
C GLN B 220 14.55 -3.98 -26.84
N ALA B 221 15.58 -4.71 -27.27
CA ALA B 221 15.34 -5.97 -27.98
C ALA B 221 14.59 -6.97 -27.09
N ILE B 222 15.03 -7.11 -25.84
CA ILE B 222 14.35 -8.05 -24.94
C ILE B 222 12.89 -7.63 -24.73
N LYS B 223 12.63 -6.33 -24.52
CA LYS B 223 11.24 -5.91 -24.28
C LYS B 223 10.36 -6.17 -25.48
N ILE B 224 10.88 -5.96 -26.69
CA ILE B 224 10.07 -6.14 -27.88
C ILE B 224 9.86 -7.62 -28.16
N ILE B 225 10.90 -8.44 -27.98
CA ILE B 225 10.78 -9.87 -28.22
C ILE B 225 9.72 -10.47 -27.30
N SER B 226 9.73 -10.04 -26.03
CA SER B 226 8.79 -10.55 -25.05
C SER B 226 7.35 -10.37 -25.50
N LYS B 227 7.06 -9.30 -26.22
CA LYS B 227 5.70 -9.01 -26.61
C LYS B 227 5.34 -9.58 -27.97
N TYR B 228 6.25 -9.50 -28.94
CA TYR B 228 5.86 -9.77 -30.32
C TYR B 228 6.31 -11.13 -30.85
N LEU B 229 7.31 -11.79 -30.25
CA LEU B 229 7.73 -13.08 -30.80
C LEU B 229 6.64 -14.14 -30.72
N PRO B 230 5.94 -14.34 -29.59
CA PRO B 230 4.83 -15.31 -29.60
C PRO B 230 3.73 -14.95 -30.59
N ARG B 231 3.53 -13.67 -30.87
CA ARG B 231 2.51 -13.28 -31.84
C ARG B 231 2.95 -13.62 -33.25
N ALA B 232 4.24 -13.44 -33.54
CA ALA B 232 4.72 -13.75 -34.88
C ALA B 232 4.74 -15.25 -35.11
N VAL B 233 4.96 -16.02 -34.05
CA VAL B 233 4.89 -17.47 -34.17
C VAL B 233 3.45 -17.93 -34.29
N ALA B 234 2.52 -17.28 -33.59
CA ALA B 234 1.12 -17.72 -33.64
C ALA B 234 0.47 -17.35 -34.97
N ASN B 235 0.87 -16.23 -35.57
CA ASN B 235 0.34 -15.81 -36.86
C ASN B 235 1.43 -15.07 -37.61
N GLY B 236 2.04 -15.73 -38.61
CA GLY B 236 3.11 -15.11 -39.35
C GLY B 236 2.67 -13.98 -40.26
N LYS B 237 1.37 -13.79 -40.40
CA LYS B 237 0.81 -12.70 -41.18
C LYS B 237 0.43 -11.51 -40.32
N ASP B 238 0.73 -11.55 -39.03
CA ASP B 238 0.64 -10.39 -38.16
C ASP B 238 1.78 -9.46 -38.55
N ILE B 239 1.47 -8.45 -39.35
CA ILE B 239 2.49 -7.59 -39.93
C ILE B 239 3.20 -6.77 -38.85
N GLU B 240 2.45 -6.28 -37.88
CA GLU B 240 3.07 -5.53 -36.79
C GLU B 240 4.11 -6.36 -36.06
N ALA B 241 3.77 -7.62 -35.74
CA ALA B 241 4.73 -8.50 -35.05
C ALA B 241 5.96 -8.77 -35.91
N ARG B 242 5.77 -8.90 -37.23
CA ARG B 242 6.90 -9.13 -38.12
C ARG B 242 7.82 -7.93 -38.16
N GLU B 243 7.23 -6.73 -38.20
CA GLU B 243 8.02 -5.50 -38.27
C GLU B 243 8.76 -5.26 -36.95
N GLN B 244 8.07 -5.50 -35.84
CA GLN B 244 8.72 -5.31 -34.55
C GLN B 244 9.84 -6.33 -34.35
N MET B 245 9.65 -7.57 -34.83
CA MET B 245 10.73 -8.55 -34.74
C MET B 245 11.91 -8.17 -35.62
N ALA B 246 11.66 -7.54 -36.76
CA ALA B 246 12.80 -7.08 -37.57
C ALA B 246 13.60 -6.02 -36.81
N PHE B 247 12.88 -5.11 -36.14
CA PHE B 247 13.57 -4.13 -35.31
C PHE B 247 14.32 -4.79 -34.15
N ALA B 248 13.69 -5.75 -33.50
CA ALA B 248 14.29 -6.41 -32.34
C ALA B 248 15.54 -7.19 -32.72
N GLN B 249 15.50 -7.88 -33.85
CA GLN B 249 16.66 -8.61 -34.36
C GLN B 249 17.82 -7.67 -34.65
N SER B 250 17.51 -6.51 -35.24
CA SER B 250 18.59 -5.58 -35.52
C SER B 250 19.19 -5.02 -34.24
N LEU B 251 18.33 -4.72 -33.26
CA LEU B 251 18.83 -4.25 -31.97
C LEU B 251 19.76 -5.27 -31.33
N ALA B 252 19.34 -6.54 -31.31
CA ALA B 252 20.15 -7.56 -30.65
C ALA B 252 21.46 -7.79 -31.40
N GLY B 253 21.41 -7.70 -32.73
CA GLY B 253 22.65 -7.78 -33.50
C GLY B 253 23.60 -6.66 -33.17
N MET B 254 23.10 -5.41 -33.15
CA MET B 254 23.95 -4.28 -32.77
C MET B 254 24.54 -4.47 -31.37
N ALA B 255 23.76 -5.03 -30.45
CA ALA B 255 24.24 -5.17 -29.09
C ALA B 255 25.34 -6.21 -29.00
N PHE B 256 25.10 -7.43 -29.51
CA PHE B 256 26.11 -8.46 -29.34
C PHE B 256 27.34 -8.20 -30.22
N ASN B 257 27.14 -7.61 -31.40
CA ASN B 257 28.28 -7.33 -32.27
C ASN B 257 29.35 -6.51 -31.54
N ASN B 258 28.94 -5.65 -30.62
CA ASN B 258 29.85 -4.73 -29.97
C ASN B 258 30.05 -5.04 -28.49
N ALA B 259 29.26 -5.94 -27.91
CA ALA B 259 29.43 -6.32 -26.52
C ALA B 259 30.04 -7.70 -26.33
N GLY B 260 29.76 -8.62 -27.24
CA GLY B 260 30.15 -10.00 -27.08
C GLY B 260 28.97 -10.88 -26.69
N LEU B 261 29.20 -12.17 -26.77
CA LEU B 261 28.16 -13.13 -26.43
C LEU B 261 28.60 -13.86 -25.16
N GLY B 262 28.31 -15.15 -25.06
CA GLY B 262 28.72 -15.93 -23.90
C GLY B 262 28.73 -17.41 -24.20
N TYR B 263 28.56 -18.23 -23.16
CA TYR B 263 28.69 -19.67 -23.34
C TYR B 263 27.48 -20.32 -24.00
N VAL B 264 26.33 -19.63 -24.10
CA VAL B 264 25.25 -20.19 -24.90
C VAL B 264 25.72 -20.39 -26.33
N HIS B 265 26.26 -19.33 -26.93
CA HIS B 265 26.70 -19.44 -28.31
C HIS B 265 27.93 -20.34 -28.43
N ALA B 266 28.82 -20.28 -27.42
CA ALA B 266 30.03 -21.08 -27.44
C ALA B 266 29.72 -22.57 -27.47
N ILE B 267 28.72 -23.01 -26.69
CA ILE B 267 28.34 -24.43 -26.72
C ILE B 267 27.48 -24.75 -27.94
N ALA B 268 26.58 -23.83 -28.29
CA ALA B 268 25.68 -24.04 -29.42
C ALA B 268 26.45 -24.23 -30.71
N HIS B 269 27.60 -23.56 -30.84
CA HIS B 269 28.40 -23.71 -32.05
C HIS B 269 28.93 -25.13 -32.17
N GLN B 270 29.20 -25.79 -31.04
CA GLN B 270 29.71 -27.15 -31.13
C GLN B 270 28.61 -28.13 -31.43
N LEU B 271 27.44 -27.93 -30.81
CA LEU B 271 26.34 -28.82 -31.14
C LEU B 271 25.93 -28.67 -32.59
N GLY B 272 26.01 -27.47 -33.15
CA GLY B 272 25.67 -27.28 -34.55
C GLY B 272 26.73 -27.80 -35.50
N GLY B 273 28.01 -27.70 -35.12
CA GLY B 273 29.03 -28.27 -35.97
C GLY B 273 29.05 -29.79 -35.94
N PHE B 274 28.59 -30.39 -34.84
CA PHE B 274 28.60 -31.85 -34.74
C PHE B 274 27.37 -32.48 -35.38
N TYR B 275 26.20 -31.86 -35.21
CA TYR B 275 24.96 -32.49 -35.62
C TYR B 275 24.15 -31.68 -36.60
N ASN B 276 24.65 -30.52 -37.03
CA ASN B 276 23.93 -29.64 -37.95
C ASN B 276 22.55 -29.29 -37.42
N PHE B 277 22.41 -29.19 -36.10
CA PHE B 277 21.17 -28.75 -35.51
C PHE B 277 20.91 -27.29 -35.87
N PRO B 278 19.65 -26.84 -35.83
CA PRO B 278 19.39 -25.41 -36.03
C PRO B 278 20.00 -24.57 -34.90
N HIS B 279 20.70 -23.51 -35.31
CA HIS B 279 21.42 -22.65 -34.37
C HIS B 279 20.48 -22.09 -33.30
N GLY B 280 19.35 -21.53 -33.72
CA GLY B 280 18.44 -20.91 -32.77
C GLY B 280 17.79 -21.90 -31.83
N VAL B 281 17.58 -23.13 -32.29
CA VAL B 281 17.05 -24.18 -31.43
C VAL B 281 18.08 -24.56 -30.39
N CYS B 282 19.34 -24.64 -30.79
CA CYS B 282 20.43 -24.91 -29.84
C CYS B 282 20.48 -23.84 -28.77
N ASN B 283 20.43 -22.57 -29.18
CA ASN B 283 20.45 -21.45 -28.23
C ASN B 283 19.24 -21.49 -27.30
N ALA B 284 18.06 -21.80 -27.83
CA ALA B 284 16.86 -21.85 -26.99
C ALA B 284 16.93 -22.99 -25.99
N VAL B 285 17.48 -24.14 -26.39
CA VAL B 285 17.62 -25.25 -25.46
C VAL B 285 18.63 -24.89 -24.38
N LEU B 286 19.73 -24.22 -24.75
CA LEU B 286 20.79 -23.98 -23.79
C LEU B 286 20.54 -22.78 -22.87
N LEU B 287 19.86 -21.74 -23.37
CA LEU B 287 19.73 -20.45 -22.67
C LEU B 287 19.42 -20.56 -21.18
N PRO B 288 18.40 -21.30 -20.74
CA PRO B 288 18.15 -21.37 -19.28
C PRO B 288 19.31 -21.95 -18.50
N TYR B 289 20.02 -22.95 -19.05
CA TYR B 289 21.08 -23.60 -18.28
C TYR B 289 22.28 -22.68 -18.12
N VAL B 290 22.64 -21.94 -19.17
CA VAL B 290 23.76 -21.03 -19.05
C VAL B 290 23.38 -19.82 -18.21
N CYS B 291 22.12 -19.37 -18.27
CA CYS B 291 21.69 -18.28 -17.39
C CYS B 291 21.79 -18.69 -15.93
N ARG B 292 21.32 -19.89 -15.60
N ARG B 292 21.31 -19.89 -15.60
CA ARG B 292 21.42 -20.38 -14.22
CA ARG B 292 21.42 -20.39 -14.23
C ARG B 292 22.87 -20.40 -13.76
C ARG B 292 22.87 -20.39 -13.77
N PHE B 293 23.76 -20.93 -14.58
CA PHE B 293 25.17 -20.98 -14.23
C PHE B 293 25.75 -19.58 -14.02
N ASN B 294 25.32 -18.62 -14.84
CA ASN B 294 25.84 -17.25 -14.78
C ASN B 294 25.18 -16.42 -13.70
N LEU B 295 24.15 -16.93 -13.04
CA LEU B 295 23.31 -16.09 -12.18
C LEU B 295 24.12 -15.32 -11.15
N ILE B 296 25.04 -16.01 -10.45
CA ILE B 296 25.75 -15.36 -9.36
C ILE B 296 26.67 -14.23 -9.84
N SER B 297 27.00 -14.15 -11.13
CA SER B 297 27.90 -13.11 -11.60
C SER B 297 27.18 -11.82 -12.00
N LYS B 298 25.90 -11.91 -12.36
CA LYS B 298 25.13 -10.76 -12.85
C LYS B 298 23.71 -10.82 -12.31
N VAL B 299 23.56 -10.96 -10.98
CA VAL B 299 22.23 -11.22 -10.45
C VAL B 299 21.31 -10.03 -10.65
N GLU B 300 21.86 -8.81 -10.58
CA GLU B 300 21.03 -7.62 -10.77
C GLU B 300 20.54 -7.52 -12.21
N ARG B 301 21.40 -7.88 -13.17
CA ARG B 301 20.97 -7.76 -14.56
C ARG B 301 19.99 -8.86 -14.93
N TYR B 302 20.13 -10.05 -14.34
CA TYR B 302 19.11 -11.07 -14.58
C TYR B 302 17.79 -10.68 -13.92
N ALA B 303 17.85 -10.00 -12.75
CA ALA B 303 16.63 -9.49 -12.14
C ALA B 303 15.99 -8.43 -13.02
N GLU B 304 16.79 -7.58 -13.66
CA GLU B 304 16.23 -6.59 -14.58
C GLU B 304 15.60 -7.27 -15.80
N ILE B 305 16.25 -8.32 -16.32
CA ILE B 305 15.72 -9.06 -17.46
C ILE B 305 14.37 -9.69 -17.11
N ALA B 306 14.20 -10.14 -15.86
CA ALA B 306 12.91 -10.65 -15.44
C ALA B 306 11.80 -9.61 -15.61
N ALA B 307 12.08 -8.36 -15.25
CA ALA B 307 11.10 -7.30 -15.46
C ALA B 307 10.93 -6.99 -16.95
N PHE B 308 12.04 -6.97 -17.71
CA PHE B 308 11.92 -6.73 -19.15
C PHE B 308 11.04 -7.79 -19.81
N LEU B 309 11.03 -9.00 -19.27
CA LEU B 309 10.31 -10.13 -19.82
C LEU B 309 8.88 -10.16 -19.34
N GLY B 310 8.44 -9.10 -18.67
CA GLY B 310 7.06 -8.96 -18.26
C GLY B 310 6.76 -9.46 -16.87
N GLU B 311 7.75 -9.94 -16.14
CA GLU B 311 7.47 -10.53 -14.85
C GLU B 311 7.28 -9.47 -13.78
N ASN B 312 6.44 -9.80 -12.81
CA ASN B 312 6.26 -8.95 -11.65
C ASN B 312 7.28 -9.36 -10.60
N VAL B 313 8.09 -8.40 -10.17
CA VAL B 313 9.18 -8.68 -9.23
C VAL B 313 8.96 -7.94 -7.92
N ASP B 314 7.73 -7.49 -7.68
CA ASP B 314 7.43 -6.67 -6.51
C ASP B 314 7.62 -7.47 -5.23
N GLY B 315 8.33 -6.89 -4.28
CA GLY B 315 8.50 -7.52 -2.98
C GLY B 315 9.46 -8.69 -2.96
N LEU B 316 10.32 -8.85 -3.96
CA LEU B 316 11.21 -9.98 -4.05
C LEU B 316 12.65 -9.52 -3.91
N SER B 317 13.49 -10.41 -3.41
CA SER B 317 14.92 -10.17 -3.43
C SER B 317 15.43 -10.18 -4.86
N THR B 318 16.58 -9.54 -5.06
CA THR B 318 17.21 -9.55 -6.37
C THR B 318 17.39 -10.98 -6.87
N TYR B 319 17.70 -11.92 -5.95
CA TYR B 319 17.92 -13.30 -6.35
C TYR B 319 16.63 -13.95 -6.86
N ASP B 320 15.52 -13.75 -6.14
CA ASP B 320 14.25 -14.35 -6.55
C ASP B 320 13.76 -13.74 -7.85
N ALA B 321 14.03 -12.45 -8.06
CA ALA B 321 13.66 -11.84 -9.33
C ALA B 321 14.51 -12.39 -10.46
N ALA B 322 15.81 -12.61 -10.21
CA ALA B 322 16.66 -13.22 -11.23
C ALA B 322 16.17 -14.61 -11.60
N GLU B 323 15.62 -15.34 -10.62
CA GLU B 323 15.09 -16.66 -10.91
C GLU B 323 13.83 -16.61 -11.76
N LYS B 324 13.02 -15.58 -11.56
CA LYS B 324 11.83 -15.47 -12.40
C LYS B 324 12.16 -15.27 -13.87
N ALA B 325 13.35 -14.74 -14.19
CA ALA B 325 13.72 -14.58 -15.59
C ALA B 325 14.02 -15.93 -16.24
N ILE B 326 14.72 -16.80 -15.51
CA ILE B 326 14.98 -18.13 -16.04
C ILE B 326 13.67 -18.88 -16.23
N LYS B 327 12.74 -18.73 -15.28
CA LYS B 327 11.46 -19.42 -15.47
C LYS B 327 10.70 -18.87 -16.67
N ALA B 328 10.79 -17.56 -16.92
CA ALA B 328 10.08 -16.98 -18.06
C ALA B 328 10.72 -17.41 -19.38
N ILE B 329 12.06 -17.54 -19.40
CA ILE B 329 12.72 -18.05 -20.59
C ILE B 329 12.26 -19.46 -20.88
N GLU B 330 12.16 -20.28 -19.83
CA GLU B 330 11.71 -21.65 -20.01
C GLU B 330 10.28 -21.69 -20.52
N ARG B 331 9.42 -20.82 -19.98
CA ARG B 331 8.02 -20.80 -20.40
C ARG B 331 7.90 -20.39 -21.86
N MET B 332 8.72 -19.44 -22.30
CA MET B 332 8.68 -19.03 -23.70
C MET B 332 9.13 -20.17 -24.60
N ALA B 333 10.19 -20.87 -24.20
CA ALA B 333 10.65 -21.99 -25.01
C ALA B 333 9.59 -23.07 -25.12
N LYS B 334 8.88 -23.31 -24.02
CA LYS B 334 7.83 -24.31 -24.03
C LYS B 334 6.66 -23.86 -24.90
N ASP B 335 6.30 -22.58 -24.82
CA ASP B 335 5.16 -22.10 -25.59
C ASP B 335 5.46 -22.04 -27.08
N LEU B 336 6.74 -21.95 -27.47
CA LEU B 336 7.10 -21.90 -28.87
C LEU B 336 7.55 -23.27 -29.37
N ASN B 337 7.23 -24.33 -28.61
CA ASN B 337 7.46 -25.73 -29.00
C ASN B 337 8.93 -26.00 -29.34
N ILE B 338 9.80 -25.54 -28.46
CA ILE B 338 11.24 -25.77 -28.56
C ILE B 338 11.53 -27.11 -27.89
N PRO B 339 12.38 -27.95 -28.54
CA PRO B 339 12.75 -29.25 -28.00
C PRO B 339 13.22 -29.16 -26.55
N LYS B 340 13.00 -30.24 -25.80
CA LYS B 340 13.33 -30.21 -24.36
C LYS B 340 14.83 -30.40 -24.15
N GLY B 341 15.48 -31.16 -25.03
CA GLY B 341 16.92 -31.41 -24.89
C GLY B 341 17.56 -31.87 -26.19
N PHE B 342 18.86 -32.14 -26.15
CA PHE B 342 19.58 -32.55 -27.34
C PHE B 342 19.54 -34.05 -27.59
N LYS B 343 19.25 -34.85 -26.56
CA LYS B 343 19.25 -36.29 -26.76
C LYS B 343 18.16 -36.70 -27.75
N GLU B 344 16.95 -36.14 -27.60
CA GLU B 344 15.89 -36.45 -28.56
C GLU B 344 16.22 -35.94 -29.95
N LEU B 345 17.12 -34.96 -30.07
CA LEU B 345 17.48 -34.46 -31.38
C LEU B 345 18.56 -35.30 -32.04
N GLY B 346 19.30 -36.09 -31.27
CA GLY B 346 20.29 -36.97 -31.84
C GLY B 346 21.68 -36.80 -31.28
N ALA B 347 21.81 -36.02 -30.21
CA ALA B 347 23.13 -35.77 -29.60
C ALA B 347 23.61 -37.03 -28.88
N LYS B 348 24.92 -37.24 -28.81
CA LYS B 348 25.48 -38.48 -28.22
C LYS B 348 26.30 -38.15 -26.97
N GLU B 349 26.23 -39.01 -25.94
CA GLU B 349 26.94 -38.77 -24.66
C GLU B 349 28.45 -38.90 -24.88
N GLU B 350 28.85 -39.76 -25.80
CA GLU B 350 30.29 -39.97 -26.10
C GLU B 350 30.93 -38.67 -26.60
N ASP B 351 30.12 -37.68 -26.94
CA ASP B 351 30.66 -36.46 -27.53
C ASP B 351 30.70 -35.31 -26.54
N ILE B 352 30.01 -35.43 -25.40
CA ILE B 352 29.84 -34.29 -24.51
C ILE B 352 31.18 -33.63 -24.18
N GLU B 353 32.17 -34.43 -23.79
CA GLU B 353 33.44 -33.86 -23.37
C GLU B 353 34.09 -33.08 -24.50
N THR B 354 34.11 -33.65 -25.70
CA THR B 354 34.73 -32.92 -26.80
C THR B 354 33.98 -31.62 -27.05
N LEU B 355 32.64 -31.67 -27.04
CA LEU B 355 31.87 -30.46 -27.23
C LEU B 355 32.31 -29.42 -26.21
N ALA B 356 32.43 -29.84 -24.95
CA ALA B 356 32.79 -28.90 -23.90
C ALA B 356 34.16 -28.30 -24.16
N LYS B 357 35.13 -29.15 -24.52
CA LYS B 357 36.47 -28.61 -24.72
C LYS B 357 36.49 -27.65 -25.90
N ASN B 358 35.78 -27.99 -26.98
CA ASN B 358 35.80 -27.08 -28.12
C ASN B 358 35.07 -25.81 -27.78
N ALA B 359 34.06 -25.92 -26.92
CA ALA B 359 33.33 -24.73 -26.51
C ALA B 359 34.26 -23.77 -25.78
N MET B 360 35.23 -24.30 -25.04
CA MET B 360 36.10 -23.38 -24.34
C MET B 360 37.12 -22.68 -25.24
N LYS B 361 37.19 -23.04 -26.52
CA LYS B 361 38.10 -22.38 -27.45
C LYS B 361 37.38 -21.35 -28.32
N ASP B 362 36.06 -21.27 -28.21
CA ASP B 362 35.28 -20.29 -28.96
C ASP B 362 35.52 -18.88 -28.42
N ALA B 363 35.52 -17.91 -29.32
CA ALA B 363 35.75 -16.53 -28.89
C ALA B 363 34.58 -16.00 -28.08
N CYS B 364 33.37 -16.53 -28.34
CA CYS B 364 32.17 -16.11 -27.63
C CYS B 364 32.26 -16.38 -26.14
N ALA B 365 33.07 -17.34 -25.73
CA ALA B 365 33.23 -17.61 -24.31
C ALA B 365 34.05 -16.52 -23.61
N LEU B 366 34.80 -15.71 -24.35
CA LEU B 366 35.68 -14.76 -23.69
C LEU B 366 34.89 -13.69 -22.94
N THR B 367 33.67 -13.39 -23.36
CA THR B 367 32.90 -12.33 -22.73
C THR B 367 31.85 -12.86 -21.76
N ASN B 368 31.78 -14.18 -21.55
CA ASN B 368 30.85 -14.75 -20.58
C ASN B 368 31.13 -14.23 -19.17
N PRO B 369 30.11 -13.83 -18.41
CA PRO B 369 30.38 -13.25 -17.09
C PRO B 369 30.92 -14.23 -16.07
N ARG B 370 30.59 -15.51 -16.14
CA ARG B 370 31.16 -16.50 -15.23
C ARG B 370 32.20 -17.33 -15.96
N LYS B 371 33.41 -17.42 -15.40
CA LYS B 371 34.50 -18.14 -16.05
C LYS B 371 34.54 -19.58 -15.56
N PRO B 372 34.21 -20.57 -16.39
CA PRO B 372 34.06 -21.93 -15.89
C PRO B 372 35.30 -22.81 -16.05
N LYS B 373 35.24 -23.99 -15.46
CA LYS B 373 36.21 -25.04 -15.71
C LYS B 373 35.54 -26.08 -16.59
N LEU B 374 36.35 -26.91 -17.24
CA LEU B 374 35.83 -27.89 -18.19
C LEU B 374 34.67 -28.69 -17.60
N GLU B 375 34.79 -29.12 -16.34
CA GLU B 375 33.74 -29.92 -15.72
C GLU B 375 32.40 -29.18 -15.69
N GLU B 376 32.43 -27.86 -15.50
CA GLU B 376 31.19 -27.10 -15.41
C GLU B 376 30.53 -26.97 -16.79
N VAL B 377 31.34 -26.82 -17.84
CA VAL B 377 30.82 -26.83 -19.21
C VAL B 377 30.20 -28.19 -19.52
N ILE B 378 30.85 -29.26 -19.06
CA ILE B 378 30.33 -30.61 -19.26
C ILE B 378 28.98 -30.75 -18.59
N GLN B 379 28.90 -30.27 -17.35
CA GLN B 379 27.64 -30.35 -16.62
C GLN B 379 26.54 -29.59 -17.34
N ILE B 380 26.87 -28.42 -17.91
CA ILE B 380 25.87 -27.65 -18.66
C ILE B 380 25.35 -28.47 -19.84
N ILE B 381 26.28 -29.07 -20.59
CA ILE B 381 25.85 -29.86 -21.76
C ILE B 381 25.02 -31.06 -21.33
N LYS B 382 25.37 -31.66 -20.19
CA LYS B 382 24.60 -32.79 -19.67
C LYS B 382 23.19 -32.37 -19.26
N ASN B 383 23.06 -31.20 -18.63
CA ASN B 383 21.75 -30.73 -18.23
C ASN B 383 20.85 -30.48 -19.44
N ALA B 384 21.42 -30.08 -20.56
CA ALA B 384 20.67 -29.83 -21.78
C ALA B 384 20.41 -31.08 -22.60
N MET B 385 20.92 -32.23 -22.18
CA MET B 385 20.63 -33.49 -22.87
C MET B 385 19.21 -33.94 -22.58
N LEU B 386 18.87 -33.98 -21.28
CA LEU B 386 17.57 -34.31 -20.65
C LEU B 386 16.46 -34.68 -21.63
N ASN C 3 33.18 -3.69 33.98
CA ASN C 3 33.14 -2.33 33.46
C ASN C 3 32.49 -2.27 32.08
N THR C 4 32.03 -1.07 31.70
CA THR C 4 31.54 -0.81 30.35
C THR C 4 32.65 -0.29 29.44
N GLN C 5 33.90 -0.60 29.78
CA GLN C 5 35.05 -0.10 29.05
C GLN C 5 35.34 -1.00 27.85
N SER C 6 35.89 -0.40 26.80
CA SER C 6 36.27 -1.12 25.60
C SER C 6 37.49 -0.46 24.97
N ALA C 7 38.01 -1.08 23.93
CA ALA C 7 39.21 -0.60 23.27
C ALA C 7 39.13 -0.95 21.78
N PHE C 8 39.80 -0.15 20.96
CA PHE C 8 39.88 -0.40 19.53
C PHE C 8 41.35 -0.48 19.11
N PHE C 9 41.71 -1.60 18.49
CA PHE C 9 43.07 -1.92 18.09
C PHE C 9 43.15 -2.08 16.58
N MET C 10 44.24 -1.61 16.00
CA MET C 10 44.52 -1.69 14.58
C MET C 10 45.96 -1.25 14.34
N PRO C 11 46.62 -1.69 13.27
CA PRO C 11 47.92 -1.10 12.93
C PRO C 11 47.79 0.39 12.69
N SER C 12 48.85 1.13 13.04
CA SER C 12 48.82 2.59 12.92
C SER C 12 48.74 3.03 11.45
N VAL C 13 49.31 2.25 10.53
CA VAL C 13 49.26 2.57 9.11
C VAL C 13 48.80 1.33 8.35
N ASN C 14 47.77 1.51 7.54
CA ASN C 14 47.15 0.44 6.77
C ASN C 14 46.98 0.94 5.34
N LEU C 15 47.67 0.31 4.40
CA LEU C 15 47.69 0.74 3.01
C LEU C 15 46.70 -0.09 2.21
N PHE C 16 45.97 0.56 1.30
CA PHE C 16 44.98 -0.11 0.48
C PHE C 16 45.15 0.31 -0.98
N GLY C 17 44.63 -0.53 -1.88
CA GLY C 17 44.52 -0.17 -3.28
C GLY C 17 45.56 -0.87 -4.14
N ALA C 18 45.28 -0.91 -5.44
CA ALA C 18 46.18 -1.52 -6.41
C ALA C 18 47.54 -0.83 -6.39
N GLY C 19 48.60 -1.61 -6.16
CA GLY C 19 49.93 -1.08 -6.15
C GLY C 19 50.50 -0.76 -4.78
N SER C 20 49.74 -1.01 -3.70
CA SER C 20 50.23 -0.67 -2.36
C SER C 20 51.48 -1.46 -1.99
N VAL C 21 51.64 -2.67 -2.55
CA VAL C 21 52.78 -3.48 -2.15
C VAL C 21 54.08 -2.82 -2.56
N ASN C 22 54.03 -1.94 -3.56
CA ASN C 22 55.23 -1.27 -4.02
C ASN C 22 55.82 -0.35 -2.97
N GLU C 23 55.20 -0.27 -1.78
CA GLU C 23 55.73 0.57 -0.73
C GLU C 23 56.42 -0.19 0.39
N VAL C 24 56.33 -1.53 0.39
CA VAL C 24 56.77 -2.31 1.55
C VAL C 24 58.20 -1.96 1.91
N GLY C 25 59.09 -1.95 0.91
CA GLY C 25 60.49 -1.70 1.19
C GLY C 25 60.71 -0.36 1.84
N THR C 26 60.13 0.69 1.24
CA THR C 26 60.29 2.02 1.81
C THR C 26 59.77 2.04 3.23
N ARG C 27 58.61 1.43 3.47
CA ARG C 27 58.04 1.46 4.82
C ARG C 27 58.95 0.72 5.79
N LEU C 28 59.53 -0.39 5.34
CA LEU C 28 60.46 -1.12 6.18
C LEU C 28 61.66 -0.25 6.51
N ALA C 29 62.15 0.52 5.54
CA ALA C 29 63.27 1.40 5.80
C ALA C 29 62.92 2.45 6.82
N ASP C 30 61.67 2.94 6.79
CA ASP C 30 61.27 3.95 7.76
C ASP C 30 61.32 3.42 9.18
N LEU C 31 61.15 2.10 9.35
CA LEU C 31 61.21 1.52 10.69
C LEU C 31 62.64 1.43 11.21
N GLY C 32 63.64 1.58 10.33
CA GLY C 32 65.03 1.49 10.72
C GLY C 32 65.53 0.07 10.87
N VAL C 33 64.82 -0.89 10.29
CA VAL C 33 65.21 -2.28 10.40
C VAL C 33 66.15 -2.60 9.26
N LYS C 34 66.89 -3.69 9.39
CA LYS C 34 67.94 -3.97 8.42
C LYS C 34 67.81 -5.32 7.73
N LYS C 35 67.31 -6.35 8.41
CA LYS C 35 67.11 -7.64 7.78
C LYS C 35 65.76 -8.21 8.19
N ALA C 36 64.97 -8.60 7.19
CA ALA C 36 63.62 -9.09 7.41
C ALA C 36 63.53 -10.56 6.99
N LEU C 37 62.83 -11.34 7.81
CA LEU C 37 62.47 -12.70 7.44
C LEU C 37 61.13 -12.65 6.69
N LEU C 38 61.14 -13.06 5.43
CA LEU C 38 59.94 -13.09 4.61
C LEU C 38 59.21 -14.40 4.86
N VAL C 39 58.11 -14.33 5.61
CA VAL C 39 57.31 -15.49 5.96
C VAL C 39 56.19 -15.66 4.93
N THR C 40 56.22 -16.77 4.20
CA THR C 40 55.19 -17.05 3.22
C THR C 40 54.97 -18.56 3.16
N ASP C 41 54.09 -19.00 2.28
CA ASP C 41 53.84 -20.42 2.12
C ASP C 41 54.47 -20.93 0.84
N ALA C 42 54.48 -22.26 0.70
CA ALA C 42 55.19 -22.87 -0.42
C ALA C 42 54.54 -22.53 -1.76
N GLY C 43 53.21 -22.38 -1.80
CA GLY C 43 52.54 -22.09 -3.06
C GLY C 43 52.91 -20.73 -3.63
N LEU C 44 52.87 -19.69 -2.80
CA LEU C 44 53.18 -18.36 -3.31
C LEU C 44 54.65 -18.21 -3.65
N HIS C 45 55.53 -18.93 -2.94
CA HIS C 45 56.94 -18.94 -3.30
C HIS C 45 57.14 -19.66 -4.62
N GLY C 46 56.42 -20.76 -4.85
CA GLY C 46 56.48 -21.44 -6.14
C GLY C 46 55.86 -20.65 -7.27
N LEU C 47 54.95 -19.74 -6.95
CA LEU C 47 54.37 -18.86 -7.96
C LEU C 47 55.24 -17.65 -8.25
N GLY C 48 56.27 -17.40 -7.44
CA GLY C 48 57.21 -16.32 -7.65
C GLY C 48 56.99 -15.06 -6.83
N LEU C 49 55.97 -15.03 -5.96
CA LEU C 49 55.66 -13.80 -5.21
C LEU C 49 56.77 -13.41 -4.24
N SER C 50 57.37 -14.41 -3.58
CA SER C 50 58.43 -14.17 -2.62
C SER C 50 59.56 -13.34 -3.23
N GLU C 51 59.97 -13.68 -4.45
CA GLU C 51 61.09 -12.97 -5.06
C GLU C 51 60.71 -11.55 -5.45
N LYS C 52 59.48 -11.34 -5.94
CA LYS C 52 59.04 -9.99 -6.28
C LYS C 52 59.07 -9.07 -5.06
N ILE C 53 58.57 -9.56 -3.92
CA ILE C 53 58.56 -8.72 -2.74
C ILE C 53 59.98 -8.55 -2.19
N SER C 54 60.80 -9.61 -2.24
CA SER C 54 62.18 -9.49 -1.77
C SER C 54 62.93 -8.42 -2.54
N SER C 55 62.71 -8.37 -3.86
CA SER C 55 63.35 -7.33 -4.68
C SER C 55 62.89 -5.95 -4.24
N ILE C 56 61.59 -5.78 -4.00
CA ILE C 56 61.12 -4.47 -3.54
C ILE C 56 61.83 -4.09 -2.24
N ILE C 57 62.02 -5.06 -1.33
CA ILE C 57 62.62 -4.74 -0.04
C ILE C 57 64.10 -4.41 -0.19
N ARG C 58 64.84 -5.22 -0.95
CA ARG C 58 66.27 -5.00 -1.10
C ARG C 58 66.56 -3.69 -1.84
N ALA C 59 65.69 -3.29 -2.78
CA ALA C 59 65.94 -2.03 -3.47
C ALA C 59 65.79 -0.82 -2.56
N ALA C 60 65.51 -1.02 -1.27
CA ALA C 60 65.42 0.07 -0.31
C ALA C 60 66.44 -0.07 0.81
N GLY C 61 67.38 -1.01 0.69
CA GLY C 61 68.45 -1.16 1.65
C GLY C 61 68.18 -2.06 2.83
N VAL C 62 67.13 -2.86 2.76
CA VAL C 62 66.83 -3.83 3.81
C VAL C 62 67.04 -5.22 3.22
N GLU C 63 67.68 -6.09 4.00
CA GLU C 63 67.98 -7.44 3.57
C GLU C 63 66.81 -8.36 3.85
N VAL C 64 66.75 -9.46 3.10
CA VAL C 64 65.64 -10.41 3.15
C VAL C 64 66.17 -11.83 3.19
N SER C 65 65.58 -12.65 4.06
CA SER C 65 65.77 -14.10 4.09
C SER C 65 64.39 -14.74 4.02
N ILE C 66 64.16 -15.57 3.00
CA ILE C 66 62.84 -16.13 2.72
C ILE C 66 62.61 -17.41 3.54
N PHE C 67 61.46 -17.46 4.20
CA PHE C 67 60.99 -18.65 4.92
C PHE C 67 59.66 -19.11 4.31
N PRO C 68 59.69 -19.96 3.28
CA PRO C 68 58.44 -20.35 2.60
C PRO C 68 57.83 -21.62 3.19
N LYS C 69 57.84 -21.76 4.51
CA LYS C 69 57.45 -23.02 5.14
C LYS C 69 56.21 -22.87 6.02
N ALA C 70 55.46 -21.80 5.87
CA ALA C 70 54.19 -21.68 6.57
C ALA C 70 53.17 -22.58 5.88
N GLU C 71 52.51 -23.41 6.65
CA GLU C 71 51.61 -24.36 6.03
C GLU C 71 50.16 -23.94 6.25
N PRO C 72 49.26 -24.24 5.32
CA PRO C 72 47.83 -24.00 5.57
C PRO C 72 47.42 -24.60 6.91
N ASN C 73 46.85 -23.76 7.77
CA ASN C 73 46.68 -24.04 9.19
C ASN C 73 48.08 -24.20 9.80
N PRO C 74 48.79 -23.09 10.03
CA PRO C 74 50.20 -23.19 10.44
C PRO C 74 50.36 -23.90 11.78
N THR C 75 51.49 -24.57 11.94
CA THR C 75 51.76 -25.45 13.07
C THR C 75 52.83 -24.86 13.99
N ASP C 76 52.90 -25.40 15.20
CA ASP C 76 53.94 -25.00 16.14
C ASP C 76 55.34 -25.30 15.62
N LYS C 77 55.50 -26.38 14.84
CA LYS C 77 56.81 -26.67 14.24
C LYS C 77 57.18 -25.63 13.20
N ASN C 78 56.20 -25.17 12.41
CA ASN C 78 56.46 -24.08 11.49
C ASN C 78 57.01 -22.88 12.24
N VAL C 79 56.44 -22.61 13.42
CA VAL C 79 56.86 -21.46 14.20
C VAL C 79 58.27 -21.66 14.76
N ALA C 80 58.55 -22.87 15.26
CA ALA C 80 59.88 -23.16 15.79
C ALA C 80 60.94 -23.03 14.70
N GLU C 81 60.68 -23.63 13.54
CA GLU C 81 61.60 -23.53 12.42
C GLU C 81 61.77 -22.08 11.98
N GLY C 82 60.70 -21.29 11.99
CA GLY C 82 60.81 -19.91 11.58
C GLY C 82 61.63 -19.09 12.55
N LEU C 83 61.45 -19.32 13.84
CA LEU C 83 62.30 -18.67 14.84
C LEU C 83 63.75 -19.07 14.65
N GLU C 84 64.01 -20.35 14.36
CA GLU C 84 65.37 -20.81 14.11
C GLU C 84 66.00 -20.08 12.94
N ALA C 85 65.24 -19.93 11.85
CA ALA C 85 65.73 -19.20 10.68
C ALA C 85 65.93 -17.72 11.01
N TYR C 86 64.96 -17.11 11.70
CA TYR C 86 65.05 -15.72 12.12
C TYR C 86 66.35 -15.46 12.87
N ASN C 87 66.73 -16.37 13.75
CA ASN C 87 67.93 -16.17 14.54
C ASN C 87 69.19 -16.48 13.75
N ALA C 88 69.17 -17.55 12.95
CA ALA C 88 70.36 -17.96 12.20
C ALA C 88 70.77 -16.92 11.16
N GLU C 89 69.81 -16.28 10.51
CA GLU C 89 70.09 -15.29 9.49
C GLU C 89 70.17 -13.89 10.05
N ASN C 90 70.16 -13.75 11.38
CA ASN C 90 70.28 -12.47 12.07
C ASN C 90 69.29 -11.44 11.54
N CYS C 91 68.02 -11.80 11.57
CA CYS C 91 66.98 -10.89 11.15
C CYS C 91 66.52 -10.08 12.35
N ASP C 92 66.17 -8.83 12.09
CA ASP C 92 65.64 -7.96 13.12
C ASP C 92 64.20 -7.57 12.84
N SER C 93 63.59 -8.08 11.76
CA SER C 93 62.20 -7.79 11.48
C SER C 93 61.58 -8.96 10.74
N ILE C 94 60.25 -8.91 10.59
CA ILE C 94 59.47 -9.95 9.91
C ILE C 94 58.53 -9.27 8.91
N VAL C 95 58.45 -9.83 7.71
CA VAL C 95 57.44 -9.43 6.74
C VAL C 95 56.65 -10.67 6.36
N THR C 96 55.35 -10.63 6.58
CA THR C 96 54.48 -11.74 6.21
C THR C 96 53.88 -11.45 4.83
N LEU C 97 53.93 -12.44 3.94
CA LEU C 97 53.39 -12.31 2.60
C LEU C 97 52.48 -13.51 2.33
N GLY C 98 51.18 -13.24 2.20
CA GLY C 98 50.23 -14.30 1.92
C GLY C 98 48.91 -14.14 2.63
N GLY C 99 48.31 -15.27 3.00
CA GLY C 99 47.04 -15.30 3.69
C GLY C 99 47.22 -15.39 5.18
N GLY C 100 46.15 -15.83 5.85
CA GLY C 100 46.18 -15.86 7.31
C GLY C 100 47.22 -16.78 7.88
N SER C 101 47.51 -17.90 7.20
CA SER C 101 48.52 -18.83 7.72
C SER C 101 49.88 -18.16 7.79
N SER C 102 50.23 -17.39 6.75
CA SER C 102 51.53 -16.72 6.75
C SER C 102 51.55 -15.58 7.76
N HIS C 103 50.47 -14.81 7.87
CA HIS C 103 50.44 -13.72 8.84
C HIS C 103 50.58 -14.27 10.25
N ASP C 104 49.87 -15.35 10.56
CA ASP C 104 49.89 -15.89 11.91
C ASP C 104 51.22 -16.55 12.24
N ALA C 105 51.79 -17.29 11.28
CA ALA C 105 53.11 -17.87 11.50
C ALA C 105 54.13 -16.77 11.80
N GLY C 106 54.15 -15.71 10.98
CA GLY C 106 55.06 -14.60 11.22
C GLY C 106 54.80 -13.92 12.55
N LYS C 107 53.54 -13.72 12.92
CA LYS C 107 53.21 -13.12 14.21
C LYS C 107 53.73 -13.98 15.35
N ALA C 108 53.56 -15.30 15.24
CA ALA C 108 54.02 -16.20 16.30
C ALA C 108 55.54 -16.15 16.42
N ILE C 109 56.25 -16.20 15.30
CA ILE C 109 57.70 -16.05 15.35
C ILE C 109 58.09 -14.73 15.99
N ALA C 110 57.41 -13.64 15.64
CA ALA C 110 57.79 -12.34 16.19
C ALA C 110 57.56 -12.29 17.70
N LEU C 111 56.45 -12.86 18.15
CA LEU C 111 56.16 -12.85 19.57
C LEU C 111 57.19 -13.69 20.33
N VAL C 112 57.45 -14.90 19.85
CA VAL C 112 58.40 -15.76 20.55
C VAL C 112 59.81 -15.18 20.51
N ALA C 113 60.18 -14.53 19.40
CA ALA C 113 61.49 -13.91 19.31
C ALA C 113 61.61 -12.70 20.23
N ALA C 114 60.49 -12.18 20.73
CA ALA C 114 60.56 -11.02 21.62
C ALA C 114 60.21 -11.32 23.07
N ASN C 115 59.59 -12.48 23.35
CA ASN C 115 59.17 -12.85 24.68
C ASN C 115 59.78 -14.14 25.21
N GLY C 116 60.33 -14.99 24.35
CA GLY C 116 60.92 -16.24 24.77
C GLY C 116 59.90 -17.35 24.82
N GLY C 117 60.33 -18.49 25.38
CA GLY C 117 59.43 -19.64 25.47
C GLY C 117 59.05 -20.18 24.10
N LYS C 118 57.81 -20.67 23.98
CA LYS C 118 57.25 -21.10 22.71
C LYS C 118 55.82 -20.59 22.58
N ILE C 119 55.27 -20.75 21.37
CA ILE C 119 53.95 -20.20 21.05
C ILE C 119 52.86 -20.77 21.97
N HIS C 120 52.97 -22.05 22.37
CA HIS C 120 51.93 -22.63 23.21
C HIS C 120 51.77 -21.90 24.53
N ASP C 121 52.83 -21.26 24.99
CA ASP C 121 52.79 -20.56 26.28
C ASP C 121 51.87 -19.36 26.26
N TYR C 122 51.52 -18.86 25.08
CA TYR C 122 50.73 -17.63 25.00
C TYR C 122 49.30 -17.88 24.55
N GLU C 123 48.88 -19.14 24.50
CA GLU C 123 47.48 -19.44 24.20
C GLU C 123 46.59 -18.84 25.27
N GLY C 124 45.63 -18.03 24.83
CA GLY C 124 44.75 -17.31 25.74
C GLY C 124 44.65 -15.86 25.33
N VAL C 125 44.45 -14.97 26.29
CA VAL C 125 44.24 -13.55 26.01
C VAL C 125 45.27 -12.73 26.76
N ASP C 126 46.06 -11.95 26.01
CA ASP C 126 47.04 -11.00 26.56
C ASP C 126 47.96 -11.65 27.57
N VAL C 127 48.60 -12.74 27.16
CA VAL C 127 49.49 -13.45 28.06
C VAL C 127 50.93 -12.92 28.03
N SER C 128 51.31 -12.19 26.99
CA SER C 128 52.71 -11.80 26.88
C SER C 128 52.94 -10.41 27.46
N LYS C 129 54.21 -10.10 27.70
CA LYS C 129 54.64 -8.86 28.31
C LYS C 129 55.36 -7.93 27.35
N GLU C 130 56.05 -8.48 26.33
CA GLU C 130 56.74 -7.59 25.40
C GLU C 130 56.04 -7.57 24.04
N PRO C 131 55.96 -6.40 23.37
CA PRO C 131 55.41 -6.35 22.03
C PRO C 131 56.26 -7.18 21.08
N MET C 132 55.69 -7.57 19.96
CA MET C 132 56.42 -8.45 19.01
C MET C 132 57.40 -7.64 18.15
N VAL C 133 58.34 -8.31 17.52
CA VAL C 133 59.34 -7.65 16.62
C VAL C 133 58.62 -6.83 15.55
N PRO C 134 59.23 -5.74 15.05
CA PRO C 134 58.66 -5.00 13.93
C PRO C 134 58.12 -5.93 12.83
N LEU C 135 56.86 -5.77 12.46
CA LEU C 135 56.25 -6.70 11.47
C LEU C 135 55.36 -5.95 10.48
N ILE C 136 55.60 -6.19 9.20
CA ILE C 136 54.76 -5.64 8.15
C ILE C 136 54.02 -6.81 7.49
N ALA C 137 52.69 -6.68 7.37
CA ALA C 137 51.85 -7.76 6.86
C ALA C 137 51.28 -7.41 5.48
N ILE C 138 51.55 -8.24 4.49
CA ILE C 138 51.07 -8.08 3.12
C ILE C 138 50.02 -9.17 2.85
N ASN C 139 48.76 -8.76 2.65
CA ASN C 139 47.69 -9.74 2.56
C ASN C 139 47.36 -10.11 1.12
N THR C 140 47.21 -11.42 0.86
CA THR C 140 46.91 -11.92 -0.48
C THR C 140 45.64 -12.78 -0.56
N THR C 141 44.93 -12.89 0.55
CA THR C 141 43.62 -13.58 0.54
C THR C 141 42.58 -12.53 0.94
N ALA C 142 41.36 -12.71 0.46
CA ALA C 142 40.29 -11.76 0.78
C ALA C 142 39.38 -12.38 1.83
N GLY C 143 39.91 -12.55 3.04
CA GLY C 143 39.03 -13.04 4.11
C GLY C 143 39.56 -13.07 5.52
N THR C 144 40.86 -13.06 5.76
CA THR C 144 41.34 -13.29 7.16
C THR C 144 41.39 -12.00 7.99
N GLY C 145 42.10 -10.99 7.52
CA GLY C 145 42.26 -9.73 8.28
C GLY C 145 43.44 -9.77 9.23
N SER C 146 44.10 -10.91 9.37
CA SER C 146 45.19 -11.06 10.36
C SER C 146 46.22 -9.95 10.18
N GLU C 147 46.36 -9.43 8.97
CA GLU C 147 47.25 -8.31 8.80
C GLU C 147 46.83 -7.12 9.65
N LEU C 148 45.67 -7.19 10.29
CA LEU C 148 45.12 -6.11 11.10
C LEU C 148 44.77 -6.52 12.52
N THR C 149 44.78 -7.81 12.84
CA THR C 149 44.21 -8.28 14.09
C THR C 149 45.28 -8.54 15.12
N LYS C 150 44.83 -8.70 16.36
CA LYS C 150 45.68 -9.13 17.45
C LYS C 150 45.50 -10.62 17.71
N PHE C 151 45.27 -11.36 16.63
CA PHE C 151 45.00 -12.79 16.64
C PHE C 151 46.08 -13.55 15.88
N THR C 152 46.57 -14.64 16.48
CA THR C 152 47.36 -15.61 15.72
C THR C 152 46.91 -17.01 16.12
N ILE C 153 46.51 -17.81 15.13
CA ILE C 153 45.94 -19.13 15.34
C ILE C 153 47.01 -20.14 14.92
N ILE C 154 47.66 -20.74 15.90
CA ILE C 154 48.72 -21.71 15.66
C ILE C 154 48.28 -23.08 16.19
N THR C 155 48.60 -24.13 15.44
CA THR C 155 48.12 -25.46 15.79
C THR C 155 49.08 -26.15 16.74
N ASP C 156 48.56 -26.67 17.85
CA ASP C 156 49.37 -27.57 18.69
C ASP C 156 49.19 -28.92 17.99
N THR C 157 50.28 -29.54 17.53
CA THR C 157 50.18 -30.75 16.68
C THR C 157 49.89 -32.02 17.48
N GLU C 158 50.18 -32.02 18.78
CA GLU C 158 49.94 -33.22 19.62
C GLU C 158 48.50 -33.22 20.13
N ARG C 159 47.99 -32.05 20.52
CA ARG C 159 46.59 -31.92 21.00
C ARG C 159 45.65 -31.83 19.80
N LYS C 160 46.20 -31.59 18.61
CA LYS C 160 45.39 -31.43 17.41
C LYS C 160 44.39 -30.30 17.59
N VAL C 161 44.87 -29.17 18.11
CA VAL C 161 44.01 -28.05 18.46
C VAL C 161 44.59 -26.78 17.88
N LYS C 162 43.79 -26.03 17.11
CA LYS C 162 44.20 -24.72 16.62
C LYS C 162 44.04 -23.71 17.75
N MET C 163 45.16 -23.38 18.40
CA MET C 163 45.16 -22.44 19.51
C MET C 163 44.95 -21.02 19.02
N ALA C 164 44.16 -20.26 19.78
CA ALA C 164 43.87 -18.87 19.48
C ALA C 164 44.67 -18.03 20.47
N ILE C 165 45.72 -17.37 19.97
CA ILE C 165 46.54 -16.45 20.75
C ILE C 165 46.03 -15.06 20.46
N VAL C 166 45.37 -14.46 21.44
CA VAL C 166 44.77 -13.14 21.36
C VAL C 166 45.62 -12.22 22.21
N ASP C 167 46.50 -11.45 21.55
CA ASP C 167 47.44 -10.61 22.29
C ASP C 167 47.55 -9.25 21.64
N LYS C 168 47.46 -8.21 22.47
CA LYS C 168 47.63 -6.85 22.01
C LYS C 168 48.98 -6.62 21.34
N HIS C 169 49.95 -7.51 21.60
CA HIS C 169 51.32 -7.39 21.13
C HIS C 169 51.54 -7.97 19.74
N VAL C 170 50.55 -8.57 19.11
CA VAL C 170 50.73 -9.09 17.75
C VAL C 170 50.00 -8.23 16.73
N THR C 171 49.56 -7.05 17.11
CA THR C 171 49.05 -6.10 16.14
C THR C 171 50.21 -5.73 15.21
N PRO C 172 50.11 -5.99 13.91
CA PRO C 172 51.22 -5.67 13.01
C PRO C 172 51.57 -4.19 13.05
N THR C 173 52.82 -3.89 12.72
CA THR C 173 53.26 -2.49 12.70
C THR C 173 52.61 -1.74 11.57
N LEU C 174 52.57 -2.35 10.39
CA LEU C 174 51.97 -1.78 9.20
C LEU C 174 51.32 -2.88 8.37
N SER C 175 50.23 -2.53 7.70
CA SER C 175 49.51 -3.50 6.88
C SER C 175 49.41 -3.02 5.43
N ILE C 176 49.42 -3.97 4.49
CA ILE C 176 49.29 -3.70 3.06
C ILE C 176 48.24 -4.62 2.48
N ASN C 177 47.21 -4.04 1.86
CA ASN C 177 46.09 -4.75 1.25
C ASN C 177 46.05 -4.42 -0.23
N ASP C 178 46.85 -5.11 -1.01
CA ASP C 178 46.92 -4.87 -2.44
C ASP C 178 45.97 -5.83 -3.14
N PRO C 179 44.86 -5.34 -3.72
CA PRO C 179 43.95 -6.25 -4.43
C PRO C 179 44.56 -6.86 -5.68
N GLU C 180 45.65 -6.31 -6.20
CA GLU C 180 46.30 -6.92 -7.35
C GLU C 180 46.95 -8.25 -6.99
N LEU C 181 47.29 -8.44 -5.72
CA LEU C 181 47.87 -9.71 -5.31
C LEU C 181 46.80 -10.77 -5.07
N MET C 182 45.52 -10.39 -5.18
CA MET C 182 44.41 -11.28 -4.89
C MET C 182 43.73 -11.79 -6.15
N VAL C 183 44.12 -11.28 -7.33
CA VAL C 183 43.48 -11.72 -8.57
C VAL C 183 43.69 -13.21 -8.80
N GLY C 184 44.82 -13.74 -8.34
CA GLY C 184 45.16 -15.12 -8.62
C GLY C 184 44.53 -16.16 -7.72
N MET C 185 43.77 -15.75 -6.72
CA MET C 185 43.05 -16.69 -5.87
C MET C 185 42.11 -17.52 -6.75
N PRO C 186 42.23 -18.84 -6.76
CA PRO C 186 41.27 -19.67 -7.49
C PRO C 186 39.89 -19.55 -6.87
N PRO C 187 38.83 -19.96 -7.59
CA PRO C 187 37.47 -19.78 -7.06
C PRO C 187 37.21 -20.40 -5.69
N SER C 188 37.68 -21.63 -5.42
CA SER C 188 37.40 -22.28 -4.15
C SER C 188 38.03 -21.53 -2.98
N LEU C 189 39.25 -21.02 -3.18
CA LEU C 189 39.90 -20.21 -2.15
C LEU C 189 39.19 -18.87 -1.99
N THR C 190 38.79 -18.26 -3.10
CA THR C 190 38.01 -17.03 -3.03
C THR C 190 36.76 -17.23 -2.20
N ALA C 191 36.06 -18.35 -2.43
CA ALA C 191 34.83 -18.63 -1.69
C ALA C 191 35.12 -18.86 -0.22
N ALA C 192 36.16 -19.65 0.09
CA ALA C 192 36.44 -19.96 1.49
C ALA C 192 36.87 -18.73 2.27
N THR C 193 37.77 -17.91 1.70
CA THR C 193 38.18 -16.71 2.43
C THR C 193 37.02 -15.72 2.55
N GLY C 194 36.21 -15.56 1.50
CA GLY C 194 35.10 -14.63 1.59
C GLY C 194 34.07 -15.05 2.62
N LEU C 195 33.82 -16.35 2.73
CA LEU C 195 32.87 -16.80 3.74
C LEU C 195 33.48 -16.78 5.14
N ASP C 196 34.81 -16.85 5.24
CA ASP C 196 35.44 -16.62 6.54
C ASP C 196 35.27 -15.18 6.96
N ALA C 197 35.36 -14.26 5.99
CA ALA C 197 35.13 -12.84 6.29
C ALA C 197 33.68 -12.58 6.68
N LEU C 198 32.74 -13.21 5.97
CA LEU C 198 31.33 -13.08 6.33
C LEU C 198 31.07 -13.63 7.74
N THR C 199 31.69 -14.76 8.07
CA THR C 199 31.55 -15.28 9.42
C THR C 199 32.12 -14.31 10.43
N HIS C 200 33.25 -13.67 10.10
CA HIS C 200 33.83 -12.67 10.99
C HIS C 200 32.84 -11.55 11.25
N ALA C 201 32.23 -11.03 10.19
CA ALA C 201 31.32 -9.90 10.35
C ALA C 201 30.07 -10.30 11.13
N ILE C 202 29.54 -11.50 10.87
CA ILE C 202 28.31 -11.92 11.55
C ILE C 202 28.59 -12.20 13.03
N GLU C 203 29.66 -12.93 13.33
CA GLU C 203 29.97 -13.21 14.73
C GLU C 203 30.35 -11.93 15.47
N ALA C 204 30.97 -10.96 14.79
CA ALA C 204 31.25 -9.67 15.42
C ALA C 204 29.97 -8.91 15.71
N TYR C 205 29.01 -8.97 14.79
CA TYR C 205 27.78 -8.21 14.98
C TYR C 205 26.94 -8.74 16.14
N VAL C 206 26.94 -10.06 16.37
CA VAL C 206 26.13 -10.66 17.43
C VAL C 206 26.92 -10.90 18.71
N SER C 207 28.19 -10.51 18.76
CA SER C 207 29.03 -10.76 19.93
C SER C 207 28.61 -9.91 21.12
N THR C 208 28.91 -10.44 22.32
CA THR C 208 28.67 -9.68 23.54
C THR C 208 29.64 -8.51 23.71
N GLY C 209 30.71 -8.46 22.91
CA GLY C 209 31.68 -7.38 22.98
C GLY C 209 31.56 -6.36 21.87
N ALA C 210 30.42 -6.37 21.18
CA ALA C 210 30.18 -5.41 20.11
C ALA C 210 30.02 -4.00 20.67
N THR C 211 30.44 -3.01 19.87
CA THR C 211 30.29 -1.59 20.12
C THR C 211 29.67 -0.96 18.88
N PRO C 212 29.19 0.29 18.98
CA PRO C 212 28.75 0.99 17.76
C PRO C 212 29.79 1.04 16.65
N ILE C 213 31.07 1.05 17.01
CA ILE C 213 32.13 1.10 16.00
C ILE C 213 32.23 -0.24 15.26
N THR C 214 32.37 -1.33 16.01
CA THR C 214 32.40 -2.65 15.38
C THR C 214 31.11 -2.92 14.62
N ASP C 215 29.96 -2.48 15.16
CA ASP C 215 28.70 -2.66 14.45
C ASP C 215 28.75 -1.97 13.10
N ALA C 216 29.21 -0.71 13.10
CA ALA C 216 29.33 0.06 11.86
C ALA C 216 30.17 -0.69 10.84
N LEU C 217 31.32 -1.22 11.26
CA LEU C 217 32.20 -1.89 10.29
C LEU C 217 31.58 -3.19 9.79
N ALA C 218 30.98 -3.97 10.69
CA ALA C 218 30.47 -5.29 10.31
C ALA C 218 29.30 -5.18 9.35
N ILE C 219 28.44 -4.18 9.55
CA ILE C 219 27.29 -4.03 8.65
C ILE C 219 27.77 -3.82 7.22
N GLN C 220 28.75 -2.92 7.03
CA GLN C 220 29.24 -2.70 5.68
C GLN C 220 29.85 -3.97 5.11
N ALA C 221 30.62 -4.70 5.92
CA ALA C 221 31.23 -5.92 5.41
C ALA C 221 30.17 -6.90 4.90
N ILE C 222 29.11 -7.11 5.68
CA ILE C 222 28.05 -8.01 5.26
C ILE C 222 27.40 -7.52 3.96
N LYS C 223 27.10 -6.23 3.87
CA LYS C 223 26.44 -5.71 2.67
C LYS C 223 27.32 -5.87 1.44
N ILE C 224 28.64 -5.65 1.59
CA ILE C 224 29.54 -5.75 0.45
C ILE C 224 29.75 -7.19 0.04
N ILE C 225 29.92 -8.09 1.02
CA ILE C 225 30.12 -9.50 0.72
C ILE C 225 28.91 -10.03 -0.03
N SER C 226 27.71 -9.62 0.41
CA SER C 226 26.47 -10.06 -0.20
C SER C 226 26.44 -9.76 -1.70
N LYS C 227 27.05 -8.66 -2.12
CA LYS C 227 27.01 -8.27 -3.52
C LYS C 227 28.21 -8.77 -4.29
N TYR C 228 29.40 -8.75 -3.70
CA TYR C 228 30.60 -8.94 -4.49
C TYR C 228 31.26 -10.31 -4.32
N LEU C 229 31.02 -11.03 -3.22
CA LEU C 229 31.66 -12.33 -3.11
C LEU C 229 31.25 -13.28 -4.23
N PRO C 230 29.96 -13.45 -4.57
CA PRO C 230 29.62 -14.34 -5.70
C PRO C 230 30.24 -13.88 -7.01
N ARG C 231 30.41 -12.58 -7.19
CA ARG C 231 31.01 -12.10 -8.43
C ARG C 231 32.49 -12.42 -8.48
N ALA C 232 33.17 -12.31 -7.34
CA ALA C 232 34.60 -12.62 -7.29
C ALA C 232 34.84 -14.11 -7.43
N VAL C 233 33.89 -14.93 -6.97
CA VAL C 233 34.00 -16.37 -7.14
C VAL C 233 33.73 -16.75 -8.59
N ALA C 234 32.78 -16.07 -9.23
CA ALA C 234 32.43 -16.42 -10.61
C ALA C 234 33.49 -15.95 -11.60
N ASN C 235 34.14 -14.83 -11.34
CA ASN C 235 35.17 -14.30 -12.22
C ASN C 235 36.25 -13.65 -11.38
N GLY C 236 37.40 -14.31 -11.25
CA GLY C 236 38.50 -13.78 -10.45
C GLY C 236 39.21 -12.60 -11.07
N LYS C 237 38.95 -12.28 -12.34
CA LYS C 237 39.53 -11.12 -13.00
C LYS C 237 38.59 -9.93 -12.97
N ASP C 238 37.47 -10.04 -12.26
CA ASP C 238 36.58 -8.91 -11.98
C ASP C 238 37.26 -8.01 -10.96
N ILE C 239 37.88 -6.93 -11.42
CA ILE C 239 38.71 -6.11 -10.55
C ILE C 239 37.89 -5.41 -9.49
N GLU C 240 36.70 -4.91 -9.86
CA GLU C 240 35.84 -4.26 -8.88
C GLU C 240 35.44 -5.23 -7.76
N ALA C 241 35.06 -6.46 -8.11
CA ALA C 241 34.70 -7.44 -7.09
C ALA C 241 35.88 -7.74 -6.17
N ARG C 242 37.09 -7.82 -6.73
CA ARG C 242 38.27 -8.10 -5.91
C ARG C 242 38.56 -6.96 -4.95
N GLU C 243 38.45 -5.72 -5.44
CA GLU C 243 38.74 -4.57 -4.57
C GLU C 243 37.69 -4.43 -3.48
N GLN C 244 36.42 -4.66 -3.84
CA GLN C 244 35.36 -4.59 -2.84
C GLN C 244 35.52 -5.69 -1.81
N MET C 245 35.95 -6.88 -2.23
CA MET C 245 36.20 -7.95 -1.28
C MET C 245 37.38 -7.65 -0.38
N ALA C 246 38.40 -6.93 -0.88
CA ALA C 246 39.50 -6.53 0.01
C ALA C 246 39.02 -5.55 1.08
N PHE C 247 38.19 -4.57 0.68
CA PHE C 247 37.63 -3.68 1.69
C PHE C 247 36.78 -4.43 2.71
N ALA C 248 35.94 -5.35 2.26
CA ALA C 248 35.04 -6.14 3.15
C ALA C 248 35.81 -7.02 4.15
N GLN C 249 36.89 -7.66 3.72
CA GLN C 249 37.72 -8.52 4.59
C GLN C 249 38.36 -7.70 5.70
N SER C 250 38.76 -6.47 5.39
CA SER C 250 39.39 -5.58 6.38
C SER C 250 38.32 -5.03 7.33
N LEU C 251 37.14 -4.70 6.81
CA LEU C 251 36.02 -4.25 7.65
C LEU C 251 35.62 -5.37 8.61
N ALA C 252 35.56 -6.61 8.13
CA ALA C 252 35.26 -7.73 9.02
C ALA C 252 36.40 -7.99 10.00
N GLY C 253 37.66 -7.83 9.54
CA GLY C 253 38.78 -7.98 10.46
C GLY C 253 38.78 -6.94 11.57
N MET C 254 38.63 -5.68 11.18
CA MET C 254 38.53 -4.60 12.15
C MET C 254 37.37 -4.81 13.12
N ALA C 255 36.26 -5.38 12.64
CA ALA C 255 35.10 -5.57 13.51
C ALA C 255 35.34 -6.68 14.52
N PHE C 256 35.73 -7.87 14.05
CA PHE C 256 35.86 -9.01 14.97
C PHE C 256 37.05 -8.83 15.91
N ASN C 257 38.12 -8.15 15.45
CA ASN C 257 39.28 -7.93 16.31
C ASN C 257 38.89 -7.26 17.63
N ASN C 258 37.90 -6.38 17.58
CA ASN C 258 37.55 -5.57 18.75
C ASN C 258 36.19 -5.89 19.33
N ALA C 259 35.39 -6.74 18.66
CA ALA C 259 34.10 -7.18 19.17
C ALA C 259 34.12 -8.60 19.71
N GLY C 260 34.92 -9.49 19.12
CA GLY C 260 34.94 -10.88 19.49
C GLY C 260 34.33 -11.75 18.40
N LEU C 261 34.53 -13.05 18.55
CA LEU C 261 33.95 -14.01 17.62
C LEU C 261 32.90 -14.83 18.36
N GLY C 262 32.74 -16.11 18.02
CA GLY C 262 31.76 -16.93 18.67
C GLY C 262 32.04 -18.40 18.49
N TYR C 263 30.97 -19.21 18.59
CA TYR C 263 31.18 -20.65 18.59
C TYR C 263 31.40 -21.23 17.21
N VAL C 264 31.12 -20.48 16.14
CA VAL C 264 31.54 -20.92 14.82
C VAL C 264 33.05 -21.08 14.79
N HIS C 265 33.77 -20.05 15.24
CA HIS C 265 35.22 -20.11 15.21
C HIS C 265 35.78 -21.09 16.24
N ALA C 266 35.17 -21.14 17.42
CA ALA C 266 35.61 -22.09 18.43
C ALA C 266 35.50 -23.54 17.95
N ILE C 267 34.41 -23.90 17.27
CA ILE C 267 34.26 -25.27 16.79
C ILE C 267 35.10 -25.50 15.53
N ALA C 268 35.17 -24.49 14.67
CA ALA C 268 35.95 -24.62 13.45
C ALA C 268 37.43 -24.85 13.74
N HIS C 269 37.95 -24.23 14.81
CA HIS C 269 39.36 -24.40 15.12
C HIS C 269 39.70 -25.84 15.48
N GLN C 270 38.75 -26.57 16.08
CA GLN C 270 39.00 -27.95 16.44
C GLN C 270 38.84 -28.86 15.23
N LEU C 271 37.85 -28.59 14.38
CA LEU C 271 37.76 -29.41 13.16
C LEU C 271 39.00 -29.22 12.29
N GLY C 272 39.58 -28.00 12.30
CA GLY C 272 40.79 -27.77 11.54
C GLY C 272 42.02 -28.37 12.18
N GLY C 273 42.07 -28.41 13.51
CA GLY C 273 43.17 -29.10 14.19
C GLY C 273 43.11 -30.61 14.06
N PHE C 274 41.92 -31.18 13.85
CA PHE C 274 41.82 -32.62 13.72
C PHE C 274 41.98 -33.09 12.28
N TYR C 275 41.45 -32.35 11.30
CA TYR C 275 41.44 -32.86 9.94
C TYR C 275 42.09 -31.93 8.92
N ASN C 276 42.62 -30.79 9.36
CA ASN C 276 43.27 -29.81 8.48
C ASN C 276 42.37 -29.34 7.34
N PHE C 277 41.06 -29.25 7.59
CA PHE C 277 40.17 -28.67 6.60
C PHE C 277 40.46 -27.16 6.49
N PRO C 278 40.14 -26.55 5.34
CA PRO C 278 40.29 -25.09 5.24
C PRO C 278 39.37 -24.37 6.21
N HIS C 279 39.93 -23.35 6.87
CA HIS C 279 39.23 -22.63 7.93
C HIS C 279 37.87 -22.11 7.48
N GLY C 280 37.82 -21.45 6.32
CA GLY C 280 36.59 -20.87 5.83
C GLY C 280 35.54 -21.89 5.46
N VAL C 281 35.95 -23.07 5.01
CA VAL C 281 34.98 -24.12 4.69
C VAL C 281 34.32 -24.62 5.98
N CYS C 282 35.11 -24.78 7.04
CA CYS C 282 34.55 -25.12 8.34
C CYS C 282 33.56 -24.06 8.80
N ASN C 283 33.95 -22.79 8.65
CA ASN C 283 33.06 -21.69 9.03
C ASN C 283 31.77 -21.72 8.23
N ALA C 284 31.86 -21.98 6.92
CA ALA C 284 30.66 -21.94 6.11
C ALA C 284 29.72 -23.08 6.48
N VAL C 285 30.27 -24.27 6.76
CA VAL C 285 29.41 -25.39 7.15
C VAL C 285 28.76 -25.11 8.51
N LEU C 286 29.50 -24.51 9.44
CA LEU C 286 28.98 -24.37 10.79
C LEU C 286 28.07 -23.14 10.96
N LEU C 287 28.28 -22.09 10.18
CA LEU C 287 27.57 -20.83 10.37
C LEU C 287 26.06 -20.98 10.56
N PRO C 288 25.30 -21.64 9.68
CA PRO C 288 23.86 -21.74 9.92
C PRO C 288 23.49 -22.43 11.22
N TYR C 289 24.24 -23.46 11.64
CA TYR C 289 23.88 -24.19 12.85
C TYR C 289 24.12 -23.36 14.10
N VAL C 290 25.22 -22.61 14.14
CA VAL C 290 25.46 -21.77 15.30
C VAL C 290 24.51 -20.59 15.29
N CYS C 291 24.16 -20.09 14.11
CA CYS C 291 23.17 -19.02 14.05
C CYS C 291 21.84 -19.47 14.61
N ARG C 292 21.41 -20.68 14.23
CA ARG C 292 20.14 -21.17 14.74
C ARG C 292 20.20 -21.39 16.25
N PHE C 293 21.33 -21.87 16.76
CA PHE C 293 21.45 -22.02 18.21
C PHE C 293 21.38 -20.66 18.92
N ASN C 294 22.00 -19.63 18.34
CA ASN C 294 22.07 -18.31 18.98
C ASN C 294 20.82 -17.46 18.75
N LEU C 295 19.92 -17.88 17.88
CA LEU C 295 18.82 -17.02 17.44
C LEU C 295 18.08 -16.36 18.61
N ILE C 296 17.77 -17.12 19.66
CA ILE C 296 16.97 -16.55 20.74
C ILE C 296 17.70 -15.42 21.49
N SER C 297 19.02 -15.31 21.36
CA SER C 297 19.75 -14.25 22.06
C SER C 297 19.88 -12.97 21.25
N LYS C 298 19.87 -13.04 19.92
CA LYS C 298 20.11 -11.89 19.06
C LYS C 298 19.17 -11.92 17.87
N VAL C 299 17.87 -12.12 18.13
CA VAL C 299 16.95 -12.29 17.02
C VAL C 299 16.81 -10.99 16.23
N GLU C 300 16.91 -9.84 16.91
CA GLU C 300 16.79 -8.57 16.21
C GLU C 300 17.96 -8.35 15.27
N ARG C 301 19.16 -8.72 15.71
CA ARG C 301 20.34 -8.51 14.88
C ARG C 301 20.40 -9.53 13.75
N TYR C 302 19.87 -10.74 13.95
CA TYR C 302 19.78 -11.68 12.84
C TYR C 302 18.76 -11.22 11.80
N ALA C 303 17.66 -10.58 12.23
CA ALA C 303 16.74 -9.99 11.27
C ALA C 303 17.38 -8.86 10.48
N GLU C 304 18.19 -8.05 11.16
CA GLU C 304 18.91 -7.00 10.44
C GLU C 304 19.90 -7.59 9.45
N ILE C 305 20.54 -8.71 9.82
CA ILE C 305 21.44 -9.40 8.90
C ILE C 305 20.68 -9.91 7.68
N ALA C 306 19.44 -10.37 7.90
CA ALA C 306 18.61 -10.79 6.77
C ALA C 306 18.43 -9.64 5.80
N ALA C 307 18.21 -8.43 6.33
CA ALA C 307 18.11 -7.27 5.44
C ALA C 307 19.46 -6.96 4.77
N PHE C 308 20.56 -7.03 5.53
CA PHE C 308 21.89 -6.75 4.95
C PHE C 308 22.23 -7.70 3.82
N LEU C 309 21.73 -8.94 3.86
CA LEU C 309 22.01 -9.95 2.87
C LEU C 309 21.08 -9.89 1.67
N GLY C 310 20.25 -8.85 1.60
CA GLY C 310 19.38 -8.66 0.45
C GLY C 310 17.98 -9.24 0.58
N GLU C 311 17.61 -9.77 1.73
CA GLU C 311 16.30 -10.39 1.84
C GLU C 311 15.23 -9.33 2.07
N ASN C 312 14.03 -9.59 1.53
CA ASN C 312 12.88 -8.75 1.80
C ASN C 312 12.17 -9.32 3.03
N VAL C 313 12.00 -8.48 4.04
CA VAL C 313 11.45 -8.93 5.31
C VAL C 313 10.12 -8.22 5.61
N ASP C 314 9.49 -7.64 4.60
CA ASP C 314 8.30 -6.85 4.81
C ASP C 314 7.17 -7.72 5.33
N GLY C 315 6.51 -7.25 6.39
CA GLY C 315 5.35 -7.96 6.90
C GLY C 315 5.65 -9.20 7.69
N LEU C 316 6.89 -9.38 8.14
CA LEU C 316 7.28 -10.58 8.84
C LEU C 316 7.62 -10.23 10.29
N SER C 317 7.46 -11.21 11.16
CA SER C 317 7.95 -11.06 12.52
C SER C 317 9.48 -11.04 12.52
N THR C 318 10.05 -10.45 13.58
CA THR C 318 11.51 -10.44 13.73
C THR C 318 12.05 -11.86 13.68
N TYR C 319 11.29 -12.83 14.19
CA TYR C 319 11.75 -14.21 14.19
C TYR C 319 11.82 -14.76 12.76
N ASP C 320 10.81 -14.47 11.95
CA ASP C 320 10.74 -15.06 10.59
C ASP C 320 11.81 -14.44 9.69
N ALA C 321 12.19 -13.20 9.95
CA ALA C 321 13.23 -12.52 9.17
C ALA C 321 14.61 -13.02 9.58
N ALA C 322 14.77 -13.37 10.86
CA ALA C 322 16.04 -13.93 11.33
C ALA C 322 16.28 -15.30 10.69
N GLU C 323 15.19 -15.99 10.36
CA GLU C 323 15.29 -17.31 9.71
C GLU C 323 15.68 -17.08 8.25
N LYS C 324 15.11 -16.06 7.65
CA LYS C 324 15.46 -15.71 6.26
C LYS C 324 16.95 -15.37 6.19
N ALA C 325 17.52 -14.88 7.29
CA ALA C 325 18.95 -14.62 7.26
C ALA C 325 19.75 -15.91 7.17
N ILE C 326 19.38 -16.91 7.97
CA ILE C 326 20.03 -18.20 7.92
C ILE C 326 19.82 -18.89 6.58
N LYS C 327 18.60 -18.79 6.03
CA LYS C 327 18.35 -19.40 4.73
C LYS C 327 19.20 -18.75 3.65
N ALA C 328 19.41 -17.44 3.75
CA ALA C 328 20.23 -16.77 2.76
C ALA C 328 21.71 -17.18 2.91
N ILE C 329 22.17 -17.38 4.15
CA ILE C 329 23.54 -17.89 4.33
C ILE C 329 23.68 -19.27 3.68
N GLU C 330 22.66 -20.12 3.85
CA GLU C 330 22.70 -21.46 3.25
C GLU C 330 22.69 -21.40 1.73
N ARG C 331 21.92 -20.47 1.16
CA ARG C 331 21.90 -20.34 -0.30
C ARG C 331 23.24 -19.87 -0.82
N MET C 332 23.89 -18.95 -0.10
CA MET C 332 25.22 -18.50 -0.52
C MET C 332 26.21 -19.65 -0.44
N ALA C 333 26.16 -20.43 0.63
CA ALA C 333 27.07 -21.56 0.74
C ALA C 333 26.84 -22.57 -0.39
N LYS C 334 25.58 -22.79 -0.77
CA LYS C 334 25.30 -23.73 -1.83
C LYS C 334 25.77 -23.20 -3.18
N ASP C 335 25.59 -21.90 -3.42
CA ASP C 335 25.96 -21.33 -4.71
C ASP C 335 27.46 -21.23 -4.87
N LEU C 336 28.20 -21.21 -3.77
CA LEU C 336 29.65 -21.14 -3.81
C LEU C 336 30.31 -22.49 -3.58
N ASN C 337 29.54 -23.57 -3.76
CA ASN C 337 30.05 -24.95 -3.75
C ASN C 337 30.73 -25.33 -2.43
N ILE C 338 30.10 -24.97 -1.31
CA ILE C 338 30.62 -25.38 -0.01
C ILE C 338 30.00 -26.73 0.36
N PRO C 339 30.80 -27.67 0.89
CA PRO C 339 30.25 -28.95 1.33
C PRO C 339 29.03 -28.77 2.22
N LYS C 340 28.07 -29.69 2.10
CA LYS C 340 26.86 -29.61 2.90
C LYS C 340 27.15 -29.88 4.39
N GLY C 341 28.04 -30.84 4.67
CA GLY C 341 28.35 -31.23 6.03
C GLY C 341 29.79 -31.70 6.13
N PHE C 342 30.19 -32.21 7.29
CA PHE C 342 31.59 -32.56 7.54
C PHE C 342 31.92 -34.03 7.35
N LYS C 343 30.93 -34.92 7.42
CA LYS C 343 31.21 -36.34 7.36
C LYS C 343 31.77 -36.75 6.00
N GLU C 344 31.33 -36.06 4.93
CA GLU C 344 31.82 -36.31 3.59
C GLU C 344 33.28 -35.89 3.38
N LEU C 345 33.83 -35.10 4.30
CA LEU C 345 35.20 -34.61 4.17
C LEU C 345 36.20 -35.46 4.95
N GLY C 346 35.73 -36.33 5.85
CA GLY C 346 36.57 -37.26 6.56
C GLY C 346 36.43 -37.24 8.08
N ALA C 347 35.48 -36.44 8.55
CA ALA C 347 35.26 -36.28 10.01
C ALA C 347 34.77 -37.60 10.61
N LYS C 348 35.05 -37.78 11.90
CA LYS C 348 34.69 -39.05 12.57
C LYS C 348 33.83 -38.75 13.81
N GLU C 349 32.72 -39.47 13.94
CA GLU C 349 31.81 -39.30 15.08
C GLU C 349 32.53 -39.69 16.37
N GLU C 350 33.59 -40.48 16.25
CA GLU C 350 34.35 -40.91 17.43
C GLU C 350 35.19 -39.75 17.98
N ASP C 351 34.93 -38.52 17.55
CA ASP C 351 35.80 -37.39 17.96
C ASP C 351 34.97 -36.19 18.42
N ILE C 352 33.66 -36.21 18.24
CA ILE C 352 32.80 -35.02 18.55
C ILE C 352 32.97 -34.57 19.99
N GLU C 353 32.96 -35.49 20.95
CA GLU C 353 33.03 -35.05 22.38
C GLU C 353 34.36 -34.37 22.64
N THR C 354 35.45 -34.93 22.14
CA THR C 354 36.77 -34.26 22.26
C THR C 354 36.68 -32.89 21.60
N LEU C 355 36.29 -32.84 20.33
CA LEU C 355 36.12 -31.56 19.64
C LEU C 355 35.28 -30.58 20.47
N ALA C 356 34.11 -31.04 20.95
CA ALA C 356 33.25 -30.11 21.68
C ALA C 356 33.95 -29.63 22.94
N LYS C 357 34.64 -30.53 23.63
CA LYS C 357 35.31 -30.14 24.86
C LYS C 357 36.40 -29.11 24.57
N ASN C 358 37.10 -29.27 23.45
CA ASN C 358 38.13 -28.28 23.11
C ASN C 358 37.51 -26.99 22.63
N ALA C 359 36.35 -27.07 21.98
CA ALA C 359 35.72 -25.85 21.49
C ALA C 359 35.35 -24.93 22.64
N MET C 360 34.99 -25.50 23.79
CA MET C 360 34.65 -24.70 24.96
C MET C 360 35.87 -24.08 25.63
N LYS C 361 37.08 -24.40 25.19
CA LYS C 361 38.28 -23.83 25.77
C LYS C 361 38.87 -22.73 24.92
N ASP C 362 38.35 -22.57 23.70
CA ASP C 362 38.76 -21.49 22.81
C ASP C 362 38.22 -20.16 23.32
N ALA C 363 39.03 -19.11 23.12
CA ALA C 363 38.65 -17.78 23.58
C ALA C 363 37.50 -17.21 22.77
N CYS C 364 37.35 -17.64 21.51
CA CYS C 364 36.26 -17.14 20.69
C CYS C 364 34.91 -17.45 21.29
N ALA C 365 34.83 -18.50 22.12
CA ALA C 365 33.59 -18.87 22.75
C ALA C 365 33.18 -17.89 23.84
N LEU C 366 34.14 -17.11 24.36
CA LEU C 366 33.86 -16.22 25.47
C LEU C 366 32.87 -15.11 25.13
N THR C 367 32.78 -14.70 23.86
CA THR C 367 31.90 -13.62 23.45
C THR C 367 30.65 -14.10 22.71
N ASN C 368 30.48 -15.41 22.53
CA ASN C 368 29.29 -15.92 21.87
C ASN C 368 28.05 -15.51 22.66
N PRO C 369 27.00 -15.03 21.97
CA PRO C 369 25.85 -14.47 22.70
C PRO C 369 25.03 -15.49 23.49
N ARG C 370 24.97 -16.76 23.07
CA ARG C 370 24.30 -17.81 23.84
C ARG C 370 25.34 -18.70 24.50
N LYS C 371 25.23 -18.91 25.81
CA LYS C 371 26.23 -19.65 26.56
C LYS C 371 25.86 -21.13 26.67
N PRO C 372 26.55 -22.02 25.97
CA PRO C 372 26.08 -23.41 25.88
C PRO C 372 26.60 -24.37 26.95
N LYS C 373 26.16 -25.62 26.81
CA LYS C 373 26.67 -26.72 27.66
C LYS C 373 27.32 -27.71 26.69
N LEU C 374 28.16 -28.59 27.21
CA LEU C 374 28.88 -29.55 26.33
C LEU C 374 27.87 -30.22 25.40
N GLU C 375 26.75 -30.65 25.95
CA GLU C 375 25.71 -31.34 25.15
C GLU C 375 25.25 -30.49 23.96
N GLU C 376 25.15 -29.19 24.13
CA GLU C 376 24.64 -28.33 23.04
C GLU C 376 25.73 -28.14 21.98
N VAL C 377 26.99 -27.99 22.40
CA VAL C 377 28.10 -27.97 21.44
C VAL C 377 28.17 -29.30 20.70
N ILE C 378 27.93 -30.40 21.42
CA ILE C 378 27.91 -31.72 20.81
C ILE C 378 26.82 -31.80 19.75
N GLN C 379 25.63 -31.32 20.10
CA GLN C 379 24.52 -31.37 19.16
C GLN C 379 24.80 -30.51 17.93
N ILE C 380 25.44 -29.35 18.12
CA ILE C 380 25.80 -28.52 16.97
C ILE C 380 26.74 -29.28 16.05
N ILE C 381 27.78 -29.90 16.60
CA ILE C 381 28.72 -30.65 15.77
C ILE C 381 28.04 -31.83 15.09
N LYS C 382 27.11 -32.48 15.81
CA LYS C 382 26.40 -33.61 15.23
C LYS C 382 25.55 -33.17 14.06
N ASN C 383 24.85 -32.04 14.18
CA ASN C 383 24.06 -31.56 13.05
C ASN C 383 24.96 -31.19 11.89
N ALA C 384 26.16 -30.71 12.19
CA ALA C 384 27.09 -30.35 11.12
C ALA C 384 27.83 -31.55 10.59
N MET C 385 27.60 -32.74 11.17
CA MET C 385 28.24 -33.95 10.67
C MET C 385 27.62 -34.38 9.35
N LEU C 386 26.30 -34.50 9.30
CA LEU C 386 25.62 -34.87 8.06
C LEU C 386 25.26 -33.65 7.20
N ASN D 3 45.91 7.44 -9.08
CA ASN D 3 45.80 6.06 -8.61
C ASN D 3 44.60 5.86 -7.69
N THR D 4 44.19 4.60 -7.54
CA THR D 4 43.15 4.17 -6.62
C THR D 4 43.71 3.70 -5.27
N GLN D 5 44.89 4.20 -4.88
CA GLN D 5 45.48 3.78 -3.63
C GLN D 5 44.93 4.62 -2.48
N SER D 6 44.84 4.01 -1.31
CA SER D 6 44.34 4.73 -0.13
C SER D 6 44.98 4.13 1.11
N ALA D 7 44.76 4.81 2.23
CA ALA D 7 45.38 4.40 3.48
C ALA D 7 44.42 4.73 4.64
N PHE D 8 44.54 3.97 5.72
CA PHE D 8 43.77 4.21 6.93
C PHE D 8 44.72 4.46 8.09
N PHE D 9 44.53 5.59 8.77
CA PHE D 9 45.39 6.03 9.85
C PHE D 9 44.58 6.13 11.13
N MET D 10 45.21 5.72 12.23
CA MET D 10 44.60 5.73 13.55
C MET D 10 45.65 5.33 14.59
N PRO D 11 45.53 5.78 15.84
CA PRO D 11 46.42 5.28 16.89
C PRO D 11 46.32 3.77 17.05
N SER D 12 47.43 3.15 17.44
CA SER D 12 47.47 1.71 17.61
C SER D 12 46.53 1.25 18.73
N VAL D 13 46.36 2.07 19.77
CA VAL D 13 45.49 1.74 20.89
C VAL D 13 44.59 2.93 21.22
N ASN D 14 43.29 2.66 21.28
CA ASN D 14 42.28 3.68 21.56
C ASN D 14 41.31 3.11 22.59
N LEU D 15 41.31 3.68 23.79
CA LEU D 15 40.50 3.21 24.91
C LEU D 15 39.24 4.06 25.01
N PHE D 16 38.12 3.41 25.33
CA PHE D 16 36.82 4.06 25.45
C PHE D 16 36.17 3.63 26.77
N GLY D 17 35.18 4.40 27.19
CA GLY D 17 34.33 3.96 28.28
C GLY D 17 34.62 4.69 29.57
N ALA D 18 33.63 4.64 30.47
CA ALA D 18 33.75 5.28 31.78
C ALA D 18 34.90 4.67 32.57
N GLY D 19 35.88 5.50 32.95
CA GLY D 19 37.02 5.02 33.75
C GLY D 19 38.28 4.84 32.94
N SER D 20 38.20 5.03 31.63
CA SER D 20 39.35 4.81 30.73
C SER D 20 40.53 5.72 31.10
N VAL D 21 40.28 6.87 31.72
CA VAL D 21 41.34 7.87 32.03
C VAL D 21 42.27 7.36 33.12
N ASN D 22 41.79 6.48 33.99
CA ASN D 22 42.60 5.98 35.12
C ASN D 22 43.75 5.09 34.61
N GLU D 23 44.01 5.08 33.31
CA GLU D 23 45.05 4.17 32.74
C GLU D 23 46.15 4.99 32.06
N VAL D 24 45.96 6.31 32.00
CA VAL D 24 46.96 7.20 31.35
C VAL D 24 48.35 6.89 31.89
N GLY D 25 48.48 6.79 33.20
CA GLY D 25 49.80 6.60 33.79
C GLY D 25 50.42 5.29 33.37
N THR D 26 49.68 4.19 33.53
CA THR D 26 50.23 2.89 33.12
C THR D 26 50.62 2.94 31.65
N ARG D 27 49.76 3.53 30.82
CA ARG D 27 50.05 3.57 29.39
C ARG D 27 51.30 4.39 29.14
N LEU D 28 51.42 5.53 29.83
CA LEU D 28 52.60 6.36 29.68
C LEU D 28 53.83 5.60 30.13
N ALA D 29 53.70 4.80 31.20
CA ALA D 29 54.84 4.01 31.67
C ALA D 29 55.23 2.95 30.65
N ASP D 30 54.24 2.33 30.01
CA ASP D 30 54.56 1.27 29.05
C ASP D 30 55.34 1.83 27.86
N LEU D 31 55.15 3.11 27.55
CA LEU D 31 55.87 3.74 26.45
C LEU D 31 57.34 3.95 26.78
N GLY D 32 57.71 3.88 28.05
CA GLY D 32 59.08 4.11 28.45
C GLY D 32 59.48 5.56 28.55
N VAL D 33 58.51 6.47 28.72
CA VAL D 33 58.81 7.89 28.82
C VAL D 33 59.03 8.24 30.28
N LYS D 34 59.63 9.40 30.52
CA LYS D 34 60.03 9.79 31.86
C LYS D 34 59.40 11.10 32.33
N LYS D 35 59.23 12.08 31.45
CA LYS D 35 58.62 13.36 31.80
C LYS D 35 57.67 13.82 30.70
N ALA D 36 56.43 14.14 31.08
CA ALA D 36 55.41 14.52 30.12
C ALA D 36 54.95 15.96 30.37
N LEU D 37 54.78 16.70 29.28
CA LEU D 37 54.14 18.01 29.32
C LEU D 37 52.65 17.82 29.14
N LEU D 38 51.87 18.15 30.16
CA LEU D 38 50.41 18.05 30.10
C LEU D 38 49.85 19.35 29.54
N VAL D 39 49.44 19.30 28.27
CA VAL D 39 48.89 20.47 27.59
C VAL D 39 47.38 20.48 27.77
N THR D 40 46.86 21.56 28.36
CA THR D 40 45.44 21.73 28.58
C THR D 40 45.12 23.22 28.46
N ASP D 41 43.87 23.58 28.72
CA ASP D 41 43.47 24.98 28.69
C ASP D 41 43.28 25.50 30.11
N ALA D 42 43.12 26.82 30.20
CA ALA D 42 43.02 27.46 31.52
C ALA D 42 41.73 27.05 32.23
N GLY D 43 40.65 26.82 31.49
CA GLY D 43 39.39 26.45 32.12
C GLY D 43 39.45 25.08 32.79
N LEU D 44 39.94 24.07 32.07
CA LEU D 44 40.01 22.75 32.66
C LEU D 44 41.05 22.69 33.76
N HIS D 45 42.09 23.52 33.65
CA HIS D 45 43.09 23.61 34.71
C HIS D 45 42.48 24.20 35.98
N GLY D 46 41.64 25.23 35.83
CA GLY D 46 40.92 25.78 36.96
C GLY D 46 39.84 24.87 37.50
N LEU D 47 39.38 23.92 36.69
CA LEU D 47 38.38 22.95 37.14
C LEU D 47 39.00 21.82 37.94
N GLY D 48 40.33 21.69 37.92
CA GLY D 48 41.02 20.69 38.70
C GLY D 48 41.38 19.43 37.95
N LEU D 49 41.02 19.33 36.68
CA LEU D 49 41.28 18.11 35.92
C LEU D 49 42.78 17.88 35.76
N SER D 50 43.51 18.97 35.63
CA SER D 50 44.97 18.88 35.42
C SER D 50 45.61 18.07 36.54
N GLU D 51 45.29 18.36 37.79
CA GLU D 51 45.96 17.68 38.92
C GLU D 51 45.41 16.26 39.10
N LYS D 52 44.12 16.06 38.86
CA LYS D 52 43.55 14.68 38.93
C LYS D 52 44.36 13.78 37.99
N ILE D 53 44.52 14.20 36.73
CA ILE D 53 45.25 13.38 35.74
C ILE D 53 46.73 13.30 36.16
N SER D 54 47.31 14.44 36.53
CA SER D 54 48.73 14.45 36.89
C SER D 54 49.02 13.49 38.03
N SER D 55 48.11 13.40 38.99
CA SER D 55 48.27 12.45 40.09
C SER D 55 48.23 11.03 39.57
N ILE D 56 47.28 10.73 38.68
CA ILE D 56 47.25 9.38 38.12
C ILE D 56 48.57 9.05 37.43
N ILE D 57 49.13 10.00 36.69
CA ILE D 57 50.36 9.70 35.93
C ILE D 57 51.55 9.59 36.89
N ARG D 58 51.64 10.49 37.86
CA ARG D 58 52.79 10.50 38.80
C ARG D 58 52.81 9.19 39.59
N ALA D 59 51.64 8.66 39.89
CA ALA D 59 51.54 7.42 40.68
C ALA D 59 52.07 6.25 39.86
N ALA D 60 52.63 6.53 38.69
CA ALA D 60 53.11 5.45 37.82
C ALA D 60 54.61 5.62 37.57
N GLY D 61 55.22 6.61 38.21
CA GLY D 61 56.63 6.83 38.02
C GLY D 61 56.99 7.75 36.91
N VAL D 62 56.04 8.52 36.39
CA VAL D 62 56.29 9.50 35.35
C VAL D 62 56.08 10.89 35.94
N GLU D 63 56.99 11.81 35.63
CA GLU D 63 56.86 13.17 36.11
C GLU D 63 55.93 13.95 35.18
N VAL D 64 55.33 15.01 35.71
CA VAL D 64 54.33 15.77 34.98
C VAL D 64 54.63 17.26 35.14
N SER D 65 54.53 18.00 34.04
CA SER D 65 54.56 19.45 34.06
C SER D 65 53.33 19.98 33.31
N ILE D 66 52.48 20.73 34.00
CA ILE D 66 51.24 21.20 33.41
C ILE D 66 51.50 22.47 32.61
N PHE D 67 51.02 22.48 31.35
CA PHE D 67 51.07 23.64 30.47
C PHE D 67 49.63 24.03 30.16
N PRO D 68 49.00 24.84 31.02
CA PRO D 68 47.57 25.14 30.81
C PRO D 68 47.34 26.38 29.97
N LYS D 69 48.14 26.54 28.91
CA LYS D 69 48.13 27.78 28.13
C LYS D 69 47.60 27.58 26.71
N ALA D 70 46.95 26.46 26.43
CA ALA D 70 46.30 26.27 25.14
C ALA D 70 44.97 27.01 25.13
N GLU D 71 44.75 27.82 24.10
CA GLU D 71 43.56 28.65 24.05
C GLU D 71 42.57 28.08 23.04
N PRO D 72 41.27 28.21 23.29
CA PRO D 72 40.26 27.87 22.27
C PRO D 72 40.61 28.55 20.96
N ASN D 73 40.70 27.74 19.89
CA ASN D 73 41.32 28.12 18.63
C ASN D 73 42.79 28.40 18.93
N PRO D 74 43.59 27.36 19.13
CA PRO D 74 44.98 27.57 19.59
C PRO D 74 45.81 28.36 18.59
N THR D 75 46.79 29.09 19.10
CA THR D 75 47.60 30.01 18.33
C THR D 75 49.05 29.55 18.25
N ASP D 76 49.78 30.13 17.29
CA ASP D 76 51.21 29.88 17.15
C ASP D 76 51.98 30.31 18.39
N LYS D 77 51.51 31.36 19.08
CA LYS D 77 52.18 31.79 20.30
C LYS D 77 52.05 30.72 21.38
N ASN D 78 50.86 30.12 21.49
CA ASN D 78 50.69 29.01 22.42
C ASN D 78 51.67 27.89 22.12
N VAL D 79 51.88 27.58 20.85
CA VAL D 79 52.75 26.46 20.49
C VAL D 79 54.21 26.78 20.79
N ALA D 80 54.65 28.01 20.46
CA ALA D 80 56.02 28.40 20.77
C ALA D 80 56.27 28.35 22.28
N GLU D 81 55.35 28.92 23.06
CA GLU D 81 55.46 28.85 24.52
C GLU D 81 55.47 27.41 25.01
N GLY D 82 54.68 26.54 24.36
CA GLY D 82 54.63 25.15 24.78
C GLY D 82 55.92 24.42 24.51
N LEU D 83 56.56 24.69 23.36
CA LEU D 83 57.87 24.11 23.11
C LEU D 83 58.90 24.65 24.11
N GLU D 84 58.82 25.94 24.44
CA GLU D 84 59.72 26.50 25.44
C GLU D 84 59.57 25.80 26.78
N ALA D 85 58.32 25.57 27.20
CA ALA D 85 58.07 24.84 28.45
C ALA D 85 58.54 23.40 28.35
N TYR D 86 58.21 22.72 27.24
CA TYR D 86 58.64 21.35 27.03
C TYR D 86 60.14 21.21 27.20
N ASN D 87 60.90 22.14 26.62
CA ASN D 87 62.36 22.03 26.68
C ASN D 87 62.91 22.48 28.03
N ALA D 88 62.33 23.54 28.62
CA ALA D 88 62.83 24.03 29.89
C ALA D 88 62.66 22.99 31.00
N GLU D 89 61.58 22.20 30.94
CA GLU D 89 61.33 21.16 31.92
C GLU D 89 61.85 19.78 31.49
N ASN D 90 62.60 19.71 30.38
CA ASN D 90 63.20 18.47 29.88
C ASN D 90 62.18 17.33 29.80
N CYS D 91 61.14 17.58 29.02
CA CYS D 91 60.11 16.56 28.82
C CYS D 91 60.46 15.68 27.64
N ASP D 92 60.08 14.41 27.74
CA ASP D 92 60.28 13.46 26.65
C ASP D 92 58.97 12.95 26.09
N SER D 93 57.83 13.40 26.63
CA SER D 93 56.52 13.00 26.15
C SER D 93 55.55 14.15 26.36
N ILE D 94 54.37 14.01 25.77
CA ILE D 94 53.31 15.00 25.91
C ILE D 94 51.99 14.27 26.16
N VAL D 95 51.19 14.80 27.09
CA VAL D 95 49.83 14.34 27.32
C VAL D 95 48.90 15.52 27.10
N THR D 96 47.95 15.38 26.16
CA THR D 96 46.95 16.39 25.92
C THR D 96 45.68 16.06 26.69
N LEU D 97 45.14 17.03 27.43
CA LEU D 97 43.94 16.84 28.21
C LEU D 97 42.96 17.96 27.92
N GLY D 98 41.83 17.63 27.32
CA GLY D 98 40.82 18.63 27.01
C GLY D 98 40.16 18.35 25.68
N GLY D 99 39.81 19.40 24.96
CA GLY D 99 39.20 19.30 23.65
C GLY D 99 40.21 19.43 22.53
N GLY D 100 39.69 19.76 21.34
CA GLY D 100 40.55 19.81 20.16
C GLY D 100 41.67 20.84 20.25
N SER D 101 41.44 21.95 20.96
CA SER D 101 42.48 22.96 21.08
C SER D 101 43.68 22.40 21.84
N SER D 102 43.43 21.62 22.89
CA SER D 102 44.52 21.04 23.65
C SER D 102 45.22 19.96 22.83
N HIS D 103 44.44 19.14 22.12
CA HIS D 103 45.00 18.08 21.30
C HIS D 103 45.91 18.65 20.23
N ASP D 104 45.44 19.67 19.52
CA ASP D 104 46.19 20.25 18.39
C ASP D 104 47.41 21.03 18.87
N ALA D 105 47.28 21.79 19.96
CA ALA D 105 48.44 22.48 20.52
C ALA D 105 49.51 21.47 20.90
N GLY D 106 49.12 20.42 21.63
CA GLY D 106 50.07 19.39 22.00
C GLY D 106 50.67 18.69 20.79
N LYS D 107 49.85 18.40 19.79
CA LYS D 107 50.35 17.78 18.56
C LYS D 107 51.37 18.69 17.87
N ALA D 108 51.08 19.97 17.79
CA ALA D 108 51.99 20.90 17.12
C ALA D 108 53.30 21.01 17.87
N ILE D 109 53.22 21.17 19.20
CA ILE D 109 54.44 21.19 20.02
C ILE D 109 55.25 19.92 19.83
N ALA D 110 54.57 18.76 19.82
CA ALA D 110 55.26 17.49 19.67
C ALA D 110 55.94 17.36 18.31
N LEU D 111 55.30 17.91 17.28
CA LEU D 111 55.88 17.90 15.94
C LEU D 111 57.11 18.81 15.87
N VAL D 112 56.98 20.05 16.34
CA VAL D 112 58.10 21.00 16.28
C VAL D 112 59.25 20.54 17.15
N ALA D 113 58.97 19.85 18.26
CA ALA D 113 60.02 19.31 19.10
C ALA D 113 60.82 18.19 18.45
N ALA D 114 60.34 17.61 17.35
CA ALA D 114 61.06 16.56 16.65
C ALA D 114 61.48 16.95 15.24
N ASN D 115 60.93 18.03 14.69
CA ASN D 115 61.19 18.48 13.33
C ASN D 115 61.90 19.81 13.25
N GLY D 116 61.82 20.62 14.31
CA GLY D 116 62.43 21.94 14.36
C GLY D 116 61.52 22.97 13.71
N GLY D 117 62.13 24.04 13.22
CA GLY D 117 61.37 25.03 12.49
C GLY D 117 60.27 25.67 13.31
N LYS D 118 59.16 25.97 12.62
CA LYS D 118 57.94 26.47 13.23
C LYS D 118 56.76 25.69 12.68
N ILE D 119 55.64 25.77 13.42
CA ILE D 119 54.44 25.04 13.01
C ILE D 119 53.97 25.50 11.64
N HIS D 120 54.15 26.80 11.33
CA HIS D 120 53.70 27.36 10.07
C HIS D 120 54.37 26.68 8.88
N ASP D 121 55.56 26.12 9.09
CA ASP D 121 56.29 25.47 8.00
C ASP D 121 55.58 24.21 7.53
N TYR D 122 54.68 23.66 8.35
CA TYR D 122 54.03 22.39 8.04
C TYR D 122 52.57 22.55 7.64
N GLU D 123 52.11 23.78 7.41
CA GLU D 123 50.76 23.97 6.89
C GLU D 123 50.65 23.30 5.53
N GLY D 124 49.69 22.39 5.39
CA GLY D 124 49.57 21.63 4.17
C GLY D 124 49.45 20.15 4.46
N VAL D 125 49.94 19.30 3.55
CA VAL D 125 49.73 17.85 3.63
C VAL D 125 51.09 17.14 3.68
N ASP D 126 51.31 16.40 4.77
CA ASP D 126 52.49 15.53 4.94
C ASP D 126 53.79 16.24 4.60
N VAL D 127 53.98 17.42 5.17
CA VAL D 127 55.18 18.20 4.88
C VAL D 127 56.29 17.85 5.87
N SER D 128 55.96 17.20 6.98
CA SER D 128 57.00 16.89 7.93
C SER D 128 57.60 15.54 7.62
N LYS D 129 58.77 15.37 8.20
CA LYS D 129 59.79 14.37 7.97
C LYS D 129 60.01 13.43 9.15
N GLU D 130 59.81 13.90 10.39
CA GLU D 130 59.95 13.09 11.60
C GLU D 130 58.57 12.82 12.20
N PRO D 131 58.36 11.65 12.81
CA PRO D 131 57.19 11.48 13.67
C PRO D 131 57.31 12.37 14.90
N MET D 132 56.18 12.77 15.44
CA MET D 132 56.21 13.65 16.59
C MET D 132 56.59 12.85 17.84
N VAL D 133 56.90 13.57 18.92
CA VAL D 133 57.36 12.93 20.15
C VAL D 133 56.20 12.12 20.71
N PRO D 134 56.44 11.10 21.53
CA PRO D 134 55.34 10.33 22.10
C PRO D 134 54.27 11.22 22.72
N LEU D 135 53.01 10.92 22.41
CA LEU D 135 51.89 11.74 22.85
C LEU D 135 50.69 10.85 23.17
N ILE D 136 50.08 11.04 24.33
CA ILE D 136 48.82 10.40 24.69
C ILE D 136 47.75 11.47 24.76
N ALA D 137 46.63 11.24 24.08
CA ALA D 137 45.56 12.23 23.99
C ALA D 137 44.36 11.80 24.81
N ILE D 138 43.94 12.64 25.76
CA ILE D 138 42.78 12.39 26.61
C ILE D 138 41.69 13.38 26.23
N ASN D 139 40.58 12.87 25.69
CA ASN D 139 39.54 13.72 25.11
C ASN D 139 38.40 14.02 26.09
N THR D 140 37.98 15.29 26.13
CA THR D 140 36.90 15.73 27.01
C THR D 140 35.75 16.43 26.28
N THR D 141 35.73 16.34 24.95
CA THR D 141 34.65 16.93 24.13
C THR D 141 33.99 15.88 23.22
N ALA D 142 32.72 16.10 22.84
CA ALA D 142 32.00 15.20 21.92
C ALA D 142 32.05 15.77 20.52
N GLY D 143 33.24 16.15 20.06
CA GLY D 143 33.47 16.65 18.70
C GLY D 143 34.96 16.61 18.48
N THR D 144 35.46 16.93 17.31
CA THR D 144 36.92 16.95 16.98
C THR D 144 37.41 15.54 16.65
N GLY D 145 37.74 14.73 17.64
CA GLY D 145 38.34 13.42 17.35
C GLY D 145 39.83 13.53 17.17
N SER D 146 40.38 14.74 17.38
CA SER D 146 41.83 15.00 17.21
C SER D 146 42.65 13.97 18.00
N GLU D 147 42.06 13.36 19.02
CA GLU D 147 42.81 12.29 19.67
C GLU D 147 43.08 11.11 18.75
N LEU D 148 42.50 11.12 17.54
CA LEU D 148 42.69 10.03 16.58
C LEU D 148 43.22 10.49 15.22
N THR D 149 43.29 11.79 14.98
CA THR D 149 43.51 12.29 13.63
C THR D 149 44.96 12.67 13.39
N LYS D 150 45.27 12.88 12.11
CA LYS D 150 46.55 13.44 11.69
C LYS D 150 46.40 14.92 11.33
N PHE D 151 45.47 15.61 11.99
CA PHE D 151 45.14 17.01 11.74
C PHE D 151 45.47 17.82 12.99
N THR D 152 46.14 18.96 12.80
CA THR D 152 46.29 19.93 13.87
C THR D 152 45.98 21.32 13.34
N ILE D 153 45.03 21.99 14.00
CA ILE D 153 44.50 23.27 13.55
C ILE D 153 45.11 24.34 14.45
N ILE D 154 46.11 25.07 13.94
CA ILE D 154 46.77 26.12 14.69
C ILE D 154 46.49 27.47 14.03
N THR D 155 46.17 28.48 14.84
CA THR D 155 45.79 29.76 14.29
C THR D 155 47.05 30.61 14.13
N ASP D 156 47.24 31.16 12.92
CA ASP D 156 48.32 32.12 12.66
C ASP D 156 47.75 33.49 13.02
N THR D 157 48.32 34.16 14.03
CA THR D 157 47.71 35.42 14.53
C THR D 157 47.99 36.59 13.58
N GLU D 158 49.04 36.48 12.76
CA GLU D 158 49.40 37.60 11.85
C GLU D 158 48.54 37.56 10.59
N ARG D 159 48.20 36.35 10.11
CA ARG D 159 47.41 36.19 8.86
C ARG D 159 45.92 36.01 9.19
N LYS D 160 45.59 35.84 10.47
CA LYS D 160 44.19 35.61 10.90
C LYS D 160 43.68 34.32 10.25
N VAL D 161 44.50 33.28 10.23
CA VAL D 161 44.10 32.07 9.52
C VAL D 161 44.29 30.85 10.41
N LYS D 162 43.23 30.06 10.59
CA LYS D 162 43.38 28.77 11.28
C LYS D 162 44.00 27.80 10.29
N MET D 163 45.31 27.57 10.40
CA MET D 163 46.03 26.65 9.53
C MET D 163 45.69 25.20 9.84
N ALA D 164 45.57 24.42 8.79
CA ALA D 164 45.30 23.00 8.88
C ALA D 164 46.60 22.28 8.49
N ILE D 165 47.27 21.70 9.47
CA ILE D 165 48.46 20.88 9.23
C ILE D 165 47.98 19.44 9.22
N VAL D 166 47.99 18.82 8.04
CA VAL D 166 47.53 17.45 7.85
C VAL D 166 48.75 16.57 7.59
N ASP D 167 49.25 15.91 8.64
CA ASP D 167 50.46 15.10 8.53
C ASP D 167 50.30 13.81 9.34
N LYS D 168 50.66 12.68 8.73
CA LYS D 168 50.62 11.38 9.40
C LYS D 168 51.49 11.31 10.64
N HIS D 169 52.43 12.25 10.82
CA HIS D 169 53.35 12.18 11.95
C HIS D 169 52.78 12.75 13.23
N VAL D 170 51.58 13.34 13.19
CA VAL D 170 50.94 13.86 14.38
C VAL D 170 49.80 12.96 14.83
N THR D 171 49.74 11.76 14.30
CA THR D 171 48.82 10.76 14.82
C THR D 171 49.26 10.36 16.22
N PRO D 172 48.43 10.55 17.24
CA PRO D 172 48.83 10.22 18.61
C PRO D 172 49.24 8.76 18.79
N THR D 173 50.05 8.54 19.82
CA THR D 173 50.50 7.19 20.15
C THR D 173 49.37 6.37 20.74
N LEU D 174 48.59 6.95 21.65
CA LEU D 174 47.47 6.30 22.31
C LEU D 174 46.38 7.33 22.57
N SER D 175 45.13 6.88 22.55
CA SER D 175 44.00 7.77 22.77
C SER D 175 43.09 7.24 23.88
N ILE D 176 42.48 8.17 24.64
CA ILE D 176 41.55 7.84 25.71
C ILE D 176 40.30 8.71 25.56
N ASN D 177 39.13 8.05 25.49
CA ASN D 177 37.81 8.66 25.35
C ASN D 177 36.92 8.25 26.54
N ASP D 178 37.07 8.95 27.67
CA ASP D 178 36.29 8.64 28.87
C ASP D 178 35.06 9.52 28.91
N PRO D 179 33.85 8.97 28.76
CA PRO D 179 32.65 9.82 28.78
C PRO D 179 32.39 10.48 30.11
N GLU D 180 32.96 9.97 31.21
CA GLU D 180 32.76 10.61 32.49
C GLU D 180 33.40 11.99 32.55
N LEU D 181 34.41 12.24 31.72
CA LEU D 181 35.05 13.53 31.67
C LEU D 181 34.28 14.53 30.81
N MET D 182 33.19 14.09 30.17
CA MET D 182 32.43 14.95 29.28
C MET D 182 31.11 15.38 29.90
N VAL D 183 30.77 14.86 31.08
CA VAL D 183 29.50 15.18 31.70
C VAL D 183 29.42 16.68 32.02
N GLY D 184 30.56 17.32 32.25
CA GLY D 184 30.63 18.71 32.64
C GLY D 184 30.55 19.71 31.52
N MET D 185 30.48 19.26 30.27
CA MET D 185 30.31 20.15 29.14
C MET D 185 28.98 20.91 29.29
N PRO D 186 29.00 22.23 29.34
CA PRO D 186 27.74 22.98 29.36
C PRO D 186 26.99 22.78 28.06
N PRO D 187 25.68 23.05 28.06
CA PRO D 187 24.86 22.79 26.86
C PRO D 187 25.41 23.38 25.57
N SER D 188 25.92 24.62 25.61
CA SER D 188 26.45 25.24 24.41
C SER D 188 27.66 24.47 23.86
N LEU D 189 28.52 23.99 24.75
CA LEU D 189 29.67 23.21 24.31
C LEU D 189 29.23 21.87 23.73
N THR D 190 28.28 21.20 24.39
CA THR D 190 27.74 19.95 23.87
C THR D 190 27.18 20.14 22.47
N ALA D 191 26.41 21.20 22.26
CA ALA D 191 25.80 21.43 20.95
C ALA D 191 26.88 21.74 19.90
N ALA D 192 27.85 22.60 20.24
CA ALA D 192 28.84 22.99 19.25
C ALA D 192 29.74 21.82 18.85
N THR D 193 30.21 21.05 19.83
CA THR D 193 31.04 19.90 19.49
C THR D 193 30.24 18.84 18.74
N GLY D 194 29.00 18.60 19.14
CA GLY D 194 28.21 17.60 18.44
C GLY D 194 27.95 17.99 16.99
N LEU D 195 27.73 19.28 16.74
CA LEU D 195 27.52 19.69 15.36
C LEU D 195 28.82 19.73 14.58
N ASP D 196 29.95 19.86 15.26
CA ASP D 196 31.22 19.69 14.56
C ASP D 196 31.44 18.24 14.17
N ALA D 197 31.04 17.31 15.03
CA ALA D 197 31.13 15.89 14.69
C ALA D 197 30.18 15.52 13.55
N LEU D 198 28.98 16.08 13.58
CA LEU D 198 28.04 15.88 12.47
C LEU D 198 28.60 16.45 11.19
N THR D 199 29.24 17.62 11.26
CA THR D 199 29.87 18.17 10.08
C THR D 199 30.96 17.25 9.56
N HIS D 200 31.76 16.69 10.47
CA HIS D 200 32.81 15.75 10.07
C HIS D 200 32.21 14.57 9.32
N ALA D 201 31.14 14.00 9.87
CA ALA D 201 30.55 12.81 9.26
C ALA D 201 29.95 13.13 7.90
N ILE D 202 29.26 14.26 7.78
CA ILE D 202 28.62 14.60 6.51
C ILE D 202 29.69 14.89 5.46
N GLU D 203 30.70 15.71 5.80
CA GLU D 203 31.73 16.03 4.83
C GLU D 203 32.54 14.80 4.44
N ALA D 204 32.76 13.88 5.38
CA ALA D 204 33.45 12.63 5.04
C ALA D 204 32.61 11.78 4.09
N TYR D 205 31.29 11.78 4.28
CA TYR D 205 30.44 10.96 3.43
C TYR D 205 30.41 11.48 2.00
N VAL D 206 30.47 12.80 1.81
CA VAL D 206 30.40 13.38 0.47
C VAL D 206 31.77 13.69 -0.12
N SER D 207 32.85 13.40 0.61
CA SER D 207 34.19 13.74 0.14
C SER D 207 34.60 12.87 -1.05
N THR D 208 35.44 13.44 -1.91
CA THR D 208 35.98 12.70 -3.05
C THR D 208 37.00 11.66 -2.63
N GLY D 209 37.48 11.72 -1.39
CA GLY D 209 38.44 10.75 -0.91
C GLY D 209 37.75 9.75 -0.03
N ALA D 210 36.42 9.69 -0.14
CA ALA D 210 35.63 8.75 0.65
C ALA D 210 35.94 7.31 0.26
N THR D 211 35.90 6.43 1.25
CA THR D 211 36.14 5.02 1.08
C THR D 211 35.02 4.23 1.74
N PRO D 212 34.82 2.96 1.37
CA PRO D 212 33.79 2.14 2.06
C PRO D 212 33.97 2.08 3.57
N ILE D 213 35.21 2.15 4.06
CA ILE D 213 35.45 2.14 5.50
C ILE D 213 34.97 3.44 6.11
N THR D 214 35.43 4.57 5.55
CA THR D 214 34.97 5.87 6.01
C THR D 214 33.46 5.99 5.89
N ASP D 215 32.88 5.41 4.84
CA ASP D 215 31.45 5.41 4.68
C ASP D 215 30.76 4.72 5.84
N ALA D 216 31.23 3.52 6.20
CA ALA D 216 30.65 2.79 7.32
C ALA D 216 30.64 3.65 8.57
N LEU D 217 31.80 4.24 8.87
CA LEU D 217 31.94 4.99 10.12
C LEU D 217 31.06 6.24 10.11
N ALA D 218 31.04 6.96 8.99
CA ALA D 218 30.29 8.21 8.93
C ALA D 218 28.79 7.95 9.03
N ILE D 219 28.29 6.89 8.36
CA ILE D 219 26.87 6.58 8.41
C ILE D 219 26.44 6.32 9.86
N GLN D 220 27.19 5.48 10.56
CA GLN D 220 26.82 5.22 11.96
C GLN D 220 26.89 6.51 12.79
N ALA D 221 27.89 7.35 12.55
CA ALA D 221 28.01 8.59 13.32
C ALA D 221 26.78 9.46 13.11
N ILE D 222 26.34 9.62 11.86
CA ILE D 222 25.16 10.44 11.59
C ILE D 222 23.96 9.88 12.33
N LYS D 223 23.76 8.57 12.25
CA LYS D 223 22.57 7.97 12.88
C LYS D 223 22.59 8.19 14.38
N ILE D 224 23.75 8.04 15.01
CA ILE D 224 23.81 8.17 16.45
C ILE D 224 23.62 9.62 16.87
N ILE D 225 24.26 10.55 16.15
CA ILE D 225 24.14 11.97 16.51
C ILE D 225 22.70 12.39 16.44
N SER D 226 22.01 11.97 15.37
CA SER D 226 20.62 12.34 15.14
C SER D 226 19.74 11.98 16.32
N LYS D 227 20.08 10.92 17.04
CA LYS D 227 19.29 10.44 18.15
C LYS D 227 19.74 11.00 19.49
N TYR D 228 21.04 11.11 19.71
CA TYR D 228 21.55 11.35 21.05
C TYR D 228 22.02 12.77 21.32
N LEU D 229 22.38 13.55 20.31
CA LEU D 229 22.93 14.90 20.61
C LEU D 229 21.86 15.78 21.27
N PRO D 230 20.63 15.88 20.75
CA PRO D 230 19.64 16.78 21.35
C PRO D 230 19.39 16.38 22.81
N ARG D 231 19.55 15.11 23.11
CA ARG D 231 19.32 14.58 24.47
C ARG D 231 20.45 15.02 25.41
N ALA D 232 21.67 15.10 24.89
CA ALA D 232 22.84 15.48 25.70
C ALA D 232 22.86 16.99 25.90
N VAL D 233 22.24 17.72 24.98
CA VAL D 233 22.14 19.19 25.14
C VAL D 233 21.00 19.46 26.13
N ALA D 234 19.96 18.63 26.10
CA ALA D 234 18.84 18.86 27.00
C ALA D 234 19.17 18.45 28.43
N ASN D 235 19.99 17.42 28.60
CA ASN D 235 20.41 16.99 29.94
C ASN D 235 21.82 16.44 29.85
N GLY D 236 22.80 17.20 30.34
CA GLY D 236 24.18 16.74 30.31
C GLY D 236 24.49 15.62 31.27
N LYS D 237 23.56 15.27 32.14
CA LYS D 237 23.72 14.15 33.05
C LYS D 237 23.10 12.87 32.50
N ASP D 238 22.56 12.92 31.29
CA ASP D 238 22.11 11.72 30.59
C ASP D 238 23.34 10.93 30.17
N ILE D 239 23.69 9.93 30.97
CA ILE D 239 24.96 9.21 30.79
C ILE D 239 24.96 8.42 29.48
N GLU D 240 23.84 7.80 29.14
CA GLU D 240 23.77 7.06 27.89
C GLU D 240 24.04 7.97 26.71
N ALA D 241 23.41 9.15 26.69
CA ALA D 241 23.64 10.08 25.59
C ALA D 241 25.10 10.50 25.52
N ARG D 242 25.75 10.70 26.67
CA ARG D 242 27.15 11.10 26.66
C ARG D 242 28.04 10.00 26.10
N GLU D 243 27.76 8.74 26.45
CA GLU D 243 28.57 7.63 25.95
C GLU D 243 28.38 7.46 24.45
N GLN D 244 27.13 7.59 23.99
CA GLN D 244 26.85 7.46 22.56
C GLN D 244 27.48 8.60 21.78
N MET D 245 27.48 9.81 22.33
CA MET D 245 28.14 10.91 21.64
C MET D 245 29.65 10.73 21.62
N ALA D 246 30.22 10.08 22.64
CA ALA D 246 31.65 9.78 22.56
C ALA D 246 31.94 8.80 21.43
N PHE D 247 31.08 7.79 21.27
CA PHE D 247 31.24 6.86 20.16
C PHE D 247 31.05 7.57 18.81
N ALA D 248 30.04 8.43 18.71
CA ALA D 248 29.77 9.13 17.45
C ALA D 248 30.93 10.04 17.08
N GLN D 249 31.49 10.75 18.07
CA GLN D 249 32.62 11.60 17.81
C GLN D 249 33.83 10.79 17.33
N SER D 250 34.08 9.63 17.92
CA SER D 250 35.22 8.85 17.44
C SER D 250 34.96 8.32 16.03
N LEU D 251 33.72 7.89 15.74
CA LEU D 251 33.39 7.42 14.39
C LEU D 251 33.60 8.52 13.36
N ALA D 252 33.11 9.72 13.65
CA ALA D 252 33.24 10.82 12.70
C ALA D 252 34.70 11.23 12.54
N GLY D 253 35.47 11.19 13.62
CA GLY D 253 36.88 11.49 13.51
C GLY D 253 37.62 10.50 12.63
N MET D 254 37.43 9.20 12.89
CA MET D 254 38.05 8.19 12.02
C MET D 254 37.62 8.39 10.58
N ALA D 255 36.37 8.78 10.35
CA ALA D 255 35.91 8.90 8.97
C ALA D 255 36.58 10.08 8.26
N PHE D 256 36.49 11.28 8.84
CA PHE D 256 37.06 12.44 8.14
C PHE D 256 38.58 12.39 8.11
N ASN D 257 39.23 11.82 9.12
CA ASN D 257 40.69 11.71 9.10
C ASN D 257 41.18 10.99 7.86
N ASN D 258 40.41 10.04 7.34
CA ASN D 258 40.87 9.22 6.23
C ASN D 258 40.11 9.48 4.94
N ALA D 259 39.04 10.25 4.98
CA ALA D 259 38.26 10.58 3.79
C ALA D 259 38.47 12.01 3.31
N GLY D 260 38.67 12.94 4.22
CA GLY D 260 38.75 14.35 3.91
C GLY D 260 37.50 15.08 4.37
N LEU D 261 37.59 16.40 4.36
CA LEU D 261 36.45 17.24 4.71
C LEU D 261 35.99 17.99 3.47
N GLY D 262 35.56 19.22 3.61
CA GLY D 262 35.10 20.00 2.48
C GLY D 262 35.11 21.48 2.78
N TYR D 263 34.24 22.22 2.08
CA TYR D 263 34.30 23.68 2.18
C TYR D 263 33.63 24.21 3.44
N VAL D 264 32.85 23.40 4.16
CA VAL D 264 32.36 23.84 5.46
C VAL D 264 33.53 24.16 6.37
N HIS D 265 34.47 23.21 6.50
CA HIS D 265 35.61 23.42 7.37
C HIS D 265 36.56 24.46 6.79
N ALA D 266 36.73 24.48 5.47
CA ALA D 266 37.61 25.46 4.84
C ALA D 266 37.14 26.88 5.14
N ILE D 267 35.83 27.12 5.12
CA ILE D 267 35.33 28.46 5.41
C ILE D 267 35.31 28.71 6.91
N ALA D 268 34.95 27.70 7.71
CA ALA D 268 34.88 27.87 9.15
C ALA D 268 36.24 28.22 9.73
N HIS D 269 37.31 27.67 9.15
CA HIS D 269 38.64 27.98 9.64
C HIS D 269 38.97 29.45 9.45
N GLN D 270 38.43 30.07 8.40
CA GLN D 270 38.70 31.48 8.15
C GLN D 270 37.85 32.36 9.05
N LEU D 271 36.59 31.99 9.25
CA LEU D 271 35.76 32.76 10.17
C LEU D 271 36.28 32.67 11.61
N GLY D 272 36.87 31.53 11.98
CA GLY D 272 37.44 31.40 13.30
C GLY D 272 38.78 32.09 13.47
N GLY D 273 39.60 32.10 12.41
CA GLY D 273 40.83 32.87 12.48
C GLY D 273 40.62 34.36 12.44
N PHE D 274 39.50 34.83 11.88
CA PHE D 274 39.20 36.25 11.82
C PHE D 274 38.46 36.74 13.06
N TYR D 275 37.55 35.92 13.60
CA TYR D 275 36.70 36.38 14.69
C TYR D 275 36.73 35.51 15.94
N ASN D 276 37.54 34.46 15.96
CA ASN D 276 37.65 33.55 17.11
C ASN D 276 36.30 33.00 17.55
N PHE D 277 35.38 32.82 16.60
CA PHE D 277 34.12 32.18 16.91
C PHE D 277 34.36 30.70 17.26
N PRO D 278 33.44 30.08 17.99
CA PRO D 278 33.58 28.64 18.24
C PRO D 278 33.50 27.85 16.94
N HIS D 279 34.43 26.91 16.79
CA HIS D 279 34.54 26.13 15.55
C HIS D 279 33.23 25.44 15.20
N GLY D 280 32.63 24.75 16.18
CA GLY D 280 31.42 24.01 15.92
C GLY D 280 30.24 24.91 15.56
N VAL D 281 30.21 26.13 16.10
CA VAL D 281 29.16 27.06 15.72
C VAL D 281 29.35 27.50 14.28
N CYS D 282 30.59 27.76 13.87
CA CYS D 282 30.86 28.09 12.47
C CYS D 282 30.40 26.97 11.55
N ASN D 283 30.74 25.72 11.92
CA ASN D 283 30.32 24.58 11.11
C ASN D 283 28.80 24.47 11.04
N ALA D 284 28.11 24.68 12.16
CA ALA D 284 26.66 24.53 12.15
C ALA D 284 26.00 25.62 11.31
N VAL D 285 26.54 26.85 11.35
CA VAL D 285 25.96 27.91 10.54
C VAL D 285 26.19 27.65 9.06
N LEU D 286 27.38 27.12 8.70
CA LEU D 286 27.72 26.99 7.29
C LEU D 286 27.13 25.74 6.65
N LEU D 287 26.98 24.65 7.42
CA LEU D 287 26.56 23.35 6.89
C LEU D 287 25.40 23.41 5.91
N PRO D 288 24.29 24.11 6.18
CA PRO D 288 23.21 24.17 5.18
C PRO D 288 23.63 24.80 3.86
N TYR D 289 24.46 25.84 3.90
CA TYR D 289 24.80 26.56 2.67
C TYR D 289 25.74 25.74 1.80
N VAL D 290 26.71 25.06 2.43
CA VAL D 290 27.62 24.24 1.63
C VAL D 290 26.92 22.96 1.15
N CYS D 291 26.01 22.40 1.94
CA CYS D 291 25.24 21.25 1.46
C CYS D 291 24.39 21.64 0.25
N ARG D 292 23.71 22.77 0.32
CA ARG D 292 22.98 23.28 -0.84
C ARG D 292 23.91 23.44 -2.04
N PHE D 293 25.12 23.98 -1.82
CA PHE D 293 26.02 24.19 -2.93
C PHE D 293 26.50 22.88 -3.53
N ASN D 294 26.77 21.88 -2.69
CA ASN D 294 27.31 20.60 -3.17
C ASN D 294 26.24 19.65 -3.69
N LEU D 295 24.97 20.00 -3.53
CA LEU D 295 23.88 19.05 -3.71
C LEU D 295 23.94 18.35 -5.06
N ILE D 296 24.13 19.09 -6.15
CA ILE D 296 24.10 18.45 -7.45
C ILE D 296 25.27 17.49 -7.65
N SER D 297 26.31 17.57 -6.81
CA SER D 297 27.46 16.70 -6.98
C SER D 297 27.30 15.37 -6.26
N LYS D 298 26.52 15.34 -5.18
CA LYS D 298 26.37 14.14 -4.35
C LYS D 298 24.91 13.98 -3.93
N VAL D 299 23.99 14.06 -4.91
CA VAL D 299 22.57 14.11 -4.56
C VAL D 299 22.11 12.80 -3.95
N GLU D 300 22.68 11.68 -4.39
CA GLU D 300 22.27 10.39 -3.83
C GLU D 300 22.72 10.26 -2.38
N ARG D 301 23.90 10.78 -2.06
CA ARG D 301 24.41 10.64 -0.72
C ARG D 301 23.72 11.60 0.24
N TYR D 302 23.31 12.78 -0.24
CA TYR D 302 22.51 13.66 0.61
C TYR D 302 21.11 13.10 0.83
N ALA D 303 20.56 12.40 -0.18
CA ALA D 303 19.29 11.72 0.02
C ALA D 303 19.43 10.62 1.07
N GLU D 304 20.56 9.90 1.06
CA GLU D 304 20.79 8.91 2.11
C GLU D 304 20.94 9.59 3.47
N ILE D 305 21.59 10.76 3.52
CA ILE D 305 21.74 11.49 4.76
C ILE D 305 20.37 11.88 5.34
N ALA D 306 19.41 12.21 4.46
CA ALA D 306 18.07 12.54 4.94
C ALA D 306 17.46 11.39 5.73
N ALA D 307 17.63 10.15 5.26
CA ALA D 307 17.14 9.00 6.02
C ALA D 307 17.98 8.78 7.27
N PHE D 308 19.30 8.95 7.17
CA PHE D 308 20.14 8.78 8.35
C PHE D 308 19.73 9.75 9.47
N LEU D 309 19.21 10.92 9.12
CA LEU D 309 18.79 11.92 10.09
C LEU D 309 17.34 11.73 10.52
N GLY D 310 16.70 10.63 10.10
CA GLY D 310 15.38 10.27 10.56
C GLY D 310 14.22 10.73 9.70
N GLU D 311 14.48 11.35 8.56
CA GLU D 311 13.39 11.87 7.75
C GLU D 311 12.74 10.77 6.93
N ASN D 312 11.45 10.94 6.66
CA ASN D 312 10.73 10.01 5.79
C ASN D 312 10.85 10.51 4.36
N VAL D 313 11.37 9.65 3.48
CA VAL D 313 11.63 10.01 2.09
C VAL D 313 10.76 9.19 1.15
N ASP D 314 9.68 8.61 1.67
CA ASP D 314 8.85 7.73 0.87
C ASP D 314 8.15 8.51 -0.23
N GLY D 315 8.26 8.00 -1.46
CA GLY D 315 7.58 8.62 -2.60
C GLY D 315 8.21 9.88 -3.12
N LEU D 316 9.47 10.14 -2.78
CA LEU D 316 10.10 11.39 -3.14
C LEU D 316 11.21 11.10 -4.14
N SER D 317 11.45 12.06 -5.02
CA SER D 317 12.62 11.98 -5.89
C SER D 317 13.88 12.11 -5.05
N THR D 318 14.99 11.62 -5.59
CA THR D 318 16.27 11.74 -4.90
C THR D 318 16.54 13.20 -4.52
N TYR D 319 16.13 14.12 -5.39
CA TYR D 319 16.39 15.54 -5.17
C TYR D 319 15.61 16.07 -3.96
N ASP D 320 14.33 15.73 -3.87
CA ASP D 320 13.49 16.22 -2.78
C ASP D 320 13.93 15.63 -1.44
N ALA D 321 14.42 14.39 -1.44
CA ALA D 321 14.96 13.83 -0.22
C ALA D 321 16.26 14.53 0.16
N ALA D 322 17.10 14.83 -0.82
CA ALA D 322 18.37 15.51 -0.52
C ALA D 322 18.09 16.81 0.23
N GLU D 323 17.00 17.49 -0.12
CA GLU D 323 16.68 18.79 0.50
C GLU D 323 16.15 18.55 1.91
N LYS D 324 15.40 17.47 2.08
CA LYS D 324 14.90 17.14 3.43
C LYS D 324 16.10 16.97 4.35
N ALA D 325 17.23 16.51 3.81
CA ALA D 325 18.43 16.45 4.65
C ALA D 325 18.90 17.83 5.12
N ILE D 326 18.93 18.83 4.21
CA ILE D 326 19.28 20.18 4.61
C ILE D 326 18.27 20.76 5.59
N LYS D 327 16.98 20.49 5.36
CA LYS D 327 15.97 21.03 6.28
C LYS D 327 16.10 20.41 7.67
N ALA D 328 16.47 19.14 7.74
CA ALA D 328 16.66 18.52 9.04
C ALA D 328 17.89 19.10 9.75
N ILE D 329 18.95 19.40 8.98
CA ILE D 329 20.12 20.03 9.59
C ILE D 329 19.77 21.40 10.15
N GLU D 330 18.98 22.18 9.39
CA GLU D 330 18.56 23.48 9.88
C GLU D 330 17.71 23.37 11.14
N ARG D 331 16.82 22.39 11.18
CA ARG D 331 15.98 22.23 12.36
C ARG D 331 16.79 21.84 13.58
N MET D 332 17.79 20.96 13.41
CA MET D 332 18.63 20.60 14.56
C MET D 332 19.42 21.80 15.05
N ALA D 333 19.99 22.59 14.14
CA ALA D 333 20.75 23.76 14.58
C ALA D 333 19.85 24.73 15.32
N LYS D 334 18.59 24.87 14.88
CA LYS D 334 17.68 25.76 15.58
C LYS D 334 17.32 25.23 16.96
N ASP D 335 17.13 23.92 17.08
CA ASP D 335 16.73 23.39 18.39
C ASP D 335 17.86 23.45 19.41
N LEU D 336 19.10 23.52 18.94
CA LEU D 336 20.26 23.60 19.82
C LEU D 336 20.80 25.02 19.95
N ASN D 337 19.97 26.02 19.63
CA ASN D 337 20.30 27.44 19.85
C ASN D 337 21.57 27.86 19.11
N ILE D 338 21.65 27.49 17.84
CA ILE D 338 22.81 27.88 17.01
C ILE D 338 22.49 29.22 16.35
N PRO D 339 23.40 30.21 16.42
CA PRO D 339 23.14 31.52 15.85
C PRO D 339 22.67 31.39 14.40
N LYS D 340 21.75 32.25 13.99
CA LYS D 340 21.21 32.22 12.62
C LYS D 340 22.26 32.69 11.63
N GLY D 341 23.14 33.59 12.06
CA GLY D 341 24.13 34.16 11.11
C GLY D 341 25.37 34.71 11.76
N PHE D 342 26.33 35.14 10.94
CA PHE D 342 27.59 35.67 11.43
C PHE D 342 27.55 37.18 11.62
N LYS D 343 26.57 37.86 11.02
CA LYS D 343 26.47 39.31 11.18
C LYS D 343 26.15 39.65 12.63
N GLU D 344 25.24 38.90 13.26
CA GLU D 344 24.95 39.11 14.66
C GLU D 344 26.15 38.81 15.55
N LEU D 345 27.02 37.89 15.14
CA LEU D 345 28.16 37.54 15.97
C LEU D 345 29.31 38.53 15.82
N GLY D 346 29.31 39.34 14.77
CA GLY D 346 30.31 40.39 14.64
C GLY D 346 31.08 40.40 13.33
N ALA D 347 30.65 39.57 12.38
CA ALA D 347 31.38 39.47 11.11
C ALA D 347 31.14 40.73 10.28
N LYS D 348 32.06 41.06 9.39
CA LYS D 348 31.95 42.31 8.60
C LYS D 348 32.07 41.97 7.11
N GLU D 349 31.33 42.71 6.27
CA GLU D 349 31.32 42.45 4.80
C GLU D 349 32.69 42.74 4.17
N GLU D 350 33.51 43.58 4.79
CA GLU D 350 34.81 43.97 4.18
C GLU D 350 35.74 42.78 4.07
N ASP D 351 35.60 41.80 4.96
CA ASP D 351 36.50 40.66 4.98
C ASP D 351 36.04 39.51 4.11
N ILE D 352 34.78 39.53 3.63
CA ILE D 352 34.22 38.36 2.97
C ILE D 352 35.17 37.86 1.89
N GLU D 353 35.63 38.77 1.03
CA GLU D 353 36.47 38.37 -0.10
C GLU D 353 37.77 37.76 0.39
N THR D 354 38.44 38.40 1.35
CA THR D 354 39.68 37.84 1.87
C THR D 354 39.40 36.48 2.49
N LEU D 355 38.31 36.39 3.26
CA LEU D 355 37.94 35.11 3.86
C LEU D 355 37.82 34.04 2.80
N ALA D 356 37.13 34.37 1.70
CA ALA D 356 36.91 33.37 0.66
C ALA D 356 38.23 32.95 0.05
N LYS D 357 39.13 33.93 -0.18
CA LYS D 357 40.41 33.61 -0.78
C LYS D 357 41.20 32.69 0.12
N ASN D 358 41.10 32.88 1.43
CA ASN D 358 41.84 32.00 2.33
C ASN D 358 41.21 30.60 2.36
N ALA D 359 39.88 30.53 2.22
CA ALA D 359 39.21 29.23 2.27
C ALA D 359 39.64 28.32 1.12
N MET D 360 39.88 28.90 -0.05
CA MET D 360 40.30 28.10 -1.20
C MET D 360 41.74 27.63 -1.09
N LYS D 361 42.48 28.06 -0.04
CA LYS D 361 43.85 27.61 0.13
C LYS D 361 43.97 26.55 1.21
N ASP D 362 42.90 26.32 1.95
CA ASP D 362 42.85 25.29 2.98
C ASP D 362 42.87 23.91 2.33
N ALA D 363 43.49 22.95 3.02
CA ALA D 363 43.57 21.61 2.48
C ALA D 363 42.21 20.92 2.49
N CYS D 364 41.34 21.31 3.42
CA CYS D 364 40.01 20.71 3.49
C CYS D 364 39.21 20.94 2.22
N ALA D 365 39.54 21.99 1.46
CA ALA D 365 38.82 22.25 0.23
C ALA D 365 39.15 21.24 -0.86
N LEU D 366 40.29 20.54 -0.76
CA LEU D 366 40.69 19.65 -1.85
C LEU D 366 39.73 18.49 -2.04
N THR D 367 38.97 18.12 -1.01
CA THR D 367 38.08 16.97 -1.07
C THR D 367 36.61 17.36 -1.21
N ASN D 368 36.29 18.65 -1.30
CA ASN D 368 34.91 19.03 -1.52
C ASN D 368 34.42 18.45 -2.84
N PRO D 369 33.23 17.86 -2.89
CA PRO D 369 32.78 17.23 -4.14
C PRO D 369 32.49 18.24 -5.24
N ARG D 370 32.07 19.47 -4.92
CA ARG D 370 31.89 20.51 -5.94
C ARG D 370 33.03 21.52 -5.84
N LYS D 371 33.70 21.77 -6.95
CA LYS D 371 34.85 22.67 -6.95
C LYS D 371 34.40 24.07 -7.36
N PRO D 372 34.40 25.04 -6.46
CA PRO D 372 33.87 26.36 -6.78
C PRO D 372 34.94 27.31 -7.31
N LYS D 373 34.47 28.46 -7.77
CA LYS D 373 35.33 29.60 -8.07
C LYS D 373 35.12 30.63 -6.97
N LEU D 374 36.08 31.56 -6.85
CA LEU D 374 36.06 32.54 -5.78
C LEU D 374 34.68 33.18 -5.62
N GLU D 375 34.04 33.52 -6.72
CA GLU D 375 32.74 34.16 -6.69
C GLU D 375 31.73 33.32 -5.91
N GLU D 376 31.78 32.00 -6.07
CA GLU D 376 30.84 31.10 -5.40
C GLU D 376 31.14 30.94 -3.91
N VAL D 377 32.43 30.90 -3.54
CA VAL D 377 32.79 30.89 -2.12
C VAL D 377 32.32 32.17 -1.44
N ILE D 378 32.48 33.30 -2.13
CA ILE D 378 31.99 34.57 -1.60
C ILE D 378 30.48 34.52 -1.40
N GLN D 379 29.76 33.98 -2.39
CA GLN D 379 28.30 33.91 -2.26
C GLN D 379 27.89 33.03 -1.08
N ILE D 380 28.60 31.92 -0.86
CA ILE D 380 28.29 31.09 0.31
C ILE D 380 28.47 31.89 1.60
N ILE D 381 29.60 32.58 1.71
CA ILE D 381 29.89 33.33 2.94
C ILE D 381 28.87 34.44 3.15
N LYS D 382 28.44 35.09 2.07
CA LYS D 382 27.42 36.13 2.18
C LYS D 382 26.08 35.54 2.60
N ASN D 383 25.75 34.36 2.08
CA ASN D 383 24.51 33.70 2.46
C ASN D 383 24.49 33.39 3.94
N ALA D 384 25.66 33.12 4.52
CA ALA D 384 25.74 32.81 5.95
C ALA D 384 25.82 34.03 6.87
N MET D 385 25.88 35.26 6.33
CA MET D 385 25.94 36.42 7.22
C MET D 385 24.57 36.80 7.81
N LEU D 386 23.60 37.04 6.93
CA LEU D 386 22.24 37.37 7.33
C LEU D 386 21.59 36.30 8.20
N ASN E 3 -31.95 2.95 34.28
CA ASN E 3 -32.09 1.52 33.99
C ASN E 3 -31.59 1.17 32.58
N THR E 4 -31.34 -0.12 32.34
CA THR E 4 -30.93 -0.60 31.02
C THR E 4 -32.10 -1.07 30.15
N GLN E 5 -33.32 -0.64 30.44
CA GLN E 5 -34.50 -1.07 29.70
C GLN E 5 -34.77 -0.17 28.50
N SER E 6 -35.37 -0.74 27.46
CA SER E 6 -35.74 0.04 26.28
C SER E 6 -36.98 -0.58 25.64
N ALA E 7 -37.55 0.13 24.66
CA ALA E 7 -38.78 -0.31 24.01
C ALA E 7 -38.79 0.19 22.56
N PHE E 8 -39.46 -0.57 21.70
CA PHE E 8 -39.60 -0.22 20.28
C PHE E 8 -41.06 -0.11 19.90
N PHE E 9 -41.45 1.04 19.34
CA PHE E 9 -42.83 1.32 18.99
C PHE E 9 -42.96 1.61 17.50
N MET E 10 -44.03 1.09 16.91
CA MET E 10 -44.38 1.37 15.53
C MET E 10 -45.74 0.73 15.25
N PRO E 11 -46.46 1.21 14.24
CA PRO E 11 -47.73 0.56 13.88
C PRO E 11 -47.53 -0.90 13.54
N SER E 12 -48.53 -1.72 13.88
CA SER E 12 -48.44 -3.17 13.67
C SER E 12 -48.45 -3.53 12.18
N VAL E 13 -49.07 -2.72 11.33
CA VAL E 13 -49.11 -2.97 9.89
C VAL E 13 -48.69 -1.71 9.15
N ASN E 14 -47.65 -1.85 8.32
CA ASN E 14 -47.07 -0.73 7.58
C ASN E 14 -46.86 -1.16 6.14
N LEU E 15 -47.60 -0.54 5.23
CA LEU E 15 -47.58 -0.87 3.82
C LEU E 15 -46.63 0.09 3.11
N PHE E 16 -45.86 -0.45 2.16
CA PHE E 16 -44.90 0.31 1.37
C PHE E 16 -45.08 -0.05 -0.10
N GLY E 17 -44.58 0.82 -0.97
CA GLY E 17 -44.51 0.46 -2.38
C GLY E 17 -45.56 1.16 -3.21
N ALA E 18 -45.30 1.21 -4.52
CA ALA E 18 -46.19 1.86 -5.47
C ALA E 18 -47.56 1.19 -5.49
N GLY E 19 -48.60 1.98 -5.24
CA GLY E 19 -49.96 1.49 -5.31
C GLY E 19 -50.55 1.04 -3.99
N SER E 20 -49.79 1.12 -2.89
CA SER E 20 -50.30 0.67 -1.60
C SER E 20 -51.51 1.48 -1.14
N VAL E 21 -51.64 2.72 -1.62
CA VAL E 21 -52.75 3.55 -1.17
C VAL E 21 -54.08 2.97 -1.63
N ASN E 22 -54.07 2.16 -2.70
CA ASN E 22 -55.29 1.55 -3.17
C ASN E 22 -55.88 0.58 -2.16
N GLU E 23 -55.24 0.39 -1.01
CA GLU E 23 -55.75 -0.52 -0.02
C GLU E 23 -56.42 0.18 1.14
N VAL E 24 -56.33 1.50 1.24
CA VAL E 24 -56.79 2.19 2.44
C VAL E 24 -58.22 1.76 2.76
N GLY E 25 -59.08 1.76 1.75
CA GLY E 25 -60.48 1.43 1.97
C GLY E 25 -60.64 0.03 2.52
N THR E 26 -60.06 -0.96 1.82
CA THR E 26 -60.20 -2.34 2.28
C THR E 26 -59.69 -2.48 3.71
N ARG E 27 -58.58 -1.80 4.04
CA ARG E 27 -58.06 -1.90 5.39
C ARG E 27 -58.96 -1.20 6.40
N LEU E 28 -59.53 -0.06 6.01
CA LEU E 28 -60.48 0.62 6.89
C LEU E 28 -61.65 -0.31 7.18
N ALA E 29 -61.95 -1.20 6.23
CA ALA E 29 -63.00 -2.20 6.41
C ALA E 29 -62.68 -3.20 7.52
N ASP E 30 -61.39 -3.60 7.69
CA ASP E 30 -61.08 -4.53 8.79
C ASP E 30 -61.47 -3.96 10.12
N LEU E 31 -60.98 -2.75 10.39
CA LEU E 31 -61.02 -2.18 11.72
C LEU E 31 -62.45 -2.04 12.24
N GLY E 32 -63.44 -2.17 11.35
CA GLY E 32 -64.83 -2.07 11.74
C GLY E 32 -65.35 -0.67 11.89
N VAL E 33 -64.70 0.30 11.25
CA VAL E 33 -65.08 1.70 11.39
C VAL E 33 -66.12 2.05 10.34
N LYS E 34 -66.82 3.17 10.55
CA LYS E 34 -67.94 3.51 9.70
C LYS E 34 -67.74 4.82 8.95
N LYS E 35 -67.23 5.86 9.62
CA LYS E 35 -66.86 7.10 8.93
C LYS E 35 -65.65 7.77 9.57
N ALA E 36 -64.72 8.15 8.70
CA ALA E 36 -63.42 8.70 9.03
C ALA E 36 -63.39 10.15 8.59
N LEU E 37 -62.78 10.97 9.42
CA LEU E 37 -62.46 12.35 9.11
C LEU E 37 -61.14 12.33 8.36
N LEU E 38 -61.15 12.76 7.10
CA LEU E 38 -59.96 12.81 6.28
C LEU E 38 -59.23 14.10 6.58
N VAL E 39 -58.15 14.01 7.35
CA VAL E 39 -57.37 15.18 7.74
C VAL E 39 -56.25 15.38 6.72
N THR E 40 -56.26 16.53 6.05
CA THR E 40 -55.25 16.88 5.06
C THR E 40 -55.06 18.40 5.11
N ASP E 41 -54.27 18.92 4.18
CA ASP E 41 -54.05 20.36 4.04
C ASP E 41 -54.76 20.89 2.81
N ALA E 42 -54.78 22.23 2.70
CA ALA E 42 -55.49 22.87 1.61
C ALA E 42 -54.81 22.63 0.27
N GLY E 43 -53.48 22.47 0.25
CA GLY E 43 -52.80 22.25 -1.02
C GLY E 43 -53.16 20.92 -1.67
N LEU E 44 -53.10 19.83 -0.91
CA LEU E 44 -53.42 18.53 -1.48
C LEU E 44 -54.89 18.42 -1.80
N HIS E 45 -55.73 19.14 -1.05
CA HIS E 45 -57.16 19.19 -1.35
C HIS E 45 -57.42 19.93 -2.66
N GLY E 46 -56.71 21.04 -2.88
CA GLY E 46 -56.83 21.75 -4.14
C GLY E 46 -56.23 21.01 -5.31
N LEU E 47 -55.29 20.09 -5.06
CA LEU E 47 -54.72 19.28 -6.12
C LEU E 47 -55.58 18.07 -6.47
N GLY E 48 -56.58 17.74 -5.64
CA GLY E 48 -57.49 16.65 -5.91
C GLY E 48 -57.20 15.34 -5.20
N LEU E 49 -56.14 15.28 -4.40
CA LEU E 49 -55.78 14.02 -3.74
C LEU E 49 -56.84 13.60 -2.73
N SER E 50 -57.45 14.57 -2.04
CA SER E 50 -58.47 14.30 -1.03
C SER E 50 -59.62 13.50 -1.59
N GLU E 51 -60.12 13.94 -2.74
CA GLU E 51 -61.25 13.22 -3.39
C GLU E 51 -60.78 11.85 -3.85
N LYS E 52 -59.62 11.78 -4.51
CA LYS E 52 -59.08 10.51 -5.03
C LYS E 52 -59.09 9.43 -3.93
N ILE E 53 -58.56 9.77 -2.76
CA ILE E 53 -58.50 8.77 -1.66
C ILE E 53 -59.91 8.53 -1.16
N SER E 54 -60.71 9.58 -1.05
CA SER E 54 -62.07 9.42 -0.56
C SER E 54 -62.83 8.38 -1.35
N SER E 55 -62.60 8.32 -2.66
CA SER E 55 -63.28 7.28 -3.45
C SER E 55 -62.84 5.88 -3.03
N ILE E 56 -61.54 5.65 -2.82
CA ILE E 56 -61.09 4.34 -2.36
C ILE E 56 -61.77 3.98 -1.06
N ILE E 57 -61.95 4.97 -0.18
CA ILE E 57 -62.63 4.70 1.09
C ILE E 57 -64.12 4.41 0.86
N ARG E 58 -64.75 5.12 -0.09
CA ARG E 58 -66.17 4.90 -0.36
C ARG E 58 -66.44 3.51 -0.93
N ALA E 59 -65.56 3.04 -1.82
CA ALA E 59 -65.72 1.75 -2.49
C ALA E 59 -65.54 0.57 -1.55
N ALA E 60 -65.34 0.82 -0.27
CA ALA E 60 -65.24 -0.24 0.73
C ALA E 60 -66.34 -0.12 1.76
N GLY E 61 -67.30 0.79 1.56
CA GLY E 61 -68.42 0.91 2.45
C GLY E 61 -68.17 1.81 3.63
N VAL E 62 -67.12 2.63 3.60
CA VAL E 62 -66.79 3.54 4.69
C VAL E 62 -67.07 4.96 4.25
N GLU E 63 -67.68 5.73 5.15
CA GLU E 63 -68.01 7.12 4.90
C GLU E 63 -66.81 8.00 5.21
N VAL E 64 -66.76 9.17 4.57
CA VAL E 64 -65.61 10.07 4.67
C VAL E 64 -66.10 11.50 4.87
N SER E 65 -65.45 12.23 5.78
CA SER E 65 -65.62 13.67 5.91
C SER E 65 -64.25 14.31 5.81
N ILE E 66 -64.07 15.17 4.82
CA ILE E 66 -62.76 15.78 4.58
C ILE E 66 -62.59 17.00 5.47
N PHE E 67 -61.47 17.05 6.18
CA PHE E 67 -61.07 18.22 6.97
C PHE E 67 -59.78 18.75 6.40
N PRO E 68 -59.83 19.59 5.37
CA PRO E 68 -58.60 20.05 4.73
C PRO E 68 -58.05 21.32 5.34
N LYS E 69 -58.07 21.42 6.68
CA LYS E 69 -57.71 22.65 7.36
C LYS E 69 -56.44 22.50 8.19
N ALA E 70 -55.66 21.44 7.94
CA ALA E 70 -54.37 21.29 8.59
C ALA E 70 -53.35 22.22 7.96
N GLU E 71 -52.68 22.99 8.78
CA GLU E 71 -51.77 23.98 8.23
C GLU E 71 -50.33 23.57 8.43
N PRO E 72 -49.44 23.94 7.50
CA PRO E 72 -48.01 23.73 7.73
C PRO E 72 -47.62 24.27 9.10
N ASN E 73 -47.00 23.40 9.91
CA ASN E 73 -46.82 23.63 11.34
C ASN E 73 -48.22 23.68 11.97
N PRO E 74 -48.86 22.51 12.14
CA PRO E 74 -50.26 22.51 12.57
C PRO E 74 -50.44 23.16 13.93
N THR E 75 -51.63 23.73 14.13
CA THR E 75 -51.90 24.52 15.35
C THR E 75 -53.00 23.92 16.23
N ASP E 76 -53.04 24.34 17.49
CA ASP E 76 -54.10 23.89 18.44
C ASP E 76 -55.46 24.22 17.84
N LYS E 77 -55.58 25.43 17.32
CA LYS E 77 -56.86 25.87 16.72
C LYS E 77 -57.27 24.83 15.69
N ASN E 78 -56.30 24.35 14.92
CA ASN E 78 -56.62 23.39 13.82
C ASN E 78 -57.18 22.13 14.47
N VAL E 79 -56.65 21.77 15.62
CA VAL E 79 -57.10 20.50 16.26
C VAL E 79 -58.53 20.68 16.77
N ALA E 80 -58.82 21.85 17.34
CA ALA E 80 -60.18 22.13 17.88
C ALA E 80 -61.18 22.11 16.73
N GLU E 81 -60.93 22.87 15.68
CA GLU E 81 -61.82 22.80 14.50
C GLU E 81 -62.01 21.33 14.15
N GLY E 82 -60.95 20.55 14.25
CA GLY E 82 -61.02 19.14 13.84
C GLY E 82 -61.91 18.31 14.74
N LEU E 83 -61.65 18.34 16.04
CA LEU E 83 -62.51 17.59 16.99
C LEU E 83 -63.97 18.02 16.79
N GLU E 84 -64.18 19.31 16.54
CA GLU E 84 -65.55 19.83 16.33
C GLU E 84 -66.20 19.09 15.16
N ALA E 85 -65.48 18.93 14.07
CA ALA E 85 -66.07 18.33 12.86
C ALA E 85 -66.21 16.81 13.04
N TYR E 86 -65.30 16.20 13.80
CA TYR E 86 -65.33 14.74 13.95
C TYR E 86 -66.48 14.41 14.89
N ASN E 87 -66.77 15.34 15.79
CA ASN E 87 -67.90 15.14 16.73
C ASN E 87 -69.18 15.51 15.98
N ALA E 88 -69.09 16.47 15.07
CA ALA E 88 -70.27 16.92 14.30
C ALA E 88 -70.69 15.86 13.30
N GLU E 89 -69.83 15.54 12.34
CA GLU E 89 -70.16 14.52 11.32
C GLU E 89 -70.26 13.16 12.01
N ASN E 90 -70.11 13.13 13.33
CA ASN E 90 -70.25 11.87 14.09
C ASN E 90 -69.31 10.81 13.52
N CYS E 91 -68.01 11.12 13.44
CA CYS E 91 -67.02 10.19 12.83
C CYS E 91 -66.44 9.25 13.88
N ASP E 92 -66.04 8.04 13.47
CA ASP E 92 -65.47 7.04 14.38
C ASP E 92 -64.04 6.70 14.01
N SER E 93 -63.49 7.32 12.96
CA SER E 93 -62.11 7.07 12.57
C SER E 93 -61.54 8.33 11.96
N ILE E 94 -60.23 8.33 11.77
CA ILE E 94 -59.52 9.43 11.12
C ILE E 94 -58.53 8.83 10.13
N VAL E 95 -58.48 9.41 8.94
CA VAL E 95 -57.45 9.05 7.96
C VAL E 95 -56.68 10.32 7.63
N THR E 96 -55.38 10.30 7.88
CA THR E 96 -54.53 11.46 7.56
C THR E 96 -53.91 11.25 6.19
N LEU E 97 -53.96 12.28 5.36
CA LEU E 97 -53.41 12.26 4.02
C LEU E 97 -52.51 13.48 3.86
N GLY E 98 -51.21 13.25 3.71
CA GLY E 98 -50.27 14.34 3.50
C GLY E 98 -48.95 14.14 4.18
N GLY E 99 -48.34 15.25 4.60
CA GLY E 99 -47.08 15.25 5.28
C GLY E 99 -47.23 15.27 6.78
N GLY E 100 -46.17 15.69 7.46
CA GLY E 100 -46.16 15.64 8.92
C GLY E 100 -47.23 16.49 9.56
N SER E 101 -47.60 17.60 8.92
CA SER E 101 -48.64 18.47 9.47
C SER E 101 -50.01 17.76 9.49
N SER E 102 -50.34 17.04 8.43
CA SER E 102 -51.62 16.35 8.39
C SER E 102 -51.63 15.17 9.36
N HIS E 103 -50.53 14.42 9.41
CA HIS E 103 -50.47 13.30 10.35
C HIS E 103 -50.59 13.79 11.78
N ASP E 104 -49.85 14.86 12.13
CA ASP E 104 -49.85 15.33 13.51
C ASP E 104 -51.18 15.97 13.89
N ALA E 105 -51.81 16.72 12.97
CA ALA E 105 -53.13 17.28 13.24
C ALA E 105 -54.15 16.18 13.51
N GLY E 106 -54.21 15.18 12.62
CA GLY E 106 -55.14 14.08 12.82
C GLY E 106 -54.85 13.29 14.09
N LYS E 107 -53.57 13.06 14.37
CA LYS E 107 -53.18 12.36 15.59
C LYS E 107 -53.65 13.10 16.84
N ALA E 108 -53.49 14.42 16.86
CA ALA E 108 -53.92 15.21 18.00
C ALA E 108 -55.44 15.15 18.15
N ILE E 109 -56.17 15.30 17.03
CA ILE E 109 -57.62 15.17 17.07
C ILE E 109 -58.01 13.82 17.64
N ALA E 110 -57.34 12.76 17.21
CA ALA E 110 -57.68 11.40 17.63
C ALA E 110 -57.42 11.20 19.12
N LEU E 111 -56.35 11.82 19.65
CA LEU E 111 -56.06 11.72 21.07
C LEU E 111 -57.08 12.48 21.90
N VAL E 112 -57.33 13.75 21.58
CA VAL E 112 -58.27 14.54 22.38
C VAL E 112 -59.70 14.00 22.25
N ALA E 113 -60.04 13.40 21.11
CA ALA E 113 -61.34 12.78 20.94
C ALA E 113 -61.52 11.54 21.82
N ALA E 114 -60.45 11.03 22.41
CA ALA E 114 -60.53 9.87 23.28
C ALA E 114 -60.15 10.17 24.72
N ASN E 115 -59.53 11.32 24.98
CA ASN E 115 -59.12 11.71 26.32
C ASN E 115 -59.81 12.99 26.81
N GLY E 116 -60.38 13.79 25.91
CA GLY E 116 -61.20 14.96 26.26
C GLY E 116 -60.62 16.34 26.51
N GLY E 117 -59.46 16.40 27.18
CA GLY E 117 -58.74 17.62 27.51
C GLY E 117 -58.48 18.65 26.43
N LYS E 118 -57.29 19.23 26.46
CA LYS E 118 -56.82 20.12 25.41
C LYS E 118 -55.43 19.67 24.99
N ILE E 119 -55.05 20.01 23.76
CA ILE E 119 -53.80 19.51 23.19
C ILE E 119 -52.58 20.01 23.98
N HIS E 120 -52.67 21.22 24.54
CA HIS E 120 -51.55 21.79 25.28
C HIS E 120 -51.20 20.96 26.51
N ASP E 121 -52.19 20.27 27.08
CA ASP E 121 -52.00 19.49 28.30
C ASP E 121 -51.17 18.24 28.11
N TYR E 122 -51.05 17.74 26.88
CA TYR E 122 -50.34 16.48 26.68
C TYR E 122 -48.93 16.74 26.20
N GLU E 123 -48.48 17.99 26.24
CA GLU E 123 -47.10 18.31 25.96
C GLU E 123 -46.20 17.60 26.96
N GLY E 124 -45.25 16.83 26.44
CA GLY E 124 -44.37 16.05 27.29
C GLY E 124 -44.26 14.61 26.84
N VAL E 125 -44.06 13.71 27.80
CA VAL E 125 -43.84 12.28 27.45
C VAL E 125 -44.87 11.38 28.13
N ASP E 126 -45.64 10.64 27.35
CA ASP E 126 -46.60 9.68 27.92
C ASP E 126 -47.47 10.41 28.95
N VAL E 127 -48.07 11.53 28.54
CA VAL E 127 -48.87 12.37 29.48
C VAL E 127 -50.35 12.10 29.19
N SER E 128 -50.67 10.92 28.70
CA SER E 128 -52.07 10.61 28.33
C SER E 128 -52.49 9.29 28.98
N LYS E 129 -53.78 8.99 28.98
CA LYS E 129 -54.27 7.79 29.68
C LYS E 129 -54.85 6.76 28.71
N GLU E 130 -55.53 7.19 27.67
CA GLU E 130 -56.20 6.20 26.79
C GLU E 130 -55.72 6.30 25.34
N PRO E 131 -55.63 5.17 24.60
CA PRO E 131 -55.26 5.20 23.18
C PRO E 131 -56.24 6.01 22.34
N MET E 132 -55.73 6.56 21.24
CA MET E 132 -56.51 7.39 20.33
C MET E 132 -57.41 6.54 19.45
N VAL E 133 -58.31 7.21 18.74
CA VAL E 133 -59.28 6.55 17.87
C VAL E 133 -58.53 5.92 16.71
N PRO E 134 -59.08 4.89 16.07
CA PRO E 134 -58.40 4.30 14.90
C PRO E 134 -57.97 5.35 13.88
N LEU E 135 -56.73 5.22 13.41
CA LEU E 135 -56.17 6.17 12.45
C LEU E 135 -55.23 5.44 11.50
N ILE E 136 -55.43 5.66 10.20
CA ILE E 136 -54.53 5.19 9.16
C ILE E 136 -53.86 6.39 8.53
N ALA E 137 -52.53 6.39 8.47
CA ALA E 137 -51.76 7.53 7.99
C ALA E 137 -51.16 7.22 6.62
N ILE E 138 -51.49 8.05 5.64
CA ILE E 138 -50.97 7.93 4.27
C ILE E 138 -49.95 9.06 4.06
N ASN E 139 -48.68 8.69 3.91
CA ASN E 139 -47.61 9.68 3.87
C ASN E 139 -47.31 10.12 2.45
N THR E 140 -47.15 11.44 2.26
CA THR E 140 -46.88 12.00 0.94
C THR E 140 -45.60 12.83 0.88
N THR E 141 -44.84 12.92 1.97
CA THR E 141 -43.53 13.56 1.96
C THR E 141 -42.45 12.55 2.32
N ALA E 142 -41.21 12.86 1.92
CA ALA E 142 -40.07 11.98 2.22
C ALA E 142 -39.28 12.52 3.41
N GLY E 143 -39.97 12.63 4.53
CA GLY E 143 -39.38 12.99 5.81
C GLY E 143 -40.45 12.88 6.87
N THR E 144 -40.07 13.24 8.10
CA THR E 144 -40.88 13.18 9.33
C THR E 144 -41.06 11.78 9.86
N GLY E 145 -41.63 10.87 9.07
CA GLY E 145 -41.94 9.58 9.64
C GLY E 145 -43.17 9.55 10.53
N SER E 146 -43.98 10.63 10.55
CA SER E 146 -45.13 10.71 11.47
C SER E 146 -46.14 9.59 11.28
N GLU E 147 -46.19 8.97 10.11
CA GLU E 147 -47.09 7.81 9.95
C GLU E 147 -46.70 6.64 10.83
N LEU E 148 -45.54 6.70 11.50
CA LEU E 148 -45.07 5.59 12.32
C LEU E 148 -44.72 5.96 13.76
N THR E 149 -44.72 7.24 14.07
CA THR E 149 -44.19 7.69 15.38
C THR E 149 -45.22 7.87 16.50
N LYS E 150 -44.72 8.04 17.71
CA LYS E 150 -45.59 8.32 18.87
C LYS E 150 -45.40 9.80 19.20
N PHE E 151 -45.15 10.62 18.17
CA PHE E 151 -44.83 12.04 18.39
C PHE E 151 -45.81 12.92 17.62
N THR E 152 -46.42 13.89 18.29
CA THR E 152 -47.29 14.86 17.58
C THR E 152 -46.80 16.25 17.95
N ILE E 153 -46.45 17.05 16.95
CA ILE E 153 -45.89 18.39 17.25
C ILE E 153 -46.94 19.44 16.90
N ILE E 154 -47.60 19.99 17.91
CA ILE E 154 -48.69 20.97 17.67
C ILE E 154 -48.21 22.36 18.09
N THR E 155 -48.47 23.36 17.26
CA THR E 155 -47.96 24.73 17.61
C THR E 155 -48.94 25.48 18.52
N ASP E 156 -48.47 25.93 19.68
CA ASP E 156 -49.30 26.76 20.59
C ASP E 156 -49.24 28.19 20.08
N THR E 157 -50.34 28.68 19.51
CA THR E 157 -50.36 30.03 18.88
C THR E 157 -50.03 31.12 19.90
N GLU E 158 -49.99 30.80 21.18
CA GLU E 158 -49.77 31.84 22.22
C GLU E 158 -48.28 31.89 22.56
N ARG E 159 -47.76 30.79 23.08
CA ARG E 159 -46.33 30.75 23.48
C ARG E 159 -45.44 30.79 22.23
N LYS E 160 -46.03 30.67 21.03
CA LYS E 160 -45.24 30.63 19.78
C LYS E 160 -44.28 29.46 19.92
N VAL E 161 -44.81 28.31 20.28
CA VAL E 161 -43.94 27.17 20.58
C VAL E 161 -44.52 25.93 19.93
N LYS E 162 -43.70 25.26 19.13
CA LYS E 162 -44.07 23.96 18.59
C LYS E 162 -43.90 22.94 19.71
N MET E 163 -45.01 22.59 20.36
CA MET E 163 -45.01 21.64 21.45
C MET E 163 -44.83 20.23 20.92
N ALA E 164 -44.01 19.44 21.64
CA ALA E 164 -43.72 18.06 21.28
C ALA E 164 -44.46 17.17 22.27
N ILE E 165 -45.52 16.53 21.80
CA ILE E 165 -46.28 15.56 22.57
C ILE E 165 -45.75 14.20 22.15
N VAL E 166 -45.04 13.54 23.08
CA VAL E 166 -44.46 12.20 22.78
C VAL E 166 -45.26 11.16 23.56
N ASP E 167 -46.31 10.62 22.95
CA ASP E 167 -47.19 9.66 23.66
C ASP E 167 -47.47 8.41 22.82
N LYS E 168 -47.33 7.25 23.44
CA LYS E 168 -47.58 5.97 22.74
C LYS E 168 -49.02 5.89 22.25
N HIS E 169 -49.93 6.59 22.92
CA HIS E 169 -51.36 6.46 22.54
C HIS E 169 -51.59 7.09 21.16
N VAL E 170 -50.56 7.71 20.59
CA VAL E 170 -50.73 8.37 19.31
C VAL E 170 -50.02 7.61 18.17
N THR E 171 -49.57 6.38 18.43
CA THR E 171 -49.04 5.53 17.36
C THR E 171 -50.15 5.13 16.41
N PRO E 172 -50.05 5.45 15.11
CA PRO E 172 -51.12 5.13 14.17
C PRO E 172 -51.44 3.64 14.14
N THR E 173 -52.68 3.34 13.73
CA THR E 173 -53.09 1.95 13.63
C THR E 173 -52.43 1.26 12.44
N LEU E 174 -52.40 1.94 11.30
CA LEU E 174 -51.81 1.41 10.08
C LEU E 174 -51.17 2.55 9.30
N SER E 175 -50.09 2.23 8.59
CA SER E 175 -49.39 3.24 7.81
C SER E 175 -49.30 2.83 6.35
N ILE E 176 -49.33 3.82 5.45
CA ILE E 176 -49.19 3.60 4.01
C ILE E 176 -48.18 4.60 3.46
N ASN E 177 -47.11 4.09 2.86
CA ASN E 177 -46.02 4.88 2.29
C ASN E 177 -45.94 4.60 0.80
N ASP E 178 -46.81 5.24 0.02
CA ASP E 178 -46.89 5.00 -1.42
C ASP E 178 -46.02 6.01 -2.14
N PRO E 179 -44.91 5.59 -2.77
CA PRO E 179 -44.05 6.57 -3.46
C PRO E 179 -44.70 7.23 -4.66
N GLU E 180 -45.77 6.64 -5.21
CA GLU E 180 -46.44 7.27 -6.34
C GLU E 180 -47.08 8.58 -5.95
N LEU E 181 -47.42 8.73 -4.67
CA LEU E 181 -48.01 9.98 -4.21
C LEU E 181 -46.96 11.03 -3.90
N MET E 182 -45.66 10.71 -4.00
CA MET E 182 -44.63 11.67 -3.68
C MET E 182 -43.94 12.25 -4.90
N VAL E 183 -44.29 11.78 -6.10
CA VAL E 183 -43.67 12.28 -7.32
C VAL E 183 -43.93 13.76 -7.49
N GLY E 184 -45.03 14.26 -6.94
CA GLY E 184 -45.42 15.65 -7.10
C GLY E 184 -44.78 16.64 -6.17
N MET E 185 -43.99 16.19 -5.21
CA MET E 185 -43.27 17.11 -4.35
C MET E 185 -42.33 17.99 -5.18
N PRO E 186 -42.48 19.31 -5.13
CA PRO E 186 -41.52 20.18 -5.83
C PRO E 186 -40.13 20.06 -5.23
N PRO E 187 -39.10 20.48 -5.98
CA PRO E 187 -37.72 20.29 -5.50
C PRO E 187 -37.41 20.84 -4.11
N SER E 188 -37.88 22.03 -3.75
CA SER E 188 -37.58 22.57 -2.42
C SER E 188 -38.21 21.71 -1.33
N LEU E 189 -39.42 21.21 -1.56
CA LEU E 189 -40.05 20.33 -0.58
C LEU E 189 -39.31 19.00 -0.48
N THR E 190 -38.89 18.45 -1.62
CA THR E 190 -38.09 17.23 -1.61
C THR E 190 -36.83 17.42 -0.77
N ALA E 191 -36.13 18.55 -0.96
CA ALA E 191 -34.90 18.81 -0.23
C ALA E 191 -35.17 18.96 1.26
N ALA E 192 -36.19 19.74 1.61
CA ALA E 192 -36.45 20.02 3.02
C ALA E 192 -36.88 18.76 3.76
N THR E 193 -37.80 17.99 3.18
CA THR E 193 -38.26 16.76 3.83
C THR E 193 -37.13 15.75 3.95
N GLY E 194 -36.31 15.61 2.89
CA GLY E 194 -35.19 14.68 2.95
C GLY E 194 -34.16 15.06 4.00
N LEU E 195 -33.90 16.36 4.16
CA LEU E 195 -32.93 16.75 5.18
C LEU E 195 -33.53 16.69 6.58
N ASP E 196 -34.86 16.77 6.70
CA ASP E 196 -35.46 16.51 8.00
C ASP E 196 -35.27 15.03 8.35
N ALA E 197 -35.36 14.16 7.35
CA ALA E 197 -35.10 12.74 7.58
C ALA E 197 -33.63 12.50 7.94
N LEU E 198 -32.72 13.19 7.24
CA LEU E 198 -31.29 13.05 7.57
C LEU E 198 -31.01 13.52 8.99
N THR E 199 -31.64 14.62 9.40
CA THR E 199 -31.49 15.10 10.76
C THR E 199 -32.02 14.05 11.75
N HIS E 200 -33.14 13.40 11.41
CA HIS E 200 -33.65 12.33 12.26
C HIS E 200 -32.63 11.22 12.44
N ALA E 201 -32.05 10.75 11.34
CA ALA E 201 -31.14 9.62 11.46
C ALA E 201 -29.88 10.00 12.21
N ILE E 202 -29.35 11.21 11.98
CA ILE E 202 -28.13 11.62 12.67
C ILE E 202 -28.39 11.82 14.15
N GLU E 203 -29.48 12.52 14.50
CA GLU E 203 -29.77 12.75 15.91
C GLU E 203 -30.10 11.44 16.62
N ALA E 204 -30.73 10.49 15.92
CA ALA E 204 -30.95 9.18 16.52
C ALA E 204 -29.64 8.44 16.71
N TYR E 205 -28.70 8.58 15.76
CA TYR E 205 -27.45 7.84 15.89
C TYR E 205 -26.62 8.32 17.06
N VAL E 206 -26.65 9.63 17.34
CA VAL E 206 -25.83 10.17 18.42
C VAL E 206 -26.62 10.34 19.70
N SER E 207 -27.89 9.93 19.73
CA SER E 207 -28.72 10.08 20.90
C SER E 207 -28.27 9.15 22.03
N THR E 208 -28.53 9.59 23.27
CA THR E 208 -28.25 8.78 24.44
C THR E 208 -29.21 7.61 24.58
N GLY E 209 -30.30 7.59 23.82
CA GLY E 209 -31.27 6.51 23.88
C GLY E 209 -31.15 5.53 22.73
N ALA E 210 -30.01 5.57 22.04
CA ALA E 210 -29.75 4.68 20.91
C ALA E 210 -29.62 3.23 21.37
N THR E 211 -30.08 2.31 20.53
CA THR E 211 -29.98 0.88 20.72
C THR E 211 -29.43 0.27 19.44
N PRO E 212 -28.97 -0.99 19.49
CA PRO E 212 -28.51 -1.63 18.24
C PRO E 212 -29.53 -1.62 17.13
N ILE E 213 -30.82 -1.65 17.47
CA ILE E 213 -31.88 -1.63 16.46
C ILE E 213 -31.98 -0.26 15.82
N THR E 214 -32.08 0.79 16.64
CA THR E 214 -32.12 2.15 16.10
C THR E 214 -30.85 2.44 15.30
N ASP E 215 -29.70 1.95 15.77
CA ASP E 215 -28.45 2.15 15.03
C ASP E 215 -28.54 1.52 13.64
N ALA E 216 -29.00 0.27 13.55
CA ALA E 216 -29.13 -0.37 12.24
C ALA E 216 -29.98 0.48 11.31
N LEU E 217 -31.15 0.93 11.82
CA LEU E 217 -32.06 1.68 10.96
C LEU E 217 -31.49 3.03 10.54
N ALA E 218 -30.88 3.76 11.49
CA ALA E 218 -30.39 5.09 11.18
C ALA E 218 -29.21 5.04 10.22
N ILE E 219 -28.32 4.06 10.39
CA ILE E 219 -27.20 3.91 9.47
C ILE E 219 -27.71 3.69 8.06
N GLN E 220 -28.69 2.79 7.91
CA GLN E 220 -29.23 2.56 6.58
C GLN E 220 -29.84 3.83 5.99
N ALA E 221 -30.59 4.58 6.81
CA ALA E 221 -31.21 5.81 6.31
C ALA E 221 -30.16 6.84 5.86
N ILE E 222 -29.11 7.04 6.66
CA ILE E 222 -28.06 7.98 6.27
C ILE E 222 -27.44 7.55 4.94
N LYS E 223 -27.13 6.25 4.80
CA LYS E 223 -26.49 5.79 3.57
C LYS E 223 -27.40 6.01 2.36
N ILE E 224 -28.70 5.72 2.50
CA ILE E 224 -29.60 5.85 1.36
C ILE E 224 -29.81 7.32 1.00
N ILE E 225 -29.96 8.19 2.01
CA ILE E 225 -30.17 9.60 1.76
C ILE E 225 -28.99 10.18 0.99
N SER E 226 -27.77 9.80 1.40
CA SER E 226 -26.56 10.31 0.76
C SER E 226 -26.56 10.05 -0.74
N LYS E 227 -27.15 8.96 -1.18
CA LYS E 227 -27.14 8.62 -2.60
C LYS E 227 -28.38 9.13 -3.33
N TYR E 228 -29.55 9.06 -2.71
CA TYR E 228 -30.77 9.26 -3.48
C TYR E 228 -31.42 10.62 -3.27
N LEU E 229 -31.18 11.31 -2.16
CA LEU E 229 -31.81 12.62 -1.99
C LEU E 229 -31.39 13.61 -3.07
N PRO E 230 -30.09 13.78 -3.41
CA PRO E 230 -29.76 14.71 -4.50
C PRO E 230 -30.38 14.31 -5.83
N ARG E 231 -30.58 13.02 -6.07
CA ARG E 231 -31.22 12.58 -7.30
C ARG E 231 -32.71 12.92 -7.31
N ALA E 232 -33.36 12.79 -6.15
CA ALA E 232 -34.77 13.11 -6.07
C ALA E 232 -35.00 14.61 -6.17
N VAL E 233 -34.05 15.41 -5.69
CA VAL E 233 -34.20 16.86 -5.84
C VAL E 233 -33.94 17.28 -7.28
N ALA E 234 -32.98 16.62 -7.94
CA ALA E 234 -32.63 17.01 -9.30
C ALA E 234 -33.71 16.60 -10.29
N ASN E 235 -34.37 15.47 -10.05
CA ASN E 235 -35.47 15.04 -10.90
C ASN E 235 -36.45 14.25 -10.04
N GLY E 236 -37.59 14.86 -9.72
CA GLY E 236 -38.62 14.22 -8.92
C GLY E 236 -39.37 13.11 -9.63
N LYS E 237 -39.13 12.93 -10.92
CA LYS E 237 -39.74 11.88 -11.70
C LYS E 237 -38.87 10.63 -11.75
N ASP E 238 -37.74 10.65 -11.02
CA ASP E 238 -36.87 9.50 -10.81
C ASP E 238 -37.53 8.53 -9.82
N ILE E 239 -38.20 7.50 -10.34
CA ILE E 239 -39.02 6.65 -9.49
C ILE E 239 -38.17 5.89 -8.49
N GLU E 240 -36.99 5.42 -8.90
CA GLU E 240 -36.10 4.74 -7.98
C GLU E 240 -35.69 5.64 -6.83
N ALA E 241 -35.33 6.89 -7.14
CA ALA E 241 -34.96 7.83 -6.08
C ALA E 241 -36.14 8.09 -5.15
N ARG E 242 -37.35 8.18 -5.71
CA ARG E 242 -38.51 8.43 -4.84
C ARG E 242 -38.76 7.24 -3.91
N GLU E 243 -38.64 6.01 -4.44
CA GLU E 243 -38.91 4.84 -3.62
C GLU E 243 -37.83 4.68 -2.54
N GLN E 244 -36.58 4.93 -2.89
CA GLN E 244 -35.51 4.83 -1.92
C GLN E 244 -35.64 5.90 -0.85
N MET E 245 -36.08 7.11 -1.22
CA MET E 245 -36.28 8.13 -0.20
C MET E 245 -37.46 7.80 0.70
N ALA E 246 -38.49 7.13 0.16
CA ALA E 246 -39.59 6.70 1.02
C ALA E 246 -39.12 5.67 2.04
N PHE E 247 -38.27 4.74 1.60
CA PHE E 247 -37.67 3.81 2.53
C PHE E 247 -36.80 4.54 3.55
N ALA E 248 -36.03 5.52 3.10
CA ALA E 248 -35.12 6.21 4.01
C ALA E 248 -35.87 6.99 5.06
N GLN E 249 -36.91 7.71 4.66
CA GLN E 249 -37.71 8.45 5.63
C GLN E 249 -38.35 7.49 6.63
N SER E 250 -38.79 6.31 6.18
CA SER E 250 -39.35 5.38 7.15
C SER E 250 -38.29 4.86 8.10
N LEU E 251 -37.09 4.55 7.60
CA LEU E 251 -36.01 4.08 8.47
C LEU E 251 -35.65 5.14 9.51
N ALA E 252 -35.53 6.39 9.08
CA ALA E 252 -35.17 7.45 10.01
C ALA E 252 -36.27 7.68 11.03
N GLY E 253 -37.54 7.54 10.62
CA GLY E 253 -38.63 7.64 11.57
C GLY E 253 -38.58 6.54 12.63
N MET E 254 -38.45 5.28 12.18
CA MET E 254 -38.33 4.17 13.12
C MET E 254 -37.17 4.38 14.08
N ALA E 255 -36.08 4.95 13.59
CA ALA E 255 -34.90 5.13 14.45
C ALA E 255 -35.11 6.23 15.48
N PHE E 256 -35.51 7.43 15.04
CA PHE E 256 -35.60 8.53 16.00
C PHE E 256 -36.75 8.33 16.97
N ASN E 257 -37.84 7.69 16.52
CA ASN E 257 -38.99 7.43 17.37
C ASN E 257 -38.61 6.67 18.63
N ASN E 258 -37.63 5.79 18.53
CA ASN E 258 -37.27 4.90 19.60
C ASN E 258 -35.89 5.16 20.17
N ALA E 259 -35.13 6.08 19.57
CA ALA E 259 -33.84 6.49 20.12
C ALA E 259 -33.88 7.88 20.74
N GLY E 260 -34.67 8.77 20.17
CA GLY E 260 -34.71 10.16 20.58
C GLY E 260 -34.08 11.06 19.52
N LEU E 261 -34.28 12.36 19.72
CA LEU E 261 -33.65 13.34 18.86
C LEU E 261 -32.63 14.13 19.69
N GLY E 262 -32.45 15.38 19.37
CA GLY E 262 -31.48 16.21 20.07
C GLY E 262 -31.74 17.68 19.87
N TYR E 263 -30.70 18.48 20.02
CA TYR E 263 -30.87 19.92 20.05
C TYR E 263 -31.12 20.54 18.70
N VAL E 264 -30.87 19.82 17.60
CA VAL E 264 -31.30 20.32 16.29
C VAL E 264 -32.82 20.50 16.28
N HIS E 265 -33.54 19.45 16.67
CA HIS E 265 -35.00 19.53 16.69
C HIS E 265 -35.48 20.45 17.80
N ALA E 266 -34.79 20.42 18.95
CA ALA E 266 -35.18 21.27 20.08
C ALA E 266 -35.13 22.75 19.71
N ILE E 267 -34.12 23.18 18.96
CA ILE E 267 -34.03 24.59 18.57
C ILE E 267 -34.93 24.87 17.36
N ALA E 268 -34.99 23.93 16.41
CA ALA E 268 -35.79 24.15 15.21
C ALA E 268 -37.26 24.33 15.55
N HIS E 269 -37.74 23.65 16.60
CA HIS E 269 -39.14 23.79 16.98
C HIS E 269 -39.45 25.22 17.43
N GLN E 270 -38.48 25.91 18.03
CA GLN E 270 -38.70 27.28 18.47
C GLN E 270 -38.57 28.26 17.32
N LEU E 271 -37.59 28.03 16.44
CA LEU E 271 -37.47 28.91 15.29
C LEU E 271 -38.70 28.80 14.39
N GLY E 272 -39.30 27.62 14.32
CA GLY E 272 -40.52 27.45 13.54
C GLY E 272 -41.75 27.99 14.23
N GLY E 273 -41.79 27.91 15.57
CA GLY E 273 -42.89 28.54 16.29
C GLY E 273 -42.86 30.05 16.25
N PHE E 274 -41.66 30.63 16.05
CA PHE E 274 -41.58 32.09 15.97
C PHE E 274 -41.78 32.60 14.54
N TYR E 275 -41.24 31.91 13.55
CA TYR E 275 -41.20 32.48 12.20
C TYR E 275 -41.87 31.62 11.14
N ASN E 276 -42.49 30.50 11.52
CA ASN E 276 -43.18 29.60 10.59
C ASN E 276 -42.27 29.13 9.46
N PHE E 277 -40.97 29.03 9.71
CA PHE E 277 -40.07 28.51 8.71
C PHE E 277 -40.33 27.02 8.49
N PRO E 278 -40.00 26.48 7.32
CA PRO E 278 -40.15 25.03 7.11
C PRO E 278 -39.25 24.24 8.05
N HIS E 279 -39.83 23.19 8.64
CA HIS E 279 -39.13 22.37 9.63
C HIS E 279 -37.80 21.85 9.10
N GLY E 280 -37.80 21.33 7.87
CA GLY E 280 -36.59 20.77 7.30
C GLY E 280 -35.52 21.81 7.03
N VAL E 281 -35.92 23.04 6.66
CA VAL E 281 -34.93 24.09 6.47
C VAL E 281 -34.31 24.50 7.80
N CYS E 282 -35.14 24.57 8.85
CA CYS E 282 -34.60 24.85 10.17
C CYS E 282 -33.58 23.80 10.58
N ASN E 283 -33.93 22.53 10.38
CA ASN E 283 -33.01 21.43 10.71
C ASN E 283 -31.74 21.49 9.88
N ALA E 284 -31.85 21.80 8.58
CA ALA E 284 -30.66 21.82 7.73
C ALA E 284 -29.73 22.96 8.10
N VAL E 285 -30.28 24.13 8.45
CA VAL E 285 -29.45 25.25 8.86
C VAL E 285 -28.77 24.94 10.19
N LEU E 286 -29.47 24.24 11.09
CA LEU E 286 -28.93 24.01 12.42
C LEU E 286 -27.99 22.81 12.53
N LEU E 287 -28.19 21.78 11.70
CA LEU E 287 -27.45 20.52 11.79
C LEU E 287 -25.94 20.68 11.96
N PRO E 288 -25.22 21.43 11.11
CA PRO E 288 -23.76 21.54 11.30
C PRO E 288 -23.35 22.13 12.65
N TYR E 289 -24.08 23.15 13.15
CA TYR E 289 -23.64 23.82 14.36
C TYR E 289 -23.84 22.94 15.59
N VAL E 290 -24.98 22.23 15.65
CA VAL E 290 -25.23 21.34 16.77
C VAL E 290 -24.33 20.11 16.68
N CYS E 291 -24.03 19.63 15.47
CA CYS E 291 -23.07 18.53 15.35
C CYS E 291 -21.71 18.95 15.88
N ARG E 292 -21.25 20.16 15.52
CA ARG E 292 -19.96 20.63 16.00
C ARG E 292 -19.97 20.80 17.51
N PHE E 293 -21.11 21.23 18.08
CA PHE E 293 -21.22 21.29 19.53
C PHE E 293 -21.15 19.91 20.16
N ASN E 294 -21.75 18.90 19.51
CA ASN E 294 -21.85 17.55 20.06
C ASN E 294 -20.60 16.71 19.84
N LEU E 295 -19.67 17.16 18.99
CA LEU E 295 -18.57 16.32 18.51
C LEU E 295 -17.82 15.63 19.65
N ILE E 296 -17.43 16.38 20.68
CA ILE E 296 -16.59 15.77 21.71
C ILE E 296 -17.31 14.65 22.46
N SER E 297 -18.64 14.58 22.39
CA SER E 297 -19.36 13.53 23.10
C SER E 297 -19.51 12.27 22.28
N LYS E 298 -19.52 12.37 20.96
CA LYS E 298 -19.78 11.25 20.06
C LYS E 298 -18.83 11.29 18.86
N VAL E 299 -17.52 11.44 19.11
CA VAL E 299 -16.60 11.66 17.98
C VAL E 299 -16.52 10.42 17.11
N GLU E 300 -16.62 9.23 17.70
CA GLU E 300 -16.54 8.00 16.93
C GLU E 300 -17.73 7.85 16.00
N ARG E 301 -18.92 8.22 16.46
CA ARG E 301 -20.10 8.04 15.63
C ARG E 301 -20.19 9.11 14.54
N TYR E 302 -19.67 10.31 14.78
CA TYR E 302 -19.59 11.29 13.70
C TYR E 302 -18.52 10.89 12.68
N ALA E 303 -17.43 10.26 13.13
CA ALA E 303 -16.48 9.71 12.16
C ALA E 303 -17.13 8.59 11.33
N GLU E 304 -17.97 7.78 11.95
CA GLU E 304 -18.68 6.76 11.18
C GLU E 304 -19.67 7.38 10.21
N ILE E 305 -20.36 8.45 10.62
CA ILE E 305 -21.31 9.14 9.75
C ILE E 305 -20.59 9.71 8.55
N ALA E 306 -19.35 10.17 8.72
CA ALA E 306 -18.56 10.66 7.59
C ALA E 306 -18.41 9.57 6.53
N ALA E 307 -18.14 8.35 6.95
CA ALA E 307 -18.04 7.23 6.01
C ALA E 307 -19.40 6.88 5.42
N PHE E 308 -20.45 6.84 6.25
CA PHE E 308 -21.79 6.55 5.72
C PHE E 308 -22.19 7.56 4.66
N LEU E 309 -21.67 8.78 4.76
CA LEU E 309 -22.01 9.87 3.85
C LEU E 309 -21.12 9.90 2.62
N GLY E 310 -20.28 8.87 2.42
CA GLY E 310 -19.47 8.77 1.23
C GLY E 310 -18.08 9.36 1.32
N GLU E 311 -17.68 9.87 2.48
CA GLU E 311 -16.40 10.50 2.61
C GLU E 311 -15.31 9.46 2.79
N ASN E 312 -14.11 9.78 2.30
CA ASN E 312 -12.94 8.96 2.52
C ASN E 312 -12.25 9.40 3.80
N VAL E 313 -12.03 8.47 4.71
CA VAL E 313 -11.45 8.77 6.01
C VAL E 313 -10.08 8.10 6.19
N ASP E 314 -9.45 7.69 5.10
CA ASP E 314 -8.20 6.95 5.17
C ASP E 314 -7.07 7.83 5.71
N GLY E 315 -6.33 7.29 6.69
CA GLY E 315 -5.20 8.01 7.23
C GLY E 315 -5.56 9.15 8.14
N LEU E 316 -6.79 9.19 8.64
CA LEU E 316 -7.27 10.31 9.43
C LEU E 316 -7.53 9.86 10.86
N SER E 317 -7.35 10.79 11.79
CA SER E 317 -7.77 10.56 13.16
C SER E 317 -9.30 10.55 13.23
N THR E 318 -9.82 9.96 14.31
CA THR E 318 -11.26 9.99 14.50
C THR E 318 -11.80 11.42 14.47
N TYR E 319 -11.03 12.38 14.99
CA TYR E 319 -11.47 13.77 15.08
C TYR E 319 -11.60 14.40 13.70
N ASP E 320 -10.58 14.22 12.85
CA ASP E 320 -10.61 14.81 11.52
C ASP E 320 -11.69 14.18 10.65
N ALA E 321 -11.98 12.88 10.83
CA ALA E 321 -13.06 12.26 10.07
C ALA E 321 -14.42 12.75 10.54
N ALA E 322 -14.60 12.87 11.86
CA ALA E 322 -15.85 13.41 12.35
C ALA E 322 -16.05 14.83 11.82
N GLU E 323 -14.95 15.55 11.65
CA GLU E 323 -14.99 16.91 11.12
C GLU E 323 -15.35 16.91 9.62
N LYS E 324 -14.86 15.91 8.89
CA LYS E 324 -15.26 15.76 7.50
C LYS E 324 -16.75 15.46 7.37
N ALA E 325 -17.36 14.87 8.39
CA ALA E 325 -18.78 14.58 8.30
C ALA E 325 -19.60 15.88 8.29
N ILE E 326 -19.27 16.80 9.20
CA ILE E 326 -19.95 18.09 9.21
C ILE E 326 -19.72 18.81 7.89
N LYS E 327 -18.51 18.68 7.33
CA LYS E 327 -18.27 19.32 6.03
C LYS E 327 -19.16 18.71 4.95
N ALA E 328 -19.40 17.40 5.03
CA ALA E 328 -20.28 16.76 4.05
C ALA E 328 -21.73 17.20 4.22
N ILE E 329 -22.17 17.39 5.47
CA ILE E 329 -23.52 17.91 5.70
C ILE E 329 -23.66 19.30 5.11
N GLU E 330 -22.64 20.15 5.29
CA GLU E 330 -22.69 21.50 4.75
C GLU E 330 -22.74 21.47 3.23
N ARG E 331 -21.95 20.58 2.61
CA ARG E 331 -21.94 20.50 1.16
C ARG E 331 -23.28 20.01 0.64
N MET E 332 -23.90 19.05 1.33
CA MET E 332 -25.21 18.57 0.90
C MET E 332 -26.25 19.68 1.01
N ALA E 333 -26.21 20.47 2.07
CA ALA E 333 -27.20 21.55 2.26
C ALA E 333 -27.03 22.62 1.18
N LYS E 334 -25.79 22.89 0.78
CA LYS E 334 -25.51 23.92 -0.24
C LYS E 334 -25.93 23.43 -1.63
N ASP E 335 -25.73 22.16 -1.94
CA ASP E 335 -26.03 21.63 -3.29
C ASP E 335 -27.54 21.53 -3.48
N LEU E 336 -28.29 21.51 -2.38
CA LEU E 336 -29.78 21.45 -2.46
C LEU E 336 -30.37 22.82 -2.15
N ASN E 337 -29.59 23.89 -2.33
CA ASN E 337 -30.07 25.29 -2.18
C ASN E 337 -30.78 25.54 -0.84
N ILE E 338 -30.16 25.13 0.25
CA ILE E 338 -30.75 25.40 1.59
C ILE E 338 -30.10 26.67 2.13
N PRO E 339 -30.90 27.67 2.56
CA PRO E 339 -30.36 28.91 3.13
C PRO E 339 -29.20 28.69 4.09
N LYS E 340 -28.23 29.58 4.03
CA LYS E 340 -27.05 29.54 4.90
C LYS E 340 -27.37 29.92 6.35
N GLY E 341 -28.31 30.84 6.57
CA GLY E 341 -28.64 31.27 7.93
C GLY E 341 -30.08 31.69 8.13
N PHE E 342 -30.42 32.21 9.30
CA PHE E 342 -31.80 32.52 9.62
C PHE E 342 -32.15 34.00 9.48
N LYS E 343 -31.18 34.91 9.57
CA LYS E 343 -31.50 36.34 9.47
C LYS E 343 -31.93 36.70 8.05
N GLU E 344 -31.37 36.04 7.04
CA GLU E 344 -31.85 36.22 5.67
C GLU E 344 -33.33 35.86 5.54
N LEU E 345 -33.79 34.88 6.32
CA LEU E 345 -35.18 34.46 6.24
C LEU E 345 -36.10 35.33 7.10
N GLY E 346 -35.53 36.08 8.03
CA GLY E 346 -36.34 36.99 8.82
C GLY E 346 -36.21 36.79 10.31
N ALA E 347 -35.26 35.96 10.73
CA ALA E 347 -35.14 35.69 12.15
C ALA E 347 -34.71 36.95 12.88
N LYS E 348 -35.16 37.10 14.13
CA LYS E 348 -34.88 38.35 14.88
C LYS E 348 -33.84 38.10 15.98
N GLU E 349 -32.87 39.00 16.11
CA GLU E 349 -31.78 38.83 17.10
C GLU E 349 -32.29 39.16 18.50
N GLU E 350 -33.53 39.63 18.59
CA GLU E 350 -34.13 40.00 19.91
C GLU E 350 -34.83 38.78 20.51
N ASP E 351 -35.10 37.76 19.71
CA ASP E 351 -35.89 36.60 20.20
C ASP E 351 -34.95 35.45 20.57
N ILE E 352 -33.64 35.65 20.45
CA ILE E 352 -32.68 34.52 20.64
C ILE E 352 -32.77 34.02 22.08
N GLU E 353 -32.92 34.92 23.04
CA GLU E 353 -32.89 34.48 24.46
C GLU E 353 -34.11 33.64 24.78
N THR E 354 -35.25 33.95 24.17
CA THR E 354 -36.50 33.22 24.47
C THR E 354 -36.44 31.91 23.69
N LEU E 355 -36.03 32.00 22.44
CA LEU E 355 -35.89 30.78 21.59
C LEU E 355 -35.00 29.78 22.34
N ALA E 356 -33.88 30.23 22.88
CA ALA E 356 -32.97 29.30 23.54
C ALA E 356 -33.58 28.76 24.82
N LYS E 357 -34.24 29.61 25.61
CA LYS E 357 -34.86 29.12 26.85
C LYS E 357 -35.96 28.12 26.57
N ASN E 358 -36.76 28.36 25.53
CA ASN E 358 -37.85 27.44 25.19
C ASN E 358 -37.31 26.12 24.64
N ALA E 359 -36.16 26.17 23.94
CA ALA E 359 -35.59 24.94 23.41
C ALA E 359 -35.13 23.98 24.52
N MET E 360 -34.63 24.51 25.63
CA MET E 360 -34.20 23.62 26.71
C MET E 360 -35.37 22.99 27.44
N LYS E 361 -36.59 23.39 27.09
CA LYS E 361 -37.81 22.85 27.67
C LYS E 361 -38.46 21.85 26.73
N ASP E 362 -37.94 21.72 25.52
CA ASP E 362 -38.38 20.71 24.59
C ASP E 362 -37.90 19.34 25.06
N ALA E 363 -38.72 18.31 24.84
CA ALA E 363 -38.36 16.97 25.27
C ALA E 363 -37.24 16.39 24.43
N CYS E 364 -37.13 16.84 23.17
CA CYS E 364 -36.09 16.35 22.27
C CYS E 364 -34.69 16.63 22.79
N ALA E 365 -34.51 17.62 23.65
CA ALA E 365 -33.19 17.90 24.19
C ALA E 365 -32.75 16.84 25.20
N LEU E 366 -33.67 16.05 25.75
CA LEU E 366 -33.29 15.11 26.81
C LEU E 366 -32.36 14.03 26.31
N THR E 367 -32.34 13.74 25.01
CA THR E 367 -31.52 12.67 24.46
C THR E 367 -30.28 13.19 23.74
N ASN E 368 -30.08 14.51 23.70
CA ASN E 368 -28.87 15.07 23.10
C ASN E 368 -27.64 14.58 23.86
N PRO E 369 -26.59 14.16 23.15
CA PRO E 369 -25.43 13.56 23.84
C PRO E 369 -24.62 14.52 24.68
N ARG E 370 -24.59 15.81 24.34
CA ARG E 370 -23.91 16.82 25.15
C ARG E 370 -24.94 17.68 25.87
N LYS E 371 -24.77 17.80 27.18
CA LYS E 371 -25.73 18.57 28.01
C LYS E 371 -25.23 20.02 28.08
N PRO E 372 -25.95 20.99 27.49
CA PRO E 372 -25.46 22.36 27.43
C PRO E 372 -25.90 23.36 28.50
N LYS E 373 -25.39 24.58 28.41
CA LYS E 373 -25.87 25.68 29.28
C LYS E 373 -26.66 26.61 28.37
N LEU E 374 -27.42 27.53 28.92
CA LEU E 374 -28.27 28.38 28.04
C LEU E 374 -27.35 29.12 27.07
N GLU E 375 -26.23 29.63 27.56
CA GLU E 375 -25.29 30.39 26.72
C GLU E 375 -24.95 29.56 25.49
N GLU E 376 -24.74 28.27 25.69
CA GLU E 376 -24.33 27.39 24.58
C GLU E 376 -25.46 27.32 23.54
N VAL E 377 -26.69 27.03 23.97
CA VAL E 377 -27.83 27.07 23.06
C VAL E 377 -27.95 28.44 22.40
N ILE E 378 -27.72 29.52 23.17
CA ILE E 378 -27.79 30.86 22.62
C ILE E 378 -26.75 31.05 21.53
N GLN E 379 -25.53 30.61 21.81
CA GLN E 379 -24.43 30.74 20.87
C GLN E 379 -24.70 29.95 19.61
N ILE E 380 -25.27 28.75 19.74
CA ILE E 380 -25.63 28.00 18.55
C ILE E 380 -26.61 28.81 17.71
N ILE E 381 -27.64 29.36 18.37
CA ILE E 381 -28.66 30.10 17.62
C ILE E 381 -28.02 31.34 16.97
N LYS E 382 -27.08 31.97 17.66
CA LYS E 382 -26.37 33.13 17.10
C LYS E 382 -25.50 32.74 15.92
N ASN E 383 -24.81 31.61 16.01
CA ASN E 383 -23.97 31.15 14.91
C ASN E 383 -24.82 30.82 13.68
N ALA E 384 -26.04 30.35 13.90
CA ALA E 384 -26.96 30.04 12.82
C ALA E 384 -27.74 31.26 12.33
N MET E 385 -27.53 32.43 12.95
CA MET E 385 -28.22 33.63 12.52
C MET E 385 -27.64 34.13 11.20
N LEU E 386 -26.32 34.29 11.13
CA LEU E 386 -25.67 34.61 9.84
C LEU E 386 -25.21 33.33 9.16
N ASN F 3 -6.17 -4.59 -46.08
CA ASN F 3 -6.63 -3.21 -45.92
C ASN F 3 -6.93 -2.91 -44.45
N THR F 4 -6.95 -1.63 -44.12
CA THR F 4 -7.40 -1.19 -42.81
C THR F 4 -8.89 -0.86 -42.83
N GLN F 5 -9.61 -1.38 -43.81
CA GLN F 5 -11.02 -1.10 -44.00
C GLN F 5 -11.87 -2.06 -43.19
N SER F 6 -13.05 -1.58 -42.77
CA SER F 6 -13.99 -2.42 -42.04
C SER F 6 -15.42 -1.95 -42.29
N ALA F 7 -16.37 -2.73 -41.77
CA ALA F 7 -17.78 -2.44 -41.94
C ALA F 7 -18.52 -2.93 -40.69
N PHE F 8 -19.62 -2.26 -40.37
CA PHE F 8 -20.47 -2.64 -39.26
C PHE F 8 -21.88 -2.84 -39.77
N PHE F 9 -22.44 -4.03 -39.52
CA PHE F 9 -23.75 -4.41 -40.02
C PHE F 9 -24.68 -4.74 -38.86
N MET F 10 -25.94 -4.34 -38.99
CA MET F 10 -27.00 -4.67 -38.05
C MET F 10 -28.31 -4.18 -38.64
N PRO F 11 -29.44 -4.74 -38.21
CA PRO F 11 -30.74 -4.24 -38.69
C PRO F 11 -30.93 -2.76 -38.41
N SER F 12 -31.65 -2.08 -39.31
CA SER F 12 -31.90 -0.66 -39.14
C SER F 12 -32.72 -0.34 -37.91
N VAL F 13 -33.62 -1.24 -37.50
CA VAL F 13 -34.47 -1.03 -36.34
C VAL F 13 -34.42 -2.27 -35.44
N ASN F 14 -34.15 -2.05 -34.16
CA ASN F 14 -33.97 -3.13 -33.20
C ASN F 14 -34.74 -2.76 -31.95
N LEU F 15 -35.78 -3.52 -31.64
CA LEU F 15 -36.67 -3.21 -30.53
C LEU F 15 -36.26 -4.04 -29.34
N PHE F 16 -36.30 -3.43 -28.14
CA PHE F 16 -35.93 -4.07 -26.89
C PHE F 16 -36.99 -3.83 -25.83
N GLY F 17 -37.01 -4.68 -24.82
CA GLY F 17 -37.79 -4.39 -23.64
C GLY F 17 -39.07 -5.22 -23.58
N ALA F 18 -39.61 -5.31 -22.37
CA ALA F 18 -40.84 -6.07 -22.12
C ALA F 18 -42.00 -5.50 -22.93
N GLY F 19 -42.63 -6.36 -23.74
CA GLY F 19 -43.79 -5.98 -24.53
C GLY F 19 -43.51 -5.58 -25.95
N SER F 20 -42.24 -5.54 -26.36
CA SER F 20 -41.89 -5.08 -27.71
C SER F 20 -42.51 -5.97 -28.78
N VAL F 21 -42.81 -7.24 -28.46
CA VAL F 21 -43.35 -8.13 -29.47
C VAL F 21 -44.72 -7.67 -29.94
N ASN F 22 -45.43 -6.89 -29.11
CA ASN F 22 -46.73 -6.38 -29.47
C ASN F 22 -46.67 -5.38 -30.60
N GLU F 23 -45.49 -5.12 -31.13
CA GLU F 23 -45.36 -4.19 -32.24
C GLU F 23 -45.16 -4.90 -33.57
N VAL F 24 -44.96 -6.22 -33.54
CA VAL F 24 -44.53 -6.94 -34.74
C VAL F 24 -45.45 -6.66 -35.92
N GLY F 25 -46.76 -6.75 -35.68
CA GLY F 25 -47.71 -6.56 -36.76
C GLY F 25 -47.56 -5.20 -37.41
N THR F 26 -47.62 -4.14 -36.60
CA THR F 26 -47.48 -2.81 -37.19
C THR F 26 -46.17 -2.71 -37.95
N ARG F 27 -45.08 -3.22 -37.36
CA ARG F 27 -43.78 -3.09 -38.03
C ARG F 27 -43.79 -3.84 -39.35
N LEU F 28 -44.35 -5.04 -39.34
CA LEU F 28 -44.43 -5.82 -40.57
C LEU F 28 -45.28 -5.09 -41.61
N ALA F 29 -46.35 -4.42 -41.15
CA ALA F 29 -47.20 -3.68 -42.06
C ALA F 29 -46.45 -2.50 -42.68
N ASP F 30 -45.58 -1.83 -41.90
CA ASP F 30 -44.88 -0.67 -42.44
C ASP F 30 -43.96 -1.03 -43.60
N LEU F 31 -43.55 -2.28 -43.66
CA LEU F 31 -42.64 -2.74 -44.75
C LEU F 31 -43.45 -2.92 -46.04
N GLY F 32 -44.77 -2.92 -45.92
CA GLY F 32 -45.65 -3.07 -47.10
C GLY F 32 -45.75 -4.51 -47.55
N VAL F 33 -45.47 -5.45 -46.65
CA VAL F 33 -45.56 -6.89 -46.98
C VAL F 33 -46.99 -7.35 -46.72
N LYS F 34 -47.41 -8.49 -47.27
CA LYS F 34 -48.83 -8.88 -47.16
C LYS F 34 -49.01 -10.29 -46.60
N LYS F 35 -48.09 -11.21 -46.87
CA LYS F 35 -48.17 -12.58 -46.29
C LYS F 35 -46.80 -13.01 -45.78
N ALA F 36 -46.71 -13.40 -44.51
CA ALA F 36 -45.47 -13.80 -43.89
C ALA F 36 -45.52 -15.26 -43.47
N LEU F 37 -44.42 -15.97 -43.70
CA LEU F 37 -44.23 -17.31 -43.16
C LEU F 37 -43.60 -17.19 -41.76
N LEU F 38 -44.33 -17.64 -40.75
CA LEU F 38 -43.88 -17.63 -39.36
C LEU F 38 -43.08 -18.91 -39.11
N VAL F 39 -41.75 -18.77 -39.06
CA VAL F 39 -40.84 -19.89 -38.83
C VAL F 39 -40.58 -20.00 -37.33
N THR F 40 -40.93 -21.16 -36.76
CA THR F 40 -40.70 -21.40 -35.34
C THR F 40 -40.36 -22.89 -35.14
N ASP F 41 -40.21 -23.30 -33.89
CA ASP F 41 -39.96 -24.71 -33.60
C ASP F 41 -41.21 -25.33 -33.00
N ALA F 42 -41.20 -26.66 -32.92
CA ALA F 42 -42.37 -27.39 -32.49
C ALA F 42 -42.73 -27.11 -31.05
N GLY F 43 -41.72 -26.92 -30.19
CA GLY F 43 -42.02 -26.65 -28.79
C GLY F 43 -42.74 -25.34 -28.59
N LEU F 44 -42.23 -24.27 -29.21
CA LEU F 44 -42.85 -22.97 -29.05
C LEU F 44 -44.21 -22.89 -29.74
N HIS F 45 -44.39 -23.65 -30.83
CA HIS F 45 -45.69 -23.73 -31.47
C HIS F 45 -46.70 -24.46 -30.57
N GLY F 46 -46.26 -25.53 -29.92
CA GLY F 46 -47.12 -26.19 -28.96
C GLY F 46 -47.39 -25.35 -27.72
N LEU F 47 -46.55 -24.37 -27.45
CA LEU F 47 -46.75 -23.50 -26.28
C LEU F 47 -47.80 -22.41 -26.51
N GLY F 48 -48.20 -22.18 -27.76
CA GLY F 48 -49.19 -21.18 -28.10
C GLY F 48 -48.60 -19.86 -28.56
N LEU F 49 -47.27 -19.74 -28.55
CA LEU F 49 -46.62 -18.48 -28.92
C LEU F 49 -46.82 -18.18 -30.41
N SER F 50 -46.77 -19.21 -31.24
CA SER F 50 -46.98 -19.00 -32.67
C SER F 50 -48.32 -18.35 -32.93
N GLU F 51 -49.38 -18.81 -32.24
CA GLU F 51 -50.71 -18.27 -32.47
C GLU F 51 -50.84 -16.87 -31.90
N LYS F 52 -50.22 -16.61 -30.75
CA LYS F 52 -50.23 -15.27 -30.17
C LYS F 52 -49.62 -14.26 -31.13
N ILE F 53 -48.48 -14.61 -31.73
CA ILE F 53 -47.82 -13.69 -32.64
C ILE F 53 -48.61 -13.57 -33.94
N SER F 54 -49.14 -14.69 -34.45
CA SER F 54 -49.95 -14.65 -35.66
C SER F 54 -51.16 -13.75 -35.49
N SER F 55 -51.77 -13.78 -34.30
CA SER F 55 -52.91 -12.91 -34.01
C SER F 55 -52.50 -11.44 -34.03
N ILE F 56 -51.38 -11.11 -33.39
CA ILE F 56 -50.91 -9.72 -33.44
C ILE F 56 -50.67 -9.30 -34.90
N ILE F 57 -50.13 -10.20 -35.71
CA ILE F 57 -49.82 -9.84 -37.10
C ILE F 57 -51.10 -9.63 -37.90
N ARG F 58 -52.07 -10.55 -37.77
CA ARG F 58 -53.31 -10.44 -38.52
C ARG F 58 -54.13 -9.23 -38.08
N ALA F 59 -54.04 -8.84 -36.79
CA ALA F 59 -54.75 -7.66 -36.34
C ALA F 59 -54.17 -6.38 -36.92
N ALA F 60 -53.16 -6.52 -37.80
CA ALA F 60 -52.55 -5.40 -38.50
C ALA F 60 -52.69 -5.55 -40.00
N GLY F 61 -53.47 -6.51 -40.48
CA GLY F 61 -53.75 -6.61 -41.89
C GLY F 61 -52.76 -7.41 -42.71
N VAL F 62 -51.89 -8.19 -42.07
CA VAL F 62 -50.94 -9.05 -42.76
C VAL F 62 -51.36 -10.50 -42.55
N GLU F 63 -51.24 -11.30 -43.61
CA GLU F 63 -51.58 -12.72 -43.52
C GLU F 63 -50.39 -13.51 -42.97
N VAL F 64 -50.70 -14.65 -42.34
CA VAL F 64 -49.69 -15.46 -41.67
C VAL F 64 -49.88 -16.92 -42.05
N SER F 65 -48.79 -17.59 -42.39
CA SER F 65 -48.75 -19.04 -42.56
C SER F 65 -47.65 -19.59 -41.68
N ILE F 66 -48.01 -20.45 -40.71
CA ILE F 66 -47.05 -20.92 -39.73
C ILE F 66 -46.30 -22.12 -40.27
N PHE F 67 -44.96 -22.09 -40.15
CA PHE F 67 -44.06 -23.20 -40.48
C PHE F 67 -43.34 -23.60 -39.21
N PRO F 68 -43.92 -24.47 -38.37
CA PRO F 68 -43.32 -24.78 -37.07
C PRO F 68 -42.40 -25.99 -37.08
N LYS F 69 -41.58 -26.12 -38.13
CA LYS F 69 -40.79 -27.34 -38.31
C LYS F 69 -39.28 -27.10 -38.27
N ALA F 70 -38.84 -25.96 -37.74
CA ALA F 70 -37.42 -25.74 -37.57
C ALA F 70 -36.91 -26.55 -36.38
N GLU F 71 -35.82 -27.29 -36.59
CA GLU F 71 -35.33 -28.15 -35.54
C GLU F 71 -34.09 -27.55 -34.88
N PRO F 72 -33.87 -27.82 -33.59
CA PRO F 72 -32.61 -27.44 -32.97
C PRO F 72 -31.44 -27.95 -33.81
N ASN F 73 -30.54 -27.01 -34.18
CA ASN F 73 -29.55 -27.20 -35.22
C ASN F 73 -30.31 -27.42 -36.53
N PRO F 74 -30.88 -26.36 -37.12
CA PRO F 74 -31.75 -26.54 -38.28
C PRO F 74 -31.01 -27.16 -39.46
N THR F 75 -31.74 -27.92 -40.27
CA THR F 75 -31.14 -28.71 -41.32
C THR F 75 -31.52 -28.16 -42.69
N ASP F 76 -30.76 -28.61 -43.70
CA ASP F 76 -31.08 -28.27 -45.07
C ASP F 76 -32.47 -28.76 -45.44
N LYS F 77 -32.89 -29.90 -44.87
CA LYS F 77 -34.24 -30.41 -45.15
C LYS F 77 -35.31 -29.49 -44.58
N ASN F 78 -35.10 -28.98 -43.37
CA ASN F 78 -36.02 -28.00 -42.81
C ASN F 78 -36.15 -26.79 -43.73
N VAL F 79 -35.02 -26.34 -44.29
CA VAL F 79 -35.01 -25.15 -45.14
C VAL F 79 -35.72 -25.42 -46.46
N ALA F 80 -35.46 -26.58 -47.07
CA ALA F 80 -36.13 -26.95 -48.32
C ALA F 80 -37.64 -27.04 -48.12
N GLU F 81 -38.07 -27.72 -47.05
CA GLU F 81 -39.49 -27.80 -46.72
C GLU F 81 -40.09 -26.42 -46.48
N GLY F 82 -39.34 -25.53 -45.82
CA GLY F 82 -39.83 -24.20 -45.55
C GLY F 82 -39.97 -23.38 -46.82
N LEU F 83 -39.02 -23.51 -47.74
CA LEU F 83 -39.14 -22.83 -49.02
C LEU F 83 -40.35 -23.33 -49.80
N GLU F 84 -40.62 -24.64 -49.74
CA GLU F 84 -41.82 -25.17 -50.38
C GLU F 84 -43.07 -24.52 -49.80
N ALA F 85 -43.13 -24.41 -48.47
CA ALA F 85 -44.29 -23.77 -47.85
C ALA F 85 -44.37 -22.29 -48.23
N TYR F 86 -43.23 -21.59 -48.23
CA TYR F 86 -43.17 -20.19 -48.61
C TYR F 86 -43.80 -19.96 -49.97
N ASN F 87 -43.49 -20.82 -50.93
CA ASN F 87 -43.98 -20.62 -52.28
C ASN F 87 -45.42 -21.09 -52.45
N ALA F 88 -45.80 -22.20 -51.81
CA ALA F 88 -47.16 -22.73 -51.97
C ALA F 88 -48.20 -21.75 -51.47
N GLU F 89 -47.91 -21.03 -50.39
CA GLU F 89 -48.84 -20.06 -49.85
C GLU F 89 -48.61 -18.65 -50.37
N ASN F 90 -47.76 -18.48 -51.38
CA ASN F 90 -47.48 -17.16 -51.96
C ASN F 90 -47.17 -16.14 -50.88
N CYS F 91 -46.13 -16.44 -50.11
CA CYS F 91 -45.69 -15.55 -49.05
C CYS F 91 -44.71 -14.55 -49.62
N ASP F 92 -44.74 -13.33 -49.09
CA ASP F 92 -43.81 -12.30 -49.50
C ASP F 92 -42.88 -11.85 -48.39
N SER F 93 -42.99 -12.41 -47.20
CA SER F 93 -42.10 -12.04 -46.10
C SER F 93 -41.96 -13.22 -45.14
N ILE F 94 -41.03 -13.08 -44.20
CA ILE F 94 -40.77 -14.11 -43.19
C ILE F 94 -40.67 -13.45 -41.82
N VAL F 95 -41.28 -14.08 -40.82
CA VAL F 95 -41.14 -13.70 -39.42
C VAL F 95 -40.60 -14.92 -38.68
N THR F 96 -39.44 -14.80 -38.04
CA THR F 96 -38.88 -15.88 -37.23
C THR F 96 -39.24 -15.63 -35.79
N LEU F 97 -39.69 -16.67 -35.09
CA LEU F 97 -40.06 -16.58 -33.68
C LEU F 97 -39.40 -17.71 -32.93
N GLY F 98 -38.51 -17.37 -32.01
CA GLY F 98 -37.85 -18.40 -31.23
C GLY F 98 -36.40 -18.10 -30.98
N GLY F 99 -35.58 -19.15 -30.96
CA GLY F 99 -34.15 -19.03 -30.79
C GLY F 99 -33.42 -19.06 -32.13
N GLY F 100 -32.11 -19.32 -32.05
CA GLY F 100 -31.28 -19.26 -33.24
C GLY F 100 -31.65 -20.24 -34.33
N SER F 101 -32.19 -21.41 -33.96
CA SER F 101 -32.57 -22.37 -35.00
C SER F 101 -33.70 -21.83 -35.87
N SER F 102 -34.68 -21.16 -35.25
CA SER F 102 -35.77 -20.60 -36.03
C SER F 102 -35.27 -19.41 -36.85
N HIS F 103 -34.41 -18.58 -36.26
CA HIS F 103 -33.90 -17.43 -36.98
C HIS F 103 -33.11 -17.87 -38.20
N ASP F 104 -32.24 -18.87 -38.02
CA ASP F 104 -31.39 -19.30 -39.13
C ASP F 104 -32.18 -20.05 -40.20
N ALA F 105 -33.15 -20.86 -39.79
CA ALA F 105 -34.02 -21.49 -40.78
C ALA F 105 -34.71 -20.43 -41.62
N GLY F 106 -35.28 -19.41 -40.96
CA GLY F 106 -35.95 -18.34 -41.70
C GLY F 106 -35.01 -17.55 -42.60
N LYS F 107 -33.82 -17.19 -42.09
CA LYS F 107 -32.84 -16.45 -42.89
C LYS F 107 -32.46 -17.26 -44.14
N ALA F 108 -32.25 -18.56 -43.96
CA ALA F 108 -31.88 -19.42 -45.09
C ALA F 108 -33.02 -19.50 -46.11
N ILE F 109 -34.25 -19.70 -45.63
CA ILE F 109 -35.40 -19.74 -46.54
C ILE F 109 -35.48 -18.45 -47.33
N ALA F 110 -35.32 -17.30 -46.66
CA ALA F 110 -35.45 -16.01 -47.33
C ALA F 110 -34.35 -15.80 -48.38
N LEU F 111 -33.12 -16.20 -48.04
CA LEU F 111 -32.01 -16.04 -48.97
C LEU F 111 -32.21 -16.91 -50.19
N VAL F 112 -32.57 -18.17 -50.00
CA VAL F 112 -32.78 -19.04 -51.15
C VAL F 112 -33.98 -18.56 -51.97
N ALA F 113 -35.00 -18.01 -51.31
CA ALA F 113 -36.15 -17.48 -52.03
C ALA F 113 -35.82 -16.24 -52.84
N ALA F 114 -34.70 -15.57 -52.55
CA ALA F 114 -34.33 -14.38 -53.31
C ALA F 114 -33.16 -14.58 -54.25
N ASN F 115 -32.38 -15.64 -54.07
CA ASN F 115 -31.20 -15.93 -54.88
C ASN F 115 -31.29 -17.24 -55.65
N GLY F 116 -32.20 -18.13 -55.26
CA GLY F 116 -32.41 -19.41 -55.92
C GLY F 116 -31.45 -20.46 -55.38
N GLY F 117 -31.18 -21.45 -56.23
CA GLY F 117 -30.26 -22.49 -55.82
C GLY F 117 -30.73 -23.27 -54.61
N LYS F 118 -29.77 -23.67 -53.77
CA LYS F 118 -30.01 -24.30 -52.49
C LYS F 118 -29.10 -23.64 -51.46
N ILE F 119 -29.41 -23.86 -50.17
CA ILE F 119 -28.68 -23.17 -49.11
C ILE F 119 -27.19 -23.52 -49.11
N HIS F 120 -26.85 -24.76 -49.50
CA HIS F 120 -25.45 -25.17 -49.54
C HIS F 120 -24.63 -24.29 -50.46
N ASP F 121 -25.27 -23.67 -51.46
CA ASP F 121 -24.57 -22.83 -52.41
C ASP F 121 -23.98 -21.58 -51.77
N TYR F 122 -24.48 -21.19 -50.60
CA TYR F 122 -24.06 -19.93 -50.01
C TYR F 122 -23.14 -20.13 -48.80
N GLU F 123 -22.67 -21.34 -48.55
CA GLU F 123 -21.67 -21.54 -47.51
C GLU F 123 -20.39 -20.79 -47.84
N GLY F 124 -19.95 -19.95 -46.90
CA GLY F 124 -18.78 -19.12 -47.12
C GLY F 124 -19.08 -17.69 -46.73
N VAL F 125 -18.44 -16.74 -47.42
CA VAL F 125 -18.50 -15.32 -47.07
C VAL F 125 -19.08 -14.55 -48.26
N ASP F 126 -20.21 -13.88 -48.04
CA ASP F 126 -20.85 -12.98 -49.00
C ASP F 126 -20.91 -13.58 -50.40
N VAL F 127 -21.39 -14.81 -50.50
CA VAL F 127 -21.39 -15.50 -51.79
C VAL F 127 -22.64 -15.21 -52.60
N SER F 128 -23.70 -14.71 -51.96
CA SER F 128 -24.94 -14.52 -52.70
C SER F 128 -24.97 -13.15 -53.35
N LYS F 129 -25.91 -12.97 -54.26
CA LYS F 129 -26.01 -11.76 -55.07
C LYS F 129 -27.15 -10.87 -54.67
N GLU F 130 -28.24 -11.49 -54.17
CA GLU F 130 -29.40 -10.63 -53.87
C GLU F 130 -29.71 -10.62 -52.37
N PRO F 131 -30.24 -9.50 -51.84
CA PRO F 131 -30.71 -9.51 -50.46
C PRO F 131 -31.92 -10.42 -50.27
N MET F 132 -32.04 -10.94 -49.05
CA MET F 132 -33.10 -11.90 -48.78
C MET F 132 -34.44 -11.17 -48.68
N VAL F 133 -35.51 -11.96 -48.70
CA VAL F 133 -36.85 -11.40 -48.68
C VAL F 133 -37.04 -10.76 -47.31
N PRO F 134 -37.94 -9.78 -47.17
CA PRO F 134 -38.16 -9.13 -45.87
C PRO F 134 -38.32 -10.15 -44.75
N LEU F 135 -37.65 -9.87 -43.62
CA LEU F 135 -37.67 -10.76 -42.47
C LEU F 135 -37.63 -9.94 -41.20
N ILE F 136 -38.52 -10.26 -40.27
CA ILE F 136 -38.51 -9.71 -38.91
C ILE F 136 -38.21 -10.86 -37.94
N ALA F 137 -37.23 -10.65 -37.05
CA ALA F 137 -36.76 -11.70 -36.15
C ALA F 137 -37.14 -11.42 -34.70
N ILE F 138 -37.92 -12.32 -34.07
CA ILE F 138 -38.34 -12.22 -32.69
C ILE F 138 -37.58 -13.26 -31.88
N ASN F 139 -36.73 -12.79 -30.98
CA ASN F 139 -35.80 -13.64 -30.27
C ASN F 139 -36.36 -14.09 -28.92
N THR F 140 -36.20 -15.37 -28.60
CA THR F 140 -36.68 -15.91 -27.33
C THR F 140 -35.62 -16.61 -26.49
N THR F 141 -34.38 -16.70 -26.96
CA THR F 141 -33.30 -17.23 -26.13
C THR F 141 -32.27 -16.13 -25.88
N ALA F 142 -31.55 -16.24 -24.76
CA ALA F 142 -30.59 -15.22 -24.39
C ALA F 142 -29.17 -15.70 -24.68
N GLY F 143 -28.88 -15.89 -25.96
CA GLY F 143 -27.50 -16.12 -26.32
C GLY F 143 -27.07 -16.10 -27.78
N THR F 144 -27.99 -16.23 -28.72
CA THR F 144 -27.61 -16.38 -30.14
C THR F 144 -27.27 -15.04 -30.79
N GLY F 145 -28.18 -14.06 -30.72
CA GLY F 145 -28.02 -12.82 -31.43
C GLY F 145 -28.37 -12.85 -32.91
N SER F 146 -28.87 -13.98 -33.43
CA SER F 146 -29.14 -14.11 -34.86
C SER F 146 -30.19 -13.13 -35.37
N GLU F 147 -31.01 -12.56 -34.49
CA GLU F 147 -31.90 -11.49 -34.93
C GLU F 147 -31.13 -10.26 -35.42
N LEU F 148 -29.82 -10.20 -35.21
CA LEU F 148 -29.01 -9.06 -35.61
C LEU F 148 -27.88 -9.42 -36.57
N THR F 149 -27.59 -10.69 -36.77
CA THR F 149 -26.35 -11.05 -37.44
C THR F 149 -26.57 -11.35 -38.91
N LYS F 150 -25.46 -11.38 -39.64
CA LYS F 150 -25.44 -11.81 -41.02
C LYS F 150 -24.96 -13.25 -41.14
N PHE F 151 -25.27 -14.06 -40.11
CA PHE F 151 -24.87 -15.45 -40.02
C PHE F 151 -26.12 -16.30 -40.04
N THR F 152 -26.10 -17.37 -40.82
CA THR F 152 -27.10 -18.43 -40.70
C THR F 152 -26.37 -19.77 -40.76
N ILE F 153 -26.58 -20.59 -39.73
CA ILE F 153 -25.87 -21.87 -39.56
C ILE F 153 -26.85 -22.99 -39.90
N ILE F 154 -26.70 -23.58 -41.07
CA ILE F 154 -27.58 -24.65 -41.52
C ILE F 154 -26.77 -25.94 -41.68
N THR F 155 -27.35 -27.06 -41.30
CA THR F 155 -26.60 -28.31 -41.29
C THR F 155 -26.71 -29.05 -42.62
N ASP F 156 -25.56 -29.36 -43.21
CA ASP F 156 -25.45 -30.34 -44.28
C ASP F 156 -25.56 -31.73 -43.64
N THR F 157 -26.70 -32.38 -43.85
CA THR F 157 -26.97 -33.69 -43.23
C THR F 157 -26.10 -34.78 -43.83
N GLU F 158 -25.64 -34.59 -45.06
CA GLU F 158 -24.86 -35.63 -45.71
C GLU F 158 -23.40 -35.57 -45.28
N ARG F 159 -22.82 -34.37 -45.26
CA ARG F 159 -21.47 -34.17 -44.77
C ARG F 159 -21.40 -34.13 -43.24
N LYS F 160 -22.56 -34.05 -42.57
CA LYS F 160 -22.63 -33.92 -41.12
C LYS F 160 -21.86 -32.68 -40.66
N VAL F 161 -22.08 -31.56 -41.34
CA VAL F 161 -21.33 -30.34 -41.07
C VAL F 161 -22.30 -29.19 -40.90
N LYS F 162 -22.21 -28.49 -39.78
CA LYS F 162 -23.02 -27.29 -39.60
C LYS F 162 -22.37 -26.18 -40.40
N MET F 163 -22.90 -25.93 -41.60
CA MET F 163 -22.35 -24.91 -42.49
C MET F 163 -22.66 -23.52 -41.97
N ALA F 164 -21.68 -22.64 -42.11
CA ALA F 164 -21.79 -21.24 -41.69
C ALA F 164 -21.90 -20.39 -42.94
N ILE F 165 -23.08 -19.83 -43.18
CA ILE F 165 -23.31 -18.89 -44.28
C ILE F 165 -23.17 -17.48 -43.70
N VAL F 166 -22.08 -16.79 -44.07
CA VAL F 166 -21.78 -15.45 -43.58
C VAL F 166 -22.06 -14.48 -44.72
N ASP F 167 -23.23 -13.85 -44.68
CA ASP F 167 -23.68 -13.02 -45.79
C ASP F 167 -24.36 -11.75 -45.29
N LYS F 168 -23.91 -10.60 -45.79
CA LYS F 168 -24.58 -9.35 -45.44
C LYS F 168 -26.05 -9.34 -45.85
N HIS F 169 -26.44 -10.23 -46.77
CA HIS F 169 -27.79 -10.27 -47.31
C HIS F 169 -28.77 -10.99 -46.39
N VAL F 170 -28.31 -11.56 -45.28
CA VAL F 170 -29.21 -12.20 -44.34
C VAL F 170 -29.37 -11.36 -43.07
N THR F 171 -28.95 -10.12 -43.11
CA THR F 171 -29.25 -9.20 -42.02
C THR F 171 -30.76 -8.99 -41.98
N PRO F 172 -31.43 -9.33 -40.88
CA PRO F 172 -32.88 -9.15 -40.82
C PRO F 172 -33.25 -7.68 -41.04
N THR F 173 -34.49 -7.47 -41.49
CA THR F 173 -34.97 -6.12 -41.70
C THR F 173 -35.15 -5.42 -40.37
N LEU F 174 -35.71 -6.12 -39.40
CA LEU F 174 -35.98 -5.58 -38.08
C LEU F 174 -35.84 -6.70 -37.04
N SER F 175 -35.43 -6.32 -35.84
CA SER F 175 -35.28 -7.30 -34.77
C SER F 175 -36.13 -6.90 -33.57
N ILE F 176 -36.60 -7.91 -32.84
CA ILE F 176 -37.39 -7.73 -31.62
C ILE F 176 -36.81 -8.63 -30.55
N ASN F 177 -36.42 -8.04 -29.42
CA ASN F 177 -35.80 -8.73 -28.28
C ASN F 177 -36.63 -8.47 -27.02
N ASP F 178 -37.71 -9.24 -26.86
CA ASP F 178 -38.61 -9.04 -25.72
C ASP F 178 -38.21 -9.96 -24.57
N PRO F 179 -37.71 -9.42 -23.45
CA PRO F 179 -37.31 -10.30 -22.33
C PRO F 179 -38.47 -11.05 -21.70
N GLU F 180 -39.71 -10.60 -21.91
CA GLU F 180 -40.84 -11.35 -21.39
C GLU F 180 -40.98 -12.69 -22.08
N LEU F 181 -40.46 -12.81 -23.30
CA LEU F 181 -40.54 -14.07 -24.03
C LEU F 181 -39.49 -15.07 -23.61
N MET F 182 -38.55 -14.70 -22.73
CA MET F 182 -37.49 -15.58 -22.33
C MET F 182 -37.61 -16.10 -20.90
N VAL F 183 -38.58 -15.63 -20.13
CA VAL F 183 -38.69 -16.06 -18.74
C VAL F 183 -38.86 -17.57 -18.67
N GLY F 184 -39.43 -18.17 -19.71
CA GLY F 184 -39.74 -19.59 -19.76
C GLY F 184 -38.60 -20.51 -20.12
N MET F 185 -37.41 -20.00 -20.41
CA MET F 185 -36.27 -20.88 -20.65
C MET F 185 -35.96 -21.73 -19.42
N PRO F 186 -35.93 -23.05 -19.55
CA PRO F 186 -35.46 -23.89 -18.45
C PRO F 186 -33.99 -23.63 -18.18
N PRO F 187 -33.50 -23.95 -16.98
CA PRO F 187 -32.12 -23.60 -16.63
C PRO F 187 -31.06 -24.09 -17.62
N SER F 188 -31.17 -25.31 -18.14
CA SER F 188 -30.15 -25.79 -19.06
C SER F 188 -30.08 -24.93 -20.32
N LEU F 189 -31.24 -24.51 -20.85
CA LEU F 189 -31.24 -23.66 -22.04
C LEU F 189 -30.67 -22.29 -21.74
N THR F 190 -31.04 -21.71 -20.60
CA THR F 190 -30.46 -20.42 -20.19
C THR F 190 -28.94 -20.53 -20.09
N ALA F 191 -28.44 -21.60 -19.49
CA ALA F 191 -26.99 -21.75 -19.35
C ALA F 191 -26.32 -21.89 -20.70
N ALA F 192 -26.88 -22.73 -21.57
CA ALA F 192 -26.23 -22.96 -22.86
C ALA F 192 -26.25 -21.71 -23.72
N THR F 193 -27.39 -21.02 -23.78
CA THR F 193 -27.49 -19.79 -24.58
C THR F 193 -26.60 -18.69 -23.99
N GLY F 194 -26.58 -18.57 -22.66
CA GLY F 194 -25.72 -17.56 -22.06
C GLY F 194 -24.25 -17.82 -22.31
N LEU F 195 -23.84 -19.09 -22.29
CA LEU F 195 -22.45 -19.40 -22.54
C LEU F 195 -22.10 -19.30 -24.01
N ASP F 196 -23.10 -19.45 -24.89
CA ASP F 196 -22.85 -19.17 -26.29
C ASP F 196 -22.63 -17.67 -26.51
N ALA F 197 -23.38 -16.83 -25.79
CA ALA F 197 -23.16 -15.40 -25.89
C ALA F 197 -21.81 -15.00 -25.31
N LEU F 198 -21.42 -15.61 -24.19
CA LEU F 198 -20.10 -15.35 -23.63
C LEU F 198 -19.00 -15.75 -24.62
N THR F 199 -19.16 -16.88 -25.29
CA THR F 199 -18.19 -17.28 -26.31
C THR F 199 -18.14 -16.28 -27.44
N HIS F 200 -19.31 -15.76 -27.82
CA HIS F 200 -19.37 -14.75 -28.87
C HIS F 200 -18.55 -13.54 -28.50
N ALA F 201 -18.71 -13.06 -27.27
CA ALA F 201 -18.03 -11.85 -26.85
C ALA F 201 -16.53 -12.09 -26.74
N ILE F 202 -16.12 -13.24 -26.20
CA ILE F 202 -14.70 -13.52 -26.00
C ILE F 202 -14.00 -13.68 -27.35
N GLU F 203 -14.59 -14.47 -28.24
CA GLU F 203 -13.94 -14.65 -29.53
C GLU F 203 -13.92 -13.35 -30.31
N ALA F 204 -14.94 -12.49 -30.13
CA ALA F 204 -14.89 -11.20 -30.80
C ALA F 204 -13.78 -10.34 -30.24
N TYR F 205 -13.54 -10.42 -28.93
CA TYR F 205 -12.49 -9.60 -28.33
C TYR F 205 -11.11 -10.04 -28.78
N VAL F 206 -10.90 -11.35 -28.98
CA VAL F 206 -9.59 -11.84 -29.36
C VAL F 206 -9.46 -12.05 -30.87
N SER F 207 -10.49 -11.73 -31.63
CA SER F 207 -10.50 -11.95 -33.08
C SER F 207 -9.49 -11.05 -33.77
N THR F 208 -8.97 -11.52 -34.91
CA THR F 208 -8.12 -10.65 -35.70
C THR F 208 -8.91 -9.58 -36.42
N GLY F 209 -10.24 -9.67 -36.42
CA GLY F 209 -11.08 -8.68 -37.06
C GLY F 209 -11.69 -7.70 -36.10
N ALA F 210 -11.21 -7.65 -34.86
CA ALA F 210 -11.72 -6.70 -33.87
C ALA F 210 -11.41 -5.26 -34.25
N THR F 211 -12.34 -4.36 -33.90
CA THR F 211 -12.27 -2.91 -34.04
C THR F 211 -12.62 -2.30 -32.70
N PRO F 212 -12.31 -1.01 -32.50
CA PRO F 212 -12.75 -0.34 -31.25
C PRO F 212 -14.25 -0.44 -30.96
N ILE F 213 -15.08 -0.49 -32.00
CA ILE F 213 -16.54 -0.58 -31.79
C ILE F 213 -16.91 -1.95 -31.25
N THR F 214 -16.47 -3.00 -31.95
CA THR F 214 -16.72 -4.37 -31.49
C THR F 214 -16.15 -4.59 -30.11
N ASP F 215 -14.98 -3.97 -29.83
CA ASP F 215 -14.38 -4.09 -28.50
C ASP F 215 -15.32 -3.54 -27.43
N ALA F 216 -15.89 -2.34 -27.67
CA ALA F 216 -16.83 -1.75 -26.72
C ALA F 216 -17.98 -2.71 -26.42
N LEU F 217 -18.57 -3.26 -27.48
CA LEU F 217 -19.74 -4.13 -27.30
C LEU F 217 -19.35 -5.42 -26.57
N ALA F 218 -18.23 -6.02 -26.95
CA ALA F 218 -17.84 -7.30 -26.37
C ALA F 218 -17.49 -7.14 -24.89
N ILE F 219 -16.79 -6.04 -24.53
CA ILE F 219 -16.44 -5.84 -23.12
C ILE F 219 -17.70 -5.72 -22.28
N GLN F 220 -18.66 -4.90 -22.73
CA GLN F 220 -19.90 -4.79 -21.95
C GLN F 220 -20.60 -6.15 -21.81
N ALA F 221 -20.61 -6.93 -22.90
CA ALA F 221 -21.26 -8.23 -22.85
C ALA F 221 -20.62 -9.14 -21.80
N ILE F 222 -19.28 -9.21 -21.78
CA ILE F 222 -18.60 -10.08 -20.83
C ILE F 222 -18.93 -9.65 -19.40
N LYS F 223 -18.87 -8.34 -19.14
CA LYS F 223 -19.14 -7.84 -17.78
C LYS F 223 -20.55 -8.16 -17.34
N ILE F 224 -21.53 -8.04 -18.24
CA ILE F 224 -22.91 -8.29 -17.85
C ILE F 224 -23.16 -9.78 -17.66
N ILE F 225 -22.62 -10.61 -18.54
CA ILE F 225 -22.82 -12.05 -18.43
C ILE F 225 -22.24 -12.55 -17.12
N SER F 226 -21.05 -12.07 -16.77
CA SER F 226 -20.38 -12.49 -15.54
C SER F 226 -21.23 -12.24 -14.31
N LYS F 227 -22.06 -11.20 -14.31
CA LYS F 227 -22.87 -10.87 -13.15
C LYS F 227 -24.26 -11.49 -13.18
N TYR F 228 -24.89 -11.57 -14.36
CA TYR F 228 -26.29 -11.93 -14.40
C TYR F 228 -26.61 -13.33 -14.93
N LEU F 229 -25.71 -13.97 -15.70
CA LEU F 229 -26.03 -15.30 -16.18
C LEU F 229 -26.21 -16.30 -15.05
N PRO F 230 -25.36 -16.36 -14.03
CA PRO F 230 -25.65 -17.28 -12.92
C PRO F 230 -26.96 -16.96 -12.24
N ARG F 231 -27.36 -15.69 -12.22
CA ARG F 231 -28.63 -15.35 -11.60
C ARG F 231 -29.78 -15.85 -12.45
N ALA F 232 -29.64 -15.79 -13.76
CA ALA F 232 -30.71 -16.26 -14.61
C ALA F 232 -30.81 -17.78 -14.57
N VAL F 233 -29.69 -18.48 -14.37
CA VAL F 233 -29.75 -19.93 -14.27
C VAL F 233 -30.35 -20.36 -12.94
N ALA F 234 -30.03 -19.63 -11.87
CA ALA F 234 -30.53 -20.01 -10.57
C ALA F 234 -32.02 -19.74 -10.42
N ASN F 235 -32.51 -18.67 -11.05
CA ASN F 235 -33.93 -18.34 -11.00
C ASN F 235 -34.33 -17.66 -12.31
N GLY F 236 -35.04 -18.38 -13.17
CA GLY F 236 -35.50 -17.84 -14.43
C GLY F 236 -36.62 -16.81 -14.32
N LYS F 237 -37.19 -16.61 -13.13
CA LYS F 237 -38.21 -15.60 -12.92
C LYS F 237 -37.61 -14.29 -12.41
N ASP F 238 -36.30 -14.20 -12.32
CA ASP F 238 -35.54 -12.99 -12.02
C ASP F 238 -35.57 -12.09 -13.24
N ILE F 239 -36.47 -11.09 -13.22
CA ILE F 239 -36.69 -10.26 -14.41
C ILE F 239 -35.48 -9.40 -14.73
N GLU F 240 -34.81 -8.86 -13.70
CA GLU F 240 -33.62 -8.06 -13.93
C GLU F 240 -32.54 -8.86 -14.64
N ALA F 241 -32.28 -10.09 -14.17
CA ALA F 241 -31.29 -10.93 -14.82
C ALA F 241 -31.71 -11.24 -16.25
N ARG F 242 -33.00 -11.47 -16.48
CA ARG F 242 -33.44 -11.79 -17.83
C ARG F 242 -33.24 -10.60 -18.78
N GLU F 243 -33.53 -9.39 -18.29
CA GLU F 243 -33.34 -8.19 -19.13
C GLU F 243 -31.86 -7.92 -19.38
N GLN F 244 -31.02 -8.09 -18.36
CA GLN F 244 -29.60 -7.89 -18.58
C GLN F 244 -29.04 -8.94 -19.52
N MET F 245 -29.53 -10.18 -19.42
CA MET F 245 -29.07 -11.21 -20.36
C MET F 245 -29.56 -10.92 -21.77
N ALA F 246 -30.76 -10.34 -21.90
CA ALA F 246 -31.22 -9.91 -23.22
C ALA F 246 -30.31 -8.83 -23.78
N PHE F 247 -29.85 -7.90 -22.94
CA PHE F 247 -28.90 -6.92 -23.44
C PHE F 247 -27.56 -7.58 -23.81
N ALA F 248 -27.03 -8.44 -22.92
CA ALA F 248 -25.71 -9.02 -23.14
C ALA F 248 -25.66 -9.87 -24.39
N GLN F 249 -26.72 -10.64 -24.62
CA GLN F 249 -26.79 -11.46 -25.82
C GLN F 249 -26.72 -10.58 -27.07
N SER F 250 -27.38 -9.41 -27.04
CA SER F 250 -27.37 -8.54 -28.22
C SER F 250 -26.02 -7.87 -28.40
N LEU F 251 -25.40 -7.45 -27.29
CA LEU F 251 -24.07 -6.86 -27.38
C LEU F 251 -23.10 -7.87 -27.99
N ALA F 252 -23.14 -9.12 -27.52
CA ALA F 252 -22.20 -10.11 -28.03
C ALA F 252 -22.47 -10.41 -29.49
N GLY F 253 -23.75 -10.43 -29.88
CA GLY F 253 -24.07 -10.60 -31.29
C GLY F 253 -23.51 -9.49 -32.14
N MET F 254 -23.72 -8.24 -31.70
CA MET F 254 -23.18 -7.09 -32.40
C MET F 254 -21.66 -7.17 -32.52
N ALA F 255 -21.01 -7.71 -31.49
CA ALA F 255 -19.56 -7.78 -31.52
C ALA F 255 -19.09 -8.82 -32.51
N PHE F 256 -19.57 -10.07 -32.39
CA PHE F 256 -19.04 -11.13 -33.25
C PHE F 256 -19.50 -10.95 -34.69
N ASN F 257 -20.70 -10.38 -34.92
CA ASN F 257 -21.17 -10.18 -36.29
C ASN F 257 -20.19 -9.34 -37.10
N ASN F 258 -19.50 -8.41 -36.45
CA ASN F 258 -18.64 -7.48 -37.16
C ASN F 258 -17.16 -7.66 -36.88
N ALA F 259 -16.78 -8.45 -35.88
CA ALA F 259 -15.38 -8.74 -35.61
C ALA F 259 -14.97 -10.12 -36.07
N GLY F 260 -15.87 -11.09 -36.02
CA GLY F 260 -15.57 -12.47 -36.36
C GLY F 260 -15.52 -13.35 -35.13
N LEU F 261 -15.47 -14.66 -35.37
CA LEU F 261 -15.39 -15.62 -34.28
C LEU F 261 -14.03 -16.32 -34.29
N GLY F 262 -13.98 -17.59 -33.91
CA GLY F 262 -12.72 -18.31 -33.88
C GLY F 262 -12.90 -19.83 -33.85
N TYR F 263 -11.89 -20.51 -33.30
CA TYR F 263 -11.88 -21.97 -33.41
C TYR F 263 -12.84 -22.65 -32.44
N VAL F 264 -13.34 -21.93 -31.42
CA VAL F 264 -14.41 -22.48 -30.60
C VAL F 264 -15.61 -22.79 -31.47
N HIS F 265 -16.05 -21.82 -32.25
CA HIS F 265 -17.21 -22.01 -33.11
C HIS F 265 -16.89 -22.94 -34.27
N ALA F 266 -15.69 -22.83 -34.83
CA ALA F 266 -15.30 -23.70 -35.95
C ALA F 266 -15.37 -25.17 -35.56
N ILE F 267 -14.91 -25.52 -34.35
CA ILE F 267 -14.95 -26.92 -33.92
C ILE F 267 -16.36 -27.30 -33.42
N ALA F 268 -17.04 -26.36 -32.76
CA ALA F 268 -18.38 -26.64 -32.27
C ALA F 268 -19.33 -26.98 -33.40
N HIS F 269 -19.16 -26.33 -34.56
CA HIS F 269 -20.05 -26.64 -35.67
C HIS F 269 -19.87 -28.07 -36.15
N GLN F 270 -18.67 -28.63 -36.00
CA GLN F 270 -18.47 -30.00 -36.44
C GLN F 270 -19.03 -30.98 -35.41
N LEU F 271 -18.82 -30.70 -34.12
CA LEU F 271 -19.42 -31.59 -33.12
C LEU F 271 -20.95 -31.54 -33.17
N GLY F 272 -21.52 -30.39 -33.53
CA GLY F 272 -22.96 -30.29 -33.64
C GLY F 272 -23.51 -30.92 -34.91
N GLY F 273 -22.76 -30.85 -36.01
CA GLY F 273 -23.16 -31.56 -37.21
C GLY F 273 -23.00 -33.07 -37.09
N PHE F 274 -22.11 -33.54 -36.23
CA PHE F 274 -21.94 -34.99 -36.11
C PHE F 274 -22.88 -35.60 -35.07
N TYR F 275 -23.08 -34.92 -33.95
CA TYR F 275 -23.80 -35.53 -32.84
C TYR F 275 -25.00 -34.72 -32.39
N ASN F 276 -25.31 -33.61 -33.05
CA ASN F 276 -26.48 -32.79 -32.74
C ASN F 276 -26.50 -32.32 -31.29
N PHE F 277 -25.33 -32.11 -30.69
CA PHE F 277 -25.28 -31.54 -29.35
C PHE F 277 -25.77 -30.09 -29.37
N PRO F 278 -26.22 -29.57 -28.24
CA PRO F 278 -26.54 -28.14 -28.16
C PRO F 278 -25.30 -27.28 -28.40
N HIS F 279 -25.46 -26.26 -29.25
CA HIS F 279 -24.35 -25.41 -29.66
C HIS F 279 -23.63 -24.81 -28.46
N GLY F 280 -24.38 -24.25 -27.51
CA GLY F 280 -23.77 -23.62 -26.37
C GLY F 280 -23.02 -24.58 -25.46
N VAL F 281 -23.48 -25.83 -25.40
CA VAL F 281 -22.77 -26.84 -24.60
C VAL F 281 -21.44 -27.19 -25.26
N CYS F 282 -21.43 -27.31 -26.61
CA CYS F 282 -20.18 -27.51 -27.34
C CYS F 282 -19.23 -26.34 -27.11
N ASN F 283 -19.74 -25.11 -27.22
CA ASN F 283 -18.90 -23.93 -26.99
C ASN F 283 -18.35 -23.93 -25.58
N ALA F 284 -19.17 -24.28 -24.59
CA ALA F 284 -18.70 -24.23 -23.21
C ALA F 284 -17.62 -25.26 -22.98
N VAL F 285 -17.75 -26.44 -23.59
CA VAL F 285 -16.71 -27.44 -23.42
C VAL F 285 -15.42 -26.97 -24.07
N LEU F 286 -15.51 -26.36 -25.26
CA LEU F 286 -14.30 -26.08 -26.02
C LEU F 286 -13.58 -24.79 -25.58
N LEU F 287 -14.32 -23.79 -25.12
CA LEU F 287 -13.76 -22.46 -24.81
C LEU F 287 -12.47 -22.47 -24.00
N PRO F 288 -12.35 -23.16 -22.86
CA PRO F 288 -11.07 -23.13 -22.16
C PRO F 288 -9.91 -23.64 -23.00
N TYR F 289 -10.15 -24.65 -23.85
CA TYR F 289 -9.05 -25.22 -24.62
C TYR F 289 -8.60 -24.29 -25.74
N VAL F 290 -9.55 -23.66 -26.44
CA VAL F 290 -9.15 -22.76 -27.51
C VAL F 290 -8.55 -21.50 -26.94
N CYS F 291 -9.02 -21.05 -25.78
CA CYS F 291 -8.38 -19.89 -25.14
C CYS F 291 -6.94 -20.19 -24.77
N ARG F 292 -6.69 -21.36 -24.15
CA ARG F 292 -5.31 -21.70 -23.81
C ARG F 292 -4.46 -21.86 -25.07
N PHE F 293 -5.01 -22.45 -26.13
CA PHE F 293 -4.28 -22.50 -27.39
C PHE F 293 -3.98 -21.10 -27.91
N ASN F 294 -4.94 -20.17 -27.77
CA ASN F 294 -4.81 -18.83 -28.33
C ASN F 294 -4.05 -17.86 -27.42
N LEU F 295 -3.73 -18.27 -26.20
CA LEU F 295 -3.20 -17.35 -25.19
C LEU F 295 -2.00 -16.53 -25.70
N ILE F 296 -1.01 -17.20 -26.31
CA ILE F 296 0.20 -16.48 -26.70
C ILE F 296 -0.04 -15.45 -27.79
N SER F 297 -1.18 -15.51 -28.48
CA SER F 297 -1.46 -14.54 -29.54
C SER F 297 -2.12 -13.27 -29.03
N LYS F 298 -2.88 -13.33 -27.93
CA LYS F 298 -3.62 -12.18 -27.42
C LYS F 298 -3.56 -12.17 -25.89
N VAL F 299 -2.35 -12.25 -25.34
CA VAL F 299 -2.24 -12.41 -23.90
C VAL F 299 -2.71 -11.16 -23.15
N GLU F 300 -2.52 -9.97 -23.71
CA GLU F 300 -2.98 -8.77 -23.03
C GLU F 300 -4.50 -8.76 -22.96
N ARG F 301 -5.15 -9.20 -24.03
CA ARG F 301 -6.61 -9.17 -24.09
C ARG F 301 -7.23 -10.27 -23.24
N TYR F 302 -6.57 -11.42 -23.11
CA TYR F 302 -7.08 -12.43 -22.19
C TYR F 302 -6.87 -12.00 -20.74
N ALA F 303 -5.78 -11.27 -20.47
CA ALA F 303 -5.61 -10.74 -19.12
C ALA F 303 -6.70 -9.74 -18.79
N GLU F 304 -7.07 -8.91 -19.77
CA GLU F 304 -8.20 -7.99 -19.55
C GLU F 304 -9.51 -8.77 -19.36
N ILE F 305 -9.68 -9.87 -20.09
CA ILE F 305 -10.89 -10.68 -19.94
C ILE F 305 -11.01 -11.20 -18.50
N ALA F 306 -9.88 -11.58 -17.90
CA ALA F 306 -9.92 -12.03 -16.51
C ALA F 306 -10.48 -10.95 -15.59
N ALA F 307 -10.13 -9.69 -15.81
CA ALA F 307 -10.70 -8.61 -15.01
C ALA F 307 -12.19 -8.40 -15.33
N PHE F 308 -12.55 -8.45 -16.62
CA PHE F 308 -13.97 -8.33 -16.96
C PHE F 308 -14.82 -9.41 -16.31
N LEU F 309 -14.24 -10.58 -16.06
CA LEU F 309 -14.93 -11.71 -15.44
C LEU F 309 -14.88 -11.67 -13.93
N GLY F 310 -14.40 -10.59 -13.35
CA GLY F 310 -14.42 -10.39 -11.92
C GLY F 310 -13.18 -10.82 -11.18
N GLU F 311 -12.15 -11.28 -11.89
CA GLU F 311 -10.95 -11.79 -11.22
C GLU F 311 -10.07 -10.64 -10.75
N ASN F 312 -9.36 -10.88 -9.65
CA ASN F 312 -8.35 -9.96 -9.13
C ASN F 312 -6.99 -10.33 -9.72
N VAL F 313 -6.33 -9.36 -10.37
CA VAL F 313 -5.08 -9.65 -11.07
C VAL F 313 -3.92 -8.85 -10.50
N ASP F 314 -4.06 -8.31 -9.29
CA ASP F 314 -3.03 -7.43 -8.74
C ASP F 314 -1.75 -8.21 -8.46
N GLY F 315 -0.62 -7.66 -8.89
CA GLY F 315 0.67 -8.27 -8.67
C GLY F 315 0.99 -9.42 -9.58
N LEU F 316 0.28 -9.57 -10.67
CA LEU F 316 0.46 -10.68 -11.58
C LEU F 316 0.93 -10.18 -12.94
N SER F 317 1.72 -11.01 -13.59
CA SER F 317 2.10 -10.77 -14.97
C SER F 317 0.88 -10.92 -15.88
N THR F 318 0.99 -10.33 -17.06
CA THR F 318 -0.07 -10.50 -18.04
C THR F 318 -0.36 -11.97 -18.31
N TYR F 319 0.67 -12.83 -18.27
CA TYR F 319 0.46 -14.24 -18.56
C TYR F 319 -0.38 -14.91 -17.47
N ASP F 320 -0.03 -14.69 -16.20
CA ASP F 320 -0.79 -15.29 -15.11
C ASP F 320 -2.20 -14.73 -15.04
N ALA F 321 -2.37 -13.45 -15.37
CA ALA F 321 -3.71 -12.87 -15.38
C ALA F 321 -4.55 -13.48 -16.47
N ALA F 322 -3.96 -13.70 -17.66
CA ALA F 322 -4.67 -14.37 -18.73
C ALA F 322 -5.04 -15.80 -18.36
N GLU F 323 -4.20 -16.49 -17.57
CA GLU F 323 -4.58 -17.85 -17.19
C GLU F 323 -5.74 -17.84 -16.20
N LYS F 324 -5.80 -16.82 -15.34
CA LYS F 324 -6.93 -16.72 -14.41
C LYS F 324 -8.26 -16.58 -15.15
N ALA F 325 -8.24 -16.09 -16.39
CA ALA F 325 -9.47 -16.00 -17.15
C ALA F 325 -9.97 -17.38 -17.56
N ILE F 326 -9.05 -18.25 -17.97
CA ILE F 326 -9.44 -19.62 -18.29
C ILE F 326 -9.97 -20.33 -17.05
N LYS F 327 -9.34 -20.10 -15.90
CA LYS F 327 -9.84 -20.76 -14.71
C LYS F 327 -11.24 -20.26 -14.35
N ALA F 328 -11.51 -18.96 -14.57
CA ALA F 328 -12.83 -18.43 -14.27
C ALA F 328 -13.88 -18.93 -15.26
N ILE F 329 -13.49 -19.10 -16.53
CA ILE F 329 -14.41 -19.68 -17.50
C ILE F 329 -14.77 -21.11 -17.09
N GLU F 330 -13.78 -21.87 -16.65
CA GLU F 330 -14.05 -23.24 -16.23
C GLU F 330 -14.97 -23.26 -15.02
N ARG F 331 -14.75 -22.31 -14.09
CA ARG F 331 -15.59 -22.26 -12.89
C ARG F 331 -17.03 -21.93 -13.24
N MET F 332 -17.27 -21.07 -14.24
CA MET F 332 -18.66 -20.70 -14.51
C MET F 332 -19.39 -21.91 -15.12
N ALA F 333 -18.72 -22.63 -16.01
CA ALA F 333 -19.33 -23.80 -16.66
C ALA F 333 -19.67 -24.89 -15.65
N LYS F 334 -18.87 -25.03 -14.61
CA LYS F 334 -19.11 -26.08 -13.59
C LYS F 334 -20.29 -25.65 -12.73
N ASP F 335 -20.44 -24.35 -12.52
CA ASP F 335 -21.51 -23.84 -11.65
C ASP F 335 -22.81 -23.82 -12.46
N LEU F 336 -22.70 -23.85 -13.78
CA LEU F 336 -23.90 -23.93 -14.60
C LEU F 336 -24.15 -25.34 -15.11
N ASN F 337 -23.52 -26.34 -14.50
CA ASN F 337 -23.76 -27.76 -14.81
C ASN F 337 -23.58 -28.06 -16.29
N ILE F 338 -22.48 -27.57 -16.86
CA ILE F 338 -22.15 -27.88 -18.25
C ILE F 338 -21.35 -29.18 -18.29
N PRO F 339 -21.65 -30.09 -19.21
CA PRO F 339 -20.89 -31.35 -19.31
C PRO F 339 -19.39 -31.14 -19.30
N LYS F 340 -18.69 -32.09 -18.67
CA LYS F 340 -17.23 -32.01 -18.52
C LYS F 340 -16.50 -32.21 -19.85
N GLY F 341 -16.99 -33.11 -20.69
CA GLY F 341 -16.35 -33.38 -21.96
C GLY F 341 -17.31 -33.90 -23.01
N PHE F 342 -16.78 -34.32 -24.15
CA PHE F 342 -17.60 -34.76 -25.27
C PHE F 342 -17.79 -36.28 -25.33
N LYS F 343 -16.92 -37.05 -24.68
CA LYS F 343 -17.04 -38.51 -24.73
C LYS F 343 -18.31 -38.99 -24.05
N GLU F 344 -18.55 -38.52 -22.82
CA GLU F 344 -19.75 -38.89 -22.08
C GLU F 344 -21.03 -38.48 -22.79
N LEU F 345 -20.94 -37.59 -23.78
CA LEU F 345 -22.08 -37.23 -24.60
C LEU F 345 -22.23 -38.13 -25.83
N GLY F 346 -21.17 -38.83 -26.24
CA GLY F 346 -21.25 -39.79 -27.32
C GLY F 346 -20.29 -39.62 -28.49
N ALA F 347 -19.35 -38.68 -28.38
CA ALA F 347 -18.40 -38.43 -29.46
C ALA F 347 -17.39 -39.56 -29.58
N LYS F 348 -16.93 -39.81 -30.81
CA LYS F 348 -16.03 -40.98 -31.03
C LYS F 348 -14.67 -40.51 -31.53
N GLU F 349 -13.60 -41.19 -31.13
CA GLU F 349 -12.20 -40.79 -31.49
C GLU F 349 -11.97 -40.87 -32.99
N GLU F 350 -12.61 -41.82 -33.66
CA GLU F 350 -12.36 -42.05 -35.11
C GLU F 350 -12.94 -40.94 -35.95
N ASP F 351 -13.68 -40.03 -35.32
CA ASP F 351 -14.31 -38.91 -36.06
C ASP F 351 -13.47 -37.66 -35.89
N ILE F 352 -12.54 -37.67 -34.94
CA ILE F 352 -11.75 -36.49 -34.59
C ILE F 352 -11.04 -35.94 -35.81
N GLU F 353 -10.37 -36.83 -36.55
CA GLU F 353 -9.58 -36.36 -37.69
C GLU F 353 -10.46 -35.65 -38.70
N THR F 354 -11.64 -36.22 -38.97
CA THR F 354 -12.58 -35.55 -39.88
C THR F 354 -13.12 -34.25 -39.26
N LEU F 355 -13.49 -34.28 -37.97
CA LEU F 355 -14.00 -33.07 -37.32
C LEU F 355 -12.99 -31.95 -37.45
N ALA F 356 -11.73 -32.24 -37.10
CA ALA F 356 -10.70 -31.21 -37.18
C ALA F 356 -10.51 -30.74 -38.61
N LYS F 357 -10.54 -31.67 -39.56
CA LYS F 357 -10.33 -31.24 -40.93
C LYS F 357 -11.46 -30.28 -41.34
N ASN F 358 -12.71 -30.61 -40.97
CA ASN F 358 -13.82 -29.76 -41.35
C ASN F 358 -13.79 -28.45 -40.59
N ALA F 359 -13.25 -28.46 -39.36
CA ALA F 359 -13.17 -27.22 -38.62
C ALA F 359 -12.30 -26.22 -39.35
N MET F 360 -11.27 -26.71 -40.04
CA MET F 360 -10.38 -25.81 -40.76
C MET F 360 -11.00 -25.26 -42.04
N LYS F 361 -12.20 -25.70 -42.40
CA LYS F 361 -12.86 -25.18 -43.58
C LYS F 361 -13.97 -24.19 -43.23
N ASP F 362 -14.29 -24.05 -41.95
CA ASP F 362 -15.26 -23.09 -41.48
C ASP F 362 -14.72 -21.65 -41.56
N ALA F 363 -15.63 -20.72 -41.85
CA ALA F 363 -15.23 -19.31 -42.01
C ALA F 363 -14.85 -18.68 -40.67
N CYS F 364 -15.43 -19.18 -39.58
CA CYS F 364 -15.12 -18.63 -38.26
C CYS F 364 -13.65 -18.83 -37.92
N ALA F 365 -12.99 -19.81 -38.53
CA ALA F 365 -11.57 -20.02 -38.25
C ALA F 365 -10.70 -18.93 -38.85
N LEU F 366 -11.20 -18.18 -39.84
CA LEU F 366 -10.34 -17.20 -40.50
C LEU F 366 -9.90 -16.07 -39.58
N THR F 367 -10.65 -15.80 -38.52
CA THR F 367 -10.38 -14.68 -37.63
C THR F 367 -9.77 -15.12 -36.31
N ASN F 368 -9.54 -16.42 -36.13
CA ASN F 368 -8.88 -16.89 -34.92
C ASN F 368 -7.50 -16.24 -34.81
N PRO F 369 -7.12 -15.74 -33.65
CA PRO F 369 -5.83 -15.01 -33.55
C PRO F 369 -4.62 -15.91 -33.72
N ARG F 370 -4.68 -17.18 -33.35
CA ARG F 370 -3.58 -18.12 -33.58
C ARG F 370 -3.95 -19.05 -34.72
N LYS F 371 -3.07 -19.17 -35.70
CA LYS F 371 -3.35 -20.01 -36.87
C LYS F 371 -2.81 -21.42 -36.64
N PRO F 372 -3.63 -22.43 -36.49
CA PRO F 372 -3.11 -23.75 -36.15
C PRO F 372 -2.80 -24.55 -37.41
N LYS F 373 -2.12 -25.67 -37.20
CA LYS F 373 -2.05 -26.72 -38.19
C LYS F 373 -2.89 -27.89 -37.69
N LEU F 374 -3.25 -28.78 -38.61
CA LEU F 374 -4.22 -29.84 -38.33
C LEU F 374 -3.95 -30.58 -37.02
N GLU F 375 -2.69 -30.89 -36.74
CA GLU F 375 -2.37 -31.62 -35.51
C GLU F 375 -2.81 -30.86 -34.27
N GLU F 376 -2.74 -29.54 -34.28
CA GLU F 376 -3.14 -28.78 -33.10
C GLU F 376 -4.67 -28.75 -32.93
N VAL F 377 -5.41 -28.69 -34.04
CA VAL F 377 -6.87 -28.81 -33.97
C VAL F 377 -7.27 -30.18 -33.43
N ILE F 378 -6.54 -31.22 -33.86
CA ILE F 378 -6.77 -32.56 -33.34
C ILE F 378 -6.50 -32.62 -31.85
N GLN F 379 -5.41 -32.01 -31.40
CA GLN F 379 -5.12 -32.04 -29.97
C GLN F 379 -6.20 -31.36 -29.17
N ILE F 380 -6.71 -30.23 -29.68
CA ILE F 380 -7.80 -29.54 -29.00
C ILE F 380 -9.02 -30.45 -28.87
N ILE F 381 -9.38 -31.13 -29.97
CA ILE F 381 -10.58 -31.97 -29.88
C ILE F 381 -10.35 -33.13 -28.91
N LYS F 382 -9.14 -33.69 -28.89
CA LYS F 382 -8.86 -34.80 -27.98
C LYS F 382 -8.92 -34.32 -26.53
N ASN F 383 -8.39 -33.12 -26.26
CA ASN F 383 -8.48 -32.57 -24.92
C ASN F 383 -9.94 -32.33 -24.54
N ALA F 384 -10.78 -31.99 -25.51
CA ALA F 384 -12.17 -31.74 -25.23
C ALA F 384 -12.99 -33.01 -25.10
N MET F 385 -12.36 -34.18 -25.32
CA MET F 385 -13.06 -35.45 -25.09
C MET F 385 -13.23 -35.73 -23.60
N LEU F 386 -12.14 -35.60 -22.83
CA LEU F 386 -12.16 -35.68 -21.36
C LEU F 386 -12.90 -36.88 -20.77
N ASN G 3 -21.24 -7.29 41.78
CA ASN G 3 -21.14 -5.83 41.75
C ASN G 3 -20.08 -5.37 40.75
N THR G 4 -20.16 -4.09 40.38
CA THR G 4 -19.14 -3.49 39.53
C THR G 4 -17.98 -2.98 40.36
N GLN G 5 -17.85 -3.50 41.57
CA GLN G 5 -16.83 -3.12 42.53
C GLN G 5 -15.58 -3.96 42.32
N SER G 6 -14.43 -3.35 42.59
CA SER G 6 -13.17 -4.06 42.48
C SER G 6 -12.21 -3.46 43.48
N ALA G 7 -11.06 -4.13 43.63
CA ALA G 7 -10.04 -3.71 44.58
C ALA G 7 -8.67 -4.09 44.04
N PHE G 8 -7.67 -3.31 44.40
CA PHE G 8 -6.29 -3.56 44.01
C PHE G 8 -5.46 -3.74 45.28
N PHE G 9 -4.76 -4.88 45.37
CA PHE G 9 -4.02 -5.24 46.57
C PHE G 9 -2.54 -5.34 46.23
N MET G 10 -1.71 -4.84 47.14
CA MET G 10 -0.27 -4.80 46.93
C MET G 10 0.44 -4.40 48.22
N PRO G 11 1.68 -4.83 48.44
CA PRO G 11 2.42 -4.33 49.59
C PRO G 11 2.58 -2.82 49.47
N SER G 12 2.51 -2.13 50.61
CA SER G 12 2.58 -0.68 50.58
C SER G 12 3.94 -0.19 50.09
N VAL G 13 5.00 -0.96 50.32
CA VAL G 13 6.35 -0.60 49.87
C VAL G 13 6.98 -1.77 49.14
N ASN G 14 7.48 -1.49 47.93
CA ASN G 14 8.08 -2.49 47.07
C ASN G 14 9.39 -1.94 46.50
N LEU G 15 10.49 -2.58 46.87
CA LEU G 15 11.83 -2.15 46.47
C LEU G 15 12.27 -2.93 45.24
N PHE G 16 12.88 -2.22 44.30
CA PHE G 16 13.35 -2.80 43.05
C PHE G 16 14.79 -2.36 42.81
N GLY G 17 15.49 -3.12 41.98
CA GLY G 17 16.79 -2.69 41.52
C GLY G 17 17.91 -3.47 42.17
N ALA G 18 19.07 -3.41 41.51
CA ALA G 18 20.28 -4.09 41.98
C ALA G 18 20.74 -3.55 43.33
N GLY G 19 20.87 -4.44 44.31
CA GLY G 19 21.34 -4.06 45.62
C GLY G 19 20.26 -3.75 46.63
N SER G 20 18.99 -3.82 46.24
CA SER G 20 17.90 -3.49 47.15
C SER G 20 17.88 -4.43 48.36
N VAL G 21 18.44 -5.63 48.23
CA VAL G 21 18.42 -6.58 49.34
C VAL G 21 19.24 -6.07 50.50
N ASN G 22 20.20 -5.15 50.27
CA ASN G 22 20.99 -4.58 51.36
C ASN G 22 20.15 -3.71 52.29
N GLU G 23 18.84 -3.61 52.04
CA GLU G 23 17.95 -2.84 52.89
C GLU G 23 17.15 -3.72 53.83
N VAL G 24 17.29 -5.05 53.70
CA VAL G 24 16.45 -5.98 54.45
C VAL G 24 16.50 -5.66 55.94
N GLY G 25 17.66 -5.25 56.45
CA GLY G 25 17.77 -4.90 57.86
C GLY G 25 17.06 -3.65 58.37
N THR G 26 17.35 -2.49 57.77
CA THR G 26 16.81 -1.22 58.27
C THR G 26 15.28 -1.15 58.20
N ARG G 27 14.69 -1.57 57.07
CA ARG G 27 13.24 -1.48 56.93
C ARG G 27 12.55 -2.39 57.94
N LEU G 28 13.15 -3.56 58.20
CA LEU G 28 12.64 -4.47 59.21
C LEU G 28 12.70 -3.83 60.59
N ALA G 29 13.77 -3.06 60.84
CA ALA G 29 13.90 -2.36 62.12
C ALA G 29 12.80 -1.32 62.28
N ASP G 30 12.42 -0.67 61.18
CA ASP G 30 11.35 0.33 61.27
C ASP G 30 10.04 -0.30 61.75
N LEU G 31 9.85 -1.59 61.49
CA LEU G 31 8.64 -2.26 61.96
C LEU G 31 8.66 -2.55 63.45
N GLY G 32 9.85 -2.51 64.04
CA GLY G 32 9.99 -2.73 65.50
C GLY G 32 9.94 -4.20 65.85
N VAL G 33 10.28 -5.07 64.91
CA VAL G 33 10.30 -6.54 65.19
C VAL G 33 11.67 -6.87 65.79
N LYS G 34 11.81 -8.03 66.41
CA LYS G 34 13.08 -8.31 67.12
C LYS G 34 13.73 -9.60 66.60
N LYS G 35 12.94 -10.64 66.35
CA LYS G 35 13.50 -11.93 65.89
C LYS G 35 12.67 -12.45 64.72
N ALA G 36 13.33 -12.78 63.61
CA ALA G 36 12.56 -13.21 62.43
C ALA G 36 12.98 -14.60 61.96
N LEU G 37 12.02 -15.37 61.49
CA LEU G 37 12.30 -16.69 60.91
C LEU G 37 12.62 -16.51 59.43
N LEU G 38 13.84 -16.88 59.05
CA LEU G 38 14.28 -16.80 57.67
C LEU G 38 13.83 -18.07 56.95
N VAL G 39 12.78 -17.95 56.14
CA VAL G 39 12.21 -19.07 55.40
C VAL G 39 12.82 -19.11 53.99
N THR G 40 13.55 -20.18 53.69
CA THR G 40 14.17 -20.39 52.39
C THR G 40 14.20 -21.89 52.10
N ASP G 41 14.82 -22.28 50.99
CA ASP G 41 14.97 -23.69 50.65
C ASP G 41 16.40 -24.16 50.87
N ALA G 42 16.59 -25.48 50.79
CA ALA G 42 17.90 -26.06 51.10
C ALA G 42 18.95 -25.69 50.07
N GLY G 43 18.57 -25.53 48.81
CA GLY G 43 19.55 -25.19 47.79
C GLY G 43 20.16 -23.83 47.99
N LEU G 44 19.32 -22.81 48.23
CA LEU G 44 19.81 -21.46 48.44
C LEU G 44 20.56 -21.35 49.75
N HIS G 45 20.18 -22.16 50.74
CA HIS G 45 20.91 -22.20 52.01
C HIS G 45 22.29 -22.79 51.81
N GLY G 46 22.41 -23.86 51.01
CA GLY G 46 23.69 -24.44 50.67
C GLY G 46 24.51 -23.56 49.76
N LEU G 47 23.87 -22.62 49.06
CA LEU G 47 24.54 -21.65 48.22
C LEU G 47 25.07 -20.46 49.01
N GLY G 48 24.70 -20.34 50.28
CA GLY G 48 25.21 -19.31 51.16
C GLY G 48 24.35 -18.08 51.27
N LEU G 49 23.23 -18.01 50.53
CA LEU G 49 22.39 -16.83 50.53
C LEU G 49 21.73 -16.60 51.89
N SER G 50 21.37 -17.69 52.57
CA SER G 50 20.76 -17.58 53.89
C SER G 50 21.65 -16.78 54.83
N GLU G 51 22.95 -17.01 54.80
CA GLU G 51 23.85 -16.31 55.75
C GLU G 51 24.04 -14.85 55.32
N LYS G 52 24.27 -14.61 54.02
CA LYS G 52 24.44 -13.23 53.51
C LYS G 52 23.32 -12.32 54.02
N ILE G 53 22.08 -12.76 53.88
CA ILE G 53 20.92 -11.91 54.29
C ILE G 53 20.85 -11.88 55.82
N SER G 54 21.09 -13.01 56.47
CA SER G 54 21.07 -13.07 57.95
C SER G 54 22.04 -12.01 58.47
N SER G 55 23.19 -11.86 57.81
CA SER G 55 24.15 -10.82 58.19
C SER G 55 23.54 -9.41 58.11
N ILE G 56 22.93 -9.07 56.98
CA ILE G 56 22.31 -7.75 56.82
C ILE G 56 21.22 -7.55 57.88
N ILE G 57 20.49 -8.62 58.22
CA ILE G 57 19.42 -8.48 59.21
C ILE G 57 20.00 -8.22 60.60
N ARG G 58 21.01 -9.02 61.01
CA ARG G 58 21.59 -8.85 62.34
C ARG G 58 22.37 -7.54 62.47
N ALA G 59 23.01 -7.08 61.40
CA ALA G 59 23.76 -5.83 61.43
C ALA G 59 22.87 -4.61 61.54
N ALA G 60 21.56 -4.80 61.69
CA ALA G 60 20.62 -3.72 61.93
C ALA G 60 19.86 -3.92 63.23
N GLY G 61 20.27 -4.90 64.04
CA GLY G 61 19.69 -5.14 65.34
C GLY G 61 18.51 -6.08 65.41
N VAL G 62 18.25 -6.88 64.38
CA VAL G 62 17.20 -7.88 64.42
C VAL G 62 17.84 -9.27 64.42
N GLU G 63 17.33 -10.14 65.28
CA GLU G 63 17.84 -11.50 65.34
C GLU G 63 17.11 -12.34 64.29
N VAL G 64 17.79 -13.37 63.80
CA VAL G 64 17.25 -14.20 62.74
C VAL G 64 17.55 -15.66 63.05
N SER G 65 16.55 -16.51 62.85
CA SER G 65 16.70 -17.95 62.93
C SER G 65 16.29 -18.52 61.58
N ILE G 66 17.21 -19.26 60.95
CA ILE G 66 17.02 -19.75 59.60
C ILE G 66 16.18 -21.02 59.62
N PHE G 67 15.15 -21.07 58.77
CA PHE G 67 14.33 -22.25 58.52
C PHE G 67 14.49 -22.62 57.05
N PRO G 68 15.54 -23.37 56.69
CA PRO G 68 15.82 -23.64 55.28
C PRO G 68 15.17 -24.91 54.77
N LYS G 69 13.93 -25.18 55.20
CA LYS G 69 13.26 -26.44 54.93
C LYS G 69 12.02 -26.26 54.06
N ALA G 70 11.89 -25.13 53.37
CA ALA G 70 10.82 -24.96 52.40
C ALA G 70 11.13 -25.75 51.15
N GLU G 71 10.16 -26.54 50.70
CA GLU G 71 10.43 -27.44 49.55
C GLU G 71 9.77 -26.95 48.27
N PRO G 72 10.38 -27.17 47.10
CA PRO G 72 9.76 -26.82 45.83
C PRO G 72 8.38 -27.48 45.87
N ASN G 73 7.34 -26.73 45.51
CA ASN G 73 5.95 -27.24 45.69
C ASN G 73 5.79 -27.41 47.21
N PRO G 74 5.68 -26.32 48.00
CA PRO G 74 5.62 -26.40 49.46
C PRO G 74 4.54 -27.32 50.04
N THR G 75 4.81 -27.94 51.20
CA THR G 75 3.89 -28.91 51.78
C THR G 75 3.35 -28.42 53.12
N ASP G 76 2.26 -29.07 53.54
CA ASP G 76 1.67 -28.82 54.85
C ASP G 76 2.64 -29.16 55.98
N LYS G 77 3.48 -30.17 55.78
CA LYS G 77 4.46 -30.54 56.79
C LYS G 77 5.52 -29.45 56.95
N ASN G 78 5.94 -28.85 55.83
CA ASN G 78 6.87 -27.72 55.91
C ASN G 78 6.28 -26.59 56.75
N VAL G 79 4.98 -26.31 56.56
CA VAL G 79 4.34 -25.23 57.31
C VAL G 79 4.25 -25.61 58.78
N ALA G 80 3.97 -26.88 59.03
CA ALA G 80 3.86 -27.35 60.41
C ALA G 80 5.19 -27.09 61.15
N GLU G 81 6.29 -27.66 60.65
CA GLU G 81 7.61 -27.48 61.30
C GLU G 81 7.93 -26.00 61.38
N GLY G 82 7.59 -25.25 60.33
CA GLY G 82 7.85 -23.81 60.33
C GLY G 82 7.21 -23.19 61.55
N LEU G 83 5.90 -23.40 61.71
CA LEU G 83 5.19 -22.82 62.87
C LEU G 83 5.91 -23.25 64.14
N GLU G 84 6.32 -24.52 64.22
CA GLU G 84 7.09 -25.00 65.40
C GLU G 84 8.20 -24.00 65.72
N ALA G 85 9.11 -23.77 64.79
CA ALA G 85 10.26 -22.86 65.06
C ALA G 85 9.76 -21.45 65.41
N TYR G 86 8.86 -20.90 64.60
CA TYR G 86 8.42 -19.51 64.86
C TYR G 86 8.03 -19.38 66.33
N ASN G 87 7.28 -20.35 66.84
CA ASN G 87 6.76 -20.25 68.22
C ASN G 87 7.77 -20.87 69.20
N ALA G 88 8.66 -21.74 68.73
CA ALA G 88 9.70 -22.33 69.61
C ALA G 88 10.87 -21.37 69.77
N GLU G 89 11.27 -20.71 68.69
CA GLU G 89 12.37 -19.73 68.75
C GLU G 89 11.77 -18.39 69.17
N ASN G 90 10.46 -18.36 69.39
CA ASN G 90 9.83 -17.14 69.90
C ASN G 90 10.15 -15.94 68.99
N CYS G 91 9.75 -16.07 67.73
CA CYS G 91 9.93 -15.06 66.71
C CYS G 91 8.72 -14.13 66.63
N ASP G 92 8.97 -12.89 66.20
CA ASP G 92 7.90 -11.94 66.00
C ASP G 92 7.74 -11.54 64.54
N SER G 93 8.55 -12.10 63.63
CA SER G 93 8.39 -11.80 62.22
C SER G 93 8.88 -12.98 61.38
N ILE G 94 8.60 -12.90 60.08
CA ILE G 94 9.05 -13.90 59.11
C ILE G 94 9.63 -13.14 57.93
N VAL G 95 10.79 -13.60 57.45
CA VAL G 95 11.38 -13.09 56.23
C VAL G 95 11.54 -14.25 55.27
N THR G 96 10.90 -14.17 54.10
CA THR G 96 11.01 -15.20 53.08
C THR G 96 12.10 -14.80 52.10
N LEU G 97 12.98 -15.75 51.79
CA LEU G 97 14.09 -15.53 50.86
C LEU G 97 14.13 -16.68 49.86
N GLY G 98 13.87 -16.36 48.59
CA GLY G 98 13.90 -17.37 47.54
C GLY G 98 12.81 -17.14 46.51
N GLY G 99 12.26 -18.22 45.97
CA GLY G 99 11.20 -18.15 44.99
C GLY G 99 9.83 -18.30 45.61
N GLY G 100 8.86 -18.61 44.76
CA GLY G 100 7.48 -18.65 45.21
C GLY G 100 7.22 -19.67 46.31
N SER G 101 7.97 -20.77 46.32
CA SER G 101 7.78 -21.76 47.38
C SER G 101 8.14 -21.19 48.74
N SER G 102 9.23 -20.42 48.82
CA SER G 102 9.64 -19.83 50.10
C SER G 102 8.68 -18.73 50.53
N HIS G 103 8.24 -17.91 49.57
CA HIS G 103 7.29 -16.85 49.90
C HIS G 103 5.99 -17.46 50.39
N ASP G 104 5.50 -18.48 49.70
CA ASP G 104 4.22 -19.10 50.04
C ASP G 104 4.30 -19.84 51.37
N ALA G 105 5.42 -20.52 51.62
CA ALA G 105 5.63 -21.17 52.90
C ALA G 105 5.60 -20.17 54.04
N GLY G 106 6.41 -19.11 53.95
CA GLY G 106 6.43 -18.10 55.01
C GLY G 106 5.09 -17.42 55.18
N LYS G 107 4.44 -17.09 54.08
CA LYS G 107 3.12 -16.47 54.13
C LYS G 107 2.15 -17.37 54.88
N ALA G 108 2.17 -18.68 54.58
CA ALA G 108 1.27 -19.64 55.22
C ALA G 108 1.57 -19.74 56.72
N ILE G 109 2.84 -19.86 57.07
CA ILE G 109 3.22 -19.90 58.49
C ILE G 109 2.70 -18.66 59.19
N ALA G 110 2.82 -17.50 58.55
CA ALA G 110 2.42 -16.26 59.17
C ALA G 110 0.91 -16.21 59.38
N LEU G 111 0.15 -16.75 58.42
CA LEU G 111 -1.31 -16.80 58.57
C LEU G 111 -1.71 -17.73 59.70
N VAL G 112 -1.16 -18.95 59.71
CA VAL G 112 -1.51 -19.92 60.76
C VAL G 112 -1.06 -19.46 62.14
N ALA G 113 0.05 -18.72 62.21
CA ALA G 113 0.53 -18.17 63.47
C ALA G 113 -0.41 -17.15 64.06
N ALA G 114 -1.39 -16.69 63.28
CA ALA G 114 -2.31 -15.69 63.73
C ALA G 114 -3.76 -16.17 63.73
N ASN G 115 -4.07 -17.23 62.98
CA ASN G 115 -5.41 -17.77 62.81
C ASN G 115 -5.56 -19.17 63.38
N GLY G 116 -4.43 -19.87 63.55
CA GLY G 116 -4.43 -21.21 64.17
C GLY G 116 -4.84 -22.31 63.20
N GLY G 117 -5.17 -23.48 63.74
CA GLY G 117 -5.66 -24.59 62.91
C GLY G 117 -4.65 -24.98 61.86
N LYS G 118 -5.13 -25.34 60.68
CA LYS G 118 -4.25 -25.80 59.59
C LYS G 118 -4.45 -24.92 58.36
N ILE G 119 -3.40 -24.73 57.58
CA ILE G 119 -3.48 -23.93 56.33
C ILE G 119 -4.64 -24.47 55.49
N HIS G 120 -4.89 -25.78 55.55
CA HIS G 120 -5.94 -26.42 54.72
C HIS G 120 -7.30 -25.76 55.00
N ASP G 121 -7.52 -25.32 56.24
CA ASP G 121 -8.77 -24.68 56.60
C ASP G 121 -9.04 -23.45 55.75
N TYR G 122 -7.99 -22.88 55.16
CA TYR G 122 -8.09 -21.63 54.42
C TYR G 122 -8.00 -21.84 52.92
N GLU G 123 -8.11 -23.09 52.45
CA GLU G 123 -8.17 -23.35 51.02
C GLU G 123 -9.42 -22.69 50.46
N GLY G 124 -9.25 -21.83 49.47
CA GLY G 124 -10.38 -21.09 48.93
C GLY G 124 -10.13 -19.60 48.82
N VAL G 125 -11.18 -18.80 48.96
CA VAL G 125 -11.14 -17.36 48.75
C VAL G 125 -11.53 -16.65 50.04
N ASP G 126 -10.64 -15.81 50.56
CA ASP G 126 -10.89 -14.94 51.71
C ASP G 126 -11.48 -15.74 52.89
N VAL G 127 -10.80 -16.82 53.24
CA VAL G 127 -11.33 -17.73 54.31
C VAL G 127 -10.89 -17.24 55.69
N SER G 128 -9.73 -16.58 55.78
CA SER G 128 -9.20 -16.22 57.12
C SER G 128 -9.96 -15.02 57.72
N LYS G 129 -9.62 -14.67 58.96
CA LYS G 129 -10.34 -13.58 59.66
C LYS G 129 -9.32 -12.62 60.27
N GLU G 130 -8.07 -13.06 60.42
CA GLU G 130 -7.05 -12.21 61.06
C GLU G 130 -5.87 -11.96 60.12
N PRO G 131 -5.32 -10.73 60.04
CA PRO G 131 -4.12 -10.44 59.26
C PRO G 131 -2.89 -11.19 59.79
N MET G 132 -1.86 -11.37 58.95
CA MET G 132 -0.70 -12.20 59.36
C MET G 132 0.41 -11.38 60.04
N VAL G 133 1.44 -12.05 60.52
CA VAL G 133 2.53 -11.40 61.25
C VAL G 133 3.43 -10.68 60.25
N PRO G 134 4.16 -9.63 60.64
CA PRO G 134 5.08 -8.96 59.69
C PRO G 134 5.95 -9.91 58.89
N LEU G 135 6.02 -9.65 57.58
CA LEU G 135 6.73 -10.50 56.63
C LEU G 135 7.36 -9.63 55.55
N ILE G 136 8.65 -9.86 55.28
CA ILE G 136 9.36 -9.23 54.17
C ILE G 136 9.70 -10.32 53.16
N ALA G 137 9.35 -10.11 51.90
CA ALA G 137 9.57 -11.11 50.87
C ALA G 137 10.67 -10.65 49.92
N ILE G 138 11.76 -11.44 49.85
CA ILE G 138 12.90 -11.17 48.97
C ILE G 138 12.86 -12.20 47.86
N ASN G 139 12.58 -11.74 46.64
CA ASN G 139 12.34 -12.63 45.52
C ASN G 139 13.63 -12.89 44.73
N THR G 140 13.88 -14.16 44.40
CA THR G 140 15.10 -14.52 43.68
C THR G 140 14.84 -15.25 42.37
N THR G 141 13.58 -15.47 41.99
CA THR G 141 13.26 -16.00 40.67
C THR G 141 12.44 -14.98 39.90
N ALA G 142 12.47 -15.02 38.59
CA ALA G 142 11.69 -14.05 37.80
C ALA G 142 10.40 -14.71 37.30
N GLY G 143 9.48 -14.99 38.22
CA GLY G 143 8.27 -15.68 37.79
C GLY G 143 7.06 -15.58 38.70
N THR G 144 7.18 -15.80 40.00
CA THR G 144 5.96 -15.92 40.87
C THR G 144 5.25 -14.60 41.14
N GLY G 145 5.94 -13.61 41.68
CA GLY G 145 5.28 -12.37 42.11
C GLY G 145 4.75 -12.51 43.52
N SER G 146 4.93 -13.69 44.13
CA SER G 146 4.32 -13.91 45.44
C SER G 146 4.77 -12.90 46.46
N GLU G 147 5.91 -12.24 46.24
CA GLU G 147 6.33 -11.15 47.13
C GLU G 147 5.35 -9.98 47.12
N LEU G 148 4.37 -9.98 46.20
CA LEU G 148 3.39 -8.90 46.15
C LEU G 148 1.93 -9.37 46.19
N THR G 149 1.69 -10.69 46.18
CA THR G 149 0.36 -11.23 45.99
C THR G 149 -0.27 -11.65 47.30
N LYS G 150 -1.60 -11.86 47.24
CA LYS G 150 -2.37 -12.41 48.35
C LYS G 150 -2.65 -13.90 48.15
N PHE G 151 -1.73 -14.61 47.50
CA PHE G 151 -1.86 -16.02 47.18
C PHE G 151 -0.77 -16.80 47.92
N THR G 152 -1.16 -17.90 48.55
CA THR G 152 -0.18 -18.88 49.04
C THR G 152 -0.68 -20.28 48.65
N ILE G 153 0.16 -21.01 47.93
CA ILE G 153 -0.17 -22.31 47.38
C ILE G 153 0.57 -23.36 48.20
N ILE G 154 -0.17 -24.07 49.05
CA ILE G 154 0.40 -25.11 49.91
C ILE G 154 -0.14 -26.46 49.46
N THR G 155 0.70 -27.49 49.45
CA THR G 155 0.30 -28.77 48.92
C THR G 155 -0.32 -29.64 50.00
N ASP G 156 -1.46 -30.27 49.66
CA ASP G 156 -2.08 -31.28 50.56
C ASP G 156 -1.44 -32.61 50.18
N THR G 157 -0.43 -33.06 50.91
CA THR G 157 0.32 -34.29 50.54
C THR G 157 -0.65 -35.47 50.38
N GLU G 158 -1.69 -35.51 51.20
CA GLU G 158 -2.62 -36.65 51.16
C GLU G 158 -3.50 -36.56 49.92
N ARG G 159 -4.15 -35.41 49.72
CA ARG G 159 -5.06 -35.28 48.55
C ARG G 159 -4.21 -35.19 47.28
N LYS G 160 -2.92 -34.86 47.44
CA LYS G 160 -2.03 -34.69 46.26
C LYS G 160 -2.58 -33.52 45.45
N VAL G 161 -2.88 -32.42 46.14
CA VAL G 161 -3.47 -31.25 45.51
C VAL G 161 -2.76 -30.00 46.03
N LYS G 162 -2.23 -29.18 45.12
CA LYS G 162 -1.67 -27.89 45.48
C LYS G 162 -2.85 -26.98 45.78
N MET G 163 -3.18 -26.80 47.06
CA MET G 163 -4.28 -25.93 47.45
C MET G 163 -3.91 -24.45 47.29
N ALA G 164 -4.90 -23.66 46.84
CA ALA G 164 -4.74 -22.22 46.62
C ALA G 164 -5.49 -21.42 47.69
N ILE G 165 -4.75 -20.78 48.59
CA ILE G 165 -5.30 -19.91 49.62
C ILE G 165 -5.17 -18.46 49.17
N VAL G 166 -6.30 -17.81 48.85
CA VAL G 166 -6.33 -16.42 48.37
C VAL G 166 -6.91 -15.52 49.45
N ASP G 167 -6.06 -14.81 50.21
CA ASP G 167 -6.51 -13.97 51.31
C ASP G 167 -5.75 -12.64 51.38
N LYS G 168 -6.49 -11.54 51.56
CA LYS G 168 -5.94 -10.19 51.70
C LYS G 168 -4.98 -10.07 52.87
N HIS G 169 -5.03 -11.01 53.79
CA HIS G 169 -4.30 -11.05 55.03
C HIS G 169 -2.90 -11.63 54.87
N VAL G 170 -2.58 -12.14 53.69
CA VAL G 170 -1.28 -12.72 53.40
C VAL G 170 -0.48 -11.86 52.41
N THR G 171 -0.99 -10.66 52.12
CA THR G 171 -0.20 -9.73 51.29
C THR G 171 1.00 -9.29 52.14
N PRO G 172 2.24 -9.46 51.64
CA PRO G 172 3.43 -9.14 52.43
C PRO G 172 3.53 -7.66 52.83
N THR G 173 4.33 -7.37 53.85
CA THR G 173 4.48 -5.98 54.34
C THR G 173 5.37 -5.20 53.39
N LEU G 174 6.51 -5.80 53.02
CA LEU G 174 7.44 -5.14 52.09
C LEU G 174 8.00 -6.18 51.12
N SER G 175 8.20 -5.76 49.87
CA SER G 175 8.76 -6.66 48.84
C SER G 175 10.12 -6.15 48.38
N ILE G 176 11.06 -7.06 48.13
CA ILE G 176 12.35 -6.69 47.58
C ILE G 176 12.64 -7.56 46.36
N ASN G 177 12.88 -6.92 45.21
CA ASN G 177 13.14 -7.59 43.94
C ASN G 177 14.54 -7.19 43.44
N ASP G 178 15.56 -7.86 43.96
CA ASP G 178 16.95 -7.55 43.63
C ASP G 178 17.37 -8.42 42.45
N PRO G 179 17.59 -7.85 41.25
CA PRO G 179 17.99 -8.70 40.12
C PRO G 179 19.36 -9.32 40.28
N GLU G 180 20.20 -8.81 41.16
CA GLU G 180 21.51 -9.42 41.40
C GLU G 180 21.38 -10.80 42.04
N LEU G 181 20.27 -11.06 42.73
CA LEU G 181 20.03 -12.35 43.36
C LEU G 181 19.49 -13.37 42.37
N MET G 182 19.18 -12.96 41.15
CA MET G 182 18.58 -13.83 40.15
C MET G 182 19.56 -14.22 39.06
N VAL G 183 20.79 -13.68 39.09
CA VAL G 183 21.77 -14.03 38.08
C VAL G 183 22.10 -15.50 38.13
N GLY G 184 21.94 -16.13 39.29
CA GLY G 184 22.30 -17.53 39.42
C GLY G 184 21.26 -18.52 38.96
N MET G 185 20.11 -18.07 38.50
CA MET G 185 19.13 -19.01 38.00
C MET G 185 19.70 -19.76 36.80
N PRO G 186 19.79 -21.08 36.84
CA PRO G 186 20.19 -21.84 35.65
C PRO G 186 19.16 -21.72 34.56
N PRO G 187 19.53 -22.03 33.32
CA PRO G 187 18.60 -21.81 32.18
C PRO G 187 17.22 -22.44 32.35
N SER G 188 17.15 -23.68 32.84
CA SER G 188 15.85 -24.34 32.98
C SER G 188 14.96 -23.57 33.96
N LEU G 189 15.55 -23.07 35.05
CA LEU G 189 14.80 -22.30 36.02
C LEU G 189 14.37 -20.95 35.45
N THR G 190 15.28 -20.30 34.72
CA THR G 190 14.92 -19.04 34.08
C THR G 190 13.72 -19.21 33.16
N ALA G 191 13.74 -20.27 32.36
CA ALA G 191 12.65 -20.52 31.42
C ALA G 191 11.34 -20.83 32.15
N ALA G 192 11.39 -21.70 33.16
CA ALA G 192 10.16 -22.10 33.82
C ALA G 192 9.52 -20.93 34.55
N THR G 193 10.34 -20.15 35.27
CA THR G 193 9.80 -18.99 35.97
C THR G 193 9.29 -17.94 34.98
N GLY G 194 10.01 -17.71 33.87
CA GLY G 194 9.56 -16.72 32.92
C GLY G 194 8.26 -17.10 32.26
N LEU G 195 8.08 -18.39 31.95
CA LEU G 195 6.82 -18.81 31.33
C LEU G 195 5.69 -18.89 32.35
N ASP G 196 6.02 -19.05 33.63
CA ASP G 196 5.00 -18.90 34.66
C ASP G 196 4.56 -17.44 34.74
N ALA G 197 5.50 -16.50 34.58
CA ALA G 197 5.12 -15.08 34.54
C ALA G 197 4.30 -14.76 33.29
N LEU G 198 4.66 -15.34 32.16
CA LEU G 198 3.89 -15.14 30.94
C LEU G 198 2.47 -15.65 31.13
N THR G 199 2.33 -16.81 31.76
CA THR G 199 1.01 -17.37 32.03
C THR G 199 0.22 -16.47 32.96
N HIS G 200 0.86 -15.90 33.98
CA HIS G 200 0.17 -14.95 34.85
C HIS G 200 -0.38 -13.79 34.04
N ALA G 201 0.45 -13.22 33.16
CA ALA G 201 0.01 -12.04 32.41
C ALA G 201 -1.11 -12.38 31.45
N ILE G 202 -1.01 -13.52 30.75
CA ILE G 202 -2.02 -13.90 29.78
C ILE G 202 -3.34 -14.25 30.48
N GLU G 203 -3.28 -15.05 31.55
CA GLU G 203 -4.50 -15.41 32.25
C GLU G 203 -5.13 -14.20 32.93
N ALA G 204 -4.33 -13.24 33.41
CA ALA G 204 -4.91 -12.03 33.96
C ALA G 204 -5.58 -11.20 32.87
N TYR G 205 -4.97 -11.16 31.69
CA TYR G 205 -5.54 -10.34 30.61
C TYR G 205 -6.87 -10.89 30.11
N VAL G 206 -7.04 -12.22 30.08
CA VAL G 206 -8.29 -12.78 29.59
C VAL G 206 -9.26 -13.12 30.71
N SER G 207 -8.88 -12.86 31.96
CA SER G 207 -9.71 -13.23 33.10
C SER G 207 -10.99 -12.41 33.11
N THR G 208 -12.05 -13.01 33.68
CA THR G 208 -13.29 -12.27 33.81
C THR G 208 -13.19 -11.15 34.82
N GLY G 209 -12.13 -11.12 35.62
CA GLY G 209 -11.95 -10.10 36.62
C GLY G 209 -11.00 -9.01 36.19
N ALA G 210 -10.75 -8.89 34.89
CA ALA G 210 -9.83 -7.88 34.39
C ALA G 210 -10.34 -6.47 34.65
N THR G 211 -9.41 -5.56 34.93
CA THR G 211 -9.70 -4.14 35.11
C THR G 211 -8.73 -3.38 34.22
N PRO G 212 -9.01 -2.11 33.93
CA PRO G 212 -8.03 -1.32 33.17
C PRO G 212 -6.64 -1.29 33.80
N ILE G 213 -6.55 -1.38 35.12
CA ILE G 213 -5.24 -1.35 35.78
C ILE G 213 -4.49 -2.66 35.53
N THR G 214 -5.13 -3.80 35.83
CA THR G 214 -4.50 -5.09 35.56
C THR G 214 -4.19 -5.23 34.08
N ASP G 215 -5.06 -4.71 33.20
CA ASP G 215 -4.77 -4.76 31.76
C ASP G 215 -3.49 -4.02 31.44
N ALA G 216 -3.35 -2.79 31.96
CA ALA G 216 -2.13 -2.02 31.74
C ALA G 216 -0.91 -2.83 32.15
N LEU G 217 -0.97 -3.46 33.32
CA LEU G 217 0.19 -4.20 33.81
C LEU G 217 0.49 -5.44 32.97
N ALA G 218 -0.56 -6.18 32.59
CA ALA G 218 -0.38 -7.45 31.88
C ALA G 218 0.17 -7.24 30.47
N ILE G 219 -0.31 -6.22 29.76
CA ILE G 219 0.21 -5.96 28.41
C ILE G 219 1.71 -5.72 28.44
N GLN G 220 2.15 -4.86 29.36
CA GLN G 220 3.57 -4.57 29.50
C GLN G 220 4.36 -5.82 29.85
N ALA G 221 3.82 -6.64 30.76
CA ALA G 221 4.54 -7.86 31.13
C ALA G 221 4.74 -8.76 29.93
N ILE G 222 3.70 -8.94 29.13
CA ILE G 222 3.81 -9.79 27.93
C ILE G 222 4.84 -9.22 26.97
N LYS G 223 4.82 -7.90 26.73
CA LYS G 223 5.75 -7.29 25.77
C LYS G 223 7.19 -7.47 26.22
N ILE G 224 7.47 -7.31 27.51
CA ILE G 224 8.84 -7.44 27.99
C ILE G 224 9.28 -8.89 28.00
N ILE G 225 8.38 -9.81 28.39
CA ILE G 225 8.76 -11.22 28.40
C ILE G 225 9.13 -11.67 27.00
N SER G 226 8.34 -11.25 26.01
CA SER G 226 8.59 -11.65 24.63
C SER G 226 9.98 -11.25 24.15
N LYS G 227 10.52 -10.14 24.64
CA LYS G 227 11.83 -9.69 24.16
C LYS G 227 12.97 -10.22 25.02
N TYR G 228 12.80 -10.26 26.34
CA TYR G 228 13.94 -10.51 27.22
C TYR G 228 14.00 -11.91 27.81
N LEU G 229 12.89 -12.65 27.91
CA LEU G 229 13.01 -13.98 28.47
C LEU G 229 13.93 -14.87 27.64
N PRO G 230 13.82 -14.94 26.30
CA PRO G 230 14.80 -15.75 25.55
C PRO G 230 16.25 -15.29 25.73
N ARG G 231 16.47 -14.00 25.94
CA ARG G 231 17.84 -13.53 26.18
C ARG G 231 18.33 -13.98 27.55
N ALA G 232 17.45 -13.93 28.56
CA ALA G 232 17.85 -14.35 29.89
C ALA G 232 18.07 -15.86 29.96
N VAL G 233 17.37 -16.62 29.11
CA VAL G 233 17.61 -18.06 29.05
C VAL G 233 18.91 -18.36 28.33
N ALA G 234 19.23 -17.57 27.29
CA ALA G 234 20.45 -17.82 26.53
C ALA G 234 21.69 -17.38 27.30
N ASN G 235 21.59 -16.32 28.10
CA ASN G 235 22.72 -15.85 28.90
C ASN G 235 22.21 -15.25 30.19
N GLY G 236 22.39 -15.96 31.30
CA GLY G 236 21.94 -15.47 32.58
C GLY G 236 22.76 -14.31 33.14
N LYS G 237 23.89 -13.98 32.51
CA LYS G 237 24.69 -12.83 32.92
C LYS G 237 24.33 -11.57 32.16
N ASP G 238 23.36 -11.65 31.26
CA ASP G 238 22.81 -10.47 30.60
C ASP G 238 22.02 -9.71 31.65
N ILE G 239 22.65 -8.69 32.24
CA ILE G 239 22.03 -8.02 33.38
C ILE G 239 20.77 -7.29 32.95
N GLU G 240 20.80 -6.69 31.75
CA GLU G 240 19.60 -6.01 31.25
C GLU G 240 18.43 -6.99 31.16
N ALA G 241 18.66 -8.18 30.61
CA ALA G 241 17.58 -9.16 30.49
C ALA G 241 17.07 -9.59 31.86
N ARG G 242 17.97 -9.75 32.82
CA ARG G 242 17.54 -10.15 34.15
C ARG G 242 16.69 -9.05 34.80
N GLU G 243 17.10 -7.80 34.63
CA GLU G 243 16.36 -6.69 35.24
C GLU G 243 15.00 -6.52 34.58
N GLN G 244 14.95 -6.67 33.25
CA GLN G 244 13.68 -6.55 32.56
C GLN G 244 12.75 -7.70 32.94
N MET G 245 13.30 -8.89 33.15
CA MET G 245 12.49 -10.02 33.61
C MET G 245 12.00 -9.80 35.03
N ALA G 246 12.79 -9.13 35.87
CA ALA G 246 12.32 -8.82 37.21
C ALA G 246 11.16 -7.84 37.18
N PHE G 247 11.25 -6.84 36.31
CA PHE G 247 10.13 -5.91 36.17
C PHE G 247 8.90 -6.63 35.64
N ALA G 248 9.06 -7.47 34.63
CA ALA G 248 7.94 -8.17 34.03
C ALA G 248 7.29 -9.12 35.03
N GLN G 249 8.10 -9.77 35.85
CA GLN G 249 7.59 -10.65 36.89
C GLN G 249 6.71 -9.88 37.86
N SER G 250 7.14 -8.67 38.25
CA SER G 250 6.33 -7.89 39.18
C SER G 250 5.06 -7.37 38.51
N LEU G 251 5.17 -6.93 37.26
CA LEU G 251 3.99 -6.47 36.53
C LEU G 251 2.95 -7.60 36.42
N ALA G 252 3.41 -8.81 36.08
CA ALA G 252 2.49 -9.93 35.92
C ALA G 252 1.89 -10.33 37.27
N GLY G 253 2.68 -10.28 38.34
CA GLY G 253 2.13 -10.56 39.65
C GLY G 253 1.06 -9.58 40.04
N MET G 254 1.35 -8.27 39.88
CA MET G 254 0.35 -7.25 40.17
C MET G 254 -0.91 -7.48 39.37
N ALA G 255 -0.78 -7.91 38.11
CA ALA G 255 -1.97 -8.06 37.28
C ALA G 255 -2.81 -9.25 37.73
N PHE G 256 -2.17 -10.41 37.88
CA PHE G 256 -2.95 -11.60 38.22
C PHE G 256 -3.49 -11.53 39.64
N ASN G 257 -2.74 -10.92 40.57
CA ASN G 257 -3.21 -10.80 41.94
C ASN G 257 -4.57 -10.13 42.02
N ASN G 258 -4.86 -9.19 41.11
CA ASN G 258 -6.07 -8.40 41.20
C ASN G 258 -7.07 -8.67 40.09
N ALA G 259 -6.72 -9.46 39.08
CA ALA G 259 -7.66 -9.84 38.03
C ALA G 259 -8.12 -11.28 38.12
N GLY G 260 -7.26 -12.18 38.58
CA GLY G 260 -7.55 -13.60 38.61
C GLY G 260 -6.76 -14.35 37.56
N LEU G 261 -6.78 -15.69 37.68
CA LEU G 261 -6.06 -16.53 36.73
C LEU G 261 -7.05 -17.32 35.88
N GLY G 262 -6.72 -18.55 35.54
CA GLY G 262 -7.61 -19.37 34.72
C GLY G 262 -7.28 -20.83 34.82
N TYR G 263 -7.65 -21.59 33.79
CA TYR G 263 -7.54 -23.04 33.90
C TYR G 263 -6.13 -23.56 33.66
N VAL G 264 -5.22 -22.74 33.14
CA VAL G 264 -3.82 -23.16 33.08
C VAL G 264 -3.33 -23.44 34.49
N HIS G 265 -3.60 -22.52 35.41
CA HIS G 265 -3.16 -22.70 36.78
C HIS G 265 -3.97 -23.76 37.51
N ALA G 266 -5.28 -23.82 37.25
CA ALA G 266 -6.09 -24.85 37.89
C ALA G 266 -5.59 -26.25 37.56
N ILE G 267 -5.21 -26.49 36.30
CA ILE G 267 -4.73 -27.80 35.91
C ILE G 267 -3.28 -28.01 36.33
N ALA G 268 -2.45 -26.96 36.25
CA ALA G 268 -1.07 -27.09 36.67
C ALA G 268 -0.96 -27.40 38.15
N HIS G 269 -1.87 -26.87 38.97
CA HIS G 269 -1.83 -27.15 40.40
C HIS G 269 -2.09 -28.62 40.67
N GLN G 270 -2.88 -29.27 39.83
CA GLN G 270 -3.13 -30.68 40.05
C GLN G 270 -1.99 -31.53 39.53
N LEU G 271 -1.44 -31.20 38.35
CA LEU G 271 -0.30 -31.98 37.89
C LEU G 271 0.90 -31.80 38.81
N GLY G 272 1.05 -30.65 39.46
CA GLY G 272 2.13 -30.46 40.39
C GLY G 272 1.91 -31.12 41.73
N GLY G 273 0.66 -31.13 42.23
CA GLY G 273 0.39 -31.83 43.46
C GLY G 273 0.45 -33.34 43.30
N PHE G 274 0.21 -33.82 42.09
CA PHE G 274 0.23 -35.25 41.82
C PHE G 274 1.62 -35.76 41.47
N TYR G 275 2.43 -34.98 40.76
CA TYR G 275 3.71 -35.47 40.25
C TYR G 275 4.92 -34.66 40.67
N ASN G 276 4.74 -33.59 41.44
CA ASN G 276 5.84 -32.73 41.88
C ASN G 276 6.63 -32.15 40.70
N PHE G 277 5.98 -31.94 39.57
CA PHE G 277 6.60 -31.27 38.43
C PHE G 277 6.81 -29.80 38.79
N PRO G 278 7.75 -29.14 38.12
CA PRO G 278 7.88 -27.68 38.33
C PRO G 278 6.63 -26.95 37.85
N HIS G 279 6.17 -26.00 38.68
CA HIS G 279 4.96 -25.25 38.41
C HIS G 279 5.02 -24.57 37.04
N GLY G 280 6.13 -23.90 36.74
CA GLY G 280 6.26 -23.21 35.48
C GLY G 280 6.32 -24.15 34.29
N VAL G 281 6.86 -25.36 34.49
CA VAL G 281 6.88 -26.34 33.41
C VAL G 281 5.46 -26.79 33.09
N CYS G 282 4.65 -27.00 34.14
CA CYS G 282 3.24 -27.35 33.94
C CYS G 282 2.50 -26.24 33.21
N ASN G 283 2.71 -25.00 33.65
CA ASN G 283 2.06 -23.87 33.01
C ASN G 283 2.47 -23.76 31.54
N ALA G 284 3.76 -23.98 31.25
CA ALA G 284 4.25 -23.82 29.89
C ALA G 284 3.68 -24.89 28.97
N VAL G 285 3.53 -26.12 29.48
CA VAL G 285 2.95 -27.18 28.66
C VAL G 285 1.48 -26.91 28.40
N LEU G 286 0.76 -26.40 29.40
CA LEU G 286 -0.69 -26.26 29.29
C LEU G 286 -1.15 -24.99 28.58
N LEU G 287 -0.39 -23.88 28.69
CA LEU G 287 -0.81 -22.58 28.19
C LEU G 287 -1.37 -22.59 26.78
N PRO G 288 -0.71 -23.16 25.77
CA PRO G 288 -1.31 -23.14 24.42
C PRO G 288 -2.66 -23.85 24.36
N TYR G 289 -2.82 -24.97 25.09
CA TYR G 289 -4.05 -25.75 24.98
C TYR G 289 -5.23 -25.05 25.64
N VAL G 290 -4.99 -24.40 26.78
CA VAL G 290 -6.07 -23.67 27.44
C VAL G 290 -6.38 -22.40 26.66
N CYS G 291 -5.37 -21.77 26.07
CA CYS G 291 -5.62 -20.60 25.23
C CYS G 291 -6.45 -20.98 24.02
N ARG G 292 -6.18 -22.15 23.44
CA ARG G 292 -6.98 -22.61 22.32
C ARG G 292 -8.41 -22.92 22.76
N PHE G 293 -8.57 -23.56 23.91
CA PHE G 293 -9.91 -23.80 24.43
C PHE G 293 -10.64 -22.49 24.70
N ASN G 294 -9.92 -21.47 25.19
CA ASN G 294 -10.53 -20.21 25.57
C ASN G 294 -10.74 -19.27 24.39
N LEU G 295 -10.25 -19.61 23.20
CA LEU G 295 -10.15 -18.64 22.10
C LEU G 295 -11.48 -17.94 21.82
N ILE G 296 -12.55 -18.71 21.69
CA ILE G 296 -13.82 -18.11 21.27
C ILE G 296 -14.42 -17.17 22.31
N SER G 297 -13.95 -17.22 23.56
CA SER G 297 -14.50 -16.34 24.60
C SER G 297 -13.80 -14.99 24.66
N LYS G 298 -12.54 -14.92 24.22
CA LYS G 298 -11.74 -13.70 24.27
C LYS G 298 -10.90 -13.57 22.99
N VAL G 299 -11.55 -13.67 21.83
CA VAL G 299 -10.80 -13.73 20.58
C VAL G 299 -10.07 -12.41 20.30
N GLU G 300 -10.69 -11.27 20.67
CA GLU G 300 -10.04 -9.99 20.41
C GLU G 300 -8.78 -9.85 21.27
N ARG G 301 -8.85 -10.33 22.51
CA ARG G 301 -7.71 -10.16 23.38
C ARG G 301 -6.58 -11.12 23.03
N TYR G 302 -6.90 -12.30 22.51
CA TYR G 302 -5.84 -13.18 22.04
C TYR G 302 -5.20 -12.63 20.76
N ALA G 303 -5.99 -11.96 19.92
CA ALA G 303 -5.41 -11.29 18.76
C ALA G 303 -4.46 -10.16 19.19
N GLU G 304 -4.82 -9.43 20.24
CA GLU G 304 -3.91 -8.42 20.77
C GLU G 304 -2.66 -9.05 21.37
N ILE G 305 -2.80 -10.20 22.03
CA ILE G 305 -1.65 -10.89 22.62
C ILE G 305 -0.68 -11.31 21.54
N ALA G 306 -1.20 -11.73 20.39
CA ALA G 306 -0.32 -12.13 19.28
C ALA G 306 0.59 -10.99 18.84
N ALA G 307 0.04 -9.77 18.78
CA ALA G 307 0.86 -8.60 18.44
C ALA G 307 1.84 -8.26 19.57
N PHE G 308 1.38 -8.35 20.82
CA PHE G 308 2.29 -8.12 21.95
C PHE G 308 3.47 -9.08 21.92
N LEU G 309 3.27 -10.28 21.39
CA LEU G 309 4.31 -11.28 21.32
C LEU G 309 5.14 -11.14 20.07
N GLY G 310 4.95 -10.04 19.32
CA GLY G 310 5.77 -9.71 18.18
C GLY G 310 5.25 -10.18 16.84
N GLU G 311 4.09 -10.81 16.80
CA GLU G 311 3.62 -11.40 15.55
C GLU G 311 3.05 -10.33 14.63
N ASN G 312 3.16 -10.59 13.33
CA ASN G 312 2.55 -9.73 12.33
C ASN G 312 1.13 -10.24 12.03
N VAL G 313 0.16 -9.36 12.20
CA VAL G 313 -1.24 -9.74 12.07
C VAL G 313 -1.92 -8.97 10.94
N ASP G 314 -1.13 -8.42 10.02
CA ASP G 314 -1.65 -7.56 8.96
C ASP G 314 -2.51 -8.35 7.98
N GLY G 315 -3.69 -7.83 7.67
CA GLY G 315 -4.55 -8.46 6.68
C GLY G 315 -5.26 -9.70 7.17
N LEU G 316 -5.34 -9.88 8.48
CA LEU G 316 -5.89 -11.08 9.08
C LEU G 316 -7.18 -10.76 9.82
N SER G 317 -8.05 -11.77 9.89
CA SER G 317 -9.22 -11.71 10.76
C SER G 317 -8.77 -11.80 12.21
N THR G 318 -9.63 -11.32 13.12
CA THR G 318 -9.30 -11.42 14.54
C THR G 318 -9.00 -12.86 14.91
N TYR G 319 -9.70 -13.82 14.30
CA TYR G 319 -9.56 -15.23 14.65
C TYR G 319 -8.19 -15.77 14.27
N ASP G 320 -7.75 -15.48 13.04
CA ASP G 320 -6.45 -15.96 12.59
C ASP G 320 -5.32 -15.28 13.35
N ALA G 321 -5.51 -14.02 13.74
CA ALA G 321 -4.51 -13.32 14.53
C ALA G 321 -4.42 -13.94 15.91
N ALA G 322 -5.57 -14.32 16.48
CA ALA G 322 -5.58 -15.02 17.76
C ALA G 322 -4.88 -16.38 17.67
N GLU G 323 -5.01 -17.06 16.53
CA GLU G 323 -4.33 -18.34 16.39
C GLU G 323 -2.83 -18.15 16.32
N LYS G 324 -2.39 -17.03 15.73
CA LYS G 324 -0.96 -16.75 15.70
C LYS G 324 -0.37 -16.59 17.10
N ALA G 325 -1.19 -16.23 18.10
CA ALA G 325 -0.69 -16.14 19.47
C ALA G 325 -0.36 -17.52 20.03
N ILE G 326 -1.21 -18.50 19.77
CA ILE G 326 -0.92 -19.88 20.19
C ILE G 326 0.35 -20.39 19.49
N LYS G 327 0.51 -20.05 18.21
CA LYS G 327 1.73 -20.48 17.53
C LYS G 327 2.96 -19.84 18.13
N ALA G 328 2.86 -18.58 18.55
CA ALA G 328 4.01 -17.91 19.15
C ALA G 328 4.32 -18.50 20.53
N ILE G 329 3.29 -18.84 21.29
CA ILE G 329 3.50 -19.48 22.59
C ILE G 329 4.18 -20.82 22.41
N GLU G 330 3.74 -21.61 21.43
CA GLU G 330 4.35 -22.90 21.19
C GLU G 330 5.80 -22.74 20.76
N ARG G 331 6.08 -21.74 19.92
CA ARG G 331 7.43 -21.52 19.43
C ARG G 331 8.35 -21.09 20.55
N MET G 332 7.88 -20.22 21.45
CA MET G 332 8.72 -19.82 22.56
C MET G 332 8.99 -21.01 23.47
N ALA G 333 7.95 -21.79 23.79
CA ALA G 333 8.16 -22.94 24.66
C ALA G 333 9.12 -23.94 24.04
N LYS G 334 9.05 -24.11 22.72
CA LYS G 334 9.92 -25.03 22.02
C LYS G 334 11.36 -24.51 22.01
N ASP G 335 11.53 -23.20 21.85
CA ASP G 335 12.85 -22.60 21.84
C ASP G 335 13.49 -22.54 23.23
N LEU G 336 12.70 -22.63 24.30
CA LEU G 336 13.23 -22.59 25.65
C LEU G 336 13.31 -23.96 26.30
N ASN G 337 13.32 -25.04 25.50
CA ASN G 337 13.51 -26.40 25.99
C ASN G 337 12.47 -26.83 27.01
N ILE G 338 11.21 -26.55 26.71
CA ILE G 338 10.11 -27.00 27.56
C ILE G 338 9.67 -28.39 27.10
N PRO G 339 9.47 -29.36 28.02
CA PRO G 339 9.01 -30.68 27.64
C PRO G 339 7.77 -30.56 26.75
N LYS G 340 7.69 -31.41 25.74
CA LYS G 340 6.56 -31.31 24.78
C LYS G 340 5.27 -31.70 25.49
N GLY G 341 5.34 -32.63 26.44
CA GLY G 341 4.14 -33.10 27.14
C GLY G 341 4.41 -33.59 28.54
N PHE G 342 3.39 -34.10 29.20
CA PHE G 342 3.51 -34.51 30.62
C PHE G 342 3.89 -35.99 30.72
N LYS G 343 3.51 -36.80 29.73
CA LYS G 343 3.80 -38.25 29.86
C LYS G 343 5.32 -38.46 29.86
N GLU G 344 6.04 -37.66 29.08
CA GLU G 344 7.51 -37.80 28.98
C GLU G 344 8.12 -37.52 30.35
N LEU G 345 7.35 -36.88 31.22
CA LEU G 345 7.84 -36.53 32.56
C LEU G 345 7.41 -37.52 33.63
N GLY G 346 6.42 -38.38 33.35
CA GLY G 346 6.02 -39.40 34.30
C GLY G 346 4.53 -39.38 34.60
N ALA G 347 3.79 -38.54 33.90
CA ALA G 347 2.35 -38.50 34.09
C ALA G 347 1.73 -39.77 33.52
N LYS G 348 0.57 -40.15 34.07
CA LYS G 348 -0.10 -41.40 33.65
C LYS G 348 -1.57 -41.13 33.32
N GLU G 349 -2.08 -41.73 32.24
CA GLU G 349 -3.48 -41.50 31.78
C GLU G 349 -4.48 -41.85 32.87
N GLU G 350 -4.10 -42.73 33.79
CA GLU G 350 -5.02 -43.22 34.84
C GLU G 350 -5.36 -42.11 35.84
N ASP G 351 -4.66 -40.98 35.82
CA ASP G 351 -4.90 -39.96 36.87
C ASP G 351 -5.62 -38.75 36.26
N ILE G 352 -5.83 -38.73 34.95
CA ILE G 352 -6.40 -37.53 34.27
C ILE G 352 -7.74 -37.12 34.89
N GLU G 353 -8.70 -38.03 35.03
CA GLU G 353 -10.05 -37.64 35.50
C GLU G 353 -9.96 -37.04 36.91
N THR G 354 -9.24 -37.67 37.81
CA THR G 354 -9.03 -37.10 39.16
C THR G 354 -8.36 -35.75 38.97
N LEU G 355 -7.25 -35.69 38.22
CA LEU G 355 -6.65 -34.40 37.90
C LEU G 355 -7.69 -33.42 37.36
N ALA G 356 -8.54 -33.86 36.43
CA ALA G 356 -9.51 -32.94 35.87
C ALA G 356 -10.53 -32.53 36.94
N LYS G 357 -10.99 -33.49 37.74
CA LYS G 357 -12.02 -33.17 38.72
C LYS G 357 -11.50 -32.18 39.75
N ASN G 358 -10.28 -32.39 40.23
CA ASN G 358 -9.73 -31.47 41.21
C ASN G 358 -9.49 -30.10 40.60
N ALA G 359 -9.20 -30.06 39.29
CA ALA G 359 -9.01 -28.78 38.65
C ALA G 359 -10.27 -27.94 38.69
N MET G 360 -11.43 -28.58 38.62
CA MET G 360 -12.66 -27.80 38.61
C MET G 360 -13.00 -27.24 39.99
N LYS G 361 -12.22 -27.58 41.02
CA LYS G 361 -12.45 -27.07 42.35
C LYS G 361 -11.45 -25.98 42.73
N ASP G 362 -10.42 -25.76 41.92
CA ASP G 362 -9.43 -24.70 42.17
C ASP G 362 -10.04 -23.33 41.94
N ALA G 363 -9.60 -22.36 42.75
CA ALA G 363 -10.19 -21.02 42.66
C ALA G 363 -9.80 -20.31 41.38
N CYS G 364 -8.64 -20.65 40.80
CA CYS G 364 -8.22 -20.03 39.55
C CYS G 364 -9.20 -20.30 38.42
N ALA G 365 -9.99 -21.37 38.53
CA ALA G 365 -10.96 -21.68 37.50
C ALA G 365 -12.15 -20.72 37.50
N LEU G 366 -12.39 -20.00 38.60
CA LEU G 366 -13.58 -19.15 38.66
C LEU G 366 -13.48 -17.96 37.70
N THR G 367 -12.27 -17.52 37.37
CA THR G 367 -12.08 -16.32 36.55
C THR G 367 -11.71 -16.66 35.12
N ASN G 368 -11.59 -17.95 34.79
CA ASN G 368 -11.34 -18.34 33.41
C ASN G 368 -12.47 -17.84 32.52
N PRO G 369 -12.15 -17.30 31.33
CA PRO G 369 -13.22 -16.71 30.50
C PRO G 369 -14.22 -17.71 29.94
N ARG G 370 -13.84 -18.97 29.69
CA ARG G 370 -14.76 -19.98 29.20
C ARG G 370 -15.10 -20.98 30.31
N LYS G 371 -16.39 -21.22 30.53
CA LYS G 371 -16.84 -22.10 31.60
C LYS G 371 -16.99 -23.53 31.10
N PRO G 372 -16.13 -24.47 31.52
CA PRO G 372 -16.14 -25.83 30.97
C PRO G 372 -16.92 -26.87 31.78
N LYS G 373 -16.92 -28.08 31.20
CA LYS G 373 -17.50 -29.27 31.87
C LYS G 373 -16.34 -30.28 31.95
N LEU G 374 -16.43 -31.28 32.81
CA LEU G 374 -15.30 -32.22 33.02
C LEU G 374 -14.70 -32.69 31.71
N GLU G 375 -15.54 -33.06 30.75
CA GLU G 375 -15.04 -33.66 29.49
C GLU G 375 -14.00 -32.77 28.82
N GLU G 376 -14.23 -31.46 28.82
CA GLU G 376 -13.32 -30.53 28.11
C GLU G 376 -12.02 -30.40 28.91
N VAL G 377 -12.10 -30.42 30.24
CA VAL G 377 -10.87 -30.40 31.05
C VAL G 377 -10.07 -31.67 30.83
N ILE G 378 -10.76 -32.80 30.73
CA ILE G 378 -10.11 -34.08 30.45
C ILE G 378 -9.43 -34.02 29.10
N GLN G 379 -10.15 -33.47 28.12
CA GLN G 379 -9.58 -33.35 26.78
C GLN G 379 -8.34 -32.45 26.80
N ILE G 380 -8.35 -31.36 27.57
CA ILE G 380 -7.17 -30.49 27.69
C ILE G 380 -6.00 -31.27 28.27
N ILE G 381 -6.21 -31.98 29.37
CA ILE G 381 -5.10 -32.71 29.98
C ILE G 381 -4.59 -33.81 29.04
N LYS G 382 -5.50 -34.48 28.32
CA LYS G 382 -5.08 -35.51 27.37
C LYS G 382 -4.29 -34.91 26.22
N ASN G 383 -4.72 -33.75 25.72
CA ASN G 383 -3.97 -33.10 24.65
C ASN G 383 -2.59 -32.72 25.13
N ALA G 384 -2.47 -32.36 26.41
CA ALA G 384 -1.21 -31.97 27.00
C ALA G 384 -0.36 -33.17 27.40
N MET G 385 -0.89 -34.39 27.24
CA MET G 385 -0.10 -35.57 27.54
C MET G 385 0.90 -35.86 26.43
N LEU G 386 0.43 -35.96 25.20
CA LEU G 386 1.26 -36.18 24.02
C LEU G 386 2.31 -35.08 23.81
N ASN H 3 23.25 4.35 41.60
CA ASN H 3 22.39 3.17 41.68
C ASN H 3 21.29 3.17 40.62
N THR H 4 20.89 1.97 40.19
CA THR H 4 19.74 1.77 39.32
C THR H 4 18.50 1.37 40.13
N GLN H 5 18.46 1.73 41.42
CA GLN H 5 17.40 1.27 42.30
C GLN H 5 16.15 2.13 42.17
N SER H 6 15.01 1.51 42.41
CA SER H 6 13.73 2.20 42.37
C SER H 6 12.79 1.53 43.36
N ALA H 7 11.63 2.16 43.57
CA ALA H 7 10.66 1.68 44.53
C ALA H 7 9.26 2.06 44.06
N PHE H 8 8.28 1.24 44.43
CA PHE H 8 6.89 1.48 44.10
C PHE H 8 6.09 1.58 45.41
N PHE H 9 5.36 2.67 45.56
CA PHE H 9 4.61 2.98 46.77
C PHE H 9 3.13 3.06 46.45
N MET H 10 2.31 2.55 47.36
CA MET H 10 0.86 2.54 47.17
C MET H 10 0.15 2.11 48.46
N PRO H 11 -1.09 2.53 48.68
CA PRO H 11 -1.85 1.95 49.79
C PRO H 11 -2.02 0.46 49.57
N SER H 12 -1.99 -0.30 50.67
CA SER H 12 -2.09 -1.76 50.55
C SER H 12 -3.48 -2.18 50.06
N VAL H 13 -4.52 -1.41 50.36
CA VAL H 13 -5.88 -1.73 49.96
C VAL H 13 -6.52 -0.52 49.30
N ASN H 14 -7.03 -0.71 48.08
CA ASN H 14 -7.60 0.35 47.27
C ASN H 14 -8.91 -0.15 46.66
N LEU H 15 -10.02 0.47 47.05
CA LEU H 15 -11.35 0.06 46.61
C LEU H 15 -11.81 0.90 45.43
N PHE H 16 -12.43 0.25 44.45
CA PHE H 16 -12.95 0.90 43.26
C PHE H 16 -14.38 0.45 43.01
N GLY H 17 -15.11 1.27 42.27
CA GLY H 17 -16.42 0.85 41.81
C GLY H 17 -17.54 1.55 42.57
N ALA H 18 -18.72 1.55 41.95
CA ALA H 18 -19.90 2.19 42.52
C ALA H 18 -20.28 1.55 43.85
N GLY H 19 -20.40 2.38 44.88
CA GLY H 19 -20.81 1.92 46.19
C GLY H 19 -19.68 1.65 47.17
N SER H 20 -18.42 1.87 46.78
CA SER H 20 -17.29 1.55 47.65
C SER H 20 -17.29 2.35 48.94
N VAL H 21 -17.91 3.53 48.93
CA VAL H 21 -17.88 4.35 50.13
C VAL H 21 -18.61 3.68 51.29
N ASN H 22 -19.54 2.77 50.99
CA ASN H 22 -20.28 2.05 52.03
C ASN H 22 -19.40 1.14 52.86
N GLU H 23 -18.09 1.08 52.59
CA GLU H 23 -17.24 0.26 53.44
C GLU H 23 -16.38 1.08 54.38
N VAL H 24 -16.37 2.42 54.24
CA VAL H 24 -15.40 3.23 54.97
C VAL H 24 -15.47 2.92 56.46
N GLY H 25 -16.70 2.87 57.01
CA GLY H 25 -16.84 2.66 58.43
C GLY H 25 -16.23 1.34 58.85
N THR H 26 -16.62 0.25 58.14
CA THR H 26 -16.06 -1.05 58.45
C THR H 26 -14.54 -1.04 58.37
N ARG H 27 -14.00 -0.40 57.32
CA ARG H 27 -12.55 -0.40 57.15
C ARG H 27 -11.89 0.36 58.28
N LEU H 28 -12.54 1.43 58.74
CA LEU H 28 -12.03 2.16 59.89
C LEU H 28 -12.04 1.30 61.15
N ALA H 29 -13.11 0.52 61.34
CA ALA H 29 -13.23 -0.29 62.54
C ALA H 29 -12.21 -1.41 62.58
N ASP H 30 -11.94 -2.05 61.42
CA ASP H 30 -10.96 -3.13 61.38
C ASP H 30 -9.59 -2.62 61.78
N LEU H 31 -9.32 -1.33 61.56
CA LEU H 31 -8.05 -0.73 61.95
C LEU H 31 -7.98 -0.48 63.44
N GLY H 32 -9.13 -0.46 64.11
CA GLY H 32 -9.15 -0.28 65.58
C GLY H 32 -9.05 1.17 65.97
N VAL H 33 -9.69 2.05 65.21
CA VAL H 33 -9.61 3.51 65.49
C VAL H 33 -10.86 3.92 66.26
N LYS H 34 -10.76 4.92 67.12
CA LYS H 34 -11.91 5.28 67.98
C LYS H 34 -12.59 6.57 67.48
N LYS H 35 -11.81 7.62 67.21
CA LYS H 35 -12.39 8.87 66.67
C LYS H 35 -11.60 9.35 65.45
N ALA H 36 -12.30 9.75 64.40
CA ALA H 36 -11.67 10.17 63.17
C ALA H 36 -12.06 11.61 62.90
N LEU H 37 -11.08 12.38 62.43
CA LEU H 37 -11.30 13.73 61.95
C LEU H 37 -11.67 13.64 60.47
N LEU H 38 -12.89 14.06 60.14
CA LEU H 38 -13.36 14.06 58.76
C LEU H 38 -12.93 15.36 58.12
N VAL H 39 -11.89 15.30 57.30
CA VAL H 39 -11.35 16.47 56.62
C VAL H 39 -12.01 16.58 55.24
N THR H 40 -12.72 17.69 55.02
CA THR H 40 -13.37 17.95 53.74
C THR H 40 -13.39 19.46 53.51
N ASP H 41 -14.02 19.90 52.43
CA ASP H 41 -14.13 21.32 52.15
C ASP H 41 -15.55 21.82 52.40
N ALA H 42 -15.68 23.15 52.42
CA ALA H 42 -16.96 23.78 52.74
C ALA H 42 -18.01 23.50 51.67
N GLY H 43 -17.59 23.36 50.41
CA GLY H 43 -18.54 23.03 49.35
C GLY H 43 -19.12 21.64 49.53
N LEU H 44 -18.26 20.65 49.77
CA LEU H 44 -18.77 19.29 49.93
C LEU H 44 -19.56 19.15 51.21
N HIS H 45 -19.22 19.91 52.24
CA HIS H 45 -20.02 19.92 53.46
C HIS H 45 -21.38 20.54 53.19
N GLY H 46 -21.41 21.61 52.40
CA GLY H 46 -22.66 22.26 52.03
C GLY H 46 -23.54 21.43 51.11
N LEU H 47 -22.95 20.48 50.37
CA LEU H 47 -23.77 19.60 49.55
C LEU H 47 -24.33 18.43 50.34
N GLY H 48 -23.85 18.21 51.57
CA GLY H 48 -24.37 17.19 52.45
C GLY H 48 -23.61 15.87 52.46
N LEU H 49 -22.56 15.74 51.65
CA LEU H 49 -21.84 14.47 51.59
C LEU H 49 -21.16 14.15 52.91
N SER H 50 -20.68 15.19 53.60
CA SER H 50 -19.99 15.01 54.88
C SER H 50 -20.85 14.20 55.85
N GLU H 51 -22.14 14.54 55.95
CA GLU H 51 -23.00 13.84 56.89
C GLU H 51 -23.31 12.42 56.42
N LYS H 52 -23.44 12.21 55.10
CA LYS H 52 -23.66 10.85 54.60
C LYS H 52 -22.52 9.93 55.01
N ILE H 53 -21.29 10.42 54.84
CA ILE H 53 -20.12 9.60 55.19
C ILE H 53 -20.01 9.46 56.69
N SER H 54 -20.29 10.53 57.44
CA SER H 54 -20.28 10.45 58.89
C SER H 54 -21.27 9.41 59.41
N SER H 55 -22.45 9.34 58.78
CA SER H 55 -23.42 8.33 59.16
C SER H 55 -22.91 6.93 58.89
N ILE H 56 -22.29 6.71 57.72
CA ILE H 56 -21.71 5.39 57.46
C ILE H 56 -20.67 5.04 58.53
N ILE H 57 -19.86 6.01 58.94
CA ILE H 57 -18.80 5.73 59.92
C ILE H 57 -19.40 5.46 61.30
N ARG H 58 -20.34 6.29 61.72
CA ARG H 58 -20.95 6.18 63.03
C ARG H 58 -21.77 4.90 63.15
N ALA H 59 -22.33 4.40 62.04
CA ALA H 59 -23.06 3.14 62.08
C ALA H 59 -22.16 1.94 62.30
N ALA H 60 -20.85 2.15 62.48
CA ALA H 60 -19.93 1.06 62.76
C ALA H 60 -19.18 1.25 64.07
N GLY H 61 -19.58 2.23 64.88
CA GLY H 61 -18.97 2.41 66.18
C GLY H 61 -17.73 3.27 66.19
N VAL H 62 -17.48 4.04 65.13
CA VAL H 62 -16.34 4.94 65.07
C VAL H 62 -16.87 6.35 65.19
N GLU H 63 -16.17 7.17 65.98
CA GLU H 63 -16.62 8.53 66.19
C GLU H 63 -16.16 9.44 65.05
N VAL H 64 -16.91 10.53 64.88
CA VAL H 64 -16.72 11.45 63.77
C VAL H 64 -16.76 12.88 64.29
N SER H 65 -15.77 13.68 63.88
CA SER H 65 -15.81 15.12 64.02
C SER H 65 -15.45 15.71 62.67
N ILE H 66 -16.35 16.50 62.09
CA ILE H 66 -16.12 17.02 60.73
C ILE H 66 -15.28 18.28 60.82
N PHE H 67 -14.24 18.35 59.97
CA PHE H 67 -13.39 19.53 59.82
C PHE H 67 -13.60 20.02 58.40
N PRO H 68 -14.64 20.82 58.15
CA PRO H 68 -14.94 21.23 56.78
C PRO H 68 -14.22 22.51 56.41
N LYS H 69 -12.95 22.62 56.82
CA LYS H 69 -12.18 23.84 56.68
C LYS H 69 -11.01 23.68 55.72
N ALA H 70 -11.03 22.63 54.90
CA ALA H 70 -9.98 22.49 53.88
C ALA H 70 -10.32 23.41 52.70
N GLU H 71 -9.35 24.23 52.29
CA GLU H 71 -9.60 25.19 51.18
C GLU H 71 -9.03 24.68 49.87
N PRO H 72 -9.71 24.90 48.73
CA PRO H 72 -9.14 24.56 47.44
C PRO H 72 -7.75 25.20 47.43
N ASN H 73 -6.71 24.40 47.19
CA ASN H 73 -5.31 24.88 47.31
C ASN H 73 -5.05 24.94 48.81
N PRO H 74 -4.95 23.80 49.50
CA PRO H 74 -4.80 23.77 50.95
C PRO H 74 -3.72 24.71 51.49
N THR H 75 -3.95 25.32 52.65
CA THR H 75 -2.99 26.30 53.22
C THR H 75 -2.47 25.86 54.59
N ASP H 76 -1.32 26.40 54.99
CA ASP H 76 -0.73 26.08 56.29
C ASP H 76 -1.69 26.39 57.44
N LYS H 77 -2.52 27.44 57.29
CA LYS H 77 -3.47 27.78 58.33
C LYS H 77 -4.55 26.71 58.49
N ASN H 78 -5.06 26.18 57.37
CA ASN H 78 -6.01 25.09 57.44
C ASN H 78 -5.43 23.90 58.19
N VAL H 79 -4.16 23.58 57.94
CA VAL H 79 -3.53 22.41 58.56
C VAL H 79 -3.34 22.63 60.06
N ALA H 80 -2.88 23.83 60.45
CA ALA H 80 -2.70 24.12 61.86
C ALA H 80 -4.04 24.04 62.60
N GLU H 81 -5.07 24.66 62.03
CA GLU H 81 -6.41 24.58 62.60
C GLU H 81 -6.91 23.13 62.65
N GLY H 82 -6.55 22.33 61.63
CA GLY H 82 -7.00 20.96 61.62
C GLY H 82 -6.37 20.15 62.72
N LEU H 83 -5.08 20.38 62.98
CA LEU H 83 -4.46 19.72 64.12
C LEU H 83 -5.11 20.18 65.42
N GLU H 84 -5.48 21.46 65.49
CA GLU H 84 -6.18 21.95 66.67
C GLU H 84 -7.46 21.17 66.90
N ALA H 85 -8.22 20.94 65.84
CA ALA H 85 -9.44 20.14 65.98
C ALA H 85 -9.12 18.70 66.33
N TYR H 86 -8.16 18.09 65.61
CA TYR H 86 -7.77 16.71 65.84
C TYR H 86 -7.41 16.45 67.30
N ASN H 87 -6.63 17.34 67.91
CA ASN H 87 -6.21 17.14 69.29
C ASN H 87 -7.27 17.57 70.30
N ALA H 88 -7.87 18.75 70.11
CA ALA H 88 -8.88 19.24 71.03
C ALA H 88 -10.06 18.29 70.99
N GLU H 89 -10.34 17.67 69.83
CA GLU H 89 -11.48 16.77 69.77
C GLU H 89 -11.05 15.33 70.02
N ASN H 90 -9.83 15.10 70.48
CA ASN H 90 -9.30 13.79 70.83
C ASN H 90 -9.60 12.72 69.77
N CYS H 91 -9.14 12.98 68.55
CA CYS H 91 -9.23 12.05 67.43
C CYS H 91 -7.95 11.21 67.35
N ASP H 92 -8.10 9.96 66.93
CA ASP H 92 -6.94 9.09 66.72
C ASP H 92 -6.79 8.67 65.27
N SER H 93 -7.67 9.13 64.37
CA SER H 93 -7.58 8.78 62.96
C SER H 93 -8.10 9.94 62.13
N ILE H 94 -7.89 9.84 60.82
CA ILE H 94 -8.32 10.87 59.88
C ILE H 94 -8.99 10.19 58.70
N VAL H 95 -10.11 10.72 58.25
CA VAL H 95 -10.74 10.32 56.99
C VAL H 95 -10.88 11.57 56.13
N THR H 96 -10.29 11.54 54.94
CA THR H 96 -10.40 12.65 53.99
C THR H 96 -11.50 12.33 53.00
N LEU H 97 -12.37 13.32 52.74
CA LEU H 97 -13.47 13.17 51.79
C LEU H 97 -13.45 14.37 50.85
N GLY H 98 -13.18 14.11 49.58
CA GLY H 98 -13.16 15.15 48.59
C GLY H 98 -12.07 14.99 47.56
N GLY H 99 -11.51 16.11 47.11
CA GLY H 99 -10.46 16.11 46.13
C GLY H 99 -9.08 16.21 46.77
N GLY H 100 -8.11 16.62 45.95
CA GLY H 100 -6.74 16.67 46.42
C GLY H 100 -6.53 17.60 47.58
N SER H 101 -7.30 18.70 47.64
CA SER H 101 -7.14 19.65 48.75
C SER H 101 -7.49 19.00 50.07
N SER H 102 -8.57 18.20 50.11
CA SER H 102 -8.93 17.54 51.35
C SER H 102 -7.93 16.46 51.71
N HIS H 103 -7.48 15.68 50.72
CA HIS H 103 -6.52 14.63 50.98
C HIS H 103 -5.21 15.21 51.51
N ASP H 104 -4.72 16.26 50.87
CA ASP H 104 -3.43 16.82 51.25
C ASP H 104 -3.52 17.51 52.60
N ALA H 105 -4.63 18.21 52.87
CA ALA H 105 -4.81 18.78 54.21
C ALA H 105 -4.82 17.68 55.27
N GLY H 106 -5.57 16.61 55.03
CA GLY H 106 -5.60 15.51 55.98
C GLY H 106 -4.25 14.85 56.15
N LYS H 107 -3.52 14.65 55.05
CA LYS H 107 -2.17 14.08 55.12
C LYS H 107 -1.26 14.95 55.97
N ALA H 108 -1.34 16.26 55.78
CA ALA H 108 -0.49 17.18 56.53
C ALA H 108 -0.84 17.14 58.01
N ILE H 109 -2.13 17.19 58.33
CA ILE H 109 -2.58 17.08 59.72
C ILE H 109 -2.08 15.78 60.34
N ALA H 110 -2.23 14.67 59.60
CA ALA H 110 -1.84 13.37 60.15
C ALA H 110 -0.34 13.26 60.35
N LEU H 111 0.44 13.82 59.44
CA LEU H 111 1.89 13.78 59.57
C LEU H 111 2.35 14.61 60.75
N VAL H 112 1.87 15.85 60.85
CA VAL H 112 2.28 16.72 61.95
C VAL H 112 1.80 16.18 63.30
N ALA H 113 0.66 15.49 63.32
CA ALA H 113 0.16 14.91 64.57
C ALA H 113 1.02 13.77 65.11
N ALA H 114 1.91 13.20 64.31
CA ALA H 114 2.77 12.12 64.75
C ALA H 114 4.25 12.48 64.74
N ASN H 115 4.64 13.56 64.05
CA ASN H 115 6.03 13.96 63.90
C ASN H 115 6.35 15.31 64.51
N GLY H 116 5.34 16.14 64.78
CA GLY H 116 5.52 17.46 65.41
C GLY H 116 5.87 18.54 64.41
N GLY H 117 6.59 19.56 64.89
CA GLY H 117 7.04 20.63 64.01
C GLY H 117 5.88 21.37 63.34
N LYS H 118 6.13 21.79 62.11
CA LYS H 118 5.09 22.35 61.26
C LYS H 118 5.18 21.62 59.94
N ILE H 119 4.12 21.75 59.13
CA ILE H 119 4.13 21.10 57.83
C ILE H 119 5.27 21.66 56.97
N HIS H 120 5.60 22.95 57.14
CA HIS H 120 6.68 23.57 56.35
C HIS H 120 8.00 22.88 56.60
N ASP H 121 8.17 22.26 57.76
CA ASP H 121 9.41 21.58 58.09
C ASP H 121 9.65 20.38 57.19
N TYR H 122 8.61 19.91 56.51
CA TYR H 122 8.68 18.68 55.74
C TYR H 122 8.70 18.89 54.22
N GLU H 123 8.84 20.14 53.76
CA GLU H 123 8.98 20.37 52.33
C GLU H 123 10.26 19.72 51.80
N GLY H 124 10.11 18.88 50.78
CA GLY H 124 11.22 18.14 50.21
C GLY H 124 10.90 16.66 50.07
N VAL H 125 11.91 15.81 50.17
CA VAL H 125 11.76 14.37 49.95
C VAL H 125 12.21 13.65 51.22
N ASP H 126 11.30 12.86 51.79
CA ASP H 126 11.57 12.02 52.96
C ASP H 126 12.22 12.81 54.08
N VAL H 127 11.59 13.93 54.44
CA VAL H 127 12.12 14.79 55.50
C VAL H 127 11.63 14.35 56.86
N SER H 128 10.65 13.45 56.92
CA SER H 128 9.95 13.04 58.12
C SER H 128 10.51 11.79 58.81
N LYS H 129 10.04 11.56 60.04
CA LYS H 129 10.45 10.52 60.99
C LYS H 129 9.47 9.37 61.02
N GLU H 130 8.38 9.54 61.75
CA GLU H 130 7.32 8.56 61.88
C GLU H 130 6.41 8.53 60.67
N PRO H 131 5.78 7.38 60.44
CA PRO H 131 4.60 7.36 59.59
C PRO H 131 3.50 8.21 60.23
N MET H 132 2.59 8.70 59.38
CA MET H 132 1.47 9.51 59.83
C MET H 132 0.39 8.63 60.47
N VAL H 133 -0.58 9.27 61.12
CA VAL H 133 -1.66 8.56 61.81
C VAL H 133 -2.54 7.87 60.78
N PRO H 134 -3.26 6.80 61.14
CA PRO H 134 -4.14 6.12 60.18
C PRO H 134 -5.05 7.08 59.43
N LEU H 135 -5.15 6.86 58.12
CA LEU H 135 -5.92 7.73 57.23
C LEU H 135 -6.59 6.92 56.13
N ILE H 136 -7.88 7.16 55.92
CA ILE H 136 -8.62 6.59 54.79
C ILE H 136 -9.03 7.73 53.87
N ALA H 137 -8.70 7.61 52.59
CA ALA H 137 -8.92 8.70 51.63
C ALA H 137 -10.06 8.34 50.68
N ILE H 138 -11.10 9.19 50.65
CA ILE H 138 -12.26 9.01 49.79
C ILE H 138 -12.18 10.06 48.68
N ASN H 139 -11.98 9.60 47.44
CA ASN H 139 -11.74 10.52 46.33
C ASN H 139 -13.06 10.84 45.63
N THR H 140 -13.27 12.12 45.35
CA THR H 140 -14.50 12.57 44.72
C THR H 140 -14.27 13.34 43.42
N THR H 141 -13.00 13.56 43.09
CA THR H 141 -12.64 14.25 41.83
C THR H 141 -11.88 13.23 40.97
N ALA H 142 -11.88 13.44 39.67
CA ALA H 142 -11.18 12.50 38.78
C ALA H 142 -9.90 13.14 38.23
N GLY H 143 -8.90 13.32 39.09
CA GLY H 143 -7.63 13.82 38.56
C GLY H 143 -6.45 13.85 39.50
N THR H 144 -6.64 13.84 40.81
CA THR H 144 -5.48 14.04 41.70
C THR H 144 -4.69 12.75 41.94
N GLY H 145 -5.35 11.71 42.43
CA GLY H 145 -4.66 10.46 42.79
C GLY H 145 -4.10 10.50 44.20
N SER H 146 -4.30 11.61 44.92
CA SER H 146 -3.69 11.76 46.25
C SER H 146 -4.13 10.63 47.18
N GLU H 147 -5.28 10.04 46.92
CA GLU H 147 -5.66 8.91 47.74
C GLU H 147 -4.65 7.77 47.64
N LEU H 148 -3.69 7.86 46.70
CA LEU H 148 -2.69 6.82 46.52
C LEU H 148 -1.27 7.32 46.63
N THR H 149 -1.05 8.62 46.76
CA THR H 149 0.29 9.17 46.58
C THR H 149 0.98 9.40 47.92
N LYS H 150 2.29 9.61 47.82
CA LYS H 150 3.12 10.06 48.92
C LYS H 150 3.44 11.55 48.81
N PHE H 151 2.52 12.31 48.22
CA PHE H 151 2.66 13.74 47.98
C PHE H 151 1.57 14.44 48.77
N THR H 152 1.94 15.52 49.47
CA THR H 152 0.97 16.45 50.04
C THR H 152 1.42 17.87 49.72
N ILE H 153 0.57 18.64 49.03
CA ILE H 153 0.88 19.98 48.63
C ILE H 153 0.06 20.96 49.46
N ILE H 154 0.77 21.65 50.36
CA ILE H 154 0.22 22.65 51.28
C ILE H 154 0.80 23.98 50.89
N THR H 155 -0.01 25.03 50.92
CA THR H 155 0.44 26.34 50.46
C THR H 155 1.04 27.11 51.63
N ASP H 156 2.23 27.68 51.42
CA ASP H 156 2.87 28.56 52.43
C ASP H 156 2.30 29.96 52.17
N THR H 157 1.33 30.38 52.98
CA THR H 157 0.62 31.67 52.71
C THR H 157 1.56 32.87 52.65
N GLU H 158 2.75 32.79 53.26
CA GLU H 158 3.65 33.96 53.32
C GLU H 158 4.60 33.98 52.12
N ARG H 159 5.25 32.85 51.82
CA ARG H 159 6.18 32.77 50.66
C ARG H 159 5.34 32.68 49.38
N LYS H 160 4.05 32.42 49.51
CA LYS H 160 3.14 32.36 48.33
C LYS H 160 3.53 31.18 47.43
N VAL H 161 3.89 30.06 48.04
CA VAL H 161 4.32 28.91 47.22
C VAL H 161 3.56 27.66 47.68
N LYS H 162 2.97 26.92 46.75
CA LYS H 162 2.38 25.61 47.04
C LYS H 162 3.53 24.65 47.29
N MET H 163 3.89 24.40 48.55
CA MET H 163 4.97 23.48 48.85
C MET H 163 4.56 22.03 48.61
N ALA H 164 5.52 21.26 48.09
CA ALA H 164 5.38 19.84 47.79
C ALA H 164 6.16 19.02 48.81
N ILE H 165 5.46 18.33 49.70
CA ILE H 165 6.06 17.41 50.64
C ILE H 165 5.91 16.00 50.06
N VAL H 166 7.03 15.43 49.62
CA VAL H 166 7.05 14.10 49.01
C VAL H 166 7.68 13.16 50.02
N ASP H 167 6.86 12.43 50.76
CA ASP H 167 7.35 11.58 51.84
C ASP H 167 6.57 10.28 51.87
N LYS H 168 7.29 9.16 51.98
CA LYS H 168 6.65 7.85 52.05
C LYS H 168 5.68 7.73 53.23
N HIS H 169 5.77 8.63 54.21
CA HIS H 169 4.93 8.52 55.40
C HIS H 169 3.54 9.11 55.24
N VAL H 170 3.21 9.71 54.08
CA VAL H 170 1.87 10.23 53.87
C VAL H 170 1.07 9.36 52.91
N THR H 171 1.56 8.17 52.60
CA THR H 171 0.78 7.21 51.83
C THR H 171 -0.41 6.78 52.67
N PRO H 172 -1.64 6.98 52.21
CA PRO H 172 -2.81 6.60 53.01
C PRO H 172 -2.80 5.13 53.39
N THR H 173 -3.51 4.81 54.47
CA THR H 173 -3.64 3.42 54.88
C THR H 173 -4.52 2.66 53.91
N LEU H 174 -5.65 3.26 53.53
CA LEU H 174 -6.61 2.65 52.62
C LEU H 174 -7.25 3.74 51.77
N SER H 175 -7.59 3.37 50.52
CA SER H 175 -8.16 4.31 49.58
C SER H 175 -9.50 3.81 49.05
N ILE H 176 -10.40 4.75 48.77
CA ILE H 176 -11.72 4.46 48.20
C ILE H 176 -11.96 5.42 47.04
N ASN H 177 -12.25 4.86 45.87
CA ASN H 177 -12.50 5.59 44.62
C ASN H 177 -13.89 5.23 44.11
N ASP H 178 -14.92 5.91 44.62
CA ASP H 178 -16.31 5.63 44.23
C ASP H 178 -16.74 6.55 43.11
N PRO H 179 -17.01 6.02 41.91
CA PRO H 179 -17.43 6.90 40.80
C PRO H 179 -18.79 7.55 41.02
N GLU H 180 -19.63 6.99 41.89
CA GLU H 180 -20.92 7.61 42.13
C GLU H 180 -20.77 8.96 42.81
N LEU H 181 -19.67 9.19 43.53
CA LEU H 181 -19.45 10.46 44.18
C LEU H 181 -18.89 11.50 43.21
N MET H 182 -18.65 11.14 41.96
CA MET H 182 -18.07 12.07 41.01
C MET H 182 -19.08 12.57 39.99
N VAL H 183 -20.31 12.04 39.98
CA VAL H 183 -21.33 12.45 39.02
C VAL H 183 -21.66 13.92 39.17
N GLY H 184 -21.52 14.46 40.38
CA GLY H 184 -21.88 15.85 40.63
C GLY H 184 -20.84 16.88 40.26
N MET H 185 -19.67 16.45 39.79
CA MET H 185 -18.64 17.37 39.37
C MET H 185 -19.16 18.24 38.23
N PRO H 186 -19.18 19.56 38.37
CA PRO H 186 -19.57 20.43 37.25
C PRO H 186 -18.59 20.31 36.10
N PRO H 187 -19.01 20.69 34.88
CA PRO H 187 -18.15 20.47 33.70
C PRO H 187 -16.75 21.04 33.81
N SER H 188 -16.60 22.27 34.31
CA SER H 188 -15.28 22.87 34.43
C SER H 188 -14.42 22.07 35.39
N LEU H 189 -15.01 21.55 36.46
CA LEU H 189 -14.26 20.73 37.40
C LEU H 189 -13.84 19.41 36.76
N THR H 190 -14.73 18.79 35.99
CA THR H 190 -14.39 17.58 35.26
C THR H 190 -13.19 17.80 34.34
N ALA H 191 -13.22 18.91 33.60
CA ALA H 191 -12.13 19.22 32.66
C ALA H 191 -10.82 19.50 33.40
N ALA H 192 -10.88 20.31 34.45
CA ALA H 192 -9.65 20.67 35.13
C ALA H 192 -9.01 19.46 35.79
N THR H 193 -9.82 18.63 36.47
CA THR H 193 -9.28 17.43 37.11
C THR H 193 -8.77 16.42 36.09
N GLY H 194 -9.50 16.24 34.97
CA GLY H 194 -9.04 15.32 33.95
C GLY H 194 -7.74 15.75 33.31
N LEU H 195 -7.57 17.05 33.08
CA LEU H 195 -6.32 17.51 32.51
C LEU H 195 -5.19 17.51 33.52
N ASP H 196 -5.50 17.59 34.81
CA ASP H 196 -4.45 17.36 35.80
C ASP H 196 -4.01 15.90 35.77
N ALA H 197 -4.96 14.99 35.54
CA ALA H 197 -4.59 13.57 35.40
C ALA H 197 -3.77 13.32 34.14
N LEU H 198 -4.15 13.97 33.03
CA LEU H 198 -3.39 13.85 31.80
C LEU H 198 -1.98 14.39 31.99
N THR H 199 -1.85 15.51 32.70
CA THR H 199 -0.53 16.05 33.00
C THR H 199 0.29 15.06 33.81
N HIS H 200 -0.35 14.41 34.79
CA HIS H 200 0.35 13.38 35.56
C HIS H 200 0.88 12.29 34.65
N ALA H 201 0.03 11.78 33.75
CA ALA H 201 0.43 10.64 32.93
C ALA H 201 1.53 11.00 31.95
N ILE H 202 1.43 12.18 31.32
CA ILE H 202 2.44 12.60 30.35
C ILE H 202 3.77 12.88 31.05
N GLU H 203 3.73 13.63 32.16
CA GLU H 203 4.96 13.93 32.86
C GLU H 203 5.60 12.68 33.44
N ALA H 204 4.79 11.68 33.81
CA ALA H 204 5.35 10.41 34.29
C ALA H 204 5.99 9.63 33.16
N TYR H 205 5.41 9.67 31.96
CA TYR H 205 5.98 8.90 30.87
C TYR H 205 7.35 9.45 30.44
N VAL H 206 7.54 10.77 30.48
CA VAL H 206 8.79 11.38 30.04
C VAL H 206 9.74 11.69 31.19
N SER H 207 9.39 11.33 32.42
CA SER H 207 10.23 11.66 33.56
C SER H 207 11.53 10.87 33.53
N THR H 208 12.59 11.45 34.10
CA THR H 208 13.86 10.74 34.20
C THR H 208 13.79 9.60 35.20
N GLY H 209 12.72 9.52 36.00
CA GLY H 209 12.56 8.45 36.96
C GLY H 209 11.56 7.40 36.51
N ALA H 210 11.26 7.37 35.21
CA ALA H 210 10.30 6.43 34.68
C ALA H 210 10.81 5.01 34.80
N THR H 211 9.88 4.09 35.04
CA THR H 211 10.13 2.66 35.12
C THR H 211 9.16 1.95 34.18
N PRO H 212 9.45 0.69 33.82
CA PRO H 212 8.47 -0.07 33.01
C PRO H 212 7.09 -0.16 33.67
N ILE H 213 7.03 -0.13 35.00
CA ILE H 213 5.76 -0.19 35.72
C ILE H 213 4.99 1.11 35.55
N THR H 214 5.65 2.22 35.89
CA THR H 214 5.00 3.53 35.74
C THR H 214 4.62 3.76 34.28
N ASP H 215 5.46 3.30 33.36
CA ASP H 215 5.15 3.41 31.94
C ASP H 215 3.86 2.67 31.61
N ALA H 216 3.74 1.43 32.10
CA ALA H 216 2.53 0.65 31.87
C ALA H 216 1.30 1.41 32.33
N LEU H 217 1.37 1.96 33.53
CA LEU H 217 0.19 2.66 34.06
C LEU H 217 -0.11 3.94 33.26
N ALA H 218 0.94 4.69 32.89
CA ALA H 218 0.77 5.98 32.24
C ALA H 218 0.20 5.85 30.83
N ILE H 219 0.66 4.86 30.06
CA ILE H 219 0.15 4.68 28.69
C ILE H 219 -1.36 4.48 28.73
N GLN H 220 -1.82 3.58 29.60
CA GLN H 220 -3.24 3.32 29.74
C GLN H 220 -3.98 4.59 30.18
N ALA H 221 -3.41 5.34 31.13
CA ALA H 221 -4.08 6.56 31.59
C ALA H 221 -4.32 7.54 30.44
N ILE H 222 -3.29 7.77 29.61
CA ILE H 222 -3.44 8.66 28.48
C ILE H 222 -4.49 8.15 27.50
N LYS H 223 -4.44 6.85 27.18
CA LYS H 223 -5.39 6.32 26.19
C LYS H 223 -6.82 6.47 26.68
N ILE H 224 -7.05 6.21 27.97
CA ILE H 224 -8.40 6.27 28.50
C ILE H 224 -8.88 7.71 28.57
N ILE H 225 -8.00 8.63 28.99
CA ILE H 225 -8.40 10.02 29.07
C ILE H 225 -8.79 10.54 27.69
N SER H 226 -8.00 10.17 26.67
CA SER H 226 -8.26 10.64 25.32
C SER H 226 -9.66 10.27 24.84
N LYS H 227 -10.17 9.13 25.29
CA LYS H 227 -11.47 8.69 24.82
C LYS H 227 -12.60 9.17 25.71
N TYR H 228 -12.39 9.18 27.03
CA TYR H 228 -13.51 9.38 27.93
C TYR H 228 -13.57 10.76 28.58
N LEU H 229 -12.48 11.54 28.65
CA LEU H 229 -12.59 12.85 29.30
C LEU H 229 -13.55 13.79 28.58
N PRO H 230 -13.46 14.00 27.26
CA PRO H 230 -14.45 14.89 26.62
C PRO H 230 -15.87 14.39 26.76
N ARG H 231 -16.09 13.07 26.87
CA ARG H 231 -17.45 12.59 27.09
C ARG H 231 -17.93 12.94 28.49
N ALA H 232 -17.05 12.87 29.48
CA ALA H 232 -17.45 13.23 30.84
C ALA H 232 -17.67 14.72 30.99
N VAL H 233 -16.92 15.54 30.24
CA VAL H 233 -17.20 16.96 30.28
C VAL H 233 -18.49 17.29 29.54
N ALA H 234 -18.78 16.56 28.46
CA ALA H 234 -19.99 16.84 27.70
C ALA H 234 -21.25 16.38 28.43
N ASN H 235 -21.16 15.31 29.24
CA ASN H 235 -22.29 14.81 30.03
C ASN H 235 -21.77 14.16 31.32
N GLY H 236 -22.02 14.80 32.46
CA GLY H 236 -21.53 14.27 33.74
C GLY H 236 -22.31 13.05 34.18
N LYS H 237 -23.39 12.74 33.48
CA LYS H 237 -24.27 11.60 33.84
C LYS H 237 -23.88 10.35 33.03
N ASP H 238 -22.92 10.47 32.11
CA ASP H 238 -22.39 9.28 31.41
C ASP H 238 -21.63 8.47 32.45
N ILE H 239 -22.24 7.40 32.96
CA ILE H 239 -21.63 6.60 34.01
C ILE H 239 -20.37 5.92 33.51
N GLU H 240 -20.39 5.45 32.27
CA GLU H 240 -19.21 4.79 31.71
C GLU H 240 -18.01 5.75 31.72
N ALA H 241 -18.23 6.99 31.28
CA ALA H 241 -17.15 7.97 31.27
C ALA H 241 -16.65 8.25 32.68
N ARG H 242 -17.56 8.32 33.65
CA ARG H 242 -17.13 8.60 35.02
C ARG H 242 -16.27 7.47 35.57
N GLU H 243 -16.66 6.22 35.30
CA GLU H 243 -15.88 5.09 35.81
C GLU H 243 -14.52 4.96 35.11
N GLN H 244 -14.49 5.17 33.79
CA GLN H 244 -13.22 5.09 33.09
C GLN H 244 -12.29 6.24 33.50
N MET H 245 -12.86 7.44 33.72
CA MET H 245 -12.03 8.54 34.21
C MET H 245 -11.55 8.29 35.63
N ALA H 246 -12.34 7.61 36.45
CA ALA H 246 -11.84 7.26 37.79
C ALA H 246 -10.68 6.27 37.70
N PHE H 247 -10.79 5.30 36.79
CA PHE H 247 -9.67 4.40 36.57
C PHE H 247 -8.45 5.17 36.07
N ALA H 248 -8.66 6.09 35.13
CA ALA H 248 -7.54 6.82 34.54
C ALA H 248 -6.87 7.73 35.56
N GLN H 249 -7.65 8.38 36.42
CA GLN H 249 -7.05 9.17 37.48
C GLN H 249 -6.21 8.30 38.39
N SER H 250 -6.68 7.07 38.69
CA SER H 250 -5.88 6.20 39.56
C SER H 250 -4.60 5.76 38.84
N LEU H 251 -4.71 5.43 37.56
CA LEU H 251 -3.53 5.05 36.78
C LEU H 251 -2.50 6.19 36.73
N ALA H 252 -2.96 7.42 36.45
CA ALA H 252 -2.04 8.54 36.35
C ALA H 252 -1.41 8.85 37.70
N GLY H 253 -2.19 8.75 38.78
CA GLY H 253 -1.62 8.93 40.10
C GLY H 253 -0.59 7.88 40.42
N MET H 254 -0.92 6.61 40.18
CA MET H 254 0.04 5.55 40.43
C MET H 254 1.33 5.77 39.66
N ALA H 255 1.24 6.25 38.42
CA ALA H 255 2.45 6.42 37.62
C ALA H 255 3.28 7.59 38.12
N PHE H 256 2.67 8.76 38.29
CA PHE H 256 3.47 9.93 38.67
C PHE H 256 3.99 9.81 40.08
N ASN H 257 3.25 9.17 40.99
CA ASN H 257 3.71 9.00 42.36
C ASN H 257 5.06 8.29 42.42
N ASN H 258 5.32 7.37 41.48
CA ASN H 258 6.52 6.53 41.54
C ASN H 258 7.52 6.81 40.43
N ALA H 259 7.18 7.65 39.45
CA ALA H 259 8.11 8.06 38.39
C ALA H 259 8.57 9.50 38.54
N GLY H 260 7.72 10.36 39.05
CA GLY H 260 8.01 11.80 39.19
C GLY H 260 7.23 12.56 38.17
N LEU H 261 7.23 13.92 38.39
CA LEU H 261 6.59 14.82 37.48
C LEU H 261 7.67 15.65 36.77
N GLY H 262 7.36 16.90 36.47
CA GLY H 262 8.28 17.75 35.74
C GLY H 262 7.93 19.20 35.90
N TYR H 263 8.30 20.01 34.90
CA TYR H 263 8.18 21.46 35.04
C TYR H 263 6.77 21.97 34.85
N VAL H 264 5.85 21.17 34.30
CA VAL H 264 4.45 21.59 34.29
C VAL H 264 3.95 21.78 35.71
N HIS H 265 4.18 20.78 36.56
CA HIS H 265 3.74 20.88 37.95
C HIS H 265 4.58 21.89 38.72
N ALA H 266 5.89 21.93 38.46
CA ALA H 266 6.74 22.87 39.17
C ALA H 266 6.30 24.31 38.93
N ILE H 267 5.93 24.66 37.71
CA ILE H 267 5.50 26.03 37.43
C ILE H 267 4.07 26.27 37.88
N ALA H 268 3.19 25.28 37.67
CA ALA H 268 1.80 25.44 38.08
C ALA H 268 1.68 25.64 39.59
N HIS H 269 2.58 25.02 40.37
CA HIS H 269 2.52 25.20 41.82
C HIS H 269 2.79 26.65 42.20
N GLN H 270 3.63 27.34 41.42
CA GLN H 270 3.92 28.73 41.74
C GLN H 270 2.79 29.64 41.28
N LEU H 271 2.21 29.33 40.12
CA LEU H 271 1.06 30.11 39.67
C LEU H 271 -0.12 29.97 40.62
N GLY H 272 -0.30 28.78 41.21
CA GLY H 272 -1.38 28.58 42.15
C GLY H 272 -1.11 29.16 43.52
N GLY H 273 0.15 29.13 43.97
CA GLY H 273 0.48 29.78 45.22
C GLY H 273 0.43 31.29 45.14
N PHE H 274 0.57 31.87 43.94
CA PHE H 274 0.48 33.31 43.82
C PHE H 274 -0.95 33.78 43.60
N TYR H 275 -1.76 33.05 42.81
CA TYR H 275 -3.09 33.55 42.45
C TYR H 275 -4.24 32.61 42.78
N ASN H 276 -3.97 31.46 43.42
CA ASN H 276 -5.00 30.49 43.79
C ASN H 276 -5.80 30.02 42.59
N PHE H 277 -5.16 29.94 41.42
CA PHE H 277 -5.81 29.37 40.26
C PHE H 277 -6.05 27.88 40.48
N PRO H 278 -7.01 27.29 39.77
CA PRO H 278 -7.19 25.84 39.86
C PRO H 278 -5.97 25.09 39.31
N HIS H 279 -5.53 24.07 40.06
CA HIS H 279 -4.34 23.30 39.70
C HIS H 279 -4.43 22.76 38.27
N GLY H 280 -5.57 22.17 37.91
CA GLY H 280 -5.73 21.59 36.60
C GLY H 280 -5.75 22.62 35.48
N VAL H 281 -6.25 23.83 35.75
CA VAL H 281 -6.21 24.88 34.74
C VAL H 281 -4.77 25.34 34.50
N CYS H 282 -4.00 25.48 35.57
CA CYS H 282 -2.59 25.82 35.42
C CYS H 282 -1.85 24.76 34.63
N ASN H 283 -2.08 23.50 34.98
CA ASN H 283 -1.43 22.39 34.26
C ASN H 283 -1.84 22.37 32.80
N ALA H 284 -3.12 22.60 32.51
CA ALA H 284 -3.59 22.53 31.13
C ALA H 284 -3.01 23.67 30.30
N VAL H 285 -2.87 24.86 30.89
CA VAL H 285 -2.28 25.97 30.14
C VAL H 285 -0.80 25.71 29.89
N LEU H 286 -0.09 25.15 30.88
CA LEU H 286 1.35 25.03 30.76
C LEU H 286 1.80 23.82 29.95
N LEU H 287 1.02 22.74 29.94
CA LEU H 287 1.41 21.48 29.30
C LEU H 287 1.98 21.64 27.89
N PRO H 288 1.30 22.32 26.96
CA PRO H 288 1.89 22.47 25.61
C PRO H 288 3.25 23.17 25.59
N TYR H 289 3.46 24.17 26.47
CA TYR H 289 4.72 24.91 26.43
C TYR H 289 5.88 24.09 27.00
N VAL H 290 5.64 23.35 28.08
CA VAL H 290 6.72 22.54 28.65
C VAL H 290 6.98 21.32 27.79
N CYS H 291 5.96 20.73 27.17
CA CYS H 291 6.20 19.60 26.28
C CYS H 291 7.09 20.02 25.11
N ARG H 292 6.81 21.17 24.52
CA ARG H 292 7.62 21.67 23.41
C ARG H 292 9.03 22.03 23.87
N PHE H 293 9.17 22.56 25.08
CA PHE H 293 10.50 22.77 25.63
C PHE H 293 11.23 21.43 25.82
N ASN H 294 10.50 20.39 26.21
CA ASN H 294 11.06 19.09 26.51
C ASN H 294 11.24 18.20 25.28
N LEU H 295 10.73 18.61 24.11
CA LEU H 295 10.65 17.70 22.97
C LEU H 295 11.99 17.04 22.62
N ILE H 296 13.07 17.83 22.57
CA ILE H 296 14.34 17.27 22.14
C ILE H 296 14.88 16.22 23.11
N SER H 297 14.37 16.16 24.33
CA SER H 297 14.86 15.18 25.28
C SER H 297 14.13 13.84 25.19
N LYS H 298 12.86 13.84 24.76
CA LYS H 298 12.02 12.64 24.75
C LYS H 298 11.17 12.59 23.48
N VAL H 299 11.82 12.73 22.33
CA VAL H 299 11.06 12.85 21.08
C VAL H 299 10.35 11.55 20.71
N GLU H 300 10.95 10.39 21.00
CA GLU H 300 10.29 9.14 20.68
C GLU H 300 9.07 8.94 21.58
N ARG H 301 9.19 9.32 22.85
CA ARG H 301 8.06 9.13 23.76
C ARG H 301 6.96 10.14 23.51
N TYR H 302 7.29 11.36 23.07
CA TYR H 302 6.23 12.29 22.68
C TYR H 302 5.56 11.84 21.39
N ALA H 303 6.31 11.21 20.49
CA ALA H 303 5.68 10.62 19.30
C ALA H 303 4.73 9.50 19.70
N GLU H 304 5.13 8.70 20.68
CA GLU H 304 4.24 7.65 21.17
C GLU H 304 2.99 8.24 21.81
N ILE H 305 3.15 9.34 22.55
CA ILE H 305 2.01 10.00 23.18
C ILE H 305 1.03 10.48 22.12
N ALA H 306 1.53 10.91 20.97
CA ALA H 306 0.63 11.31 19.89
C ALA H 306 -0.27 10.15 19.46
N ALA H 307 0.29 8.95 19.36
CA ALA H 307 -0.55 7.80 19.01
C ALA H 307 -1.52 7.47 20.13
N PHE H 308 -1.06 7.55 21.39
CA PHE H 308 -1.95 7.31 22.52
C PHE H 308 -3.13 8.29 22.53
N LEU H 309 -2.93 9.49 21.99
CA LEU H 309 -3.97 10.51 21.99
C LEU H 309 -4.86 10.42 20.75
N GLY H 310 -4.69 9.36 19.96
CA GLY H 310 -5.54 9.06 18.82
C GLY H 310 -5.05 9.58 17.49
N GLU H 311 -3.87 10.21 17.45
CA GLU H 311 -3.39 10.83 16.23
C GLU H 311 -2.81 9.80 15.27
N ASN H 312 -2.93 10.09 13.99
CA ASN H 312 -2.34 9.25 12.95
C ASN H 312 -0.91 9.73 12.66
N VAL H 313 0.05 8.84 12.79
CA VAL H 313 1.45 9.18 12.63
C VAL H 313 2.08 8.45 11.45
N ASP H 314 1.26 7.91 10.56
CA ASP H 314 1.78 7.10 9.45
C ASP H 314 2.54 7.98 8.47
N GLY H 315 3.77 7.56 8.15
CA GLY H 315 4.57 8.27 7.17
C GLY H 315 5.24 9.53 7.67
N LEU H 316 5.33 9.71 8.99
CA LEU H 316 5.87 10.92 9.58
C LEU H 316 7.18 10.60 10.30
N SER H 317 8.06 11.60 10.35
CA SER H 317 9.25 11.48 11.17
C SER H 317 8.87 11.49 12.65
N THR H 318 9.75 10.94 13.48
CA THR H 318 9.50 10.94 14.92
C THR H 318 9.22 12.35 15.41
N TYR H 319 9.90 13.34 14.82
CA TYR H 319 9.75 14.74 15.23
C TYR H 319 8.36 15.26 14.87
N ASP H 320 7.91 15.01 13.64
CA ASP H 320 6.59 15.49 13.25
C ASP H 320 5.50 14.76 14.03
N ALA H 321 5.74 13.49 14.37
CA ALA H 321 4.77 12.77 15.17
C ALA H 321 4.70 13.36 16.56
N ALA H 322 5.85 13.72 17.13
CA ALA H 322 5.87 14.38 18.43
C ALA H 322 5.15 15.73 18.40
N GLU H 323 5.23 16.43 17.26
CA GLU H 323 4.54 17.71 17.18
C GLU H 323 3.03 17.52 17.12
N LYS H 324 2.59 16.43 16.48
CA LYS H 324 1.15 16.15 16.44
C LYS H 324 0.57 15.90 17.84
N ALA H 325 1.40 15.46 18.79
CA ALA H 325 0.90 15.27 20.15
C ALA H 325 0.63 16.60 20.84
N ILE H 326 1.54 17.57 20.66
CA ILE H 326 1.30 18.91 21.19
C ILE H 326 0.05 19.52 20.56
N LYS H 327 -0.15 19.29 19.26
CA LYS H 327 -1.36 19.80 18.64
C LYS H 327 -2.59 19.14 19.27
N ALA H 328 -2.49 17.86 19.61
CA ALA H 328 -3.64 17.18 20.19
C ALA H 328 -3.94 17.67 21.60
N ILE H 329 -2.91 17.95 22.38
CA ILE H 329 -3.13 18.53 23.71
C ILE H 329 -3.78 19.90 23.59
N GLU H 330 -3.32 20.72 22.63
CA GLU H 330 -3.93 22.03 22.48
C GLU H 330 -5.39 21.93 22.07
N ARG H 331 -5.71 21.01 21.17
CA ARG H 331 -7.10 20.86 20.72
C ARG H 331 -7.99 20.36 21.84
N MET H 332 -7.49 19.43 22.66
CA MET H 332 -8.28 18.96 23.79
C MET H 332 -8.55 20.09 24.76
N ALA H 333 -7.51 20.86 25.10
CA ALA H 333 -7.69 21.96 26.03
C ALA H 333 -8.66 23.01 25.48
N LYS H 334 -8.62 23.24 24.17
CA LYS H 334 -9.51 24.22 23.56
C LYS H 334 -10.96 23.74 23.58
N ASP H 335 -11.17 22.43 23.34
CA ASP H 335 -12.53 21.91 23.32
C ASP H 335 -13.16 21.85 24.71
N LEU H 336 -12.35 21.87 25.77
CA LEU H 336 -12.84 21.81 27.14
C LEU H 336 -12.86 23.18 27.82
N ASN H 337 -12.82 24.26 27.02
CA ASN H 337 -12.96 25.65 27.50
C ASN H 337 -11.91 26.02 28.56
N ILE H 338 -10.67 25.66 28.29
CA ILE H 338 -9.56 26.00 29.23
C ILE H 338 -9.01 27.34 28.79
N PRO H 339 -8.86 28.33 29.70
CA PRO H 339 -8.28 29.61 29.35
C PRO H 339 -6.99 29.46 28.54
N LYS H 340 -6.75 30.37 27.60
CA LYS H 340 -5.54 30.30 26.74
C LYS H 340 -4.35 30.89 27.47
N GLY H 341 -4.58 31.81 28.39
CA GLY H 341 -3.44 32.48 29.06
C GLY H 341 -3.62 32.66 30.55
N PHE H 342 -2.58 33.16 31.22
CA PHE H 342 -2.61 33.43 32.63
C PHE H 342 -2.84 34.90 32.90
N LYS H 343 -2.48 35.77 31.95
CA LYS H 343 -2.70 37.19 32.16
C LYS H 343 -4.19 37.53 32.10
N GLU H 344 -4.97 36.79 31.31
CA GLU H 344 -6.42 36.92 31.33
C GLU H 344 -7.01 36.38 32.64
N LEU H 345 -6.21 35.67 33.41
CA LEU H 345 -6.69 35.07 34.69
C LEU H 345 -6.25 35.91 35.88
N GLY H 346 -5.38 36.91 35.66
CA GLY H 346 -4.99 37.81 36.77
C GLY H 346 -3.51 37.75 37.06
N ALA H 347 -2.72 37.14 36.17
CA ALA H 347 -1.28 36.97 36.44
C ALA H 347 -0.53 38.26 36.12
N LYS H 348 0.60 38.49 36.78
CA LYS H 348 1.35 39.75 36.62
C LYS H 348 2.80 39.43 36.21
N GLU H 349 3.39 40.26 35.36
CA GLU H 349 4.75 39.97 34.84
C GLU H 349 5.83 40.18 35.91
N GLU H 350 5.59 41.06 36.87
CA GLU H 350 6.62 41.35 37.91
C GLU H 350 6.85 40.10 38.75
N ASP H 351 6.00 39.10 38.58
CA ASP H 351 6.09 37.84 39.35
C ASP H 351 6.84 36.75 38.58
N ILE H 352 6.83 36.79 37.25
CA ILE H 352 7.46 35.71 36.42
C ILE H 352 8.81 35.29 37.01
N GLU H 353 9.68 36.24 37.32
CA GLU H 353 11.04 35.90 37.77
C GLU H 353 10.98 35.22 39.13
N THR H 354 10.18 35.78 40.04
CA THR H 354 10.02 35.16 41.38
C THR H 354 9.33 33.81 41.19
N LEU H 355 8.33 33.75 40.32
CA LEU H 355 7.71 32.45 40.05
C LEU H 355 8.75 31.46 39.55
N ALA H 356 9.56 31.89 38.56
CA ALA H 356 10.48 30.97 37.89
C ALA H 356 11.53 30.44 38.86
N LYS H 357 12.10 31.30 39.70
CA LYS H 357 13.11 30.83 40.63
C LYS H 357 12.52 29.80 41.56
N ASN H 358 11.27 30.03 42.00
CA ASN H 358 10.63 29.08 42.90
C ASN H 358 10.36 27.78 42.18
N ALA H 359 10.06 27.85 40.87
CA ALA H 359 9.82 26.63 40.12
C ALA H 359 11.09 25.80 40.03
N MET H 360 12.26 26.46 39.94
CA MET H 360 13.48 25.68 39.85
C MET H 360 13.82 25.06 41.19
N LYS H 361 12.97 25.40 42.17
CA LYS H 361 13.10 25.04 43.56
C LYS H 361 12.16 23.91 43.97
N ASP H 362 11.17 23.59 43.14
CA ASP H 362 10.20 22.52 43.39
C ASP H 362 10.83 21.16 43.13
N ALA H 363 10.36 20.15 43.88
CA ALA H 363 10.92 18.81 43.75
C ALA H 363 10.53 18.17 42.42
N CYS H 364 9.38 18.54 41.86
CA CYS H 364 8.96 17.95 40.59
C CYS H 364 9.93 18.26 39.46
N ALA H 365 10.68 19.34 39.58
CA ALA H 365 11.64 19.68 38.53
C ALA H 365 12.83 18.72 38.51
N LEU H 366 13.05 17.96 39.58
CA LEU H 366 14.23 17.10 39.59
C LEU H 366 14.15 15.99 38.55
N THR H 367 12.94 15.61 38.15
CA THR H 367 12.76 14.50 37.21
C THR H 367 12.40 14.96 35.80
N ASN H 368 12.29 16.27 35.57
CA ASN H 368 12.02 16.75 34.22
C ASN H 368 13.12 16.31 33.27
N PRO H 369 12.77 15.85 32.05
CA PRO H 369 13.80 15.30 31.17
C PRO H 369 14.79 16.32 30.63
N ARG H 370 14.40 17.59 30.47
CA ARG H 370 15.31 18.65 30.05
C ARG H 370 15.62 19.53 31.26
N LYS H 371 16.92 19.73 31.53
CA LYS H 371 17.33 20.55 32.67
C LYS H 371 17.53 21.97 32.21
N PRO H 372 16.63 22.91 32.57
CA PRO H 372 16.73 24.25 32.05
C PRO H 372 17.52 25.29 32.85
N LYS H 373 17.53 26.52 32.35
CA LYS H 373 18.18 27.65 33.06
C LYS H 373 17.09 28.69 33.30
N LEU H 374 17.24 29.53 34.33
CA LEU H 374 16.18 30.51 34.71
C LEU H 374 15.53 31.14 33.49
N GLU H 375 16.32 31.65 32.55
CA GLU H 375 15.68 32.38 31.42
C GLU H 375 14.70 31.44 30.71
N GLU H 376 15.02 30.15 30.67
CA GLU H 376 14.15 29.19 29.93
C GLU H 376 12.86 29.00 30.72
N VAL H 377 12.95 28.92 32.04
CA VAL H 377 11.73 28.86 32.85
C VAL H 377 10.93 30.16 32.72
N ILE H 378 11.65 31.29 32.71
CA ILE H 378 11.01 32.60 32.55
C ILE H 378 10.28 32.65 31.22
N GLN H 379 10.95 32.19 30.16
CA GLN H 379 10.34 32.20 28.83
C GLN H 379 9.11 31.31 28.77
N ILE H 380 9.16 30.15 29.44
CA ILE H 380 7.96 29.30 29.46
C ILE H 380 6.80 30.03 30.09
N ILE H 381 7.03 30.67 31.24
CA ILE H 381 5.94 31.38 31.91
C ILE H 381 5.43 32.53 31.04
N LYS H 382 6.36 33.24 30.39
CA LYS H 382 5.98 34.39 29.57
C LYS H 382 5.15 33.95 28.37
N ASN H 383 5.50 32.81 27.76
CA ASN H 383 4.69 32.29 26.67
C ASN H 383 3.33 31.83 27.17
N ALA H 384 3.26 31.36 28.42
CA ALA H 384 2.00 30.91 28.96
C ALA H 384 1.13 32.07 29.46
N MET H 385 1.66 33.29 29.44
CA MET H 385 0.87 34.47 29.81
C MET H 385 -0.12 34.84 28.71
N LEU H 386 0.37 34.97 27.49
CA LEU H 386 -0.45 35.31 26.33
C LEU H 386 -1.58 34.34 26.11
N ASN I 3 -43.19 2.73 -19.91
CA ASN I 3 -42.65 1.41 -20.20
C ASN I 3 -41.14 1.37 -20.03
N THR I 4 -40.59 0.16 -19.88
CA THR I 4 -39.15 -0.08 -19.85
C THR I 4 -38.59 -0.49 -21.21
N GLN I 5 -39.26 -0.12 -22.30
CA GLN I 5 -38.90 -0.48 -23.66
C GLN I 5 -37.88 0.51 -24.23
N SER I 6 -37.06 0.02 -25.16
CA SER I 6 -36.08 0.86 -25.85
C SER I 6 -35.84 0.30 -27.25
N ALA I 7 -35.09 1.06 -28.04
CA ALA I 7 -34.83 0.70 -29.42
C ALA I 7 -33.46 1.22 -29.82
N PHE I 8 -32.83 0.53 -30.76
CA PHE I 8 -31.52 0.92 -31.26
C PHE I 8 -31.60 1.08 -32.77
N PHE I 9 -31.22 2.26 -33.26
CA PHE I 9 -31.34 2.63 -34.66
C PHE I 9 -29.96 2.95 -35.23
N MET I 10 -29.72 2.54 -36.47
CA MET I 10 -28.52 2.91 -37.21
C MET I 10 -28.66 2.38 -38.63
N PRO I 11 -27.91 2.93 -39.59
CA PRO I 11 -27.92 2.36 -40.94
C PRO I 11 -27.55 0.89 -40.91
N SER I 12 -28.14 0.14 -41.85
CA SER I 12 -27.87 -1.29 -41.94
C SER I 12 -26.45 -1.58 -42.38
N VAL I 13 -25.84 -0.69 -43.19
CA VAL I 13 -24.46 -0.89 -43.64
C VAL I 13 -23.66 0.40 -43.40
N ASN I 14 -22.53 0.24 -42.72
CA ASN I 14 -21.66 1.35 -42.35
C ASN I 14 -20.23 0.94 -42.64
N LEU I 15 -19.60 1.65 -43.56
CA LEU I 15 -18.25 1.37 -44.03
C LEU I 15 -17.28 2.25 -43.26
N PHE I 16 -16.12 1.68 -42.91
CA PHE I 16 -15.08 2.38 -42.18
C PHE I 16 -13.73 2.12 -42.83
N GLY I 17 -12.78 3.01 -42.57
CA GLY I 17 -11.41 2.75 -42.93
C GLY I 17 -10.96 3.57 -44.14
N ALA I 18 -9.63 3.70 -44.26
CA ALA I 18 -9.03 4.46 -45.35
C ALA I 18 -9.36 3.84 -46.70
N GLY I 19 -9.94 4.66 -47.58
CA GLY I 19 -10.30 4.25 -48.92
C GLY I 19 -11.74 3.83 -49.10
N SER I 20 -12.54 3.81 -48.03
CA SER I 20 -13.92 3.35 -48.15
C SER I 20 -14.74 4.20 -49.12
N VAL I 21 -14.35 5.47 -49.34
CA VAL I 21 -15.15 6.31 -50.21
C VAL I 21 -15.12 5.78 -51.65
N ASN I 22 -14.07 5.04 -52.01
CA ASN I 22 -13.98 4.48 -53.36
C ASN I 22 -15.06 3.45 -53.63
N GLU I 23 -15.94 3.18 -52.67
CA GLU I 23 -17.00 2.22 -52.87
C GLU I 23 -18.35 2.86 -53.12
N VAL I 24 -18.46 4.19 -52.96
CA VAL I 24 -19.77 4.85 -52.97
C VAL I 24 -20.55 4.49 -54.22
N GLY I 25 -19.89 4.55 -55.37
CA GLY I 25 -20.57 4.28 -56.62
C GLY I 25 -21.15 2.89 -56.66
N THR I 26 -20.31 1.89 -56.36
CA THR I 26 -20.81 0.53 -56.36
C THR I 26 -22.01 0.40 -55.45
N ARG I 27 -21.92 0.99 -54.24
CA ARG I 27 -23.03 0.85 -53.31
C ARG I 27 -24.26 1.52 -53.87
N LEU I 28 -24.08 2.70 -54.46
CA LEU I 28 -25.20 3.41 -55.07
C LEU I 28 -25.83 2.58 -56.17
N ALA I 29 -24.99 1.89 -56.95
CA ALA I 29 -25.57 1.06 -58.00
C ALA I 29 -26.34 -0.11 -57.41
N ASP I 30 -25.80 -0.74 -56.37
CA ASP I 30 -26.50 -1.89 -55.79
C ASP I 30 -27.84 -1.48 -55.22
N LEU I 31 -27.99 -0.20 -54.91
CA LEU I 31 -29.25 0.28 -54.31
C LEU I 31 -30.30 0.41 -55.42
N GLY I 32 -29.86 0.34 -56.67
CA GLY I 32 -30.79 0.41 -57.80
C GLY I 32 -31.22 1.83 -58.09
N VAL I 33 -30.30 2.77 -57.96
CA VAL I 33 -30.64 4.21 -58.16
C VAL I 33 -29.97 4.68 -59.45
N LYS I 34 -30.38 5.84 -59.97
CA LYS I 34 -29.85 6.26 -61.29
C LYS I 34 -29.38 7.71 -61.27
N LYS I 35 -30.01 8.57 -60.46
CA LYS I 35 -29.64 10.01 -60.42
C LYS I 35 -29.57 10.46 -58.98
N ALA I 36 -28.39 10.90 -58.57
CA ALA I 36 -28.17 11.31 -57.18
C ALA I 36 -27.85 12.80 -57.07
N LEU I 37 -28.44 13.47 -56.09
CA LEU I 37 -28.08 14.85 -55.77
C LEU I 37 -26.94 14.82 -54.75
N LEU I 38 -25.79 15.40 -55.13
CA LEU I 38 -24.64 15.52 -54.23
C LEU I 38 -24.78 16.78 -53.40
N VAL I 39 -25.12 16.59 -52.12
CA VAL I 39 -25.25 17.73 -51.17
C VAL I 39 -23.94 17.90 -50.40
N THR I 40 -23.22 19.00 -50.67
CA THR I 40 -21.94 19.30 -49.99
C THR I 40 -21.91 20.80 -49.69
N ASP I 41 -20.81 21.26 -49.12
CA ASP I 41 -20.67 22.70 -48.78
C ASP I 41 -19.78 23.39 -49.83
N ALA I 42 -19.72 24.71 -49.79
CA ALA I 42 -18.95 25.49 -50.80
C ALA I 42 -17.45 25.28 -50.63
N GLY I 43 -16.99 25.15 -49.39
CA GLY I 43 -15.57 24.92 -49.14
C GLY I 43 -15.10 23.61 -49.74
N LEU I 44 -15.82 22.54 -49.45
CA LEU I 44 -15.38 21.24 -49.95
C LEU I 44 -15.56 21.15 -51.46
N HIS I 45 -16.54 21.88 -52.01
CA HIS I 45 -16.67 21.95 -53.45
C HIS I 45 -15.53 22.74 -54.06
N GLY I 46 -15.15 23.84 -53.43
CA GLY I 46 -14.01 24.61 -53.91
C GLY I 46 -12.68 23.90 -53.75
N LEU I 47 -12.61 22.94 -52.83
CA LEU I 47 -11.39 22.15 -52.67
C LEU I 47 -11.31 21.01 -53.67
N GLY I 48 -12.39 20.72 -54.39
CA GLY I 48 -12.40 19.68 -55.39
C GLY I 48 -13.02 18.36 -54.99
N LEU I 49 -13.51 18.24 -53.74
CA LEU I 49 -14.05 16.96 -53.28
C LEU I 49 -15.30 16.55 -54.06
N SER I 50 -16.17 17.52 -54.38
CA SER I 50 -17.41 17.20 -55.08
C SER I 50 -17.13 16.48 -56.39
N GLU I 51 -16.20 16.98 -57.19
CA GLU I 51 -15.97 16.38 -58.50
C GLU I 51 -15.24 15.05 -58.38
N LYS I 52 -14.32 14.95 -57.43
CA LYS I 52 -13.60 13.70 -57.23
C LYS I 52 -14.57 12.57 -56.87
N ILE I 53 -15.53 12.85 -55.98
CA ILE I 53 -16.52 11.84 -55.60
C ILE I 53 -17.56 11.62 -56.71
N SER I 54 -17.97 12.70 -57.38
CA SER I 54 -18.91 12.55 -58.49
C SER I 54 -18.35 11.64 -59.55
N SER I 55 -17.03 11.71 -59.78
CA SER I 55 -16.39 10.84 -60.75
C SER I 55 -16.58 9.38 -60.38
N ILE I 56 -16.35 9.04 -59.11
CA ILE I 56 -16.57 7.68 -58.62
C ILE I 56 -18.02 7.25 -58.84
N ILE I 57 -18.96 8.16 -58.58
CA ILE I 57 -20.36 7.78 -58.65
C ILE I 57 -20.77 7.51 -60.09
N ARG I 58 -20.48 8.46 -60.98
CA ARG I 58 -20.87 8.32 -62.37
C ARG I 58 -20.01 7.29 -63.10
N ALA I 59 -18.87 6.89 -62.52
CA ALA I 59 -18.06 5.77 -63.02
C ALA I 59 -18.70 4.43 -62.72
N ALA I 60 -19.87 4.42 -62.10
CA ALA I 60 -20.61 3.20 -61.80
C ALA I 60 -21.98 3.19 -62.46
N GLY I 61 -22.24 4.15 -63.35
CA GLY I 61 -23.48 4.19 -64.09
C GLY I 61 -24.59 4.96 -63.42
N VAL I 62 -24.29 5.73 -62.38
CA VAL I 62 -25.27 6.57 -61.71
C VAL I 62 -24.93 8.02 -62.00
N GLU I 63 -25.93 8.82 -62.34
CA GLU I 63 -25.69 10.23 -62.59
C GLU I 63 -25.76 11.00 -61.29
N VAL I 64 -25.00 12.10 -61.22
CA VAL I 64 -24.96 12.93 -60.03
C VAL I 64 -24.99 14.40 -60.45
N SER I 65 -25.77 15.19 -59.72
CA SER I 65 -25.85 16.63 -59.86
C SER I 65 -25.47 17.25 -58.52
N ILE I 66 -24.45 18.11 -58.53
CA ILE I 66 -23.87 18.65 -57.29
C ILE I 66 -24.68 19.84 -56.80
N PHE I 67 -24.99 19.83 -55.50
CA PHE I 67 -25.65 20.94 -54.80
C PHE I 67 -24.69 21.43 -53.73
N PRO I 68 -23.69 22.28 -54.08
CA PRO I 68 -22.69 22.69 -53.11
C PRO I 68 -23.22 23.83 -52.26
N LYS I 69 -24.52 23.82 -51.99
CA LYS I 69 -25.13 24.98 -51.31
C LYS I 69 -25.59 24.63 -49.90
N ALA I 70 -24.97 23.65 -49.27
CA ALA I 70 -25.31 23.37 -47.86
C ALA I 70 -24.47 24.33 -47.01
N GLU I 71 -25.10 25.07 -46.11
CA GLU I 71 -24.33 26.09 -45.37
C GLU I 71 -24.11 25.69 -43.92
N PRO I 72 -22.93 25.97 -43.34
CA PRO I 72 -22.70 25.71 -41.91
C PRO I 72 -23.86 26.23 -41.07
N ASN I 73 -24.43 25.33 -40.25
CA ASN I 73 -25.72 25.50 -39.58
C ASN I 73 -26.78 25.65 -40.65
N PRO I 74 -27.16 24.54 -41.32
CA PRO I 74 -28.04 24.64 -42.50
C PRO I 74 -29.40 25.21 -42.16
N THR I 75 -29.99 25.87 -43.15
CA THR I 75 -31.23 26.63 -43.01
C THR I 75 -32.36 25.98 -43.79
N ASP I 76 -33.59 26.38 -43.43
CA ASP I 76 -34.76 25.96 -44.18
C ASP I 76 -34.70 26.42 -45.65
N LYS I 77 -34.06 27.56 -45.91
CA LYS I 77 -33.88 28.00 -47.29
C LYS I 77 -32.99 27.04 -48.08
N ASN I 78 -31.89 26.58 -47.45
CA ASN I 78 -31.03 25.59 -48.11
C ASN I 78 -31.82 24.35 -48.48
N VAL I 79 -32.70 23.90 -47.59
CA VAL I 79 -33.47 22.69 -47.83
C VAL I 79 -34.48 22.89 -48.95
N ALA I 80 -35.22 24.01 -48.93
CA ALA I 80 -36.19 24.26 -49.99
C ALA I 80 -35.49 24.34 -51.35
N GLU I 81 -34.38 25.08 -51.41
CA GLU I 81 -33.63 25.20 -52.65
C GLU I 81 -33.10 23.85 -53.11
N GLY I 82 -32.67 23.01 -52.18
CA GLY I 82 -32.23 21.69 -52.55
C GLY I 82 -33.39 20.83 -53.04
N LEU I 83 -34.55 20.98 -52.42
CA LEU I 83 -35.66 20.10 -52.85
C LEU I 83 -36.02 20.47 -54.29
N GLU I 84 -35.82 21.74 -54.66
CA GLU I 84 -36.10 22.19 -56.04
C GLU I 84 -35.09 21.55 -56.97
N ALA I 85 -33.82 21.60 -56.58
CA ALA I 85 -32.78 20.95 -57.38
C ALA I 85 -33.14 19.48 -57.52
N TYR I 86 -33.29 18.76 -56.41
CA TYR I 86 -33.72 17.38 -56.50
C TYR I 86 -34.88 17.17 -57.50
N ASN I 87 -35.93 18.02 -57.43
CA ASN I 87 -37.12 17.80 -58.27
C ASN I 87 -36.91 18.26 -59.70
N ALA I 88 -36.34 19.45 -59.87
CA ALA I 88 -36.05 19.97 -61.19
C ALA I 88 -35.01 19.10 -61.87
N GLU I 89 -34.09 18.54 -61.10
CA GLU I 89 -33.00 17.72 -61.63
C GLU I 89 -33.28 16.22 -61.60
N ASN I 90 -34.54 15.80 -61.42
CA ASN I 90 -34.97 14.42 -61.78
C ASN I 90 -34.05 13.38 -61.11
N CYS I 91 -33.82 13.56 -59.81
CA CYS I 91 -33.00 12.70 -58.97
C CYS I 91 -33.85 11.73 -58.19
N ASP I 92 -33.30 10.53 -57.98
CA ASP I 92 -33.96 9.51 -57.18
C ASP I 92 -33.16 9.13 -55.94
N SER I 93 -31.99 9.76 -55.72
CA SER I 93 -31.17 9.46 -54.56
C SER I 93 -30.44 10.72 -54.11
N ILE I 94 -29.85 10.63 -52.92
CA ILE I 94 -29.09 11.73 -52.34
C ILE I 94 -27.80 11.15 -51.78
N VAL I 95 -26.69 11.84 -52.05
CA VAL I 95 -25.40 11.53 -51.43
C VAL I 95 -24.95 12.78 -50.70
N THR I 96 -24.77 12.68 -49.39
CA THR I 96 -24.26 13.79 -48.61
C THR I 96 -22.75 13.62 -48.48
N LEU I 97 -22.02 14.71 -48.69
CA LEU I 97 -20.57 14.71 -48.62
C LEU I 97 -20.11 15.87 -47.74
N GLY I 98 -19.51 15.56 -46.60
CA GLY I 98 -19.02 16.63 -45.75
C GLY I 98 -19.24 16.38 -44.28
N GLY I 99 -19.50 17.45 -43.53
CA GLY I 99 -19.75 17.38 -42.11
C GLY I 99 -21.23 17.28 -41.82
N GLY I 100 -21.58 17.57 -40.56
CA GLY I 100 -22.96 17.43 -40.14
C GLY I 100 -23.92 18.31 -40.90
N SER I 101 -23.47 19.50 -41.34
CA SER I 101 -24.37 20.38 -42.06
C SER I 101 -24.83 19.75 -43.38
N SER I 102 -23.92 19.10 -44.09
CA SER I 102 -24.29 18.49 -45.36
C SER I 102 -25.17 17.26 -45.16
N HIS I 103 -24.87 16.44 -44.14
CA HIS I 103 -25.71 15.28 -43.88
C HIS I 103 -27.12 15.73 -43.54
N ASP I 104 -27.24 16.74 -42.67
CA ASP I 104 -28.55 17.15 -42.21
C ASP I 104 -29.35 17.83 -43.30
N ALA I 105 -28.70 18.65 -44.13
CA ALA I 105 -29.37 19.23 -45.30
C ALA I 105 -29.87 18.15 -46.25
N GLY I 106 -29.01 17.19 -46.59
CA GLY I 106 -29.44 16.11 -47.46
C GLY I 106 -30.57 15.30 -46.86
N LYS I 107 -30.49 15.02 -45.56
CA LYS I 107 -31.54 14.29 -44.86
C LYS I 107 -32.87 15.03 -44.92
N ALA I 108 -32.83 16.34 -44.67
CA ALA I 108 -34.07 17.13 -44.69
C ALA I 108 -34.67 17.15 -46.10
N ILE I 109 -33.81 17.33 -47.10
CA ILE I 109 -34.24 17.25 -48.49
C ILE I 109 -34.90 15.91 -48.75
N ALA I 110 -34.29 14.82 -48.27
CA ALA I 110 -34.78 13.48 -48.52
C ALA I 110 -36.13 13.23 -47.83
N LEU I 111 -36.29 13.75 -46.62
CA LEU I 111 -37.56 13.60 -45.92
C LEU I 111 -38.67 14.35 -46.62
N VAL I 112 -38.45 15.63 -46.94
CA VAL I 112 -39.49 16.42 -47.59
C VAL I 112 -39.78 15.89 -49.00
N ALA I 113 -38.77 15.34 -49.68
CA ALA I 113 -39.00 14.76 -51.00
C ALA I 113 -39.91 13.54 -50.96
N ALA I 114 -40.18 12.99 -49.77
CA ALA I 114 -41.06 11.85 -49.61
C ALA I 114 -42.28 12.11 -48.74
N ASN I 115 -42.31 13.21 -47.99
CA ASN I 115 -43.39 13.50 -47.06
C ASN I 115 -44.21 14.74 -47.42
N GLY I 116 -43.70 15.58 -48.33
CA GLY I 116 -44.42 16.73 -48.86
C GLY I 116 -44.38 18.11 -48.23
N GLY I 117 -44.68 18.23 -46.94
CA GLY I 117 -44.68 19.51 -46.24
C GLY I 117 -43.43 20.38 -46.29
N LYS I 118 -43.12 21.04 -45.17
CA LYS I 118 -41.86 21.76 -45.02
C LYS I 118 -41.10 21.10 -43.88
N ILE I 119 -39.79 21.32 -43.86
CA ILE I 119 -38.97 20.65 -42.86
C ILE I 119 -39.44 21.02 -41.45
N HIS I 120 -39.94 22.25 -41.27
CA HIS I 120 -40.41 22.67 -39.97
C HIS I 120 -41.56 21.79 -39.49
N ASP I 121 -42.31 21.17 -40.41
CA ASP I 121 -43.46 20.36 -40.02
C ASP I 121 -43.04 19.13 -39.22
N TYR I 122 -41.79 18.70 -39.34
CA TYR I 122 -41.36 17.45 -38.73
C TYR I 122 -40.50 17.70 -37.49
N GLU I 123 -40.46 18.93 -37.00
CA GLU I 123 -39.74 19.23 -35.76
C GLU I 123 -40.35 18.46 -34.60
N GLY I 124 -39.52 17.70 -33.90
CA GLY I 124 -40.01 16.87 -32.81
C GLY I 124 -39.48 15.44 -32.89
N VAL I 125 -40.30 14.47 -32.47
CA VAL I 125 -39.89 13.07 -32.40
C VAL I 125 -40.79 12.29 -33.34
N ASP I 126 -40.19 11.66 -34.36
CA ASP I 126 -40.88 10.79 -35.30
C ASP I 126 -42.19 11.42 -35.74
N VAL I 127 -42.12 12.68 -36.12
CA VAL I 127 -43.32 13.38 -36.54
C VAL I 127 -43.60 13.08 -38.00
N SER I 128 -42.59 12.55 -38.72
CA SER I 128 -42.77 12.21 -40.14
C SER I 128 -43.59 10.93 -40.27
N LYS I 129 -44.14 10.69 -41.47
CA LYS I 129 -45.01 9.50 -41.66
C LYS I 129 -44.56 8.67 -42.85
N GLU I 130 -43.28 8.73 -43.23
CA GLU I 130 -42.82 7.85 -44.33
C GLU I 130 -41.29 7.88 -44.43
N PRO I 131 -40.64 6.77 -44.83
CA PRO I 131 -39.19 6.73 -45.02
C PRO I 131 -38.68 7.73 -46.06
N MET I 132 -37.48 8.27 -45.84
CA MET I 132 -36.90 9.28 -46.77
C MET I 132 -36.29 8.59 -47.99
N VAL I 133 -35.96 9.36 -49.01
CA VAL I 133 -35.42 8.81 -50.25
C VAL I 133 -34.05 8.19 -49.96
N PRO I 134 -33.61 7.21 -50.74
CA PRO I 134 -32.30 6.58 -50.48
C PRO I 134 -31.18 7.60 -50.33
N LEU I 135 -30.34 7.39 -49.30
CA LEU I 135 -29.25 8.32 -48.96
C LEU I 135 -28.01 7.57 -48.45
N ILE I 136 -26.87 7.92 -49.04
CA ILE I 136 -25.58 7.45 -48.58
C ILE I 136 -24.83 8.68 -48.06
N ALA I 137 -24.38 8.61 -46.82
CA ALA I 137 -23.78 9.75 -46.16
C ALA I 137 -22.28 9.51 -46.03
N ILE I 138 -21.50 10.41 -46.61
CA ILE I 138 -20.04 10.35 -46.58
C ILE I 138 -19.58 11.42 -45.61
N ASN I 139 -19.02 10.99 -44.48
CA ASN I 139 -18.64 11.91 -43.42
C ASN I 139 -17.18 12.31 -43.52
N THR I 140 -16.90 13.63 -43.38
CA THR I 140 -15.54 14.17 -43.43
C THR I 140 -15.14 15.01 -42.21
N THR I 141 -15.98 15.07 -41.17
CA THR I 141 -15.59 15.68 -39.90
C THR I 141 -15.63 14.61 -38.82
N ALA I 142 -14.83 14.79 -37.78
CA ALA I 142 -14.78 13.83 -36.69
C ALA I 142 -15.52 14.36 -35.48
N GLY I 143 -16.84 14.49 -35.63
CA GLY I 143 -17.63 14.83 -34.47
C GLY I 143 -19.14 14.76 -34.53
N THR I 144 -19.75 14.68 -35.71
CA THR I 144 -21.21 14.70 -35.77
C THR I 144 -21.82 13.33 -35.58
N GLY I 145 -21.42 12.36 -36.40
CA GLY I 145 -22.08 11.08 -36.45
C GLY I 145 -23.38 11.11 -37.22
N SER I 146 -23.70 12.24 -37.86
CA SER I 146 -24.96 12.39 -38.55
C SER I 146 -25.12 11.38 -39.68
N GLU I 147 -24.02 10.83 -40.19
CA GLU I 147 -24.12 9.73 -41.16
C GLU I 147 -24.77 8.49 -40.56
N LEU I 148 -24.99 8.43 -39.23
CA LEU I 148 -25.59 7.27 -38.58
C LEU I 148 -26.87 7.56 -37.82
N THR I 149 -27.27 8.81 -37.67
CA THR I 149 -28.30 9.17 -36.72
C THR I 149 -29.67 9.36 -37.37
N LYS I 150 -30.68 9.40 -36.50
CA LYS I 150 -32.04 9.73 -36.88
C LYS I 150 -32.38 11.18 -36.51
N PHE I 151 -31.36 12.06 -36.53
CA PHE I 151 -31.45 13.46 -36.14
C PHE I 151 -31.11 14.30 -37.35
N THR I 152 -31.90 15.34 -37.59
CA THR I 152 -31.50 16.39 -38.53
C THR I 152 -31.81 17.76 -37.92
N ILE I 153 -30.79 18.61 -37.87
CA ILE I 153 -30.88 19.93 -37.23
C ILE I 153 -30.93 20.98 -38.33
N ILE I 154 -32.12 21.54 -38.56
CA ILE I 154 -32.33 22.57 -39.57
C ILE I 154 -32.74 23.86 -38.88
N THR I 155 -32.25 24.99 -39.37
CA THR I 155 -32.47 26.27 -38.69
C THR I 155 -33.73 26.98 -39.16
N ASP I 156 -34.61 27.35 -38.22
CA ASP I 156 -35.62 28.38 -38.41
C ASP I 156 -34.95 29.74 -38.42
N THR I 157 -34.89 30.33 -39.60
CA THR I 157 -34.35 31.65 -39.73
C THR I 157 -35.28 32.70 -39.11
N GLU I 158 -36.58 32.39 -38.95
CA GLU I 158 -37.55 33.34 -38.38
C GLU I 158 -37.56 33.34 -36.85
N ARG I 159 -37.81 32.17 -36.22
CA ARG I 159 -37.59 32.04 -34.80
C ARG I 159 -36.12 32.00 -34.44
N LYS I 160 -35.22 31.89 -35.43
CA LYS I 160 -33.77 31.85 -35.16
C LYS I 160 -33.46 30.69 -34.21
N VAL I 161 -34.00 29.52 -34.54
CA VAL I 161 -33.90 28.35 -33.68
C VAL I 161 -33.38 27.17 -34.49
N LYS I 162 -32.32 26.52 -34.00
CA LYS I 162 -31.87 25.28 -34.65
C LYS I 162 -32.86 24.20 -34.26
N MET I 163 -33.79 23.89 -35.17
CA MET I 163 -34.81 22.88 -34.97
C MET I 163 -34.21 21.49 -35.00
N ALA I 164 -34.70 20.63 -34.11
CA ALA I 164 -34.30 19.24 -34.00
C ALA I 164 -35.44 18.37 -34.53
N ILE I 165 -35.25 17.79 -35.71
CA ILE I 165 -36.18 16.82 -36.28
C ILE I 165 -35.59 15.44 -35.98
N VAL I 166 -36.18 14.74 -35.01
CA VAL I 166 -35.70 13.43 -34.59
C VAL I 166 -36.70 12.41 -35.10
N ASP I 167 -36.40 11.79 -36.23
CA ASP I 167 -37.32 10.86 -36.87
C ASP I 167 -36.55 9.67 -37.43
N LYS I 168 -37.06 8.48 -37.14
CA LYS I 168 -36.46 7.24 -37.64
C LYS I 168 -36.36 7.20 -39.15
N HIS I 169 -37.09 8.05 -39.85
CA HIS I 169 -37.08 7.98 -41.31
C HIS I 169 -35.91 8.72 -41.93
N VAL I 170 -35.05 9.34 -41.14
CA VAL I 170 -33.86 9.98 -41.67
C VAL I 170 -32.59 9.20 -41.34
N THR I 171 -32.71 7.96 -40.86
CA THR I 171 -31.51 7.14 -40.73
C THR I 171 -30.97 6.89 -42.13
N PRO I 172 -29.74 7.30 -42.45
CA PRO I 172 -29.24 7.13 -43.82
C PRO I 172 -29.29 5.67 -44.25
N THR I 173 -29.36 5.46 -45.57
CA THR I 173 -29.38 4.10 -46.08
C THR I 173 -28.02 3.45 -45.91
N LEU I 174 -26.96 4.18 -46.18
CA LEU I 174 -25.62 3.63 -46.00
C LEU I 174 -24.70 4.74 -45.52
N SER I 175 -23.72 4.39 -44.70
CA SER I 175 -22.81 5.40 -44.18
C SER I 175 -21.38 5.04 -44.53
N ILE I 176 -20.55 6.06 -44.78
CA ILE I 176 -19.13 5.87 -45.13
C ILE I 176 -18.29 6.82 -44.28
N ASN I 177 -17.34 6.26 -43.53
CA ASN I 177 -16.44 7.00 -42.65
C ASN I 177 -14.99 6.78 -43.09
N ASP I 178 -14.55 7.56 -44.08
CA ASP I 178 -13.20 7.45 -44.60
C ASP I 178 -12.28 8.47 -43.91
N PRO I 179 -11.34 8.03 -43.07
CA PRO I 179 -10.45 8.99 -42.41
C PRO I 179 -9.48 9.69 -43.36
N GLU I 180 -9.26 9.14 -44.56
CA GLU I 180 -8.42 9.85 -45.51
C GLU I 180 -9.06 11.15 -45.95
N LEU I 181 -10.38 11.24 -45.85
CA LEU I 181 -11.10 12.46 -46.19
C LEU I 181 -11.07 13.46 -45.05
N MET I 182 -10.56 13.08 -43.88
CA MET I 182 -10.60 13.96 -42.71
C MET I 182 -9.27 14.59 -42.40
N VAL I 183 -8.20 14.20 -43.12
CA VAL I 183 -6.88 14.76 -42.87
C VAL I 183 -6.85 16.26 -43.10
N GLY I 184 -7.71 16.76 -43.99
CA GLY I 184 -7.68 18.15 -44.36
C GLY I 184 -8.37 19.09 -43.41
N MET I 185 -8.97 18.57 -42.34
CA MET I 185 -9.57 19.39 -41.30
C MET I 185 -8.52 20.27 -40.62
N PRO I 186 -8.66 21.59 -40.65
CA PRO I 186 -7.72 22.46 -39.91
C PRO I 186 -7.87 22.26 -38.41
N PRO I 187 -6.86 22.66 -37.62
CA PRO I 187 -6.90 22.39 -36.17
C PRO I 187 -8.14 22.88 -35.43
N SER I 188 -8.63 24.09 -35.72
CA SER I 188 -9.81 24.59 -35.00
C SER I 188 -11.04 23.74 -35.29
N LEU I 189 -11.20 23.32 -36.56
CA LEU I 189 -12.31 22.45 -36.93
C LEU I 189 -12.16 21.07 -36.29
N THR I 190 -10.93 20.54 -36.31
CA THR I 190 -10.67 19.27 -35.65
C THR I 190 -11.05 19.33 -34.18
N ALA I 191 -10.67 20.42 -33.50
CA ALA I 191 -10.96 20.54 -32.08
C ALA I 191 -12.45 20.65 -31.83
N ALA I 192 -13.15 21.46 -32.62
CA ALA I 192 -14.57 21.70 -32.37
C ALA I 192 -15.41 20.46 -32.64
N THR I 193 -15.15 19.77 -33.75
CA THR I 193 -15.89 18.52 -34.00
C THR I 193 -15.54 17.45 -32.96
N GLY I 194 -14.26 17.36 -32.55
CA GLY I 194 -13.91 16.37 -31.56
C GLY I 194 -14.57 16.62 -30.22
N LEU I 195 -14.71 17.90 -29.84
CA LEU I 195 -15.39 18.24 -28.60
C LEU I 195 -16.91 18.09 -28.73
N ASP I 196 -17.44 18.15 -29.94
CA ASP I 196 -18.84 17.79 -30.15
C ASP I 196 -19.04 16.28 -29.95
N ALA I 197 -18.08 15.46 -30.39
CA ALA I 197 -18.20 14.02 -30.14
C ALA I 197 -18.07 13.71 -28.65
N LEU I 198 -17.15 14.39 -27.97
CA LEU I 198 -17.03 14.21 -26.53
C LEU I 198 -18.32 14.61 -25.81
N THR I 199 -18.94 15.73 -26.22
CA THR I 199 -20.20 16.11 -25.63
C THR I 199 -21.27 15.06 -25.91
N HIS I 200 -21.28 14.51 -27.13
CA HIS I 200 -22.22 13.44 -27.46
C HIS I 200 -22.08 12.29 -26.49
N ALA I 201 -20.84 11.84 -26.26
CA ALA I 201 -20.64 10.67 -25.41
C ALA I 201 -20.99 10.96 -23.96
N ILE I 202 -20.61 12.14 -23.46
CA ILE I 202 -20.88 12.48 -22.05
C ILE I 202 -22.39 12.62 -21.80
N GLU I 203 -23.08 13.35 -22.69
CA GLU I 203 -24.52 13.51 -22.52
C GLU I 203 -25.24 12.18 -22.71
N ALA I 204 -24.74 11.31 -23.59
CA ALA I 204 -25.35 9.98 -23.72
C ALA I 204 -25.13 9.17 -22.46
N TYR I 205 -23.95 9.27 -21.84
CA TYR I 205 -23.68 8.49 -20.66
C TYR I 205 -24.51 8.94 -19.47
N VAL I 206 -24.81 10.24 -19.35
CA VAL I 206 -25.62 10.69 -18.22
C VAL I 206 -27.10 10.83 -18.57
N SER I 207 -27.50 10.47 -19.79
CA SER I 207 -28.88 10.63 -20.23
C SER I 207 -29.83 9.69 -19.51
N THR I 208 -31.08 10.14 -19.36
CA THR I 208 -32.10 9.26 -18.80
C THR I 208 -32.51 8.16 -19.76
N GLY I 209 -32.11 8.23 -21.03
CA GLY I 209 -32.47 7.20 -21.98
C GLY I 209 -31.32 6.24 -22.25
N ALA I 210 -30.33 6.23 -21.36
CA ALA I 210 -29.19 5.35 -21.51
C ALA I 210 -29.57 3.88 -21.36
N THR I 211 -28.87 3.03 -22.09
CA THR I 211 -28.97 1.58 -22.03
C THR I 211 -27.57 1.00 -21.90
N PRO I 212 -27.44 -0.28 -21.51
CA PRO I 212 -26.09 -0.89 -21.50
C PRO I 212 -25.36 -0.82 -22.84
N ILE I 213 -26.10 -0.83 -23.95
CA ILE I 213 -25.47 -0.74 -25.27
C ILE I 213 -24.92 0.67 -25.50
N THR I 214 -25.78 1.69 -25.35
CA THR I 214 -25.30 3.05 -25.50
C THR I 214 -24.17 3.32 -24.52
N ASP I 215 -24.26 2.76 -23.30
CA ASP I 215 -23.20 2.94 -22.31
C ASP I 215 -21.86 2.42 -22.82
N ALA I 216 -21.84 1.18 -23.33
CA ALA I 216 -20.61 0.62 -23.87
C ALA I 216 -19.99 1.56 -24.91
N LEU I 217 -20.83 2.02 -25.83
CA LEU I 217 -20.33 2.85 -26.92
C LEU I 217 -19.79 4.17 -26.40
N ALA I 218 -20.50 4.80 -25.45
CA ALA I 218 -20.10 6.11 -24.96
C ALA I 218 -18.80 6.04 -24.18
N ILE I 219 -18.63 5.01 -23.34
CA ILE I 219 -17.40 4.87 -22.58
C ILE I 219 -16.21 4.75 -23.53
N GLN I 220 -16.33 3.90 -24.56
CA GLN I 220 -15.21 3.77 -25.49
C GLN I 220 -14.91 5.10 -26.16
N ALA I 221 -15.95 5.83 -26.56
CA ALA I 221 -15.75 7.12 -27.24
C ALA I 221 -14.98 8.10 -26.35
N ILE I 222 -15.36 8.19 -25.08
CA ILE I 222 -14.66 9.11 -24.18
C ILE I 222 -13.20 8.73 -24.06
N LYS I 223 -12.91 7.43 -23.89
CA LYS I 223 -11.50 7.04 -23.74
C LYS I 223 -10.68 7.37 -24.98
N ILE I 224 -11.26 7.10 -26.16
CA ILE I 224 -10.52 7.32 -27.38
C ILE I 224 -10.34 8.82 -27.65
N ILE I 225 -11.37 9.63 -27.40
CA ILE I 225 -11.22 11.08 -27.61
C ILE I 225 -10.17 11.63 -26.66
N SER I 226 -10.23 11.24 -25.38
CA SER I 226 -9.27 11.71 -24.41
C SER I 226 -7.84 11.39 -24.81
N LYS I 227 -7.64 10.28 -25.52
CA LYS I 227 -6.24 9.99 -25.87
C LYS I 227 -5.84 10.60 -27.20
N TYR I 228 -6.73 10.61 -28.20
CA TYR I 228 -6.32 10.93 -29.57
C TYR I 228 -6.74 12.31 -30.08
N LEU I 229 -7.74 12.95 -29.49
CA LEU I 229 -8.15 14.26 -30.00
C LEU I 229 -7.05 15.30 -29.90
N PRO I 230 -6.34 15.47 -28.77
CA PRO I 230 -5.24 16.44 -28.75
C PRO I 230 -4.17 16.13 -29.79
N ARG I 231 -3.98 14.85 -30.11
CA ARG I 231 -3.03 14.45 -31.12
C ARG I 231 -3.51 14.86 -32.50
N ALA I 232 -4.82 14.76 -32.73
CA ALA I 232 -5.35 15.18 -34.02
C ALA I 232 -5.33 16.70 -34.16
N VAL I 233 -5.45 17.43 -33.05
CA VAL I 233 -5.38 18.89 -33.13
C VAL I 233 -3.95 19.36 -33.34
N ALA I 234 -2.99 18.68 -32.69
CA ALA I 234 -1.59 19.09 -32.75
C ALA I 234 -0.97 18.77 -34.09
N ASN I 235 -1.39 17.68 -34.74
CA ASN I 235 -0.89 17.28 -36.05
C ASN I 235 -2.01 16.58 -36.80
N GLY I 236 -2.60 17.27 -37.77
CA GLY I 236 -3.68 16.67 -38.55
C GLY I 236 -3.22 15.59 -39.50
N LYS I 237 -1.91 15.41 -39.64
CA LYS I 237 -1.33 14.37 -40.47
C LYS I 237 -0.96 13.10 -39.70
N ASP I 238 -1.26 13.06 -38.41
CA ASP I 238 -1.16 11.84 -37.60
C ASP I 238 -2.33 10.93 -37.98
N ILE I 239 -2.05 9.93 -38.81
CA ILE I 239 -3.12 9.11 -39.36
C ILE I 239 -3.80 8.30 -38.26
N GLU I 240 -3.01 7.81 -37.30
CA GLU I 240 -3.59 7.06 -36.20
C GLU I 240 -4.62 7.88 -35.44
N ALA I 241 -4.29 9.12 -35.10
CA ALA I 241 -5.25 9.97 -34.40
C ALA I 241 -6.48 10.21 -35.26
N ARG I 242 -6.31 10.35 -36.57
CA ARG I 242 -7.47 10.58 -37.43
C ARG I 242 -8.39 9.38 -37.46
N GLU I 243 -7.83 8.18 -37.60
CA GLU I 243 -8.67 6.98 -37.68
C GLU I 243 -9.33 6.69 -36.33
N GLN I 244 -8.61 6.89 -35.23
CA GLN I 244 -9.21 6.68 -33.93
C GLN I 244 -10.31 7.70 -33.66
N MET I 245 -10.12 8.96 -34.10
CA MET I 245 -11.17 9.96 -33.95
C MET I 245 -12.37 9.65 -34.83
N ALA I 246 -12.17 9.03 -35.99
CA ALA I 246 -13.31 8.61 -36.79
C ALA I 246 -14.10 7.52 -36.07
N PHE I 247 -13.40 6.57 -35.44
CA PHE I 247 -14.09 5.56 -34.64
C PHE I 247 -14.81 6.20 -33.47
N ALA I 248 -14.15 7.14 -32.80
CA ALA I 248 -14.73 7.77 -31.62
C ALA I 248 -15.98 8.56 -31.99
N GLN I 249 -15.93 9.27 -33.12
CA GLN I 249 -17.08 10.01 -33.59
C GLN I 249 -18.25 9.07 -33.87
N SER I 250 -17.98 7.90 -34.47
CA SER I 250 -19.08 6.98 -34.75
C SER I 250 -19.63 6.38 -33.47
N LEU I 251 -18.75 6.04 -32.53
CA LEU I 251 -19.22 5.51 -31.25
C LEU I 251 -20.11 6.52 -30.55
N ALA I 252 -19.70 7.79 -30.54
CA ALA I 252 -20.46 8.81 -29.83
C ALA I 252 -21.79 9.08 -30.54
N GLY I 253 -21.80 9.07 -31.87
CA GLY I 253 -23.05 9.21 -32.59
C GLY I 253 -23.99 8.07 -32.29
N MET I 254 -23.45 6.84 -32.33
CA MET I 254 -24.24 5.64 -32.01
C MET I 254 -24.84 5.74 -30.62
N ALA I 255 -24.08 6.28 -29.67
CA ALA I 255 -24.58 6.34 -28.30
C ALA I 255 -25.68 7.38 -28.16
N PHE I 256 -25.44 8.62 -28.63
CA PHE I 256 -26.41 9.68 -28.40
C PHE I 256 -27.68 9.47 -29.23
N ASN I 257 -27.56 8.89 -30.42
CA ASN I 257 -28.73 8.61 -31.26
C ASN I 257 -29.77 7.78 -30.53
N ASN I 258 -29.33 6.87 -29.66
CA ASN I 258 -30.21 5.93 -29.01
C ASN I 258 -30.37 6.16 -27.52
N ALA I 259 -29.58 7.06 -26.94
CA ALA I 259 -29.74 7.42 -25.55
C ALA I 259 -30.39 8.78 -25.37
N GLY I 260 -30.11 9.68 -26.29
CA GLY I 260 -30.55 11.07 -26.10
C GLY I 260 -29.39 11.93 -25.64
N LEU I 261 -29.53 13.24 -25.77
CA LEU I 261 -28.48 14.18 -25.32
C LEU I 261 -28.94 14.88 -24.04
N GLY I 262 -28.71 16.18 -23.93
CA GLY I 262 -29.13 16.93 -22.73
C GLY I 262 -29.12 18.44 -22.92
N TYR I 263 -28.84 19.19 -21.86
CA TYR I 263 -28.95 20.67 -21.92
C TYR I 263 -27.73 21.32 -22.61
N VAL I 264 -26.61 20.61 -22.72
CA VAL I 264 -25.53 21.19 -23.52
C VAL I 264 -26.02 21.43 -24.94
N HIS I 265 -26.59 20.40 -25.57
CA HIS I 265 -27.10 20.53 -26.92
C HIS I 265 -28.36 21.40 -26.96
N ALA I 266 -29.19 21.31 -25.92
CA ALA I 266 -30.41 22.11 -25.85
C ALA I 266 -30.10 23.60 -25.90
N ILE I 267 -29.08 24.04 -25.15
CA ILE I 267 -28.70 25.46 -25.17
C ILE I 267 -27.86 25.79 -26.40
N ALA I 268 -26.99 24.86 -26.83
CA ALA I 268 -26.14 25.13 -27.98
C ALA I 268 -26.96 25.38 -29.23
N HIS I 269 -28.10 24.68 -29.35
CA HIS I 269 -28.95 24.88 -30.52
C HIS I 269 -29.50 26.30 -30.57
N GLN I 270 -29.69 26.93 -29.41
CA GLN I 270 -30.22 28.29 -29.38
C GLN I 270 -29.12 29.29 -29.66
N LEU I 271 -27.93 29.07 -29.09
CA LEU I 271 -26.82 29.98 -29.39
C LEU I 271 -26.45 29.91 -30.88
N GLY I 272 -26.59 28.72 -31.48
CA GLY I 272 -26.30 28.59 -32.89
C GLY I 272 -27.39 29.13 -33.79
N GLY I 273 -28.66 29.02 -33.37
CA GLY I 273 -29.71 29.63 -34.16
C GLY I 273 -29.72 31.13 -34.08
N PHE I 274 -29.18 31.69 -33.00
CA PHE I 274 -29.16 33.15 -32.87
C PHE I 274 -27.93 33.78 -33.50
N TYR I 275 -26.76 33.14 -33.40
CA TYR I 275 -25.53 33.81 -33.83
C TYR I 275 -24.72 33.04 -34.87
N ASN I 276 -25.22 31.90 -35.35
CA ASN I 276 -24.50 31.07 -36.33
C ASN I 276 -23.13 30.68 -35.79
N PHE I 277 -23.01 30.53 -34.48
CA PHE I 277 -21.79 30.07 -33.88
C PHE I 277 -21.54 28.63 -34.32
N PRO I 278 -20.29 28.18 -34.34
CA PRO I 278 -20.02 26.76 -34.62
C PRO I 278 -20.58 25.86 -33.53
N HIS I 279 -21.28 24.80 -33.95
CA HIS I 279 -21.96 23.91 -33.02
C HIS I 279 -20.99 23.31 -31.99
N GLY I 280 -19.84 22.83 -32.45
CA GLY I 280 -18.88 22.23 -31.54
C GLY I 280 -18.28 23.21 -30.55
N VAL I 281 -18.10 24.47 -30.96
CA VAL I 281 -17.58 25.45 -30.01
C VAL I 281 -18.61 25.79 -28.94
N CYS I 282 -19.89 25.91 -29.33
CA CYS I 282 -20.95 26.12 -28.34
C CYS I 282 -20.98 24.99 -27.32
N ASN I 283 -20.92 23.75 -27.81
CA ASN I 283 -20.91 22.61 -26.91
C ASN I 283 -19.69 22.64 -25.99
N ALA I 284 -18.53 23.01 -26.52
CA ALA I 284 -17.32 23.02 -25.70
C ALA I 284 -17.38 24.10 -24.62
N VAL I 285 -17.95 25.27 -24.95
CA VAL I 285 -18.08 26.33 -23.95
C VAL I 285 -19.06 25.93 -22.87
N LEU I 286 -20.15 25.26 -23.26
CA LEU I 286 -21.22 24.97 -22.32
C LEU I 286 -20.96 23.74 -21.45
N LEU I 287 -20.24 22.74 -21.99
CA LEU I 287 -20.07 21.44 -21.33
C LEU I 287 -19.71 21.52 -19.85
N PRO I 288 -18.67 22.24 -19.43
CA PRO I 288 -18.36 22.24 -17.99
C PRO I 288 -19.47 22.79 -17.11
N TYR I 289 -20.19 23.82 -17.58
CA TYR I 289 -21.22 24.41 -16.72
C TYR I 289 -22.42 23.49 -16.60
N VAL I 290 -22.82 22.85 -17.69
CA VAL I 290 -23.98 21.97 -17.61
C VAL I 290 -23.62 20.71 -16.83
N CYS I 291 -22.37 20.23 -16.95
CA CYS I 291 -21.95 19.09 -16.14
C CYS I 291 -21.98 19.43 -14.66
N ARG I 292 -21.48 20.61 -14.28
CA ARG I 292 -21.58 21.05 -12.89
C ARG I 292 -23.03 21.15 -12.44
N PHE I 293 -23.93 21.59 -13.33
CA PHE I 293 -25.33 21.66 -12.94
C PHE I 293 -25.90 20.27 -12.73
N ASN I 294 -25.50 19.31 -13.57
CA ASN I 294 -26.04 17.97 -13.52
C ASN I 294 -25.40 17.10 -12.44
N LEU I 295 -24.31 17.58 -11.81
CA LEU I 295 -23.50 16.70 -10.95
C LEU I 295 -24.31 15.92 -9.94
N ILE I 296 -25.20 16.60 -9.20
CA ILE I 296 -25.92 15.92 -8.12
C ILE I 296 -26.88 14.85 -8.62
N SER I 297 -27.19 14.82 -9.91
CA SER I 297 -28.08 13.78 -10.42
C SER I 297 -27.35 12.51 -10.85
N LYS I 298 -26.06 12.61 -11.23
CA LYS I 298 -25.30 11.49 -11.77
C LYS I 298 -23.85 11.51 -11.29
N VAL I 299 -23.65 11.59 -9.97
CA VAL I 299 -22.29 11.80 -9.46
C VAL I 299 -21.41 10.57 -9.68
N GLU I 300 -21.98 9.37 -9.60
CA GLU I 300 -21.17 8.18 -9.81
C GLU I 300 -20.70 8.09 -11.25
N ARG I 301 -21.56 8.47 -12.19
CA ARG I 301 -21.18 8.38 -13.59
C ARG I 301 -20.21 9.49 -14.00
N TYR I 302 -20.31 10.68 -13.39
CA TYR I 302 -19.31 11.71 -13.66
C TYR I 302 -17.97 11.33 -13.04
N ALA I 303 -17.99 10.64 -11.89
CA ALA I 303 -16.75 10.11 -11.34
C ALA I 303 -16.14 9.08 -12.28
N GLU I 304 -16.98 8.25 -12.89
CA GLU I 304 -16.44 7.31 -13.88
C GLU I 304 -15.88 8.06 -15.08
N ILE I 305 -16.54 9.15 -15.49
CA ILE I 305 -16.05 9.91 -16.63
C ILE I 305 -14.67 10.49 -16.34
N ALA I 306 -14.43 10.91 -15.09
CA ALA I 306 -13.10 11.42 -14.74
C ALA I 306 -12.03 10.36 -14.97
N ALA I 307 -12.32 9.11 -14.61
CA ALA I 307 -11.36 8.05 -14.88
C ALA I 307 -11.24 7.79 -16.38
N PHE I 308 -12.36 7.78 -17.11
CA PHE I 308 -12.30 7.60 -18.56
C PHE I 308 -11.45 8.69 -19.21
N LEU I 309 -11.39 9.87 -18.60
CA LEU I 309 -10.64 11.01 -19.11
C LEU I 309 -9.20 11.04 -18.62
N GLY I 310 -8.74 9.98 -17.96
CA GLY I 310 -7.37 9.81 -17.53
C GLY I 310 -7.05 10.28 -16.12
N GLU I 311 -8.02 10.76 -15.36
CA GLU I 311 -7.71 11.31 -14.05
C GLU I 311 -7.50 10.20 -13.04
N ASN I 312 -6.68 10.48 -12.04
CA ASN I 312 -6.47 9.57 -10.93
C ASN I 312 -7.46 9.88 -9.82
N VAL I 313 -8.22 8.87 -9.40
CA VAL I 313 -9.28 9.06 -8.42
C VAL I 313 -9.03 8.26 -7.14
N ASP I 314 -7.79 7.81 -6.92
CA ASP I 314 -7.48 6.97 -5.78
C ASP I 314 -7.64 7.74 -4.49
N GLY I 315 -8.38 7.17 -3.54
CA GLY I 315 -8.55 7.80 -2.25
C GLY I 315 -9.52 8.96 -2.26
N LEU I 316 -10.35 9.08 -3.29
CA LEU I 316 -11.25 10.22 -3.41
C LEU I 316 -12.70 9.78 -3.28
N SER I 317 -13.51 10.66 -2.71
CA SER I 317 -14.94 10.43 -2.68
C SER I 317 -15.51 10.49 -4.09
N THR I 318 -16.69 9.88 -4.27
CA THR I 318 -17.35 9.96 -5.57
C THR I 318 -17.52 11.41 -5.99
N TYR I 319 -17.76 12.30 -5.03
CA TYR I 319 -17.98 13.72 -5.34
C TYR I 319 -16.71 14.39 -5.86
N ASP I 320 -15.58 14.19 -5.17
CA ASP I 320 -14.33 14.80 -5.60
C ASP I 320 -13.87 14.22 -6.93
N ALA I 321 -14.18 12.94 -7.15
CA ALA I 321 -13.85 12.33 -8.42
C ALA I 321 -14.68 12.95 -9.54
N ALA I 322 -15.96 13.20 -9.26
CA ALA I 322 -16.80 13.87 -10.25
C ALA I 322 -16.30 15.27 -10.56
N GLU I 323 -15.74 15.96 -9.57
CA GLU I 323 -15.23 17.31 -9.84
C GLU I 323 -13.96 17.27 -10.69
N LYS I 324 -13.15 16.22 -10.54
CA LYS I 324 -11.99 16.10 -11.40
C LYS I 324 -12.37 15.94 -12.88
N ALA I 325 -13.58 15.48 -13.17
CA ALA I 325 -14.02 15.35 -14.56
C ALA I 325 -14.26 16.71 -15.19
N ILE I 326 -14.92 17.61 -14.44
CA ILE I 326 -15.10 18.97 -14.94
C ILE I 326 -13.77 19.67 -15.11
N LYS I 327 -12.84 19.46 -14.17
CA LYS I 327 -11.54 20.11 -14.32
C LYS I 327 -10.80 19.60 -15.56
N ALA I 328 -10.91 18.29 -15.85
CA ALA I 328 -10.24 17.74 -17.02
C ALA I 328 -10.88 18.23 -18.32
N ILE I 329 -12.21 18.38 -18.32
CA ILE I 329 -12.89 18.95 -19.49
C ILE I 329 -12.43 20.39 -19.73
N GLU I 330 -12.32 21.18 -18.66
CA GLU I 330 -11.87 22.55 -18.84
C GLU I 330 -10.44 22.58 -19.36
N ARG I 331 -9.60 21.67 -18.87
CA ARG I 331 -8.17 21.64 -19.30
C ARG I 331 -8.10 21.26 -20.78
N MET I 332 -8.93 20.30 -21.19
CA MET I 332 -8.91 19.92 -22.59
C MET I 332 -9.35 21.07 -23.47
N ALA I 333 -10.42 21.77 -23.07
CA ALA I 333 -10.88 22.91 -23.87
C ALA I 333 -9.83 24.01 -23.91
N LYS I 334 -9.11 24.21 -22.82
CA LYS I 334 -8.07 25.23 -22.79
C LYS I 334 -6.92 24.84 -23.71
N ASP I 335 -6.54 23.56 -23.73
CA ASP I 335 -5.42 23.14 -24.55
C ASP I 335 -5.76 23.12 -26.04
N LEU I 336 -7.05 23.11 -26.38
CA LEU I 336 -7.48 23.13 -27.77
C LEU I 336 -7.95 24.51 -28.22
N ASN I 337 -7.67 25.55 -27.43
CA ASN I 337 -7.95 26.95 -27.80
C ASN I 337 -9.42 27.21 -28.14
N ILE I 338 -10.30 26.76 -27.25
CA ILE I 338 -11.73 27.03 -27.35
C ILE I 338 -12.01 28.36 -26.68
N PRO I 339 -12.82 29.24 -27.26
CA PRO I 339 -13.15 30.52 -26.61
C PRO I 339 -13.61 30.32 -25.17
N LYS I 340 -13.31 31.30 -24.32
CA LYS I 340 -13.60 31.15 -22.87
C LYS I 340 -15.09 31.42 -22.59
N GLY I 341 -15.71 32.29 -23.38
CA GLY I 341 -17.11 32.57 -23.13
C GLY I 341 -17.85 32.90 -24.41
N PHE I 342 -19.13 33.31 -24.33
CA PHE I 342 -19.91 33.50 -25.57
C PHE I 342 -19.95 34.97 -26.00
N LYS I 343 -19.74 35.90 -25.07
CA LYS I 343 -19.82 37.35 -25.38
C LYS I 343 -18.61 37.76 -26.22
N GLU I 344 -17.48 37.10 -26.01
CA GLU I 344 -16.29 37.38 -26.84
C GLU I 344 -16.56 36.92 -28.26
N LEU I 345 -17.62 36.15 -28.46
CA LEU I 345 -17.95 35.60 -29.80
C LEU I 345 -19.10 36.41 -30.40
N GLY I 346 -19.81 37.20 -29.59
CA GLY I 346 -20.86 38.06 -30.12
C GLY I 346 -22.25 37.95 -29.48
N ALA I 347 -22.38 37.20 -28.39
CA ALA I 347 -23.65 37.01 -27.69
C ALA I 347 -24.04 38.23 -26.84
N LYS I 348 -25.35 38.44 -26.65
CA LYS I 348 -25.95 39.60 -25.99
C LYS I 348 -26.86 39.22 -24.83
N GLU I 349 -26.92 40.04 -23.75
CA GLU I 349 -27.89 39.73 -22.68
C GLU I 349 -29.32 39.84 -23.13
N GLU I 350 -29.63 40.76 -24.06
CA GLU I 350 -31.04 40.95 -24.36
C GLU I 350 -31.65 39.67 -24.91
N ASP I 351 -30.83 38.68 -25.22
CA ASP I 351 -31.29 37.42 -25.75
C ASP I 351 -31.28 36.28 -24.75
N ILE I 352 -30.56 36.42 -23.62
CA ILE I 352 -30.37 35.28 -22.71
C ILE I 352 -31.69 34.63 -22.35
N GLU I 353 -32.67 35.44 -21.91
CA GLU I 353 -33.93 34.87 -21.47
C GLU I 353 -34.61 34.13 -22.62
N THR I 354 -34.63 34.75 -23.80
CA THR I 354 -35.22 34.08 -24.95
C THR I 354 -34.48 32.79 -25.23
N LEU I 355 -33.13 32.85 -25.21
CA LEU I 355 -32.33 31.66 -25.42
C LEU I 355 -32.73 30.57 -24.44
N ALA I 356 -32.84 30.93 -23.15
CA ALA I 356 -33.16 29.92 -22.16
C ALA I 356 -34.55 29.37 -22.40
N LYS I 357 -35.50 30.25 -22.72
CA LYS I 357 -36.86 29.77 -22.93
C LYS I 357 -36.89 28.84 -24.13
N ASN I 358 -36.07 29.12 -25.14
CA ASN I 358 -36.08 28.24 -26.30
C ASN I 358 -35.41 26.91 -25.97
N ALA I 359 -34.40 26.94 -25.09
CA ALA I 359 -33.69 25.71 -24.74
C ALA I 359 -34.61 24.73 -24.02
N MET I 360 -35.55 25.23 -23.24
CA MET I 360 -36.44 24.35 -22.52
C MET I 360 -37.44 23.67 -23.44
N LYS I 361 -37.48 24.07 -24.71
CA LYS I 361 -38.40 23.48 -25.68
C LYS I 361 -37.72 22.52 -26.63
N ASP I 362 -36.39 22.44 -26.59
CA ASP I 362 -35.66 21.49 -27.42
C ASP I 362 -35.87 20.07 -26.91
N ALA I 363 -35.92 19.12 -27.86
CA ALA I 363 -36.20 17.74 -27.47
C ALA I 363 -35.05 17.15 -26.66
N CYS I 364 -33.82 17.60 -26.89
CA CYS I 364 -32.67 17.07 -26.16
C CYS I 364 -32.81 17.29 -24.66
N ALA I 365 -33.53 18.33 -24.27
CA ALA I 365 -33.69 18.64 -22.86
C ALA I 365 -34.49 17.57 -22.15
N LEU I 366 -35.25 16.76 -22.91
CA LEU I 366 -36.07 15.74 -22.29
C LEU I 366 -35.22 14.68 -21.60
N THR I 367 -33.97 14.49 -22.04
CA THR I 367 -33.19 13.40 -21.46
C THR I 367 -32.12 13.88 -20.47
N ASN I 368 -32.02 15.19 -20.22
CA ASN I 368 -31.05 15.69 -19.26
C ASN I 368 -31.32 15.09 -17.88
N PRO I 369 -30.29 14.63 -17.16
CA PRO I 369 -30.53 13.97 -15.87
C PRO I 369 -31.06 14.90 -14.79
N ARG I 370 -30.73 16.19 -14.81
CA ARG I 370 -31.30 17.15 -13.86
C ARG I 370 -32.31 18.02 -14.59
N LYS I 371 -33.53 18.12 -14.03
CA LYS I 371 -34.63 18.85 -14.65
C LYS I 371 -34.66 20.28 -14.11
N PRO I 372 -34.35 21.29 -14.94
CA PRO I 372 -34.21 22.65 -14.44
C PRO I 372 -35.40 23.62 -14.47
N LYS I 373 -35.24 24.72 -13.74
CA LYS I 373 -36.26 25.80 -13.80
C LYS I 373 -35.66 26.88 -14.69
N LEU I 374 -36.48 27.70 -15.36
CA LEU I 374 -35.96 28.72 -16.30
C LEU I 374 -34.77 29.46 -15.69
N GLU I 375 -34.86 29.80 -14.41
CA GLU I 375 -33.79 30.55 -13.74
C GLU I 375 -32.46 29.82 -13.86
N GLU I 376 -32.49 28.49 -13.90
CA GLU I 376 -31.26 27.66 -13.96
C GLU I 376 -30.67 27.72 -15.37
N VAL I 377 -31.43 27.42 -16.43
CA VAL I 377 -30.97 27.63 -17.80
C VAL I 377 -30.42 29.04 -17.98
N ILE I 378 -31.09 30.05 -17.41
CA ILE I 378 -30.62 31.43 -17.54
C ILE I 378 -29.27 31.58 -16.87
N GLN I 379 -29.15 31.06 -15.65
CA GLN I 379 -27.90 31.13 -14.90
C GLN I 379 -26.77 30.39 -15.60
N ILE I 380 -27.06 29.23 -16.20
CA ILE I 380 -26.04 28.52 -16.98
C ILE I 380 -25.58 29.37 -18.15
N ILE I 381 -26.55 29.96 -18.87
CA ILE I 381 -26.19 30.79 -20.02
C ILE I 381 -25.39 32.01 -19.57
N LYS I 382 -25.73 32.56 -18.41
CA LYS I 382 -24.99 33.70 -17.89
C LYS I 382 -23.57 33.32 -17.54
N ASN I 383 -23.39 32.14 -16.93
CA ASN I 383 -22.05 31.67 -16.59
C ASN I 383 -21.20 31.42 -17.83
N ALA I 384 -21.84 31.06 -18.94
CA ALA I 384 -21.14 30.82 -20.20
C ALA I 384 -20.92 32.10 -21.01
N MET I 385 -21.42 33.24 -20.54
CA MET I 385 -21.16 34.50 -21.23
C MET I 385 -19.73 34.97 -20.97
N LEU I 386 -19.35 35.02 -19.70
CA LEU I 386 -17.95 35.00 -19.26
C LEU I 386 -17.67 33.67 -18.59
N ASN J 3 -46.34 -6.59 -8.55
CA ASN J 3 -46.03 -5.24 -8.08
C ASN J 3 -44.78 -5.20 -7.23
N THR J 4 -44.27 -3.99 -7.04
CA THR J 4 -43.14 -3.72 -6.16
C THR J 4 -43.61 -3.37 -4.75
N GLN J 5 -44.79 -3.84 -4.36
CA GLN J 5 -45.38 -3.48 -3.07
C GLN J 5 -44.77 -4.33 -1.97
N SER J 6 -44.72 -3.76 -0.76
CA SER J 6 -44.09 -4.43 0.36
C SER J 6 -44.78 -4.03 1.65
N ALA J 7 -44.47 -4.75 2.74
CA ALA J 7 -45.11 -4.47 4.01
C ALA J 7 -44.19 -4.85 5.15
N PHE J 8 -44.33 -4.14 6.28
CA PHE J 8 -43.57 -4.43 7.49
C PHE J 8 -44.54 -4.69 8.64
N PHE J 9 -44.37 -5.86 9.28
CA PHE J 9 -45.23 -6.31 10.36
C PHE J 9 -44.42 -6.47 11.64
N MET J 10 -45.00 -6.05 12.75
CA MET J 10 -44.34 -6.12 14.05
C MET J 10 -45.33 -5.75 15.16
N PRO J 11 -45.15 -6.25 16.38
CA PRO J 11 -46.01 -5.81 17.49
C PRO J 11 -45.89 -4.31 17.73
N SER J 12 -47.01 -3.73 18.16
CA SER J 12 -47.05 -2.30 18.40
C SER J 12 -46.18 -1.87 19.56
N VAL J 13 -46.01 -2.73 20.57
CA VAL J 13 -45.19 -2.43 21.74
C VAL J 13 -44.27 -3.62 22.00
N ASN J 14 -42.98 -3.33 22.08
CA ASN J 14 -41.95 -4.35 22.27
C ASN J 14 -40.98 -3.85 23.33
N LEU J 15 -40.94 -4.55 24.46
CA LEU J 15 -40.12 -4.17 25.60
C LEU J 15 -38.81 -4.95 25.59
N PHE J 16 -37.71 -4.26 25.91
CA PHE J 16 -36.38 -4.83 25.95
C PHE J 16 -35.69 -4.42 27.24
N GLY J 17 -34.66 -5.18 27.60
CA GLY J 17 -33.82 -4.76 28.70
C GLY J 17 -34.05 -5.58 29.96
N ALA J 18 -33.07 -5.52 30.86
CA ALA J 18 -33.13 -6.24 32.11
C ALA J 18 -34.31 -5.76 32.94
N GLY J 19 -35.18 -6.71 33.30
CA GLY J 19 -36.32 -6.40 34.15
C GLY J 19 -37.62 -6.12 33.44
N SER J 20 -37.65 -6.18 32.11
CA SER J 20 -38.88 -5.82 31.39
C SER J 20 -40.05 -6.73 31.74
N VAL J 21 -39.78 -7.97 32.13
CA VAL J 21 -40.88 -8.89 32.39
C VAL J 21 -41.71 -8.43 33.58
N ASN J 22 -41.11 -7.64 34.48
CA ASN J 22 -41.82 -7.14 35.65
C ASN J 22 -42.94 -6.18 35.25
N GLU J 23 -43.12 -5.96 33.95
CA GLU J 23 -44.15 -5.09 33.46
C GLU J 23 -45.32 -5.82 32.83
N VAL J 24 -45.22 -7.14 32.64
CA VAL J 24 -46.24 -7.88 31.88
C VAL J 24 -47.63 -7.70 32.51
N GLY J 25 -47.73 -7.86 33.83
CA GLY J 25 -49.03 -7.80 34.48
C GLY J 25 -49.70 -6.46 34.25
N THR J 26 -48.97 -5.38 34.52
CA THR J 26 -49.50 -4.06 34.27
C THR J 26 -50.01 -3.96 32.84
N ARG J 27 -49.19 -4.40 31.88
CA ARG J 27 -49.56 -4.28 30.48
C ARG J 27 -50.80 -5.11 30.18
N LEU J 28 -50.82 -6.36 30.62
CA LEU J 28 -52.01 -7.20 30.39
C LEU J 28 -53.25 -6.42 30.85
N ALA J 29 -53.17 -5.82 32.03
CA ALA J 29 -54.31 -5.07 32.58
C ALA J 29 -54.63 -3.86 31.69
N ASP J 30 -53.62 -3.30 31.06
CA ASP J 30 -53.82 -2.10 30.22
C ASP J 30 -54.58 -2.50 28.95
N LEU J 31 -54.57 -3.79 28.62
CA LEU J 31 -55.27 -4.27 27.40
C LEU J 31 -56.77 -4.45 27.72
N GLY J 32 -57.10 -4.61 28.99
CA GLY J 32 -58.50 -4.80 29.38
C GLY J 32 -58.85 -6.27 29.52
N VAL J 33 -57.83 -7.12 29.54
CA VAL J 33 -58.08 -8.56 29.62
C VAL J 33 -58.26 -8.94 31.08
N LYS J 34 -58.85 -10.11 31.31
CA LYS J 34 -59.17 -10.51 32.68
C LYS J 34 -58.52 -11.82 33.09
N LYS J 35 -58.49 -12.82 32.21
CA LYS J 35 -57.86 -14.09 32.54
C LYS J 35 -57.10 -14.61 31.34
N ALA J 36 -55.83 -14.92 31.56
CA ALA J 36 -54.92 -15.33 30.51
C ALA J 36 -54.47 -16.77 30.74
N LEU J 37 -54.36 -17.51 29.66
CA LEU J 37 -53.74 -18.83 29.67
C LEU J 37 -52.23 -18.66 29.47
N LEU J 38 -51.47 -19.07 30.48
CA LEU J 38 -50.00 -19.02 30.43
C LEU J 38 -49.49 -20.30 29.75
N VAL J 39 -49.10 -20.16 28.50
CA VAL J 39 -48.56 -21.27 27.71
C VAL J 39 -47.04 -21.27 27.84
N THR J 40 -46.49 -22.37 28.36
CA THR J 40 -45.05 -22.51 28.52
C THR J 40 -44.73 -24.00 28.34
N ASP J 41 -43.47 -24.36 28.54
CA ASP J 41 -43.08 -25.77 28.44
C ASP J 41 -42.84 -26.35 29.83
N ALA J 42 -42.69 -27.68 29.88
CA ALA J 42 -42.55 -28.35 31.17
C ALA J 42 -41.23 -28.02 31.85
N GLY J 43 -40.16 -27.78 31.08
CA GLY J 43 -38.88 -27.49 31.71
C GLY J 43 -38.88 -26.18 32.49
N LEU J 44 -39.38 -25.11 31.88
CA LEU J 44 -39.43 -23.83 32.58
C LEU J 44 -40.45 -23.86 33.71
N HIS J 45 -41.50 -24.66 33.56
CA HIS J 45 -42.45 -24.83 34.64
C HIS J 45 -41.81 -25.53 35.84
N GLY J 46 -40.99 -26.56 35.57
CA GLY J 46 -40.27 -27.21 36.65
C GLY J 46 -39.19 -26.35 37.26
N LEU J 47 -38.67 -25.39 36.50
CA LEU J 47 -37.68 -24.46 37.03
C LEU J 47 -38.33 -23.32 37.83
N GLY J 48 -39.66 -23.22 37.77
CA GLY J 48 -40.43 -22.28 38.57
C GLY J 48 -40.81 -20.99 37.89
N LEU J 49 -40.39 -20.78 36.64
CA LEU J 49 -40.62 -19.50 35.98
C LEU J 49 -42.12 -19.22 35.80
N SER J 50 -42.92 -20.26 35.55
CA SER J 50 -44.36 -20.08 35.33
C SER J 50 -45.04 -19.38 36.50
N GLU J 51 -44.70 -19.79 37.71
CA GLU J 51 -45.30 -19.18 38.91
C GLU J 51 -44.76 -17.77 39.13
N LYS J 52 -43.47 -17.55 38.92
CA LYS J 52 -42.87 -16.21 39.11
C LYS J 52 -43.59 -15.17 38.25
N ILE J 53 -43.84 -15.51 36.99
CA ILE J 53 -44.49 -14.56 36.07
C ILE J 53 -45.98 -14.52 36.41
N SER J 54 -46.55 -15.64 36.83
CA SER J 54 -47.97 -15.59 37.19
C SER J 54 -48.21 -14.68 38.38
N SER J 55 -47.28 -14.66 39.33
CA SER J 55 -47.41 -13.76 40.47
C SER J 55 -47.40 -12.30 40.03
N ILE J 56 -46.47 -11.93 39.14
CA ILE J 56 -46.45 -10.58 38.60
C ILE J 56 -47.77 -10.24 37.92
N ILE J 57 -48.32 -11.21 37.17
CA ILE J 57 -49.56 -10.94 36.45
C ILE J 57 -50.72 -10.79 37.43
N ARG J 58 -50.83 -11.67 38.43
CA ARG J 58 -51.93 -11.61 39.39
C ARG J 58 -51.83 -10.36 40.26
N ALA J 59 -50.61 -9.89 40.54
CA ALA J 59 -50.44 -8.68 41.34
C ALA J 59 -50.93 -7.43 40.62
N ALA J 60 -51.48 -7.60 39.42
CA ALA J 60 -52.07 -6.50 38.67
C ALA J 60 -53.54 -6.75 38.38
N GLY J 61 -54.14 -7.77 38.99
CA GLY J 61 -55.57 -7.99 38.85
C GLY J 61 -55.98 -8.84 37.67
N VAL J 62 -55.05 -9.57 37.06
CA VAL J 62 -55.36 -10.45 35.94
C VAL J 62 -55.23 -11.89 36.42
N GLU J 63 -56.19 -12.72 36.04
CA GLU J 63 -56.13 -14.11 36.43
C GLU J 63 -55.26 -14.89 35.45
N VAL J 64 -54.69 -15.98 35.95
CA VAL J 64 -53.75 -16.81 35.19
C VAL J 64 -54.12 -18.27 35.40
N SER J 65 -54.14 -19.03 34.31
CA SER J 65 -54.21 -20.49 34.37
C SER J 65 -53.04 -21.03 33.56
N ILE J 66 -52.18 -21.81 34.20
CA ILE J 66 -50.94 -22.27 33.57
C ILE J 66 -51.22 -23.51 32.73
N PHE J 67 -50.76 -23.48 31.48
CA PHE J 67 -50.78 -24.63 30.57
C PHE J 67 -49.33 -24.97 30.25
N PRO J 68 -48.68 -25.77 31.07
CA PRO J 68 -47.26 -26.02 30.81
C PRO J 68 -47.06 -27.19 29.89
N LYS J 69 -47.88 -27.29 28.84
CA LYS J 69 -47.92 -28.54 28.11
C LYS J 69 -47.39 -28.36 26.69
N ALA J 70 -46.71 -27.24 26.43
CA ALA J 70 -46.10 -26.99 25.12
C ALA J 70 -44.77 -27.73 25.00
N GLU J 71 -44.60 -28.45 23.89
CA GLU J 71 -43.41 -29.28 23.72
C GLU J 71 -42.41 -28.67 22.75
N PRO J 72 -41.10 -28.87 22.98
CA PRO J 72 -40.11 -28.51 21.97
C PRO J 72 -40.47 -29.14 20.62
N ASN J 73 -40.56 -28.29 19.59
CA ASN J 73 -41.20 -28.63 18.32
C ASN J 73 -42.66 -28.90 18.66
N PRO J 74 -43.44 -27.85 18.92
CA PRO J 74 -44.81 -28.04 19.40
C PRO J 74 -45.66 -28.79 18.39
N THR J 75 -46.63 -29.55 18.90
CA THR J 75 -47.44 -30.44 18.10
C THR J 75 -48.88 -29.94 18.01
N ASP J 76 -49.60 -30.49 17.04
CA ASP J 76 -51.03 -30.21 16.89
C ASP J 76 -51.82 -30.62 18.15
N LYS J 77 -51.37 -31.68 18.81
CA LYS J 77 -52.04 -32.13 20.03
C LYS J 77 -51.89 -31.11 21.15
N ASN J 78 -50.71 -30.48 21.25
CA ASN J 78 -50.55 -29.38 22.20
C ASN J 78 -51.56 -28.28 21.94
N VAL J 79 -51.82 -27.95 20.67
CA VAL J 79 -52.73 -26.86 20.36
C VAL J 79 -54.17 -27.23 20.71
N ALA J 80 -54.57 -28.46 20.40
CA ALA J 80 -55.93 -28.88 20.76
C ALA J 80 -56.12 -28.85 22.28
N GLU J 81 -55.16 -29.43 23.02
CA GLU J 81 -55.24 -29.42 24.47
C GLU J 81 -55.25 -28.01 25.03
N GLY J 82 -54.50 -27.11 24.39
CA GLY J 82 -54.47 -25.73 24.85
C GLY J 82 -55.79 -25.03 24.61
N LEU J 83 -56.41 -25.26 23.45
CA LEU J 83 -57.72 -24.63 23.18
C LEU J 83 -58.75 -25.14 24.19
N GLU J 84 -58.67 -26.41 24.56
CA GLU J 84 -59.59 -26.99 25.57
C GLU J 84 -59.45 -26.25 26.90
N ALA J 85 -58.22 -26.05 27.36
CA ALA J 85 -57.96 -25.31 28.61
C ALA J 85 -58.43 -23.86 28.46
N TYR J 86 -57.98 -23.20 27.40
CA TYR J 86 -58.41 -21.84 27.14
C TYR J 86 -59.93 -21.68 27.28
N ASN J 87 -60.68 -22.64 26.75
CA ASN J 87 -62.14 -22.51 26.81
C ASN J 87 -62.69 -22.95 28.17
N ALA J 88 -62.15 -24.03 28.73
CA ALA J 88 -62.65 -24.54 30.00
C ALA J 88 -62.38 -23.59 31.15
N GLU J 89 -61.22 -22.92 31.14
CA GLU J 89 -60.85 -22.04 32.24
C GLU J 89 -61.32 -20.61 32.04
N ASN J 90 -62.18 -20.37 31.05
CA ASN J 90 -62.78 -19.06 30.78
C ASN J 90 -61.70 -17.97 30.70
N CYS J 91 -60.73 -18.22 29.83
CA CYS J 91 -59.67 -17.26 29.57
C CYS J 91 -60.04 -16.38 28.40
N ASP J 92 -59.60 -15.12 28.47
CA ASP J 92 -59.83 -14.21 27.38
C ASP J 92 -58.51 -13.73 26.75
N SER J 93 -57.37 -14.21 27.23
CA SER J 93 -56.10 -13.81 26.63
C SER J 93 -55.11 -14.95 26.78
N ILE J 94 -53.96 -14.80 26.12
CA ILE J 94 -52.89 -15.78 26.17
C ILE J 94 -51.58 -15.05 26.46
N VAL J 95 -50.79 -15.63 27.36
CA VAL J 95 -49.43 -15.17 27.63
C VAL J 95 -48.51 -16.36 27.38
N THR J 96 -47.57 -16.21 26.45
CA THR J 96 -46.56 -17.24 26.18
C THR J 96 -45.28 -16.90 26.94
N LEU J 97 -44.70 -17.92 27.58
CA LEU J 97 -43.46 -17.76 28.34
C LEU J 97 -42.48 -18.85 27.92
N GLY J 98 -41.37 -18.45 27.32
CA GLY J 98 -40.38 -19.43 26.92
C GLY J 98 -39.71 -19.12 25.61
N GLY J 99 -39.41 -20.18 24.86
CA GLY J 99 -38.79 -20.08 23.56
C GLY J 99 -39.81 -20.13 22.43
N GLY J 100 -39.31 -20.45 21.24
CA GLY J 100 -40.18 -20.45 20.08
C GLY J 100 -41.30 -21.45 20.15
N SER J 101 -41.07 -22.58 20.83
CA SER J 101 -42.10 -23.60 20.94
C SER J 101 -43.33 -23.08 21.69
N SER J 102 -43.10 -22.35 22.78
CA SER J 102 -44.21 -21.80 23.57
C SER J 102 -44.90 -20.67 22.82
N HIS J 103 -44.13 -19.82 22.14
CA HIS J 103 -44.72 -18.72 21.39
C HIS J 103 -45.62 -19.26 20.29
N ASP J 104 -45.14 -20.27 19.55
CA ASP J 104 -45.91 -20.78 18.43
C ASP J 104 -47.14 -21.55 18.90
N ALA J 105 -47.00 -22.33 19.98
CA ALA J 105 -48.18 -22.99 20.55
C ALA J 105 -49.23 -21.96 20.98
N GLY J 106 -48.80 -20.92 21.70
CA GLY J 106 -49.74 -19.89 22.11
C GLY J 106 -50.40 -19.20 20.93
N LYS J 107 -49.61 -18.88 19.90
CA LYS J 107 -50.15 -18.27 18.69
C LYS J 107 -51.19 -19.18 18.04
N ALA J 108 -50.90 -20.47 17.95
CA ALA J 108 -51.82 -21.40 17.31
C ALA J 108 -53.13 -21.50 18.08
N ILE J 109 -53.04 -21.68 19.39
CA ILE J 109 -54.24 -21.70 20.23
C ILE J 109 -55.04 -20.42 20.06
N ALA J 110 -54.35 -19.27 20.06
CA ALA J 110 -55.04 -17.98 19.97
C ALA J 110 -55.70 -17.81 18.62
N LEU J 111 -55.08 -18.31 17.54
CA LEU J 111 -55.68 -18.23 16.22
C LEU J 111 -56.91 -19.12 16.12
N VAL J 112 -56.79 -20.38 16.57
CA VAL J 112 -57.94 -21.28 16.49
C VAL J 112 -59.08 -20.81 17.39
N ALA J 113 -58.77 -20.19 18.53
CA ALA J 113 -59.81 -19.68 19.43
C ALA J 113 -60.60 -18.54 18.82
N ALA J 114 -60.12 -17.93 17.74
CA ALA J 114 -60.82 -16.83 17.10
C ALA J 114 -61.32 -17.16 15.71
N ASN J 115 -60.80 -18.22 15.08
CA ASN J 115 -61.15 -18.59 13.73
C ASN J 115 -61.78 -19.97 13.60
N GLY J 116 -61.69 -20.75 14.68
CA GLY J 116 -62.25 -22.10 14.67
C GLY J 116 -61.40 -23.05 13.87
N GLY J 117 -61.97 -24.19 13.49
CA GLY J 117 -61.23 -25.18 12.69
C GLY J 117 -60.10 -25.82 13.45
N LYS J 118 -59.01 -26.11 12.75
CA LYS J 118 -57.83 -26.71 13.40
C LYS J 118 -56.58 -26.00 12.87
N ILE J 119 -55.52 -26.00 13.65
CA ILE J 119 -54.27 -25.30 13.24
C ILE J 119 -53.88 -25.76 11.84
N HIS J 120 -54.17 -27.01 11.50
CA HIS J 120 -53.76 -27.55 10.18
C HIS J 120 -54.40 -26.72 9.08
N ASP J 121 -55.63 -26.27 9.29
CA ASP J 121 -56.32 -25.54 8.23
C ASP J 121 -55.57 -24.26 7.86
N TYR J 122 -54.68 -23.78 8.71
CA TYR J 122 -54.03 -22.50 8.48
C TYR J 122 -52.58 -22.65 8.01
N GLU J 123 -52.15 -23.87 7.69
CA GLU J 123 -50.83 -24.05 7.10
C GLU J 123 -50.77 -23.30 5.78
N GLY J 124 -49.80 -22.40 5.65
CA GLY J 124 -49.70 -21.58 4.45
C GLY J 124 -49.56 -20.11 4.77
N VAL J 125 -50.07 -19.25 3.89
CA VAL J 125 -49.86 -17.81 4.00
C VAL J 125 -51.20 -17.08 4.07
N ASP J 126 -51.40 -16.35 5.18
CA ASP J 126 -52.53 -15.45 5.37
C ASP J 126 -53.84 -16.11 4.96
N VAL J 127 -54.06 -17.33 5.44
CA VAL J 127 -55.28 -18.04 5.07
C VAL J 127 -56.44 -17.72 6.01
N SER J 128 -56.13 -17.15 7.17
CA SER J 128 -57.15 -16.90 8.24
C SER J 128 -57.98 -15.64 7.97
N LYS J 129 -59.16 -15.57 8.58
CA LYS J 129 -60.06 -14.41 8.36
C LYS J 129 -60.06 -13.49 9.57
N GLU J 130 -59.77 -14.01 10.75
CA GLU J 130 -59.90 -13.16 11.96
C GLU J 130 -58.58 -13.08 12.72
N PRO J 131 -58.30 -11.94 13.38
CA PRO J 131 -57.11 -11.79 14.21
C PRO J 131 -57.22 -12.68 15.46
N MET J 132 -56.09 -13.10 16.03
CA MET J 132 -56.13 -14.00 17.16
C MET J 132 -56.45 -13.21 18.43
N VAL J 133 -56.75 -13.94 19.50
CA VAL J 133 -57.12 -13.32 20.78
C VAL J 133 -55.90 -12.58 21.31
N PRO J 134 -56.07 -11.56 22.14
CA PRO J 134 -54.91 -10.81 22.66
C PRO J 134 -53.85 -11.73 23.24
N LEU J 135 -52.59 -11.45 22.91
CA LEU J 135 -51.47 -12.30 23.34
C LEU J 135 -50.25 -11.44 23.64
N ILE J 136 -49.62 -11.70 24.79
CA ILE J 136 -48.34 -11.10 25.16
C ILE J 136 -47.31 -12.23 25.20
N ALA J 137 -46.18 -12.02 24.52
CA ALA J 137 -45.15 -13.04 24.39
C ALA J 137 -43.90 -12.66 25.20
N ILE J 138 -43.48 -13.52 26.12
CA ILE J 138 -42.27 -13.31 26.92
C ILE J 138 -41.20 -14.28 26.45
N ASN J 139 -40.16 -13.74 25.81
CA ASN J 139 -39.16 -14.56 25.14
C ASN J 139 -38.01 -14.84 26.09
N THR J 140 -37.60 -16.12 26.16
CA THR J 140 -36.54 -16.56 27.06
C THR J 140 -35.39 -17.26 26.34
N THR J 141 -35.41 -17.33 25.01
CA THR J 141 -34.28 -17.81 24.23
C THR J 141 -33.80 -16.69 23.30
N ALA J 142 -32.53 -16.75 22.94
CA ALA J 142 -31.93 -15.76 22.04
C ALA J 142 -31.76 -16.34 20.65
N GLY J 143 -32.90 -16.60 19.99
CA GLY J 143 -32.84 -17.03 18.62
C GLY J 143 -34.09 -17.07 17.76
N THR J 144 -35.26 -17.38 18.33
CA THR J 144 -36.46 -17.56 17.50
C THR J 144 -36.97 -16.23 16.94
N GLY J 145 -37.19 -15.25 17.81
CA GLY J 145 -37.81 -14.01 17.44
C GLY J 145 -39.32 -14.08 17.30
N SER J 146 -39.92 -15.24 17.62
CA SER J 146 -41.36 -15.42 17.43
C SER J 146 -42.18 -14.47 18.28
N GLU J 147 -41.62 -13.91 19.35
CA GLU J 147 -42.36 -12.91 20.10
C GLU J 147 -42.71 -11.71 19.26
N LEU J 148 -42.19 -11.64 18.01
CA LEU J 148 -42.44 -10.53 17.10
C LEU J 148 -42.98 -10.93 15.74
N THR J 149 -43.04 -12.21 15.41
CA THR J 149 -43.27 -12.64 14.04
C THR J 149 -44.73 -13.03 13.80
N LYS J 150 -45.07 -13.17 12.51
CA LYS J 150 -46.35 -13.68 12.08
C LYS J 150 -46.24 -15.15 11.67
N PHE J 151 -45.31 -15.88 12.31
CA PHE J 151 -45.03 -17.28 12.03
C PHE J 151 -45.38 -18.09 13.26
N THR J 152 -46.07 -19.20 13.06
CA THR J 152 -46.22 -20.21 14.10
C THR J 152 -45.97 -21.57 13.46
N ILE J 153 -45.01 -22.29 14.01
CA ILE J 153 -44.55 -23.56 13.47
C ILE J 153 -45.10 -24.67 14.36
N ILE J 154 -46.14 -25.35 13.87
CA ILE J 154 -46.80 -26.43 14.58
C ILE J 154 -46.58 -27.74 13.83
N THR J 155 -46.32 -28.82 14.56
CA THR J 155 -45.99 -30.08 13.92
C THR J 155 -47.26 -30.88 13.67
N ASP J 156 -47.49 -31.25 12.40
CA ASP J 156 -48.44 -32.27 12.05
C ASP J 156 -47.78 -33.61 12.37
N THR J 157 -48.25 -34.24 13.45
CA THR J 157 -47.67 -35.48 13.95
C THR J 157 -47.86 -36.64 13.00
N GLU J 158 -48.89 -36.60 12.15
CA GLU J 158 -48.97 -37.76 11.27
C GLU J 158 -48.17 -37.57 9.99
N ARG J 159 -48.24 -36.40 9.37
CA ARG J 159 -47.36 -36.23 8.23
C ARG J 159 -45.92 -36.07 8.66
N LYS J 160 -45.68 -35.92 9.97
CA LYS J 160 -44.35 -35.70 10.53
C LYS J 160 -43.71 -34.48 9.88
N VAL J 161 -44.49 -33.40 9.81
CA VAL J 161 -44.08 -32.20 9.09
C VAL J 161 -44.27 -30.99 9.99
N LYS J 162 -43.22 -30.19 10.16
CA LYS J 162 -43.35 -28.93 10.90
C LYS J 162 -44.05 -27.92 10.01
N MET J 163 -45.35 -27.78 10.20
CA MET J 163 -46.17 -26.88 9.40
C MET J 163 -45.83 -25.44 9.74
N ALA J 164 -45.74 -24.61 8.70
CA ALA J 164 -45.42 -23.19 8.82
C ALA J 164 -46.68 -22.39 8.53
N ILE J 165 -47.26 -21.79 9.57
CA ILE J 165 -48.41 -20.92 9.42
C ILE J 165 -47.88 -19.49 9.44
N VAL J 166 -47.90 -18.85 8.27
CA VAL J 166 -47.43 -17.48 8.11
C VAL J 166 -48.68 -16.62 7.93
N ASP J 167 -49.13 -16.02 9.03
CA ASP J 167 -50.37 -15.26 8.99
C ASP J 167 -50.20 -14.01 9.84
N LYS J 168 -50.53 -12.85 9.26
CA LYS J 168 -50.45 -11.58 9.96
C LYS J 168 -51.32 -11.53 11.21
N HIS J 169 -52.29 -12.42 11.33
CA HIS J 169 -53.22 -12.37 12.45
C HIS J 169 -52.63 -12.99 13.70
N VAL J 170 -51.41 -13.53 13.63
CA VAL J 170 -50.74 -14.11 14.78
C VAL J 170 -49.58 -13.24 15.27
N THR J 171 -49.49 -12.00 14.80
CA THR J 171 -48.54 -11.06 15.38
C THR J 171 -48.94 -10.79 16.82
N PRO J 172 -48.07 -11.06 17.80
CA PRO J 172 -48.45 -10.82 19.20
C PRO J 172 -48.84 -9.36 19.43
N THR J 173 -49.68 -9.16 20.45
CA THR J 173 -50.10 -7.81 20.81
C THR J 173 -48.96 -7.01 21.40
N LEU J 174 -48.18 -7.63 22.28
CA LEU J 174 -47.06 -7.00 22.93
C LEU J 174 -45.98 -8.06 23.15
N SER J 175 -44.72 -7.60 23.11
CA SER J 175 -43.59 -8.50 23.27
C SER J 175 -42.69 -8.05 24.41
N ILE J 176 -42.08 -9.00 25.10
CA ILE J 176 -41.13 -8.73 26.18
C ILE J 176 -39.89 -9.61 25.98
N ASN J 177 -38.73 -8.97 25.86
CA ASN J 177 -37.44 -9.65 25.66
C ASN J 177 -36.52 -9.28 26.82
N ASP J 178 -36.68 -9.98 27.94
CA ASP J 178 -35.92 -9.69 29.15
C ASP J 178 -34.68 -10.57 29.17
N PRO J 179 -33.48 -10.00 29.01
CA PRO J 179 -32.25 -10.82 28.98
C PRO J 179 -31.95 -11.49 30.31
N GLU J 180 -32.54 -11.03 31.41
CA GLU J 180 -32.29 -11.69 32.68
C GLU J 180 -32.85 -13.09 32.69
N LEU J 181 -33.86 -13.37 31.87
CA LEU J 181 -34.48 -14.69 31.77
C LEU J 181 -33.71 -15.62 30.86
N MET J 182 -32.66 -15.13 30.20
CA MET J 182 -31.92 -15.94 29.23
C MET J 182 -30.60 -16.43 29.80
N VAL J 183 -30.21 -15.95 30.97
CA VAL J 183 -28.93 -16.33 31.57
C VAL J 183 -28.88 -17.82 31.83
N GLY J 184 -30.03 -18.45 32.07
CA GLY J 184 -30.09 -19.85 32.43
C GLY J 184 -30.04 -20.86 31.30
N MET J 185 -30.00 -20.40 30.05
CA MET J 185 -29.89 -21.30 28.90
C MET J 185 -28.58 -22.08 28.99
N PRO J 186 -28.61 -23.40 28.98
CA PRO J 186 -27.36 -24.18 28.92
C PRO J 186 -26.63 -23.91 27.62
N PRO J 187 -25.31 -24.21 27.56
CA PRO J 187 -24.52 -23.84 26.36
C PRO J 187 -25.05 -24.35 25.02
N SER J 188 -25.52 -25.60 24.95
CA SER J 188 -26.01 -26.13 23.68
C SER J 188 -27.25 -25.36 23.23
N LEU J 189 -28.11 -24.97 24.16
CA LEU J 189 -29.28 -24.19 23.80
C LEU J 189 -28.89 -22.80 23.31
N THR J 190 -27.93 -22.16 24.00
CA THR J 190 -27.42 -20.88 23.52
C THR J 190 -26.90 -21.00 22.10
N ALA J 191 -26.13 -22.06 21.83
CA ALA J 191 -25.54 -22.23 20.51
C ALA J 191 -26.62 -22.47 19.45
N ALA J 192 -27.58 -23.34 19.74
CA ALA J 192 -28.61 -23.70 18.76
C ALA J 192 -29.52 -22.52 18.47
N THR J 193 -29.99 -21.82 19.50
CA THR J 193 -30.85 -20.67 19.25
C THR J 193 -30.09 -19.56 18.54
N GLY J 194 -28.82 -19.32 18.92
CA GLY J 194 -28.05 -18.29 18.25
C GLY J 194 -27.82 -18.62 16.78
N LEU J 195 -27.59 -19.89 16.46
CA LEU J 195 -27.40 -20.24 15.06
C LEU J 195 -28.71 -20.24 14.29
N ASP J 196 -29.84 -20.41 14.99
CA ASP J 196 -31.11 -20.20 14.33
C ASP J 196 -31.33 -18.73 14.01
N ALA J 197 -30.87 -17.83 14.90
CA ALA J 197 -30.97 -16.40 14.61
C ALA J 197 -30.04 -16.00 13.47
N LEU J 198 -28.83 -16.56 13.44
CA LEU J 198 -27.92 -16.30 12.34
C LEU J 198 -28.52 -16.77 11.02
N THR J 199 -29.15 -17.94 11.05
CA THR J 199 -29.82 -18.42 9.85
C THR J 199 -30.94 -17.47 9.42
N HIS J 200 -31.68 -16.95 10.39
CA HIS J 200 -32.74 -16.00 10.06
C HIS J 200 -32.18 -14.80 9.33
N ALA J 201 -31.09 -14.22 9.87
CA ALA J 201 -30.55 -13.01 9.27
C ALA J 201 -29.96 -13.30 7.91
N ILE J 202 -29.25 -14.41 7.75
CA ILE J 202 -28.62 -14.74 6.47
C ILE J 202 -29.67 -15.00 5.40
N GLU J 203 -30.69 -15.81 5.72
CA GLU J 203 -31.74 -16.09 4.76
C GLU J 203 -32.59 -14.85 4.47
N ALA J 204 -32.75 -13.95 5.43
CA ALA J 204 -33.43 -12.68 5.15
C ALA J 204 -32.61 -11.81 4.22
N TYR J 205 -31.28 -11.82 4.39
CA TYR J 205 -30.43 -10.98 3.55
C TYR J 205 -30.41 -11.48 2.10
N VAL J 206 -30.46 -12.80 1.90
CA VAL J 206 -30.42 -13.29 0.51
C VAL J 206 -31.81 -13.61 -0.03
N SER J 207 -32.87 -13.41 0.75
CA SER J 207 -34.20 -13.72 0.28
C SER J 207 -34.63 -12.76 -0.84
N THR J 208 -35.47 -13.29 -1.74
CA THR J 208 -36.01 -12.46 -2.80
C THR J 208 -36.99 -11.42 -2.30
N GLY J 209 -37.42 -11.51 -1.03
CA GLY J 209 -38.33 -10.53 -0.48
C GLY J 209 -37.65 -9.52 0.42
N ALA J 210 -36.32 -9.41 0.32
CA ALA J 210 -35.59 -8.44 1.12
C ALA J 210 -35.93 -7.02 0.66
N THR J 211 -35.93 -6.09 1.62
CA THR J 211 -36.14 -4.68 1.41
C THR J 211 -34.99 -3.98 2.11
N PRO J 212 -34.76 -2.69 1.83
CA PRO J 212 -33.75 -1.95 2.59
C PRO J 212 -33.92 -2.04 4.11
N ILE J 213 -35.16 -2.17 4.60
CA ILE J 213 -35.40 -2.25 6.04
C ILE J 213 -34.91 -3.57 6.59
N THR J 214 -35.36 -4.66 5.97
CA THR J 214 -34.91 -5.99 6.38
C THR J 214 -33.40 -6.12 6.25
N ASP J 215 -32.81 -5.52 5.21
CA ASP J 215 -31.36 -5.56 5.07
C ASP J 215 -30.66 -4.89 6.24
N ALA J 216 -31.10 -3.69 6.61
CA ALA J 216 -30.48 -2.99 7.73
C ALA J 216 -30.47 -3.87 8.98
N LEU J 217 -31.63 -4.47 9.29
CA LEU J 217 -31.72 -5.27 10.51
C LEU J 217 -30.89 -6.54 10.42
N ALA J 218 -30.87 -7.19 9.25
CA ALA J 218 -30.13 -8.44 9.10
C ALA J 218 -28.63 -8.21 9.21
N ILE J 219 -28.14 -7.14 8.59
CA ILE J 219 -26.71 -6.82 8.69
C ILE J 219 -26.31 -6.63 10.15
N GLN J 220 -27.12 -5.85 10.89
CA GLN J 220 -26.78 -5.64 12.29
C GLN J 220 -26.77 -6.96 13.05
N ALA J 221 -27.75 -7.82 12.77
CA ALA J 221 -27.83 -9.11 13.46
C ALA J 221 -26.58 -9.93 13.22
N ILE J 222 -26.15 -10.03 11.96
CA ILE J 222 -24.97 -10.84 11.65
C ILE J 222 -23.74 -10.32 12.37
N LYS J 223 -23.54 -8.99 12.34
CA LYS J 223 -22.35 -8.43 12.98
C LYS J 223 -22.34 -8.71 14.48
N ILE J 224 -23.50 -8.59 15.13
CA ILE J 224 -23.53 -8.82 16.57
C ILE J 224 -23.33 -10.30 16.90
N ILE J 225 -23.94 -11.18 16.11
CA ILE J 225 -23.83 -12.61 16.40
C ILE J 225 -22.37 -13.06 16.29
N SER J 226 -21.65 -12.60 15.26
CA SER J 226 -20.25 -13.02 15.10
C SER J 226 -19.41 -12.70 16.32
N LYS J 227 -19.75 -11.62 17.03
CA LYS J 227 -18.94 -11.20 18.16
C LYS J 227 -19.42 -11.80 19.47
N TYR J 228 -20.73 -11.87 19.69
CA TYR J 228 -21.19 -12.20 21.02
C TYR J 228 -21.72 -13.62 21.18
N LEU J 229 -22.13 -14.29 20.10
CA LEU J 229 -22.63 -15.65 20.27
C LEU J 229 -21.59 -16.57 20.89
N PRO J 230 -20.34 -16.62 20.41
CA PRO J 230 -19.36 -17.49 21.07
C PRO J 230 -19.12 -17.13 22.52
N ARG J 231 -19.22 -15.86 22.87
CA ARG J 231 -19.02 -15.48 24.27
C ARG J 231 -20.16 -15.97 25.14
N ALA J 232 -21.38 -15.92 24.61
CA ALA J 232 -22.54 -16.40 25.35
C ALA J 232 -22.54 -17.92 25.47
N VAL J 233 -21.95 -18.62 24.50
CA VAL J 233 -21.83 -20.07 24.63
C VAL J 233 -20.72 -20.44 25.61
N ALA J 234 -19.62 -19.68 25.62
CA ALA J 234 -18.49 -19.99 26.48
C ALA J 234 -18.75 -19.60 27.94
N ASN J 235 -19.52 -18.54 28.18
CA ASN J 235 -19.88 -18.17 29.55
C ASN J 235 -21.28 -17.55 29.53
N GLY J 236 -22.26 -18.33 29.99
CA GLY J 236 -23.64 -17.89 30.01
C GLY J 236 -23.93 -16.83 31.05
N LYS J 237 -22.98 -16.53 31.90
CA LYS J 237 -23.12 -15.47 32.90
C LYS J 237 -22.56 -14.13 32.45
N ASP J 238 -22.05 -14.04 31.22
CA ASP J 238 -21.64 -12.77 30.60
C ASP J 238 -22.89 -11.99 30.22
N ILE J 239 -23.23 -10.99 31.04
CA ILE J 239 -24.48 -10.27 30.86
C ILE J 239 -24.49 -9.48 29.56
N GLU J 240 -23.35 -8.88 29.21
CA GLU J 240 -23.27 -8.12 27.97
C GLU J 240 -23.57 -9.01 26.77
N ALA J 241 -22.97 -10.21 26.75
CA ALA J 241 -23.23 -11.12 25.64
C ALA J 241 -24.68 -11.53 25.58
N ARG J 242 -25.31 -11.75 26.74
CA ARG J 242 -26.72 -12.14 26.74
C ARG J 242 -27.61 -11.02 26.21
N GLU J 243 -27.31 -9.78 26.59
CA GLU J 243 -28.11 -8.65 26.13
C GLU J 243 -27.93 -8.42 24.63
N GLN J 244 -26.69 -8.54 24.16
CA GLN J 244 -26.41 -8.35 22.73
C GLN J 244 -27.01 -9.47 21.90
N MET J 245 -27.01 -10.68 22.42
CA MET J 245 -27.67 -11.77 21.71
C MET J 245 -29.18 -11.62 21.70
N ALA J 246 -29.77 -11.03 22.76
CA ALA J 246 -31.20 -10.75 22.72
C ALA J 246 -31.52 -9.70 21.65
N PHE J 247 -30.70 -8.66 21.56
CA PHE J 247 -30.90 -7.67 20.50
C PHE J 247 -30.74 -8.32 19.13
N ALA J 248 -29.74 -9.18 18.97
CA ALA J 248 -29.48 -9.82 17.68
C ALA J 248 -30.64 -10.72 17.27
N GLN J 249 -31.18 -11.49 18.22
CA GLN J 249 -32.33 -12.34 17.90
C GLN J 249 -33.49 -11.49 17.44
N SER J 250 -33.72 -10.34 18.09
CA SER J 250 -34.84 -9.52 17.67
C SER J 250 -34.59 -8.89 16.29
N LEU J 251 -33.36 -8.45 16.02
CA LEU J 251 -33.05 -7.93 14.69
C LEU J 251 -33.30 -8.98 13.63
N ALA J 252 -32.85 -10.23 13.88
CA ALA J 252 -33.02 -11.28 12.89
C ALA J 252 -34.48 -11.67 12.71
N GLY J 253 -35.25 -11.66 13.79
CA GLY J 253 -36.67 -11.93 13.69
C GLY J 253 -37.41 -10.87 12.87
N MET J 254 -37.17 -9.59 13.20
CA MET J 254 -37.78 -8.52 12.41
C MET J 254 -37.39 -8.64 10.94
N ALA J 255 -36.16 -9.06 10.65
CA ALA J 255 -35.74 -9.14 9.26
C ALA J 255 -36.43 -10.28 8.54
N PHE J 256 -36.38 -11.49 9.10
CA PHE J 256 -36.95 -12.62 8.37
C PHE J 256 -38.48 -12.53 8.34
N ASN J 257 -39.10 -12.00 9.40
CA ASN J 257 -40.54 -11.85 9.43
C ASN J 257 -41.05 -11.07 8.23
N ASN J 258 -40.27 -10.11 7.75
CA ASN J 258 -40.75 -9.25 6.69
C ASN J 258 -40.03 -9.45 5.35
N ALA J 259 -39.01 -10.28 5.30
CA ALA J 259 -38.30 -10.55 4.03
C ALA J 259 -38.56 -11.97 3.54
N GLY J 260 -38.49 -12.93 4.46
CA GLY J 260 -38.62 -14.33 4.08
C GLY J 260 -37.39 -15.11 4.52
N LEU J 261 -37.48 -16.43 4.45
CA LEU J 261 -36.34 -17.31 4.78
C LEU J 261 -35.96 -18.05 3.51
N GLY J 262 -35.63 -19.33 3.62
CA GLY J 262 -35.31 -20.12 2.43
C GLY J 262 -35.27 -21.62 2.64
N TYR J 263 -34.44 -22.30 1.86
CA TYR J 263 -34.38 -23.78 1.90
C TYR J 263 -33.69 -24.29 3.16
N VAL J 264 -32.95 -23.45 3.87
CA VAL J 264 -32.46 -23.95 5.16
C VAL J 264 -33.63 -24.30 6.05
N HIS J 265 -34.57 -23.35 6.20
CA HIS J 265 -35.73 -23.59 7.06
C HIS J 265 -36.67 -24.61 6.44
N ALA J 266 -36.82 -24.58 5.12
CA ALA J 266 -37.71 -25.51 4.44
C ALA J 266 -37.31 -26.96 4.70
N ILE J 267 -36.00 -27.25 4.67
CA ILE J 267 -35.54 -28.61 4.93
C ILE J 267 -35.49 -28.91 6.42
N ALA J 268 -35.09 -27.91 7.23
CA ALA J 268 -34.99 -28.14 8.66
C ALA J 268 -36.33 -28.50 9.26
N HIS J 269 -37.41 -27.92 8.72
CA HIS J 269 -38.74 -28.23 9.25
C HIS J 269 -39.09 -29.69 9.01
N GLN J 270 -38.56 -30.27 7.93
CA GLN J 270 -38.85 -31.67 7.65
C GLN J 270 -38.02 -32.59 8.53
N LEU J 271 -36.75 -32.24 8.71
CA LEU J 271 -35.95 -33.06 9.61
C LEU J 271 -36.46 -32.99 11.04
N GLY J 272 -37.00 -31.84 11.45
CA GLY J 272 -37.55 -31.71 12.79
C GLY J 272 -38.90 -32.38 12.97
N GLY J 273 -39.72 -32.38 11.91
CA GLY J 273 -40.96 -33.14 11.97
C GLY J 273 -40.75 -34.63 11.96
N PHE J 274 -39.63 -35.11 11.40
CA PHE J 274 -39.36 -36.54 11.37
C PHE J 274 -38.65 -37.06 12.62
N TYR J 275 -37.68 -36.31 13.15
CA TYR J 275 -36.82 -36.85 14.20
C TYR J 275 -36.81 -36.00 15.46
N ASN J 276 -37.56 -34.90 15.50
CA ASN J 276 -37.64 -34.03 16.66
C ASN J 276 -36.27 -33.52 17.09
N PHE J 277 -35.34 -33.36 16.14
CA PHE J 277 -34.06 -32.74 16.45
C PHE J 277 -34.29 -31.28 16.79
N PRO J 278 -33.37 -30.66 17.54
CA PRO J 278 -33.50 -29.22 17.82
C PRO J 278 -33.41 -28.39 16.54
N HIS J 279 -34.32 -27.43 16.42
CA HIS J 279 -34.44 -26.61 15.21
C HIS J 279 -33.12 -25.95 14.85
N GLY J 280 -32.45 -25.33 15.84
CA GLY J 280 -31.22 -24.63 15.56
C GLY J 280 -30.09 -25.53 15.12
N VAL J 281 -30.07 -26.78 15.62
CA VAL J 281 -29.06 -27.74 15.18
C VAL J 281 -29.29 -28.13 13.73
N CYS J 282 -30.55 -28.33 13.35
CA CYS J 282 -30.88 -28.61 11.95
C CYS J 282 -30.43 -27.46 11.05
N ASN J 283 -30.74 -26.23 11.47
CA ASN J 283 -30.34 -25.06 10.70
C ASN J 283 -28.83 -24.97 10.57
N ALA J 284 -28.10 -25.23 11.66
CA ALA J 284 -26.65 -25.11 11.62
C ALA J 284 -26.02 -26.17 10.72
N VAL J 285 -26.58 -27.38 10.72
CA VAL J 285 -26.04 -28.42 9.86
C VAL J 285 -26.29 -28.07 8.40
N LEU J 286 -27.48 -27.54 8.09
CA LEU J 286 -27.82 -27.31 6.69
C LEU J 286 -27.23 -26.01 6.12
N LEU J 287 -27.02 -24.99 6.96
CA LEU J 287 -26.62 -23.65 6.50
C LEU J 287 -25.50 -23.65 5.47
N PRO J 288 -24.35 -24.29 5.69
CA PRO J 288 -23.29 -24.25 4.66
C PRO J 288 -23.72 -24.84 3.32
N TYR J 289 -24.52 -25.90 3.33
CA TYR J 289 -24.87 -26.55 2.08
C TYR J 289 -25.86 -25.73 1.26
N VAL J 290 -26.84 -25.11 1.92
CA VAL J 290 -27.79 -24.29 1.20
C VAL J 290 -27.15 -22.98 0.75
N CYS J 291 -26.23 -22.44 1.56
CA CYS J 291 -25.50 -21.25 1.15
C CYS J 291 -24.65 -21.54 -0.09
N ARG J 292 -23.99 -22.70 -0.11
CA ARG J 292 -23.22 -23.06 -1.30
C ARG J 292 -24.13 -23.25 -2.51
N PHE J 293 -25.28 -23.89 -2.32
CA PHE J 293 -26.18 -24.09 -3.46
C PHE J 293 -26.70 -22.76 -3.99
N ASN J 294 -26.95 -21.80 -3.10
CA ASN J 294 -27.52 -20.52 -3.51
C ASN J 294 -26.49 -19.55 -4.06
N LEU J 295 -25.20 -19.88 -3.95
CA LEU J 295 -24.12 -18.91 -4.17
C LEU J 295 -24.26 -18.17 -5.49
N ILE J 296 -24.50 -18.90 -6.58
CA ILE J 296 -24.54 -18.26 -7.88
C ILE J 296 -25.68 -17.26 -8.01
N SER J 297 -26.65 -17.30 -7.10
CA SER J 297 -27.77 -16.35 -7.13
C SER J 297 -27.52 -15.08 -6.33
N LYS J 298 -26.70 -15.12 -5.28
CA LYS J 298 -26.49 -13.96 -4.41
C LYS J 298 -25.03 -13.85 -4.00
N VAL J 299 -24.11 -13.91 -4.98
CA VAL J 299 -22.69 -13.98 -4.65
C VAL J 299 -22.20 -12.66 -4.02
N GLU J 300 -22.75 -11.52 -4.44
CA GLU J 300 -22.33 -10.26 -3.84
C GLU J 300 -22.77 -10.19 -2.38
N ARG J 301 -23.96 -10.70 -2.08
CA ARG J 301 -24.44 -10.60 -0.70
C ARG J 301 -23.74 -11.61 0.21
N TYR J 302 -23.38 -12.79 -0.30
CA TYR J 302 -22.58 -13.70 0.52
C TYR J 302 -21.17 -13.15 0.73
N ALA J 303 -20.64 -12.43 -0.27
CA ALA J 303 -19.37 -11.75 -0.06
C ALA J 303 -19.50 -10.67 1.01
N GLU J 304 -20.62 -9.97 1.04
CA GLU J 304 -20.82 -8.99 2.11
C GLU J 304 -20.96 -9.69 3.47
N ILE J 305 -21.61 -10.84 3.49
CA ILE J 305 -21.75 -11.59 4.74
C ILE J 305 -20.39 -12.00 5.27
N ALA J 306 -19.46 -12.36 4.38
CA ALA J 306 -18.11 -12.73 4.83
C ALA J 306 -17.46 -11.59 5.59
N ALA J 307 -17.64 -10.35 5.13
CA ALA J 307 -17.13 -9.21 5.86
C ALA J 307 -17.90 -9.00 7.16
N PHE J 308 -19.23 -9.13 7.13
CA PHE J 308 -19.98 -9.01 8.38
C PHE J 308 -19.53 -10.04 9.41
N LEU J 309 -19.04 -11.18 8.96
CA LEU J 309 -18.60 -12.23 9.86
C LEU J 309 -17.16 -12.05 10.30
N GLY J 310 -16.56 -10.92 9.94
CA GLY J 310 -15.24 -10.58 10.41
C GLY J 310 -14.10 -11.01 9.52
N GLU J 311 -14.38 -11.57 8.35
CA GLU J 311 -13.32 -12.07 7.50
C GLU J 311 -12.67 -10.94 6.72
N ASN J 312 -11.39 -11.11 6.42
CA ASN J 312 -10.68 -10.18 5.55
C ASN J 312 -10.85 -10.65 4.11
N VAL J 313 -11.36 -9.77 3.26
CA VAL J 313 -11.67 -10.07 1.87
C VAL J 313 -10.80 -9.25 0.92
N ASP J 314 -9.68 -8.71 1.41
CA ASP J 314 -8.85 -7.82 0.61
C ASP J 314 -8.17 -8.56 -0.53
N GLY J 315 -8.30 -8.02 -1.75
CA GLY J 315 -7.65 -8.63 -2.88
C GLY J 315 -8.32 -9.87 -3.41
N LEU J 316 -9.58 -10.09 -3.07
CA LEU J 316 -10.28 -11.31 -3.46
C LEU J 316 -11.42 -10.97 -4.41
N SER J 317 -11.68 -11.88 -5.34
CA SER J 317 -12.86 -11.77 -6.18
C SER J 317 -14.10 -11.95 -5.33
N THR J 318 -15.24 -11.43 -5.83
CA THR J 318 -16.48 -11.62 -5.10
C THR J 318 -16.73 -13.10 -4.81
N TYR J 319 -16.33 -14.00 -5.73
CA TYR J 319 -16.57 -15.42 -5.51
C TYR J 319 -15.74 -15.96 -4.33
N ASP J 320 -14.45 -15.64 -4.29
CA ASP J 320 -13.61 -16.12 -3.19
C ASP J 320 -14.03 -15.51 -1.86
N ALA J 321 -14.51 -14.26 -1.89
CA ALA J 321 -15.01 -13.61 -0.69
C ALA J 321 -16.30 -14.26 -0.22
N ALA J 322 -17.19 -14.61 -1.15
CA ALA J 322 -18.41 -15.34 -0.80
C ALA J 322 -18.10 -16.71 -0.23
N GLU J 323 -17.05 -17.36 -0.73
CA GLU J 323 -16.69 -18.69 -0.21
C GLU J 323 -16.12 -18.60 1.19
N LYS J 324 -15.40 -17.51 1.48
CA LYS J 324 -14.87 -17.33 2.82
C LYS J 324 -16.00 -17.22 3.85
N ALA J 325 -17.20 -16.79 3.43
CA ALA J 325 -18.32 -16.72 4.37
C ALA J 325 -18.82 -18.10 4.73
N ILE J 326 -18.94 -18.99 3.74
CA ILE J 326 -19.31 -20.36 4.05
C ILE J 326 -18.28 -20.99 4.95
N LYS J 327 -17.00 -20.73 4.71
CA LYS J 327 -15.99 -21.29 5.60
C LYS J 327 -16.10 -20.72 7.02
N ALA J 328 -16.48 -19.45 7.16
CA ALA J 328 -16.63 -18.87 8.48
C ALA J 328 -17.85 -19.46 9.20
N ILE J 329 -18.91 -19.74 8.45
CA ILE J 329 -20.07 -20.40 9.06
C ILE J 329 -19.70 -21.79 9.56
N GLU J 330 -18.95 -22.54 8.75
CA GLU J 330 -18.55 -23.88 9.16
C GLU J 330 -17.65 -23.84 10.38
N ARG J 331 -16.74 -22.87 10.43
CA ARG J 331 -15.84 -22.79 11.58
C ARG J 331 -16.60 -22.45 12.85
N MET J 332 -17.56 -21.51 12.76
CA MET J 332 -18.34 -21.17 13.94
C MET J 332 -19.17 -22.37 14.41
N ALA J 333 -19.81 -23.09 13.49
CA ALA J 333 -20.59 -24.25 13.89
C ALA J 333 -19.69 -25.30 14.54
N LYS J 334 -18.47 -25.47 14.01
CA LYS J 334 -17.56 -26.45 14.61
C LYS J 334 -17.12 -26.00 16.00
N ASP J 335 -16.92 -24.68 16.18
CA ASP J 335 -16.46 -24.16 17.45
C ASP J 335 -17.54 -24.24 18.53
N LEU J 336 -18.81 -24.31 18.12
CA LEU J 336 -19.93 -24.41 19.06
C LEU J 336 -20.46 -25.84 19.17
N ASN J 337 -19.66 -26.82 18.75
CA ASN J 337 -19.98 -28.24 18.91
C ASN J 337 -21.32 -28.59 18.28
N ILE J 338 -21.51 -28.12 17.06
CA ILE J 338 -22.69 -28.44 16.27
C ILE J 338 -22.37 -29.74 15.51
N PRO J 339 -23.27 -30.72 15.52
CA PRO J 339 -23.01 -31.97 14.80
C PRO J 339 -22.59 -31.73 13.36
N LYS J 340 -21.66 -32.59 12.90
CA LYS J 340 -21.13 -32.51 11.53
C LYS J 340 -22.17 -32.92 10.48
N GLY J 341 -23.02 -33.89 10.79
CA GLY J 341 -24.01 -34.34 9.82
C GLY J 341 -25.27 -34.86 10.50
N PHE J 342 -26.21 -35.39 9.73
CA PHE J 342 -27.49 -35.81 10.30
C PHE J 342 -27.56 -37.31 10.59
N LYS J 343 -26.73 -38.14 9.95
CA LYS J 343 -26.82 -39.58 10.18
C LYS J 343 -26.42 -39.94 11.60
N GLU J 344 -25.45 -39.23 12.17
CA GLU J 344 -24.99 -39.52 13.52
C GLU J 344 -26.05 -39.23 14.57
N LEU J 345 -27.06 -38.43 14.24
CA LEU J 345 -28.15 -38.15 15.16
C LEU J 345 -29.33 -39.09 14.99
N GLY J 346 -29.41 -39.82 13.88
CA GLY J 346 -30.44 -40.81 13.70
C GLY J 346 -31.26 -40.72 12.42
N ALA J 347 -30.86 -39.83 11.51
CA ALA J 347 -31.60 -39.70 10.26
C ALA J 347 -31.33 -40.91 9.37
N LYS J 348 -32.32 -41.29 8.59
CA LYS J 348 -32.24 -42.51 7.79
C LYS J 348 -32.37 -42.13 6.32
N GLU J 349 -31.59 -42.84 5.49
CA GLU J 349 -31.50 -42.52 4.07
C GLU J 349 -32.84 -42.72 3.38
N GLU J 350 -33.62 -43.69 3.84
CA GLU J 350 -34.87 -44.09 3.20
C GLU J 350 -35.94 -43.01 3.29
N ASP J 351 -35.71 -41.95 4.06
CA ASP J 351 -36.65 -40.86 4.19
C ASP J 351 -36.28 -39.63 3.37
N ILE J 352 -35.04 -39.58 2.84
CA ILE J 352 -34.57 -38.35 2.19
C ILE J 352 -35.57 -37.87 1.14
N GLU J 353 -36.09 -38.78 0.32
CA GLU J 353 -37.01 -38.41 -0.75
C GLU J 353 -38.22 -37.68 -0.19
N THR J 354 -38.84 -38.27 0.84
CA THR J 354 -39.98 -37.62 1.47
C THR J 354 -39.56 -36.30 2.07
N LEU J 355 -38.42 -36.28 2.76
CA LEU J 355 -37.92 -35.04 3.33
C LEU J 355 -37.82 -33.96 2.27
N ALA J 356 -37.29 -34.31 1.08
CA ALA J 356 -37.15 -33.32 0.03
C ALA J 356 -38.51 -32.87 -0.49
N LYS J 357 -39.43 -33.82 -0.71
CA LYS J 357 -40.72 -33.45 -1.29
C LYS J 357 -41.48 -32.51 -0.37
N ASN J 358 -41.45 -32.82 0.93
CA ASN J 358 -42.15 -31.96 1.87
C ASN J 358 -41.47 -30.61 1.97
N ALA J 359 -40.14 -30.59 1.80
CA ALA J 359 -39.42 -29.33 1.84
C ALA J 359 -39.85 -28.42 0.71
N MET J 360 -40.21 -28.99 -0.45
CA MET J 360 -40.62 -28.10 -1.53
C MET J 360 -42.01 -27.54 -1.33
N LYS J 361 -42.72 -27.93 -0.26
CA LYS J 361 -44.07 -27.43 -0.02
C LYS J 361 -44.12 -26.39 1.10
N ASP J 362 -43.03 -26.19 1.82
CA ASP J 362 -42.96 -25.20 2.89
C ASP J 362 -42.95 -23.80 2.28
N ALA J 363 -43.56 -22.85 3.01
CA ALA J 363 -43.65 -21.49 2.48
C ALA J 363 -42.30 -20.79 2.46
N CYS J 364 -41.39 -21.18 3.36
CA CYS J 364 -40.06 -20.57 3.39
C CYS J 364 -39.30 -20.80 2.09
N ALA J 365 -39.66 -21.83 1.32
CA ALA J 365 -38.96 -22.08 0.06
C ALA J 365 -39.31 -21.06 -1.01
N LEU J 366 -40.43 -20.35 -0.85
CA LEU J 366 -40.85 -19.43 -1.90
C LEU J 366 -39.88 -18.27 -2.05
N THR J 367 -39.17 -17.91 -0.99
CA THR J 367 -38.31 -16.74 -1.00
C THR J 367 -36.83 -17.10 -1.15
N ASN J 368 -36.50 -18.38 -1.27
CA ASN J 368 -35.12 -18.75 -1.53
C ASN J 368 -34.65 -18.16 -2.86
N PRO J 369 -33.45 -17.60 -2.92
CA PRO J 369 -33.02 -16.93 -4.16
C PRO J 369 -32.79 -17.88 -5.34
N ARG J 370 -32.41 -19.13 -5.11
CA ARG J 370 -32.27 -20.09 -6.18
C ARG J 370 -33.45 -21.05 -6.15
N LYS J 371 -34.13 -21.22 -7.29
CA LYS J 371 -35.31 -22.08 -7.35
C LYS J 371 -34.86 -23.49 -7.73
N PRO J 372 -34.92 -24.47 -6.83
CA PRO J 372 -34.32 -25.78 -7.11
C PRO J 372 -35.27 -26.78 -7.75
N LYS J 373 -34.69 -27.90 -8.14
CA LYS J 373 -35.41 -29.09 -8.57
C LYS J 373 -35.32 -30.12 -7.45
N LEU J 374 -36.25 -31.08 -7.49
CA LEU J 374 -36.30 -32.11 -6.44
C LEU J 374 -34.95 -32.80 -6.27
N GLU J 375 -34.29 -33.14 -7.38
CA GLU J 375 -33.01 -33.82 -7.28
C GLU J 375 -31.99 -32.99 -6.51
N GLU J 376 -32.02 -31.67 -6.67
CA GLU J 376 -31.03 -30.82 -6.00
C GLU J 376 -31.33 -30.68 -4.50
N VAL J 377 -32.61 -30.65 -4.12
CA VAL J 377 -32.98 -30.66 -2.71
C VAL J 377 -32.54 -31.97 -2.09
N ILE J 378 -32.72 -33.06 -2.82
CA ILE J 378 -32.27 -34.36 -2.36
C ILE J 378 -30.75 -34.35 -2.17
N GLN J 379 -30.01 -33.74 -3.10
CA GLN J 379 -28.52 -33.68 -2.98
C GLN J 379 -28.10 -32.92 -1.72
N ILE J 380 -28.71 -31.77 -1.45
CA ILE J 380 -28.42 -30.97 -0.23
C ILE J 380 -28.56 -31.85 1.01
N ILE J 381 -29.58 -32.70 1.07
CA ILE J 381 -29.84 -33.54 2.26
C ILE J 381 -28.78 -34.64 2.38
N LYS J 382 -28.53 -35.37 1.30
CA LYS J 382 -27.49 -36.42 1.30
C LYS J 382 -26.18 -35.82 1.78
N ASN J 383 -25.90 -34.60 1.34
CA ASN J 383 -24.65 -33.90 1.74
C ASN J 383 -24.71 -33.63 3.24
N ALA J 384 -25.89 -33.23 3.73
CA ALA J 384 -26.01 -32.92 5.14
C ALA J 384 -26.19 -34.17 6.00
N MET J 385 -26.30 -35.33 5.36
CA MET J 385 -26.46 -36.57 6.13
C MET J 385 -25.13 -36.98 6.77
N LEU J 386 -24.12 -37.20 5.94
CA LEU J 386 -22.80 -37.59 6.42
C LEU J 386 -22.09 -36.45 7.16
#